data_4UQQ
#
_entry.id   4UQQ
#
_cell.length_a   1.000
_cell.length_b   1.000
_cell.length_c   1.000
_cell.angle_alpha   90.00
_cell.angle_beta   90.00
_cell.angle_gamma   90.00
#
_symmetry.space_group_name_H-M   'P 1'
#
loop_
_entity.id
_entity.type
_entity.pdbx_description
1 polymer 'GLUTAMATE RECEPTOR IONOTROPIC, KAINATE 2'
2 non-polymer 'GLUTAMIC ACID'
#
_entity_poly.entity_id   1
_entity_poly.type   'polypeptide(L)'
_entity_poly.pdbx_seq_one_letter_code
;TTHVLRFGGIFEYVESGPMGAEELAFRFAVNTINRNRTLLPNTTLTYDTQKINLYDSFEASKKACDQLSLGVAAIFGPSH
SSSANAVQSICNALGVPHIQTRWKHQVSDNKDSFYVSLYPDFSSLSRAILDLVQFFKWKTVTVVYDDSTGLIRLQELIKA
PSRYNLRLKIRQLPADTKDAKPLLKEMKRGKEFHVIFDCSHEMAAGILKQALAMGMMTEYYHYIFTTLDLFALDVEPYRY
SGVNMTGFRILNTENTQVSSIIEKWSMERLQAPPKPDSGLLDGFMTTDAALMYDAVHVVSVAVQQFPQMTVSSLQCNRHK
PWRFGTRFMSLIKEAHWEGLTGRITFNKTNGLRTDFDLDVISLKEEGLEKIGTWDPASGLNMTESQKGKPANITDSLSNR
SLIVTTILEEPYVLFKKSDKPLYGNDRFEGYCIDLLRELSTILGFTYEIRLVEDGKYGAQDDVNGQWNGMVRELIDHKAD
LAVAPLAITYVREKVIDFSKPFMTLGISILYRKPNGTNPGVFSFLNPLSPDIWMYVLLACLGVSVVLFVIARFSPYEWYN
PHPSNPDSDVVENNFTLLNSFWFGVGALMQQGSELMPKALSTRIVGGIWWFFTLIIISSYTANLAAFLTVERMESPIDSA
DDLAKQTKIEYGAVEDGATMTFFKKSKISTYDKMWAFMSSRRQSVLVKSNEEGIQRVLTSDYAFLMESTTIEFVTQRNCN
LTQIGGLIDSKGYGVGTPMGSPYRDKITIAILQLQEEGKLHMMKEKWWRGNGCPEEESKEASALGVQNIGGIFIVLAAGL
VLSVFVAVGEFLYKSKKNAQLEKRSFCSAMVEELRMSLKCQRRLKHKPQAPVIVKTEEVINMHTFNDRRLPGKETMAGLV
PR
;
_entity_poly.pdbx_strand_id   A,B,C,D
#
# COMPACT_ATOMS: atom_id res chain seq x y z
N THR A 2 76.08 -20.90 -40.64
CA THR A 2 75.85 -21.64 -39.40
C THR A 2 74.46 -22.29 -39.43
N HIS A 3 73.83 -22.39 -38.26
CA HIS A 3 72.52 -23.00 -38.10
C HIS A 3 71.42 -22.13 -38.74
N VAL A 4 70.40 -22.74 -39.35
CA VAL A 4 69.35 -21.98 -40.04
C VAL A 4 67.92 -22.52 -39.79
N LEU A 5 66.99 -21.60 -39.63
CA LEU A 5 65.59 -21.91 -39.29
C LEU A 5 64.63 -21.08 -40.13
N ARG A 6 63.59 -21.71 -40.68
CA ARG A 6 62.66 -21.02 -41.57
C ARG A 6 61.28 -20.80 -40.94
N PHE A 7 60.79 -19.55 -40.99
CA PHE A 7 59.41 -19.22 -40.58
C PHE A 7 58.53 -19.05 -41.80
N GLY A 8 57.25 -19.32 -41.63
CA GLY A 8 56.29 -19.07 -42.69
C GLY A 8 55.49 -17.82 -42.39
N GLY A 9 55.02 -17.13 -43.42
CA GLY A 9 54.21 -15.94 -43.24
C GLY A 9 53.03 -15.97 -44.19
N ILE A 10 51.83 -15.71 -43.70
CA ILE A 10 50.66 -15.62 -44.56
C ILE A 10 49.92 -14.30 -44.34
N PHE A 11 49.94 -13.43 -45.35
CA PHE A 11 49.40 -12.08 -45.22
C PHE A 11 48.24 -11.80 -46.16
N GLU A 12 47.18 -11.21 -45.60
CA GLU A 12 45.92 -11.01 -46.30
C GLU A 12 45.93 -9.63 -46.96
N TYR A 13 45.31 -9.50 -48.13
CA TYR A 13 45.24 -8.19 -48.79
C TYR A 13 44.10 -8.06 -49.84
N VAL A 14 43.78 -6.83 -50.21
CA VAL A 14 42.80 -6.56 -51.27
C VAL A 14 43.51 -5.92 -52.47
N GLU A 15 43.07 -6.25 -53.69
CA GLU A 15 43.72 -5.80 -54.91
C GLU A 15 45.16 -6.32 -55.03
N SER A 16 46.14 -5.42 -55.06
CA SER A 16 47.54 -5.84 -55.21
C SER A 16 48.45 -5.11 -54.21
N GLY A 17 49.72 -4.91 -54.59
CA GLY A 17 50.66 -4.19 -53.75
C GLY A 17 50.15 -2.80 -53.40
N PRO A 18 50.90 -2.06 -52.56
CA PRO A 18 52.20 -2.43 -51.98
C PRO A 18 52.08 -3.54 -50.94
N MET A 19 53.14 -3.73 -50.15
CA MET A 19 53.08 -4.61 -48.99
C MET A 19 52.26 -3.93 -47.92
N GLY A 20 51.62 -4.71 -47.07
CA GLY A 20 50.85 -4.16 -45.97
C GLY A 20 51.71 -4.02 -44.72
N ALA A 21 51.17 -3.35 -43.71
CA ALA A 21 51.88 -3.16 -42.45
C ALA A 21 52.33 -4.48 -41.83
N GLU A 22 51.45 -5.48 -41.80
CA GLU A 22 51.80 -6.74 -41.16
C GLU A 22 52.96 -7.42 -41.87
N GLU A 23 52.85 -7.66 -43.18
CA GLU A 23 53.93 -8.34 -43.88
C GLU A 23 55.22 -7.55 -43.77
N LEU A 24 55.11 -6.22 -43.63
CA LEU A 24 56.30 -5.40 -43.51
C LEU A 24 56.98 -5.56 -42.16
N ALA A 25 56.19 -5.55 -41.09
CA ALA A 25 56.75 -5.70 -39.74
C ALA A 25 57.38 -7.09 -39.58
N PHE A 26 56.81 -8.08 -40.24
CA PHE A 26 57.30 -9.45 -40.19
C PHE A 26 58.70 -9.48 -40.74
N ARG A 27 58.87 -8.96 -41.95
CA ARG A 27 60.15 -8.94 -42.63
C ARG A 27 61.15 -8.12 -41.86
N PHE A 28 60.68 -6.98 -41.37
CA PHE A 28 61.51 -6.04 -40.64
C PHE A 28 62.05 -6.69 -39.35
N ALA A 29 61.22 -7.49 -38.69
CA ALA A 29 61.62 -8.15 -37.45
C ALA A 29 62.70 -9.18 -37.73
N VAL A 30 62.49 -9.99 -38.76
CA VAL A 30 63.47 -10.98 -39.18
C VAL A 30 64.82 -10.34 -39.55
N ASN A 31 64.82 -9.24 -40.30
CA ASN A 31 66.08 -8.60 -40.71
C ASN A 31 66.83 -8.04 -39.51
N THR A 32 66.07 -7.49 -38.57
CA THR A 32 66.62 -6.91 -37.36
C THR A 32 67.26 -7.97 -36.48
N ILE A 33 66.52 -9.04 -36.22
CA ILE A 33 66.97 -10.10 -35.31
C ILE A 33 68.23 -10.72 -35.83
N ASN A 34 68.31 -10.91 -37.14
CA ASN A 34 69.50 -11.49 -37.75
C ASN A 34 70.74 -10.70 -37.36
N ARG A 35 70.64 -9.36 -37.41
CA ARG A 35 71.76 -8.47 -37.12
C ARG A 35 72.07 -8.34 -35.63
N ASN A 36 71.09 -8.60 -34.76
CA ASN A 36 71.33 -8.68 -33.33
C ASN A 36 72.31 -9.82 -33.07
N ARG A 37 73.31 -9.58 -32.22
CA ARG A 37 74.30 -10.61 -31.94
C ARG A 37 74.08 -11.21 -30.55
N THR A 38 73.10 -10.68 -29.83
CA THR A 38 72.71 -11.21 -28.54
C THR A 38 71.59 -12.24 -28.72
N LEU A 39 70.70 -11.96 -29.67
CA LEU A 39 69.56 -12.83 -29.92
C LEU A 39 69.80 -13.70 -31.15
N LEU A 40 69.64 -15.01 -30.95
CA LEU A 40 70.01 -15.97 -31.98
C LEU A 40 71.37 -15.57 -32.57
N PRO A 41 72.44 -15.77 -31.79
CA PRO A 41 73.81 -15.47 -32.18
C PRO A 41 74.27 -16.38 -33.31
N ASN A 42 74.14 -17.69 -33.08
CA ASN A 42 74.62 -18.69 -34.01
C ASN A 42 73.53 -19.17 -34.96
N THR A 43 72.36 -18.53 -34.88
CA THR A 43 71.21 -18.93 -35.67
C THR A 43 70.76 -17.80 -36.62
N THR A 44 70.42 -18.16 -37.85
CA THR A 44 70.04 -17.19 -38.88
C THR A 44 68.65 -17.49 -39.44
N LEU A 45 67.70 -16.56 -39.25
CA LEU A 45 66.31 -16.75 -39.68
C LEU A 45 66.07 -16.49 -41.17
N THR A 46 65.25 -17.35 -41.77
CA THR A 46 64.86 -17.25 -43.18
C THR A 46 63.32 -17.34 -43.22
N TYR A 47 62.69 -17.05 -44.35
CA TYR A 47 61.23 -17.16 -44.41
C TYR A 47 60.67 -17.36 -45.81
N ASP A 48 59.48 -17.96 -45.85
CA ASP A 48 58.64 -17.95 -47.04
C ASP A 48 57.44 -17.04 -46.77
N THR A 49 57.10 -16.15 -47.70
CA THR A 49 55.87 -15.37 -47.57
C THR A 49 54.90 -15.67 -48.70
N GLN A 50 53.64 -15.80 -48.31
CA GLN A 50 52.56 -16.08 -49.23
C GLN A 50 51.51 -15.00 -49.02
N LYS A 51 50.90 -14.54 -50.10
CA LYS A 51 49.86 -13.53 -50.01
C LYS A 51 48.54 -14.16 -50.41
N ILE A 52 47.47 -13.82 -49.70
CA ILE A 52 46.15 -14.36 -50.02
C ILE A 52 45.07 -13.30 -50.01
N ASN A 53 43.93 -13.64 -50.59
CA ASN A 53 42.76 -12.79 -50.60
C ASN A 53 42.17 -12.77 -49.19
N LEU A 54 41.45 -11.70 -48.87
CA LEU A 54 40.78 -11.64 -47.59
C LEU A 54 39.59 -12.57 -47.62
N TYR A 55 39.48 -13.43 -46.62
CA TYR A 55 38.28 -14.23 -46.44
C TYR A 55 38.24 -15.46 -47.33
N ASP A 56 39.37 -15.80 -47.96
CA ASP A 56 39.43 -17.03 -48.73
C ASP A 56 40.14 -18.09 -47.87
N SER A 57 39.39 -18.77 -47.01
CA SER A 57 40.01 -19.76 -46.12
C SER A 57 40.58 -20.92 -46.95
N PHE A 58 39.92 -21.28 -48.04
CA PHE A 58 40.45 -22.26 -48.98
C PHE A 58 41.87 -21.93 -49.45
N GLU A 59 42.10 -20.71 -49.90
CA GLU A 59 43.43 -20.32 -50.33
C GLU A 59 44.41 -20.31 -49.16
N ALA A 60 43.96 -19.84 -48.01
CA ALA A 60 44.81 -19.84 -46.83
C ALA A 60 45.25 -21.27 -46.47
N SER A 61 44.36 -22.23 -46.64
CA SER A 61 44.67 -23.63 -46.37
C SER A 61 45.78 -24.09 -47.32
N LYS A 62 45.56 -23.92 -48.62
CA LYS A 62 46.54 -24.30 -49.62
C LYS A 62 47.92 -23.71 -49.32
N LYS A 63 47.99 -22.38 -49.12
CA LYS A 63 49.28 -21.75 -48.88
C LYS A 63 49.93 -22.27 -47.60
N ALA A 64 49.14 -22.55 -46.56
CA ALA A 64 49.69 -23.09 -45.32
C ALA A 64 50.27 -24.49 -45.55
N CYS A 65 49.55 -25.31 -46.29
CA CYS A 65 50.05 -26.63 -46.68
C CYS A 65 51.34 -26.57 -47.52
N ASP A 66 51.41 -25.64 -48.48
CA ASP A 66 52.65 -25.45 -49.23
C ASP A 66 53.81 -25.14 -48.29
N GLN A 67 53.58 -24.26 -47.33
CA GLN A 67 54.64 -23.84 -46.42
C GLN A 67 55.09 -24.96 -45.51
N LEU A 68 54.14 -25.80 -45.07
CA LEU A 68 54.47 -26.92 -44.22
C LEU A 68 55.28 -27.93 -45.02
N SER A 69 55.11 -27.89 -46.34
CA SER A 69 55.83 -28.75 -47.26
C SER A 69 57.26 -28.29 -47.47
N LEU A 70 57.46 -27.01 -47.73
CA LEU A 70 58.79 -26.40 -47.71
C LEU A 70 59.51 -26.66 -46.40
N GLY A 71 58.75 -26.71 -45.31
CA GLY A 71 59.31 -26.92 -43.99
C GLY A 71 59.44 -25.61 -43.23
N VAL A 72 58.69 -25.46 -42.14
CA VAL A 72 58.75 -24.24 -41.34
C VAL A 72 58.54 -24.56 -39.89
N ALA A 73 59.12 -23.75 -39.02
CA ALA A 73 59.09 -23.97 -37.58
C ALA A 73 57.86 -23.35 -36.95
N ALA A 74 57.23 -22.45 -37.68
CA ALA A 74 56.00 -21.79 -37.24
C ALA A 74 55.41 -21.03 -38.40
N ILE A 75 54.09 -20.92 -38.39
CA ILE A 75 53.40 -20.10 -39.38
C ILE A 75 52.81 -18.89 -38.69
N PHE A 76 53.27 -17.71 -39.05
CA PHE A 76 52.65 -16.50 -38.53
C PHE A 76 51.39 -16.26 -39.34
N GLY A 77 50.45 -17.17 -39.16
CA GLY A 77 49.27 -17.32 -40.00
C GLY A 77 48.61 -16.00 -40.18
N PRO A 78 47.55 -15.96 -41.00
CA PRO A 78 46.83 -14.73 -41.39
C PRO A 78 45.99 -14.14 -40.25
N SER A 79 45.42 -12.96 -40.48
CA SER A 79 44.83 -12.15 -39.41
C SER A 79 43.34 -12.42 -39.14
N HIS A 80 42.55 -12.58 -40.20
CA HIS A 80 41.10 -12.54 -40.07
C HIS A 80 40.46 -13.87 -39.74
N SER A 81 39.43 -13.81 -38.91
CA SER A 81 38.83 -14.98 -38.27
C SER A 81 38.82 -16.27 -39.12
N SER A 82 38.16 -16.27 -40.27
CA SER A 82 37.93 -17.53 -40.99
C SER A 82 39.23 -18.15 -41.55
N SER A 83 40.12 -17.34 -42.10
CA SER A 83 41.36 -17.89 -42.60
C SER A 83 42.24 -18.34 -41.44
N ALA A 84 42.19 -17.59 -40.36
CA ALA A 84 43.04 -17.85 -39.21
C ALA A 84 42.64 -19.14 -38.49
N ASN A 85 41.33 -19.41 -38.43
CA ASN A 85 40.83 -20.63 -37.83
C ASN A 85 41.16 -21.86 -38.66
N ALA A 86 41.33 -21.67 -39.96
CA ALA A 86 41.58 -22.77 -40.87
C ALA A 86 43.05 -23.14 -40.83
N VAL A 87 43.91 -22.13 -40.80
CA VAL A 87 45.35 -22.35 -40.69
C VAL A 87 45.69 -22.89 -39.30
N GLN A 88 44.86 -22.57 -38.31
CA GLN A 88 45.12 -23.00 -36.93
C GLN A 88 44.81 -24.47 -36.76
N SER A 89 43.81 -24.94 -37.50
CA SER A 89 43.38 -26.33 -37.43
C SER A 89 44.39 -27.22 -38.13
N ILE A 90 44.92 -26.71 -39.23
CA ILE A 90 45.97 -27.37 -39.99
C ILE A 90 47.23 -27.46 -39.12
N CYS A 91 47.69 -26.31 -38.66
CA CYS A 91 48.83 -26.25 -37.76
C CYS A 91 48.69 -27.18 -36.56
N ASN A 92 47.46 -27.41 -36.11
CA ASN A 92 47.25 -28.27 -34.95
C ASN A 92 47.40 -29.74 -35.30
N ALA A 93 46.90 -30.11 -36.47
CA ALA A 93 47.01 -31.47 -36.97
C ALA A 93 48.46 -31.86 -37.28
N LEU A 94 49.26 -30.90 -37.75
CA LEU A 94 50.68 -31.18 -38.06
C LEU A 94 51.61 -30.67 -36.97
N GLY A 95 51.04 -30.24 -35.84
CA GLY A 95 51.84 -29.85 -34.69
C GLY A 95 52.93 -28.82 -34.98
N VAL A 96 52.63 -27.87 -35.86
CA VAL A 96 53.48 -26.68 -36.00
C VAL A 96 52.80 -25.47 -35.36
N PRO A 97 53.54 -24.70 -34.54
CA PRO A 97 52.92 -23.56 -33.88
C PRO A 97 52.35 -22.54 -34.85
N HIS A 98 51.13 -22.10 -34.56
CA HIS A 98 50.50 -21.03 -35.32
C HIS A 98 50.53 -19.78 -34.48
N ILE A 99 51.22 -18.74 -34.95
CA ILE A 99 51.31 -17.47 -34.20
C ILE A 99 50.36 -16.39 -34.69
N GLN A 100 49.38 -16.02 -33.86
CA GLN A 100 48.37 -15.03 -34.22
C GLN A 100 48.68 -13.65 -33.64
N THR A 101 48.16 -12.61 -34.26
CA THR A 101 48.43 -11.24 -33.81
C THR A 101 47.14 -10.45 -33.60
N ARG A 102 46.00 -11.10 -33.86
CA ARG A 102 44.73 -10.42 -33.86
C ARG A 102 43.72 -11.29 -33.14
N TRP A 103 42.78 -10.64 -32.47
CA TRP A 103 41.76 -11.34 -31.72
C TRP A 103 40.80 -12.04 -32.67
N LYS A 104 40.35 -13.23 -32.29
CA LYS A 104 39.22 -13.89 -32.95
C LYS A 104 38.45 -14.62 -31.86
N HIS A 105 37.16 -14.89 -32.11
CA HIS A 105 36.33 -15.46 -31.04
C HIS A 105 36.76 -16.88 -30.67
N GLN A 106 37.10 -17.05 -29.40
CA GLN A 106 37.50 -18.34 -28.88
C GLN A 106 36.28 -19.19 -28.55
N VAL A 107 36.14 -20.32 -29.25
CA VAL A 107 35.10 -21.29 -28.91
C VAL A 107 35.63 -22.19 -27.81
N SER A 108 34.82 -22.41 -26.78
CA SER A 108 35.27 -23.12 -25.58
C SER A 108 35.64 -24.56 -25.89
N ASP A 109 34.72 -25.26 -26.57
CA ASP A 109 34.88 -26.68 -26.85
C ASP A 109 35.86 -26.96 -28.00
N ASN A 110 36.67 -25.97 -28.38
CA ASN A 110 37.67 -26.18 -29.41
C ASN A 110 39.00 -26.55 -28.79
N LYS A 111 39.54 -27.68 -29.24
CA LYS A 111 40.66 -28.34 -28.58
C LYS A 111 42.04 -28.02 -29.15
N ASP A 112 42.11 -27.15 -30.16
CA ASP A 112 43.41 -26.79 -30.75
C ASP A 112 44.31 -26.27 -29.64
N SER A 113 45.58 -26.66 -29.70
CA SER A 113 46.53 -26.28 -28.66
C SER A 113 47.84 -25.74 -29.23
N PHE A 114 48.02 -25.87 -30.54
CA PHE A 114 49.21 -25.33 -31.21
C PHE A 114 49.05 -23.89 -31.68
N TYR A 115 48.68 -23.00 -30.77
CA TYR A 115 48.68 -21.59 -31.11
C TYR A 115 48.81 -20.69 -29.88
N VAL A 116 49.43 -19.53 -30.08
CA VAL A 116 49.40 -18.46 -29.10
C VAL A 116 48.91 -17.21 -29.83
N SER A 117 48.43 -16.22 -29.09
CA SER A 117 47.94 -15.00 -29.69
C SER A 117 48.54 -13.81 -28.97
N LEU A 118 49.21 -12.92 -29.72
CA LEU A 118 49.87 -11.79 -29.10
C LEU A 118 48.94 -10.60 -28.84
N TYR A 119 47.67 -10.72 -29.23
CA TYR A 119 46.74 -9.62 -29.07
C TYR A 119 46.19 -9.60 -27.64
N PRO A 120 46.15 -8.41 -27.02
CA PRO A 120 45.65 -8.27 -25.64
C PRO A 120 44.22 -8.77 -25.55
N ASP A 121 43.97 -9.82 -24.77
CA ASP A 121 42.67 -10.45 -24.77
C ASP A 121 41.54 -9.47 -24.44
N PHE A 122 40.40 -9.70 -25.06
CA PHE A 122 39.21 -8.87 -24.87
C PHE A 122 38.76 -8.81 -23.42
N SER A 123 38.76 -9.94 -22.72
CA SER A 123 38.29 -9.96 -21.33
C SER A 123 38.99 -8.90 -20.48
N SER A 124 40.31 -8.78 -20.63
CA SER A 124 41.08 -7.81 -19.87
C SER A 124 40.85 -6.37 -20.32
N LEU A 125 40.65 -6.17 -21.63
CA LEU A 125 40.43 -4.83 -22.18
C LEU A 125 39.07 -4.31 -21.77
N SER A 126 38.07 -5.17 -21.90
CA SER A 126 36.74 -4.94 -21.37
C SER A 126 36.82 -4.41 -19.94
N ARG A 127 37.58 -5.07 -19.08
CA ARG A 127 37.63 -4.65 -17.67
C ARG A 127 38.27 -3.27 -17.55
N ALA A 128 39.32 -3.03 -18.32
CA ALA A 128 40.03 -1.76 -18.21
C ALA A 128 39.19 -0.59 -18.74
N ILE A 129 38.28 -0.86 -19.66
CA ILE A 129 37.35 0.17 -20.10
C ILE A 129 36.45 0.51 -18.92
N LEU A 130 35.86 -0.52 -18.33
CA LEU A 130 34.96 -0.34 -17.19
C LEU A 130 35.69 0.33 -16.04
N ASP A 131 36.96 -0.01 -15.80
CA ASP A 131 37.71 0.60 -14.71
C ASP A 131 37.83 2.11 -14.92
N LEU A 132 38.02 2.50 -16.16
CA LEU A 132 38.22 3.89 -16.51
C LEU A 132 36.92 4.69 -16.34
N VAL A 133 35.85 4.18 -16.91
CA VAL A 133 34.53 4.74 -16.71
C VAL A 133 34.24 5.01 -15.23
N GLN A 134 34.56 4.04 -14.38
CA GLN A 134 34.26 4.18 -12.94
C GLN A 134 35.14 5.22 -12.28
N PHE A 135 36.33 5.43 -12.83
CA PHE A 135 37.25 6.43 -12.28
C PHE A 135 36.78 7.84 -12.62
N PHE A 136 36.16 7.99 -13.80
CA PHE A 136 35.56 9.26 -14.17
C PHE A 136 34.20 9.42 -13.49
N LYS A 137 33.81 8.43 -12.70
CA LYS A 137 32.57 8.49 -11.93
C LYS A 137 31.32 8.66 -12.81
N TRP A 138 31.38 8.21 -14.06
CA TRP A 138 30.21 8.26 -14.94
C TRP A 138 29.09 7.36 -14.44
N LYS A 139 27.87 7.87 -14.46
CA LYS A 139 26.69 7.07 -14.11
C LYS A 139 25.84 6.86 -15.36
N THR A 140 26.17 7.59 -16.42
CA THR A 140 25.44 7.52 -17.67
C THR A 140 26.46 7.44 -18.78
N VAL A 141 26.25 6.54 -19.73
CA VAL A 141 27.18 6.39 -20.84
C VAL A 141 26.54 5.75 -22.07
N THR A 142 26.85 6.27 -23.24
CA THR A 142 26.37 5.70 -24.48
C THR A 142 27.49 4.93 -25.16
N VAL A 143 27.34 3.62 -25.28
CA VAL A 143 28.28 2.76 -26.02
C VAL A 143 27.86 2.70 -27.49
N VAL A 144 28.75 3.16 -28.37
CA VAL A 144 28.54 3.09 -29.82
C VAL A 144 29.51 2.06 -30.44
N TYR A 145 28.99 1.02 -31.07
CA TYR A 145 29.85 0.01 -31.68
C TYR A 145 29.69 -0.05 -33.20
N ASP A 146 30.69 -0.59 -33.91
CA ASP A 146 30.58 -0.73 -35.37
C ASP A 146 29.88 -2.05 -35.78
N ASP A 147 30.53 -3.19 -35.58
CA ASP A 147 29.95 -4.45 -36.03
C ASP A 147 29.79 -5.42 -34.87
N SER A 148 28.92 -6.40 -35.05
CA SER A 148 28.63 -7.42 -34.03
C SER A 148 29.77 -7.66 -33.03
N THR A 149 30.97 -7.97 -33.50
CA THR A 149 32.03 -8.41 -32.58
C THR A 149 32.43 -7.32 -31.60
N GLY A 150 32.17 -6.06 -31.95
CA GLY A 150 32.27 -4.98 -30.99
C GLY A 150 31.52 -5.30 -29.69
N LEU A 151 30.26 -5.72 -29.80
CA LEU A 151 29.50 -6.19 -28.63
C LEU A 151 30.29 -7.08 -27.71
N ILE A 152 30.99 -8.06 -28.27
CA ILE A 152 31.71 -9.04 -27.47
C ILE A 152 32.90 -8.42 -26.73
N ARG A 153 33.56 -7.44 -27.34
CA ARG A 153 34.69 -6.78 -26.69
C ARG A 153 34.26 -5.95 -25.49
N LEU A 154 32.99 -5.57 -25.47
CA LEU A 154 32.47 -4.78 -24.36
C LEU A 154 31.48 -5.54 -23.48
N GLN A 155 31.49 -6.87 -23.48
CA GLN A 155 30.48 -7.57 -22.68
C GLN A 155 30.63 -7.27 -21.19
N GLU A 156 31.84 -7.27 -20.66
CA GLU A 156 32.05 -6.87 -19.27
C GLU A 156 31.37 -5.54 -18.95
N LEU A 157 31.40 -4.62 -19.91
CA LEU A 157 30.84 -3.30 -19.69
C LEU A 157 29.31 -3.34 -19.78
N ILE A 158 28.80 -4.11 -20.71
CA ILE A 158 27.37 -4.20 -20.96
C ILE A 158 26.63 -4.89 -19.80
N LYS A 159 27.36 -5.70 -19.03
CA LYS A 159 26.76 -6.44 -17.92
C LYS A 159 26.90 -5.72 -16.58
N ALA A 160 27.56 -4.56 -16.61
CA ALA A 160 27.77 -3.76 -15.40
C ALA A 160 26.49 -3.16 -14.80
N PRO A 161 25.55 -2.71 -15.65
CA PRO A 161 24.34 -2.04 -15.13
C PRO A 161 23.48 -2.82 -14.13
N SER A 162 23.86 -4.05 -13.79
CA SER A 162 23.10 -4.84 -12.81
C SER A 162 23.86 -4.96 -11.48
N ARG A 163 25.18 -4.76 -11.55
CA ARG A 163 26.02 -4.73 -10.36
C ARG A 163 26.22 -3.28 -9.88
N TYR A 164 26.93 -2.46 -10.66
CA TYR A 164 27.13 -1.06 -10.30
C TYR A 164 25.93 -0.21 -10.73
N ASN A 165 26.06 1.11 -10.64
CA ASN A 165 24.97 1.99 -11.00
C ASN A 165 25.25 2.77 -12.28
N LEU A 166 25.26 2.05 -13.40
CA LEU A 166 25.38 2.68 -14.71
C LEU A 166 24.15 2.38 -15.53
N ARG A 167 23.39 3.42 -15.88
CA ARG A 167 22.42 3.30 -16.94
C ARG A 167 23.24 3.46 -18.19
N LEU A 168 22.88 2.75 -19.25
CA LEU A 168 23.67 2.85 -20.46
C LEU A 168 22.85 2.56 -21.69
N LYS A 169 23.12 3.32 -22.75
CA LYS A 169 22.39 3.20 -24.00
C LYS A 169 23.34 2.63 -25.04
N ILE A 170 22.83 1.72 -25.86
CA ILE A 170 23.67 1.06 -26.86
C ILE A 170 23.18 1.43 -28.26
N ARG A 171 24.07 2.02 -29.05
CA ARG A 171 23.74 2.41 -30.41
C ARG A 171 24.76 1.80 -31.36
N GLN A 172 24.39 1.65 -32.63
CA GLN A 172 25.31 1.09 -33.61
C GLN A 172 25.60 2.10 -34.70
N LEU A 173 26.87 2.18 -35.12
CA LEU A 173 27.27 3.02 -36.25
C LEU A 173 26.71 2.42 -37.54
N PRO A 174 26.57 3.22 -38.59
CA PRO A 174 26.22 2.61 -39.88
C PRO A 174 27.49 2.14 -40.59
N ALA A 175 27.31 1.48 -41.74
CA ALA A 175 28.46 1.04 -42.53
C ALA A 175 29.47 2.18 -42.76
N ASP A 176 28.99 3.34 -43.22
CA ASP A 176 29.86 4.49 -43.53
C ASP A 176 29.69 5.62 -42.51
N THR A 177 30.79 6.18 -42.01
CA THR A 177 30.71 7.25 -41.01
C THR A 177 30.07 8.54 -41.53
N LYS A 178 30.06 8.70 -42.85
CA LYS A 178 29.39 9.85 -43.45
C LYS A 178 27.88 9.75 -43.21
N ASP A 179 27.41 8.55 -42.91
CA ASP A 179 26.00 8.32 -42.67
C ASP A 179 25.69 8.54 -41.20
N ALA A 180 26.66 9.05 -40.44
CA ALA A 180 26.54 9.06 -38.97
C ALA A 180 25.96 10.33 -38.34
N LYS A 181 25.54 11.31 -39.14
CA LYS A 181 24.99 12.53 -38.55
C LYS A 181 23.66 12.24 -37.85
N PRO A 182 22.75 11.52 -38.52
CA PRO A 182 21.45 11.24 -37.91
C PRO A 182 21.59 10.58 -36.56
N LEU A 183 22.55 9.68 -36.44
CA LEU A 183 22.84 9.01 -35.18
C LEU A 183 23.38 9.98 -34.14
N LEU A 184 24.26 10.88 -34.58
CA LEU A 184 24.87 11.84 -33.67
C LEU A 184 23.86 12.88 -33.23
N LYS A 185 22.89 13.17 -34.09
CA LYS A 185 21.86 14.14 -33.77
C LYS A 185 20.99 13.58 -32.65
N GLU A 186 20.69 12.30 -32.71
CA GLU A 186 19.91 11.66 -31.64
C GLU A 186 20.65 11.72 -30.31
N MET A 187 21.95 11.47 -30.34
CA MET A 187 22.75 11.55 -29.11
C MET A 187 22.76 12.98 -28.59
N LYS A 188 22.77 13.96 -29.48
CA LYS A 188 22.84 15.36 -29.07
C LYS A 188 21.54 15.77 -28.39
N ARG A 189 20.40 15.50 -29.04
CA ARG A 189 19.08 15.71 -28.44
C ARG A 189 18.98 14.96 -27.13
N GLY A 190 19.60 13.78 -27.09
CA GLY A 190 19.52 12.92 -25.93
C GLY A 190 20.43 13.38 -24.80
N LYS A 191 21.27 14.37 -25.06
CA LYS A 191 22.15 14.89 -24.03
C LYS A 191 23.12 13.80 -23.61
N GLU A 192 23.49 12.95 -24.56
CA GLU A 192 24.44 11.87 -24.30
C GLU A 192 25.86 12.42 -24.43
N PHE A 193 26.33 13.03 -23.36
CA PHE A 193 27.63 13.67 -23.33
C PHE A 193 28.79 12.70 -23.10
N HIS A 194 28.49 11.54 -22.53
CA HIS A 194 29.53 10.59 -22.15
C HIS A 194 29.43 9.38 -23.07
N VAL A 195 30.45 9.17 -23.89
CA VAL A 195 30.33 8.23 -24.99
C VAL A 195 31.58 7.37 -25.21
N ILE A 196 31.37 6.06 -25.30
CA ILE A 196 32.43 5.13 -25.66
C ILE A 196 32.28 4.73 -27.14
N PHE A 197 33.29 5.00 -27.96
CA PHE A 197 33.29 4.51 -29.33
C PHE A 197 34.09 3.21 -29.48
N ASP A 198 33.39 2.09 -29.72
CA ASP A 198 34.01 0.80 -30.06
C ASP A 198 34.04 0.60 -31.56
N CYS A 199 35.23 0.74 -32.14
CA CYS A 199 35.38 0.78 -33.58
C CYS A 199 36.86 0.92 -33.96
N SER A 200 37.18 0.67 -35.22
CA SER A 200 38.57 0.80 -35.65
C SER A 200 39.03 2.26 -35.53
N HIS A 201 40.34 2.50 -35.48
CA HIS A 201 40.83 3.87 -35.43
C HIS A 201 40.53 4.64 -36.71
N GLU A 202 40.32 3.96 -37.83
CA GLU A 202 39.93 4.68 -39.07
C GLU A 202 38.49 5.15 -38.97
N MET A 203 37.61 4.32 -38.39
CA MET A 203 36.25 4.73 -38.08
C MET A 203 36.23 5.91 -37.11
N ALA A 204 37.11 5.87 -36.12
CA ALA A 204 37.17 6.89 -35.09
C ALA A 204 37.62 8.23 -35.67
N ALA A 205 38.58 8.22 -36.59
CA ALA A 205 38.98 9.44 -37.29
C ALA A 205 37.81 10.01 -38.07
N GLY A 206 37.05 9.13 -38.70
CA GLY A 206 35.87 9.53 -39.45
C GLY A 206 34.74 10.08 -38.59
N ILE A 207 34.49 9.49 -37.43
CA ILE A 207 33.34 9.84 -36.62
C ILE A 207 33.63 11.16 -35.89
N LEU A 208 34.89 11.40 -35.55
CA LEU A 208 35.28 12.68 -34.98
C LEU A 208 34.98 13.86 -35.92
N LYS A 209 35.25 13.73 -37.22
CA LYS A 209 34.98 14.82 -38.15
C LYS A 209 33.49 15.12 -38.14
N GLN A 210 32.67 14.08 -38.11
CA GLN A 210 31.22 14.25 -38.08
C GLN A 210 30.78 14.88 -36.77
N ALA A 211 31.52 14.59 -35.71
CA ALA A 211 31.14 15.09 -34.40
C ALA A 211 31.45 16.60 -34.31
N LEU A 212 32.50 17.03 -35.00
CA LEU A 212 32.89 18.42 -35.05
C LEU A 212 31.85 19.23 -35.80
N ALA A 213 31.50 18.74 -36.98
CA ALA A 213 30.43 19.31 -37.80
C ALA A 213 29.15 19.52 -37.00
N MET A 214 28.95 18.68 -36.01
CA MET A 214 27.70 18.61 -35.29
C MET A 214 27.71 19.40 -33.99
N GLY A 215 28.81 20.11 -33.73
CA GLY A 215 28.90 20.94 -32.55
C GLY A 215 29.05 20.11 -31.31
N MET A 216 29.77 19.00 -31.44
CA MET A 216 29.89 18.02 -30.37
C MET A 216 31.35 17.77 -30.00
N MET A 217 32.25 18.63 -30.46
CA MET A 217 33.60 18.63 -29.92
C MET A 217 33.78 19.88 -29.08
N THR A 218 33.28 19.82 -27.84
CA THR A 218 33.41 20.91 -26.90
C THR A 218 33.65 20.38 -25.50
N GLU A 219 33.85 21.27 -24.54
CA GLU A 219 34.09 20.89 -23.15
C GLU A 219 32.96 20.04 -22.55
N TYR A 220 31.80 20.02 -23.20
CA TYR A 220 30.66 19.28 -22.66
C TYR A 220 30.75 17.77 -22.90
N TYR A 221 31.58 17.38 -23.85
CA TYR A 221 31.59 15.99 -24.31
C TYR A 221 32.87 15.29 -23.88
N HIS A 222 32.72 14.05 -23.42
CA HIS A 222 33.87 13.22 -23.11
C HIS A 222 33.75 11.86 -23.84
N TYR A 223 34.73 11.56 -24.66
CA TYR A 223 34.73 10.38 -25.51
C TYR A 223 35.81 9.41 -25.07
N ILE A 224 35.42 8.19 -24.75
CA ILE A 224 36.38 7.13 -24.52
C ILE A 224 36.49 6.24 -25.75
N PHE A 225 37.72 5.97 -26.19
CA PHE A 225 37.95 5.21 -27.39
C PHE A 225 38.50 3.84 -27.10
N THR A 226 37.86 2.87 -27.73
CA THR A 226 38.13 1.48 -27.50
C THR A 226 39.43 1.10 -28.20
N THR A 227 39.71 1.75 -29.33
CA THR A 227 40.87 1.41 -30.15
C THR A 227 42.22 1.70 -29.50
N LEU A 228 43.17 0.79 -29.71
CA LEU A 228 44.51 0.91 -29.16
C LEU A 228 45.38 1.77 -30.05
N ASP A 229 44.87 2.09 -31.23
CA ASP A 229 45.58 2.92 -32.19
C ASP A 229 45.11 4.36 -32.13
N LEU A 230 44.52 4.73 -30.99
CA LEU A 230 44.11 6.09 -30.75
C LEU A 230 45.24 7.08 -31.04
N PHE A 231 46.45 6.75 -30.61
CA PHE A 231 47.61 7.61 -30.76
C PHE A 231 47.97 7.87 -32.22
N ALA A 232 47.33 7.17 -33.15
CA ALA A 232 47.60 7.33 -34.58
C ALA A 232 46.73 8.40 -35.21
N LEU A 233 45.76 8.90 -34.46
CA LEU A 233 44.81 9.85 -34.99
C LEU A 233 45.44 11.24 -35.09
N ASP A 234 45.29 11.88 -36.25
CA ASP A 234 45.53 13.32 -36.37
C ASP A 234 44.63 14.01 -35.36
N VAL A 235 45.24 14.63 -34.37
CA VAL A 235 44.48 15.30 -33.32
C VAL A 235 44.56 16.85 -33.41
N GLU A 236 45.19 17.35 -34.48
CA GLU A 236 45.39 18.78 -34.67
C GLU A 236 44.07 19.56 -34.80
N PRO A 237 43.07 18.98 -35.48
CA PRO A 237 41.77 19.64 -35.53
C PRO A 237 40.99 19.75 -34.22
N TYR A 238 41.42 19.11 -33.14
CA TYR A 238 40.52 18.98 -32.00
C TYR A 238 41.14 19.44 -30.67
N ARG A 239 42.46 19.57 -30.59
CA ARG A 239 43.08 19.81 -29.29
C ARG A 239 42.83 21.18 -28.70
N TYR A 240 42.41 22.14 -29.52
CA TYR A 240 42.17 23.48 -29.02
C TYR A 240 40.73 23.66 -28.52
N SER A 241 39.89 22.65 -28.74
CA SER A 241 38.45 22.80 -28.58
C SER A 241 37.94 22.55 -27.17
N GLY A 242 38.71 21.82 -26.37
CA GLY A 242 38.27 21.51 -25.03
C GLY A 242 37.58 20.16 -24.86
N VAL A 243 37.30 19.42 -25.94
CA VAL A 243 36.74 18.07 -25.75
C VAL A 243 37.69 17.25 -24.95
N ASN A 244 37.12 16.25 -24.30
CA ASN A 244 37.89 15.24 -23.61
C ASN A 244 37.88 13.96 -24.46
N MET A 245 39.07 13.48 -24.80
CA MET A 245 39.20 12.19 -25.46
C MET A 245 40.13 11.34 -24.63
N THR A 246 39.67 10.19 -24.20
CA THR A 246 40.51 9.29 -23.44
C THR A 246 40.47 7.90 -24.04
N GLY A 247 41.62 7.24 -24.06
CA GLY A 247 41.70 5.88 -24.54
C GLY A 247 42.92 5.19 -23.98
N PHE A 248 43.31 4.08 -24.60
CA PHE A 248 44.44 3.31 -24.11
C PHE A 248 45.47 3.15 -25.19
N ARG A 249 46.69 2.82 -24.78
CA ARG A 249 47.79 2.57 -25.70
C ARG A 249 48.69 1.46 -25.17
N ILE A 250 48.91 0.41 -25.97
CA ILE A 250 49.76 -0.69 -25.55
C ILE A 250 51.15 -0.56 -26.15
N LEU A 251 51.26 0.25 -27.19
CA LEU A 251 52.55 0.51 -27.81
C LEU A 251 53.37 1.37 -26.83
N ASN A 252 54.53 0.87 -26.43
CA ASN A 252 55.31 1.48 -25.35
C ASN A 252 56.25 2.59 -25.86
N THR A 253 55.67 3.74 -26.21
CA THR A 253 56.39 4.81 -26.87
C THR A 253 57.29 5.63 -25.93
N GLU A 254 57.06 5.52 -24.63
CA GLU A 254 57.85 6.26 -23.64
C GLU A 254 59.28 5.71 -23.53
N ASN A 255 59.42 4.41 -23.72
CA ASN A 255 60.74 3.77 -23.71
C ASN A 255 61.55 4.25 -24.91
N THR A 256 62.76 4.72 -24.65
CA THR A 256 63.56 5.35 -25.70
C THR A 256 63.98 4.34 -26.77
N GLN A 257 64.35 3.13 -26.34
CA GLN A 257 64.72 2.07 -27.26
C GLN A 257 63.57 1.75 -28.25
N VAL A 258 62.33 1.83 -27.78
CA VAL A 258 61.18 1.52 -28.60
C VAL A 258 60.85 2.67 -29.56
N SER A 259 61.15 3.89 -29.16
CA SER A 259 60.89 5.05 -30.00
C SER A 259 61.80 5.01 -31.22
N SER A 260 63.06 4.66 -31.01
CA SER A 260 64.03 4.63 -32.10
C SER A 260 63.70 3.54 -33.12
N ILE A 261 63.08 2.46 -32.66
CA ILE A 261 62.71 1.37 -33.55
C ILE A 261 61.50 1.78 -34.40
N ILE A 262 60.53 2.44 -33.78
CA ILE A 262 59.35 2.93 -34.49
C ILE A 262 59.74 3.95 -35.56
N GLU A 263 60.86 4.62 -35.36
CA GLU A 263 61.33 5.63 -36.30
C GLU A 263 61.91 4.97 -37.55
N LYS A 264 62.83 4.03 -37.37
CA LYS A 264 63.46 3.34 -38.50
C LYS A 264 62.40 2.69 -39.37
N TRP A 265 61.27 2.39 -38.75
CA TRP A 265 60.14 1.83 -39.44
C TRP A 265 59.49 2.87 -40.33
N SER A 266 59.21 4.04 -39.77
CA SER A 266 58.60 5.14 -40.52
C SER A 266 59.40 5.53 -41.75
N MET A 267 60.71 5.31 -41.72
CA MET A 267 61.56 5.75 -42.81
C MET A 267 61.39 4.86 -44.04
N GLU A 268 61.34 3.55 -43.82
CA GLU A 268 61.12 2.61 -44.92
C GLU A 268 59.63 2.52 -45.29
N ARG A 269 58.75 2.95 -44.38
CA ARG A 269 57.32 2.90 -44.64
C ARG A 269 56.76 4.23 -45.14
N LEU A 270 56.87 5.27 -44.31
CA LEU A 270 56.41 6.62 -44.67
C LEU A 270 56.87 7.02 -46.07
N GLN A 271 57.95 6.37 -46.53
CA GLN A 271 58.47 6.56 -47.88
C GLN A 271 57.46 6.21 -48.97
N ALA A 272 56.41 5.50 -48.59
CA ALA A 272 55.37 5.03 -49.51
C ALA A 272 54.03 5.68 -49.12
N PRO A 273 52.90 5.22 -49.72
CA PRO A 273 51.69 6.07 -49.80
C PRO A 273 51.02 6.50 -48.49
N PRO A 274 51.01 7.82 -48.21
CA PRO A 274 50.21 8.45 -47.15
C PRO A 274 48.95 9.12 -47.73
N LYS A 275 47.96 9.42 -46.90
CA LYS A 275 46.74 10.03 -47.40
C LYS A 275 46.44 11.37 -46.71
N PRO A 276 45.73 12.26 -47.41
CA PRO A 276 45.49 13.64 -46.96
C PRO A 276 44.20 13.78 -46.17
N ASP A 277 43.17 13.08 -46.62
CA ASP A 277 41.82 13.23 -46.09
C ASP A 277 41.54 12.14 -45.07
N SER A 278 42.59 11.46 -44.63
CA SER A 278 42.44 10.31 -43.74
C SER A 278 42.06 10.73 -42.32
N GLY A 279 42.83 11.66 -41.78
CA GLY A 279 42.69 12.01 -40.37
C GLY A 279 43.60 11.15 -39.51
N LEU A 280 44.47 10.38 -40.17
CA LEU A 280 45.50 9.61 -39.49
C LEU A 280 46.85 10.25 -39.75
N LEU A 281 47.76 10.15 -38.79
CA LEU A 281 49.14 10.55 -38.99
C LEU A 281 49.77 9.59 -39.98
N ASP A 282 50.57 10.12 -40.90
CA ASP A 282 51.25 9.27 -41.86
C ASP A 282 52.48 8.64 -41.24
N GLY A 283 52.69 7.35 -41.54
CA GLY A 283 53.88 6.64 -41.09
C GLY A 283 53.97 6.34 -39.61
N PHE A 284 52.82 6.26 -38.94
CA PHE A 284 52.81 5.81 -37.55
C PHE A 284 52.71 4.29 -37.58
N MET A 285 53.43 3.62 -36.70
CA MET A 285 53.37 2.17 -36.63
C MET A 285 52.13 1.72 -35.87
N THR A 286 51.19 1.08 -36.56
CA THR A 286 49.95 0.67 -35.93
C THR A 286 50.19 -0.51 -35.02
N THR A 287 49.17 -0.88 -34.26
CA THR A 287 49.29 -1.98 -33.31
C THR A 287 49.31 -3.33 -34.02
N ASP A 288 48.52 -3.49 -35.09
CA ASP A 288 48.51 -4.74 -35.87
C ASP A 288 49.92 -5.16 -36.30
N ALA A 289 50.82 -4.18 -36.43
CA ALA A 289 52.14 -4.41 -37.02
C ALA A 289 53.21 -4.51 -35.95
N ALA A 290 53.06 -3.74 -34.89
CA ALA A 290 53.95 -3.84 -33.75
C ALA A 290 53.81 -5.24 -33.12
N LEU A 291 52.62 -5.79 -33.17
CA LEU A 291 52.36 -7.11 -32.62
C LEU A 291 53.02 -8.20 -33.46
N MET A 292 52.96 -8.08 -34.78
CA MET A 292 53.60 -9.06 -35.64
C MET A 292 55.10 -9.04 -35.40
N TYR A 293 55.66 -7.84 -35.27
CA TYR A 293 57.10 -7.68 -35.07
C TYR A 293 57.49 -8.22 -33.70
N ASP A 294 56.59 -8.12 -32.73
CA ASP A 294 56.87 -8.63 -31.40
C ASP A 294 56.75 -10.15 -31.39
N ALA A 295 55.83 -10.67 -32.20
CA ALA A 295 55.61 -12.10 -32.27
C ALA A 295 56.85 -12.80 -32.80
N VAL A 296 57.52 -12.18 -33.78
CA VAL A 296 58.68 -12.78 -34.39
C VAL A 296 59.83 -12.82 -33.38
N HIS A 297 59.85 -11.85 -32.47
CA HIS A 297 60.85 -11.83 -31.42
C HIS A 297 60.56 -12.87 -30.34
N VAL A 298 59.35 -12.88 -29.78
CA VAL A 298 58.99 -13.81 -28.69
C VAL A 298 59.23 -15.26 -29.11
N VAL A 299 58.75 -15.63 -30.29
CA VAL A 299 59.03 -16.93 -30.85
C VAL A 299 60.55 -17.19 -30.96
N SER A 300 61.34 -16.18 -31.33
CA SER A 300 62.79 -16.37 -31.45
C SER A 300 63.45 -16.65 -30.09
N VAL A 301 62.97 -16.00 -29.03
CA VAL A 301 63.48 -16.25 -27.69
C VAL A 301 63.34 -17.72 -27.37
N ALA A 302 62.32 -18.35 -27.93
CA ALA A 302 62.05 -19.77 -27.70
C ALA A 302 62.99 -20.63 -28.54
N VAL A 303 63.24 -20.20 -29.76
CA VAL A 303 64.17 -20.89 -30.65
C VAL A 303 65.58 -20.98 -30.06
N GLN A 304 65.99 -19.94 -29.34
CA GLN A 304 67.31 -19.90 -28.70
C GLN A 304 67.46 -21.06 -27.73
N GLN A 305 66.36 -21.45 -27.10
CA GLN A 305 66.37 -22.49 -26.07
C GLN A 305 66.15 -23.90 -26.63
N PHE A 306 66.17 -24.03 -27.96
CA PHE A 306 65.91 -25.30 -28.62
C PHE A 306 66.85 -25.49 -29.82
N PRO A 307 68.17 -25.50 -29.57
CA PRO A 307 69.16 -25.59 -30.66
C PRO A 307 69.06 -26.88 -31.48
N GLN A 308 68.47 -27.93 -30.90
CA GLN A 308 68.36 -29.23 -31.57
C GLN A 308 67.41 -29.13 -32.77
N MET A 309 66.41 -28.28 -32.64
CA MET A 309 65.30 -28.21 -33.58
C MET A 309 65.69 -27.89 -35.01
N THR A 310 65.02 -28.56 -35.95
CA THR A 310 65.16 -28.28 -37.36
C THR A 310 63.80 -28.47 -38.02
N VAL A 311 63.65 -27.85 -39.18
CA VAL A 311 62.42 -27.93 -39.92
C VAL A 311 62.27 -29.29 -40.62
N SER A 312 61.04 -29.74 -40.81
CA SER A 312 60.78 -30.97 -41.57
C SER A 312 59.77 -30.67 -42.67
N SER A 313 59.90 -31.34 -43.80
CA SER A 313 58.92 -31.22 -44.86
C SER A 313 57.71 -32.10 -44.55
N LEU A 314 56.62 -31.44 -44.18
CA LEU A 314 55.39 -32.10 -43.76
C LEU A 314 54.34 -32.05 -44.86
N GLN A 315 53.55 -33.11 -44.97
CA GLN A 315 52.51 -33.19 -45.98
C GLN A 315 51.13 -33.23 -45.36
N CYS A 316 50.23 -32.36 -45.80
CA CYS A 316 48.88 -32.34 -45.28
C CYS A 316 48.15 -33.65 -45.57
N ASN A 317 48.54 -34.31 -46.66
CA ASN A 317 48.06 -35.67 -46.97
C ASN A 317 48.07 -36.61 -45.77
N ARG A 318 49.21 -36.66 -45.10
CA ARG A 318 49.50 -37.67 -44.10
C ARG A 318 49.32 -37.15 -42.67
N HIS A 319 48.94 -38.04 -41.77
CA HIS A 319 48.61 -37.64 -40.40
C HIS A 319 49.84 -37.64 -39.50
N LYS A 320 51.01 -37.42 -40.10
CA LYS A 320 52.27 -37.51 -39.38
C LYS A 320 52.78 -36.12 -38.95
N PRO A 321 52.67 -35.79 -37.65
CA PRO A 321 53.09 -34.48 -37.13
C PRO A 321 54.59 -34.30 -37.02
N TRP A 322 54.97 -33.07 -36.72
CA TRP A 322 56.35 -32.65 -36.58
C TRP A 322 56.92 -33.09 -35.22
N ARG A 323 58.08 -33.75 -35.24
CA ARG A 323 58.72 -34.26 -34.03
C ARG A 323 58.82 -33.18 -32.95
N PHE A 324 59.32 -32.02 -33.35
CA PHE A 324 59.70 -31.00 -32.38
C PHE A 324 58.56 -30.07 -31.99
N GLY A 325 57.38 -30.30 -32.55
CA GLY A 325 56.27 -29.38 -32.39
C GLY A 325 55.85 -29.19 -30.95
N THR A 326 55.56 -30.30 -30.27
CA THR A 326 55.05 -30.24 -28.92
C THR A 326 55.97 -29.44 -28.00
N ARG A 327 57.28 -29.69 -28.12
CA ARG A 327 58.27 -29.07 -27.24
C ARG A 327 58.43 -27.59 -27.59
N PHE A 328 58.43 -27.27 -28.87
CA PHE A 328 58.54 -25.88 -29.32
C PHE A 328 57.34 -25.07 -28.86
N MET A 329 56.14 -25.59 -29.10
CA MET A 329 54.93 -24.93 -28.65
C MET A 329 55.00 -24.64 -27.16
N SER A 330 55.54 -25.57 -26.38
CA SER A 330 55.62 -25.38 -24.94
C SER A 330 56.60 -24.25 -24.60
N LEU A 331 57.69 -24.15 -25.37
CA LEU A 331 58.70 -23.13 -25.08
C LEU A 331 58.16 -21.75 -25.39
N ILE A 332 57.36 -21.67 -26.44
CA ILE A 332 56.77 -20.41 -26.87
C ILE A 332 55.79 -19.92 -25.81
N LYS A 333 54.94 -20.80 -25.29
CA LYS A 333 53.96 -20.39 -24.28
C LYS A 333 54.63 -19.96 -22.98
N GLU A 334 55.84 -20.45 -22.73
CA GLU A 334 56.55 -20.12 -21.50
C GLU A 334 57.36 -18.84 -21.66
N ALA A 335 57.45 -18.34 -22.88
CA ALA A 335 58.39 -17.28 -23.21
C ALA A 335 57.99 -15.94 -22.59
N HIS A 336 58.99 -15.08 -22.42
CA HIS A 336 58.83 -13.77 -21.80
C HIS A 336 59.70 -12.83 -22.64
N TRP A 337 59.20 -11.64 -22.91
CA TRP A 337 59.93 -10.72 -23.78
C TRP A 337 59.46 -9.28 -23.61
N GLU A 338 60.40 -8.34 -23.61
CA GLU A 338 60.07 -6.92 -23.64
C GLU A 338 60.15 -6.44 -25.07
N GLY A 339 59.00 -6.20 -25.69
CA GLY A 339 58.96 -5.75 -27.08
C GLY A 339 58.29 -4.41 -27.24
N LEU A 340 57.97 -4.06 -28.48
CA LEU A 340 57.31 -2.79 -28.77
C LEU A 340 56.05 -2.61 -27.95
N THR A 341 55.39 -3.71 -27.58
CA THR A 341 54.10 -3.60 -26.89
C THR A 341 54.18 -3.98 -25.40
N GLY A 342 55.33 -3.76 -24.78
CA GLY A 342 55.46 -3.97 -23.34
C GLY A 342 55.81 -5.40 -22.95
N ARG A 343 55.49 -5.77 -21.71
CA ARG A 343 55.68 -7.13 -21.24
C ARG A 343 54.88 -8.08 -22.09
N ILE A 344 55.54 -9.08 -22.67
CA ILE A 344 54.82 -10.14 -23.36
C ILE A 344 54.89 -11.38 -22.49
N THR A 345 53.74 -11.96 -22.22
CA THR A 345 53.64 -13.15 -21.41
C THR A 345 52.30 -13.80 -21.69
N PHE A 346 52.32 -15.10 -21.98
CA PHE A 346 51.07 -15.80 -22.27
C PHE A 346 50.50 -16.50 -21.05
N ASN A 347 49.24 -16.84 -21.16
CA ASN A 347 48.49 -17.48 -20.09
C ASN A 347 48.73 -18.97 -20.17
N LYS A 348 49.28 -19.54 -19.10
CA LYS A 348 49.53 -20.98 -19.07
C LYS A 348 48.34 -21.75 -19.61
N THR A 349 47.15 -21.39 -19.14
CA THR A 349 45.90 -22.09 -19.48
C THR A 349 45.53 -22.12 -20.98
N ASN A 350 45.38 -20.96 -21.63
CA ASN A 350 44.83 -20.93 -23.00
C ASN A 350 45.73 -20.30 -24.09
N GLY A 351 46.92 -19.87 -23.70
CA GLY A 351 47.85 -19.31 -24.67
C GLY A 351 47.43 -17.93 -25.15
N LEU A 352 46.49 -17.32 -24.44
CA LEU A 352 46.04 -15.97 -24.74
C LEU A 352 46.83 -14.98 -23.91
N ARG A 353 47.07 -13.79 -24.45
CA ARG A 353 47.79 -12.75 -23.73
C ARG A 353 46.81 -12.02 -22.83
N THR A 354 46.65 -12.47 -21.59
CA THR A 354 45.65 -11.86 -20.73
C THR A 354 46.25 -10.88 -19.75
N ASP A 355 47.57 -10.94 -19.57
CA ASP A 355 48.23 -10.01 -18.66
C ASP A 355 49.20 -9.16 -19.46
N PHE A 356 49.01 -7.85 -19.42
CA PHE A 356 49.82 -6.90 -20.20
C PHE A 356 49.76 -5.52 -19.57
N ASP A 357 50.54 -4.58 -20.10
CA ASP A 357 50.57 -3.23 -19.55
C ASP A 357 50.05 -2.21 -20.58
N LEU A 358 49.12 -1.37 -20.14
CA LEU A 358 48.61 -0.27 -20.97
C LEU A 358 49.00 1.10 -20.39
N ASP A 359 49.44 2.00 -21.24
CA ASP A 359 49.46 3.43 -20.89
C ASP A 359 48.04 3.98 -21.08
N VAL A 360 47.62 4.90 -20.21
CA VAL A 360 46.31 5.52 -20.41
C VAL A 360 46.51 6.96 -20.92
N ILE A 361 45.94 7.28 -22.07
CA ILE A 361 46.18 8.57 -22.73
C ILE A 361 44.92 9.43 -22.89
N SER A 362 45.08 10.75 -22.75
CA SER A 362 43.97 11.72 -22.84
C SER A 362 44.39 12.92 -23.68
N LEU A 363 43.43 13.59 -24.29
CA LEU A 363 43.73 14.79 -25.09
C LEU A 363 43.88 16.02 -24.20
N LYS A 364 45.09 16.55 -24.13
CA LYS A 364 45.33 17.85 -23.52
C LYS A 364 45.54 18.83 -24.67
N GLU A 365 45.60 20.12 -24.39
CA GLU A 365 45.82 21.11 -25.45
C GLU A 365 47.13 20.85 -26.22
N GLU A 366 48.10 20.24 -25.55
CA GLU A 366 49.42 19.97 -26.15
C GLU A 366 49.37 18.82 -27.16
N GLY A 367 48.34 18.00 -27.09
CA GLY A 367 48.23 16.79 -27.88
C GLY A 367 47.79 15.63 -27.01
N LEU A 368 47.95 14.40 -27.48
CA LEU A 368 47.64 13.23 -26.67
C LEU A 368 48.81 12.91 -25.76
N GLU A 369 48.55 12.80 -24.46
CA GLU A 369 49.60 12.58 -23.49
C GLU A 369 49.19 11.52 -22.46
N LYS A 370 50.19 10.92 -21.81
CA LYS A 370 49.96 9.88 -20.82
C LYS A 370 49.46 10.47 -19.51
N ILE A 371 48.46 9.85 -18.90
CA ILE A 371 47.94 10.31 -17.61
C ILE A 371 47.83 9.20 -16.57
N GLY A 372 48.33 8.01 -16.90
CA GLY A 372 48.32 6.90 -15.98
C GLY A 372 48.75 5.57 -16.60
N THR A 373 48.39 4.48 -15.93
CA THR A 373 48.62 3.14 -16.46
C THR A 373 47.49 2.20 -16.05
N TRP A 374 47.44 1.04 -16.67
CA TRP A 374 46.51 -0.01 -16.26
C TRP A 374 47.16 -1.38 -16.43
N ASP A 375 46.90 -2.28 -15.49
CA ASP A 375 47.24 -3.68 -15.64
C ASP A 375 46.26 -4.50 -14.83
N PRO A 376 45.99 -5.74 -15.23
CA PRO A 376 44.86 -6.44 -14.61
C PRO A 376 44.97 -6.59 -13.10
N ALA A 377 46.18 -6.55 -12.53
CA ALA A 377 46.33 -6.79 -11.08
C ALA A 377 46.25 -5.54 -10.21
N SER A 378 46.33 -4.37 -10.82
CA SER A 378 46.38 -3.13 -10.05
C SER A 378 45.22 -2.20 -10.35
N GLY A 379 44.53 -2.46 -11.46
CA GLY A 379 43.54 -1.53 -11.95
C GLY A 379 44.28 -0.31 -12.43
N LEU A 380 43.70 0.86 -12.24
CA LEU A 380 44.37 2.08 -12.69
C LEU A 380 45.41 2.57 -11.69
N ASN A 381 46.46 3.17 -12.23
CA ASN A 381 47.49 3.84 -11.45
C ASN A 381 47.58 5.24 -12.00
N MET A 382 46.53 6.04 -11.81
CA MET A 382 46.53 7.39 -12.36
C MET A 382 47.49 8.25 -11.57
N THR A 383 48.20 9.10 -12.28
CA THR A 383 49.21 9.96 -11.68
C THR A 383 48.68 11.39 -11.63
N GLU A 384 47.87 11.68 -10.62
CA GLU A 384 47.24 12.99 -10.49
C GLU A 384 48.26 14.07 -10.16
N ASN A 399 37.20 32.45 -30.32
CA ASN A 399 36.34 31.41 -29.81
C ASN A 399 34.86 31.70 -30.12
N ARG A 400 33.99 30.74 -29.81
CA ARG A 400 32.57 30.82 -30.14
C ARG A 400 31.94 31.91 -29.32
N SER A 401 31.07 32.70 -29.95
CA SER A 401 30.27 33.69 -29.23
C SER A 401 29.25 32.94 -28.36
N LEU A 402 29.03 33.45 -27.17
CA LEU A 402 28.01 32.91 -26.34
C LEU A 402 26.64 33.42 -26.77
N ILE A 403 25.64 32.56 -26.76
CA ILE A 403 24.27 32.96 -27.00
C ILE A 403 23.66 33.42 -25.70
N VAL A 404 23.19 34.66 -25.71
CA VAL A 404 22.64 35.28 -24.51
C VAL A 404 21.15 35.50 -24.71
N THR A 405 20.31 34.79 -23.97
CA THR A 405 18.86 35.04 -23.99
C THR A 405 18.50 36.16 -23.06
N THR A 406 17.50 36.94 -23.48
CA THR A 406 17.05 38.06 -22.71
C THR A 406 15.58 38.35 -23.02
N ILE A 407 15.06 39.40 -22.42
CA ILE A 407 13.68 39.77 -22.56
C ILE A 407 13.58 41.26 -22.49
N LEU A 408 12.66 41.87 -23.22
CA LEU A 408 12.47 43.32 -23.10
C LEU A 408 11.84 43.70 -21.79
N GLU A 409 12.50 44.59 -21.07
CA GLU A 409 12.00 45.06 -19.79
C GLU A 409 12.70 46.33 -19.40
N GLU A 410 12.04 47.47 -19.41
CA GLU A 410 12.68 48.75 -19.07
C GLU A 410 12.95 48.79 -17.58
N PRO A 411 14.12 49.32 -17.17
CA PRO A 411 15.25 49.87 -17.89
C PRO A 411 16.36 48.88 -18.01
N TYR A 412 16.07 47.60 -17.88
CA TYR A 412 17.08 46.56 -17.97
C TYR A 412 17.52 46.21 -19.38
N VAL A 413 16.50 46.10 -20.28
CA VAL A 413 16.74 45.70 -21.66
C VAL A 413 15.70 46.41 -22.51
N LEU A 414 16.15 47.21 -23.44
CA LEU A 414 15.31 47.96 -24.34
C LEU A 414 15.86 47.94 -25.72
N PHE A 415 14.99 48.14 -26.72
CA PHE A 415 15.48 48.49 -28.05
C PHE A 415 15.81 49.96 -28.06
N LYS A 416 16.99 50.28 -28.55
CA LYS A 416 17.45 51.65 -28.78
C LYS A 416 16.56 52.32 -29.81
N LYS A 417 16.31 53.60 -29.57
CA LYS A 417 15.65 54.43 -30.56
C LYS A 417 16.67 54.94 -31.57
N SER A 418 16.29 54.95 -32.82
CA SER A 418 17.14 55.51 -33.87
C SER A 418 16.34 55.66 -35.11
N ASP A 419 16.86 56.47 -36.05
CA ASP A 419 16.30 56.59 -37.37
C ASP A 419 16.87 55.52 -38.31
N LYS A 420 18.18 55.36 -38.42
CA LYS A 420 18.69 54.26 -39.22
C LYS A 420 18.28 52.98 -38.51
N PRO A 421 18.00 51.90 -39.25
CA PRO A 421 17.79 50.59 -38.66
C PRO A 421 19.05 50.12 -38.02
N LEU A 422 18.86 49.42 -36.92
CA LEU A 422 19.95 48.82 -36.16
C LEU A 422 19.93 47.30 -36.29
N TYR A 423 21.11 46.69 -36.17
CA TYR A 423 21.32 45.26 -36.41
C TYR A 423 22.07 44.61 -35.27
N GLY A 424 21.72 43.36 -35.02
CA GLY A 424 22.47 42.55 -34.09
C GLY A 424 22.44 43.13 -32.70
N ASN A 425 23.56 43.01 -32.03
CA ASN A 425 23.63 43.47 -30.65
C ASN A 425 23.45 44.96 -30.48
N ASP A 426 23.72 45.69 -31.56
CA ASP A 426 23.60 47.15 -31.58
C ASP A 426 22.16 47.63 -31.41
N ARG A 427 21.19 46.72 -31.48
CA ARG A 427 19.81 47.09 -31.31
C ARG A 427 19.46 47.37 -29.86
N PHE A 428 20.25 46.92 -28.89
CA PHE A 428 19.81 46.86 -27.51
C PHE A 428 20.56 47.85 -26.61
N GLU A 429 19.88 48.30 -25.58
CA GLU A 429 20.55 49.04 -24.52
C GLU A 429 19.85 48.76 -23.20
N GLY A 430 20.45 49.22 -22.10
CA GLY A 430 19.87 49.11 -20.79
C GLY A 430 20.85 48.66 -19.74
N TYR A 431 20.38 48.59 -18.50
CA TYR A 431 21.28 48.14 -17.44
C TYR A 431 21.87 46.78 -17.68
N CYS A 432 21.04 45.82 -18.12
CA CYS A 432 21.55 44.49 -18.30
C CYS A 432 22.46 44.40 -19.51
N ILE A 433 22.27 45.27 -20.49
CA ILE A 433 23.13 45.33 -21.62
C ILE A 433 24.48 45.88 -21.23
N ASP A 434 24.49 46.91 -20.40
CA ASP A 434 25.77 47.41 -19.89
C ASP A 434 26.46 46.33 -19.00
N LEU A 435 25.68 45.60 -18.23
CA LEU A 435 26.27 44.51 -17.43
C LEU A 435 26.94 43.49 -18.29
N LEU A 436 26.23 43.05 -19.33
CA LEU A 436 26.73 42.07 -20.23
C LEU A 436 28.00 42.58 -20.88
N ARG A 437 28.07 43.83 -21.31
CA ARG A 437 29.27 44.40 -21.91
C ARG A 437 30.43 44.31 -20.92
N GLU A 438 30.18 44.68 -19.65
CA GLU A 438 31.25 44.62 -18.68
C GLU A 438 31.71 43.18 -18.45
N LEU A 439 30.77 42.24 -18.33
CA LEU A 439 31.15 40.83 -18.12
C LEU A 439 31.97 40.36 -19.28
N SER A 440 31.62 40.74 -20.49
CA SER A 440 32.30 40.25 -21.65
C SER A 440 33.76 40.72 -21.67
N THR A 441 34.00 41.93 -21.21
CA THR A 441 35.36 42.50 -21.18
C THR A 441 36.17 41.82 -20.07
N ILE A 442 35.58 41.66 -18.89
CA ILE A 442 36.30 41.01 -17.80
C ILE A 442 36.66 39.57 -18.10
N LEU A 443 35.71 38.82 -18.67
CA LEU A 443 35.87 37.38 -18.88
C LEU A 443 36.36 37.02 -20.28
N GLY A 444 36.36 37.98 -21.17
CA GLY A 444 36.92 37.77 -22.51
C GLY A 444 36.09 36.84 -23.34
N PHE A 445 34.83 37.19 -23.49
CA PHE A 445 33.99 36.49 -24.45
C PHE A 445 33.28 37.45 -25.38
N THR A 446 32.87 36.92 -26.52
CA THR A 446 31.96 37.64 -27.41
C THR A 446 30.61 36.99 -27.29
N TYR A 447 29.57 37.66 -27.77
CA TYR A 447 28.21 37.20 -27.52
C TYR A 447 27.24 37.65 -28.59
N GLU A 448 26.13 36.95 -28.67
CA GLU A 448 25.00 37.28 -29.56
C GLU A 448 23.73 37.30 -28.73
N ILE A 449 23.09 38.47 -28.64
CA ILE A 449 21.85 38.65 -27.89
C ILE A 449 20.62 38.18 -28.68
N ARG A 450 19.78 37.36 -28.05
CA ARG A 450 18.55 36.88 -28.70
C ARG A 450 17.42 37.00 -27.73
N LEU A 451 16.31 37.62 -28.09
CA LEU A 451 15.12 37.69 -27.25
C LEU A 451 14.50 36.32 -27.14
N VAL A 452 14.08 35.98 -25.95
CA VAL A 452 13.44 34.69 -25.73
C VAL A 452 12.16 34.60 -26.59
N GLU A 453 12.03 33.52 -27.32
CA GLU A 453 11.00 33.51 -28.33
C GLU A 453 9.61 33.52 -27.75
N ASP A 454 9.38 32.88 -26.59
CA ASP A 454 8.05 32.87 -26.03
C ASP A 454 7.73 34.08 -25.18
N GLY A 455 8.67 35.00 -24.96
CA GLY A 455 8.39 36.21 -24.23
C GLY A 455 8.17 35.99 -22.74
N LYS A 456 8.66 34.89 -22.18
CA LYS A 456 8.45 34.57 -20.77
C LYS A 456 9.73 34.45 -20.01
N TYR A 457 9.62 34.71 -18.70
CA TYR A 457 10.76 34.55 -17.78
C TYR A 457 10.97 33.08 -17.49
N GLY A 458 9.95 32.43 -16.96
CA GLY A 458 9.99 30.97 -16.89
C GLY A 458 9.31 30.42 -15.68
N ALA A 459 8.40 29.48 -15.89
CA ALA A 459 7.71 28.79 -14.85
C ALA A 459 7.45 27.34 -15.34
N GLN A 460 7.12 26.47 -14.44
CA GLN A 460 6.89 25.05 -14.74
C GLN A 460 5.41 24.82 -14.86
N ASP A 461 5.02 24.12 -15.91
CA ASP A 461 3.64 23.66 -16.06
C ASP A 461 3.26 22.57 -15.03
N ASP A 462 2.15 22.78 -14.36
CA ASP A 462 1.75 21.97 -13.21
C ASP A 462 1.27 20.57 -13.63
N VAL A 463 0.78 20.45 -14.86
CA VAL A 463 0.28 19.16 -15.33
C VAL A 463 1.31 18.34 -16.13
N ASN A 464 2.13 18.99 -16.95
CA ASN A 464 3.10 18.26 -17.76
C ASN A 464 4.56 18.46 -17.32
N GLY A 465 4.79 19.38 -16.38
CA GLY A 465 6.08 19.52 -15.75
C GLY A 465 7.14 20.21 -16.60
N GLN A 466 6.75 20.80 -17.70
CA GLN A 466 7.76 21.37 -18.59
C GLN A 466 7.94 22.82 -18.21
N TRP A 467 9.16 23.33 -18.34
CA TRP A 467 9.42 24.75 -18.15
C TRP A 467 9.20 25.52 -19.45
N ASN A 468 9.04 26.83 -19.32
CA ASN A 468 9.05 27.70 -20.46
C ASN A 468 10.01 28.87 -20.25
N GLY A 469 9.97 29.84 -21.15
CA GLY A 469 10.72 31.06 -21.01
C GLY A 469 12.24 30.90 -21.10
N MET A 470 12.95 31.86 -20.52
CA MET A 470 14.41 31.84 -20.51
C MET A 470 14.93 30.65 -19.74
N VAL A 471 14.21 30.26 -18.69
CA VAL A 471 14.64 29.09 -17.90
C VAL A 471 14.68 27.86 -18.81
N ARG A 472 13.65 27.63 -19.61
CA ARG A 472 13.62 26.50 -20.52
C ARG A 472 14.74 26.61 -21.57
N GLU A 473 15.02 27.81 -22.06
CA GLU A 473 16.14 27.95 -23.00
C GLU A 473 17.48 27.47 -22.42
N LEU A 474 17.71 27.76 -21.15
CA LEU A 474 18.91 27.32 -20.47
C LEU A 474 18.86 25.79 -20.25
N ILE A 475 17.76 25.25 -19.72
CA ILE A 475 17.66 23.78 -19.52
C ILE A 475 18.01 23.02 -20.79
N ASP A 476 17.54 23.52 -21.92
CA ASP A 476 17.70 22.84 -23.21
C ASP A 476 19.02 23.20 -23.91
N HIS A 477 19.86 24.00 -23.24
CA HIS A 477 21.16 24.42 -23.80
C HIS A 477 21.02 25.14 -25.12
N LYS A 478 19.94 25.88 -25.26
CA LYS A 478 19.76 26.75 -26.41
C LYS A 478 20.33 28.15 -26.21
N ALA A 479 20.68 28.49 -24.97
CA ALA A 479 21.42 29.69 -24.64
C ALA A 479 22.50 29.34 -23.64
N ASP A 480 23.60 30.07 -23.68
CA ASP A 480 24.69 29.89 -22.72
C ASP A 480 24.46 30.70 -21.46
N LEU A 481 23.85 31.88 -21.59
CA LEU A 481 23.58 32.77 -20.47
C LEU A 481 22.21 33.41 -20.64
N ALA A 482 21.56 33.68 -19.53
CA ALA A 482 20.39 34.56 -19.52
C ALA A 482 20.76 35.80 -18.79
N VAL A 483 20.79 36.94 -19.45
CA VAL A 483 21.17 38.22 -18.83
C VAL A 483 19.95 39.11 -18.94
N ALA A 484 19.29 39.28 -17.80
CA ALA A 484 17.98 39.82 -17.73
C ALA A 484 17.70 40.04 -16.24
N PRO A 485 16.59 40.74 -15.93
CA PRO A 485 16.16 40.80 -14.51
C PRO A 485 15.51 39.46 -14.11
N LEU A 486 16.33 38.43 -14.01
CA LEU A 486 15.87 37.06 -13.81
C LEU A 486 16.05 36.71 -12.36
N ALA A 487 14.97 36.52 -11.63
CA ALA A 487 15.02 36.25 -10.22
C ALA A 487 15.58 34.89 -9.92
N ILE A 488 16.45 34.86 -8.91
CA ILE A 488 17.01 33.64 -8.35
C ILE A 488 15.95 33.11 -7.37
N THR A 489 15.39 31.94 -7.67
CA THR A 489 14.36 31.37 -6.86
C THR A 489 14.66 29.92 -6.56
N TYR A 490 14.05 29.41 -5.50
CA TYR A 490 14.16 28.01 -5.12
C TYR A 490 13.88 27.07 -6.24
N VAL A 491 12.74 27.26 -6.89
CA VAL A 491 12.35 26.29 -7.92
C VAL A 491 13.28 26.38 -9.11
N ARG A 492 13.76 27.56 -9.47
CA ARG A 492 14.66 27.65 -10.61
C ARG A 492 16.07 27.12 -10.33
N GLU A 493 16.58 27.32 -9.12
CA GLU A 493 17.94 26.92 -8.79
C GLU A 493 18.04 25.42 -8.77
N LYS A 494 16.93 24.72 -8.61
CA LYS A 494 16.97 23.24 -8.76
C LYS A 494 17.17 22.74 -10.19
N VAL A 495 16.95 23.61 -11.19
CA VAL A 495 17.00 23.19 -12.61
C VAL A 495 18.02 23.93 -13.51
N ILE A 496 18.39 25.14 -13.13
CA ILE A 496 19.42 25.93 -13.78
C ILE A 496 20.37 26.46 -12.72
N ASP A 497 21.48 27.03 -13.15
CA ASP A 497 22.41 27.65 -12.21
C ASP A 497 22.30 29.18 -12.36
N PHE A 498 22.61 29.89 -11.32
CA PHE A 498 22.62 31.35 -11.29
C PHE A 498 23.91 31.86 -10.70
N SER A 499 24.44 32.94 -11.25
CA SER A 499 25.46 33.69 -10.54
C SER A 499 24.89 34.19 -9.23
N LYS A 500 25.75 34.63 -8.31
CA LYS A 500 25.29 35.45 -7.20
C LYS A 500 24.71 36.73 -7.73
N PRO A 501 23.90 37.37 -6.89
CA PRO A 501 23.07 38.44 -7.42
C PRO A 501 23.81 39.70 -7.75
N PHE A 502 23.38 40.35 -8.82
CA PHE A 502 23.85 41.70 -9.15
C PHE A 502 22.96 42.80 -8.62
N MET A 503 21.76 42.46 -8.16
CA MET A 503 20.83 43.39 -7.58
C MET A 503 19.93 42.63 -6.64
N THR A 504 19.51 43.28 -5.58
CA THR A 504 18.62 42.64 -4.61
C THR A 504 17.33 43.45 -4.61
N LEU A 505 16.24 42.77 -4.31
CA LEU A 505 14.89 43.33 -4.48
C LEU A 505 13.88 42.50 -3.73
N GLY A 506 12.62 42.84 -3.85
CA GLY A 506 11.56 41.99 -3.34
C GLY A 506 10.26 42.33 -4.02
N ILE A 507 9.28 41.47 -3.89
CA ILE A 507 7.94 41.74 -4.39
C ILE A 507 7.32 42.84 -3.56
N SER A 508 6.68 43.78 -4.22
CA SER A 508 5.86 44.77 -3.55
C SER A 508 4.66 45.08 -4.44
N ILE A 509 3.97 46.15 -4.10
CA ILE A 509 2.69 46.51 -4.71
C ILE A 509 2.81 47.88 -5.36
N LEU A 510 2.38 47.99 -6.62
CA LEU A 510 2.24 49.26 -7.31
C LEU A 510 0.76 49.64 -7.38
N TYR A 511 0.39 50.84 -6.98
CA TYR A 511 -1.00 51.25 -7.00
C TYR A 511 -1.05 52.75 -7.11
N ARG A 512 -2.24 53.28 -7.22
CA ARG A 512 -2.44 54.72 -7.19
C ARG A 512 -2.21 55.29 -5.81
N LYS A 513 -1.93 56.58 -5.79
CA LYS A 513 -1.86 57.32 -4.55
C LYS A 513 -3.25 57.65 -4.00
N GLY A 520 -12.36 73.55 -2.33
CA GLY A 520 -13.73 73.53 -2.83
C GLY A 520 -14.69 74.16 -1.83
N VAL A 521 -15.07 75.40 -2.10
CA VAL A 521 -16.03 76.11 -1.27
C VAL A 521 -17.36 75.35 -1.21
N PHE A 522 -17.47 74.32 -2.04
CA PHE A 522 -18.70 73.52 -2.11
C PHE A 522 -18.83 72.54 -0.95
N SER A 523 -17.87 72.57 -0.03
CA SER A 523 -17.97 71.76 1.18
C SER A 523 -18.66 72.57 2.29
N PHE A 524 -19.01 73.81 1.95
CA PHE A 524 -19.71 74.70 2.86
C PHE A 524 -21.18 74.81 2.47
N LEU A 525 -21.45 74.60 1.19
CA LEU A 525 -22.81 74.66 0.67
C LEU A 525 -23.49 73.29 0.82
N ASN A 526 -22.71 72.28 1.18
CA ASN A 526 -23.24 70.92 1.34
C ASN A 526 -23.94 70.73 2.68
N PRO A 527 -23.27 71.07 3.78
CA PRO A 527 -23.86 70.90 5.11
C PRO A 527 -25.29 71.42 5.11
N LEU A 528 -25.45 72.70 4.81
CA LEU A 528 -26.78 73.24 4.68
C LEU A 528 -27.10 73.30 3.18
N SER A 529 -28.11 72.51 2.81
CA SER A 529 -28.50 72.30 1.42
C SER A 529 -28.86 73.61 0.77
N PRO A 530 -28.63 73.70 -0.54
CA PRO A 530 -28.96 74.90 -1.30
C PRO A 530 -30.44 75.23 -1.14
N ASP A 531 -31.26 74.19 -1.05
CA ASP A 531 -32.70 74.36 -0.91
C ASP A 531 -33.03 75.00 0.43
N ILE A 532 -32.24 74.66 1.44
CA ILE A 532 -32.45 75.17 2.79
C ILE A 532 -31.97 76.61 2.92
N TRP A 533 -30.83 76.93 2.29
CA TRP A 533 -30.34 78.31 2.29
C TRP A 533 -31.37 79.22 1.64
N MET A 534 -32.09 78.68 0.66
CA MET A 534 -33.10 79.45 -0.05
C MET A 534 -34.28 79.77 0.86
N TYR A 535 -34.90 78.72 1.40
CA TYR A 535 -36.06 78.89 2.26
C TYR A 535 -35.78 79.75 3.48
N VAL A 536 -34.59 79.63 4.05
CA VAL A 536 -34.20 80.42 5.20
C VAL A 536 -34.09 81.90 4.82
N LEU A 537 -33.92 82.15 3.52
CA LEU A 537 -33.86 83.52 3.00
C LEU A 537 -35.27 84.01 2.67
N LEU A 538 -36.10 83.11 2.15
CA LEU A 538 -37.49 83.45 1.86
C LEU A 538 -38.26 83.77 3.13
N ALA A 539 -38.04 82.96 4.17
CA ALA A 539 -38.65 83.20 5.46
C ALA A 539 -38.00 84.41 6.12
N CYS A 540 -36.77 84.69 5.73
CA CYS A 540 -36.03 85.85 6.22
C CYS A 540 -36.76 87.14 5.84
N TRP A 610 -36.61 83.46 16.24
CA TRP A 610 -35.40 83.14 16.99
C TRP A 610 -35.30 81.65 17.24
N PHE A 611 -36.41 81.04 17.62
CA PHE A 611 -36.45 79.59 17.83
C PHE A 611 -36.21 78.86 16.52
N PHE A 612 -36.65 79.47 15.42
CA PHE A 612 -36.44 78.90 14.09
C PHE A 612 -34.97 78.87 13.71
N THR A 613 -34.31 80.02 13.84
CA THR A 613 -32.89 80.12 13.50
C THR A 613 -32.04 79.30 14.48
N LEU A 614 -32.51 79.17 15.71
CA LEU A 614 -31.82 78.37 16.71
C LEU A 614 -31.70 76.93 16.25
N ILE A 615 -32.82 76.36 15.79
CA ILE A 615 -32.85 74.99 15.31
C ILE A 615 -31.93 74.81 14.10
N ILE A 616 -31.99 75.75 13.16
CA ILE A 616 -31.19 75.67 11.95
C ILE A 616 -29.69 75.69 12.24
N ILE A 617 -29.24 76.67 13.01
CA ILE A 617 -27.83 76.79 13.33
C ILE A 617 -27.35 75.59 14.16
N SER A 618 -28.26 75.01 14.93
CA SER A 618 -27.96 73.80 15.68
C SER A 618 -27.81 72.61 14.74
N SER A 619 -28.69 72.56 13.74
CA SER A 619 -28.64 71.51 12.72
C SER A 619 -27.35 71.61 11.91
N TYR A 620 -27.02 72.82 11.49
CA TYR A 620 -25.79 73.05 10.73
C TYR A 620 -24.57 72.59 11.51
N THR A 621 -24.53 72.96 12.79
CA THR A 621 -23.40 72.61 13.65
C THR A 621 -23.29 71.09 13.82
N ALA A 622 -24.41 70.45 14.15
CA ALA A 622 -24.45 69.01 14.35
C ALA A 622 -24.03 68.26 13.07
N ASN A 623 -24.64 68.65 11.96
CA ASN A 623 -24.35 68.02 10.68
C ASN A 623 -22.89 68.19 10.26
N LEU A 624 -22.35 69.38 10.49
CA LEU A 624 -20.96 69.68 10.16
C LEU A 624 -20.01 68.82 10.97
N ALA A 625 -20.46 68.41 12.15
CA ALA A 625 -19.66 67.57 13.03
C ALA A 625 -19.55 66.14 12.52
N ALA A 626 -20.63 65.60 11.97
CA ALA A 626 -20.59 64.22 11.48
C ALA A 626 -19.63 64.10 10.30
N PHE A 627 -19.59 65.12 9.46
CA PHE A 627 -18.70 65.12 8.31
C PHE A 627 -17.23 65.25 8.72
N LEU A 628 -17.00 65.79 9.91
CA LEU A 628 -15.66 65.94 10.43
C LEU A 628 -15.27 64.75 11.29
N THR A 629 -16.27 64.17 11.96
CA THR A 629 -16.05 62.99 12.78
C THR A 629 -15.69 61.79 11.90
N VAL A 630 -16.44 61.61 10.83
CA VAL A 630 -16.18 60.54 9.88
C VAL A 630 -14.88 60.80 9.11
N GLU A 631 -14.58 62.09 8.89
CA GLU A 631 -13.37 62.47 8.17
C GLU A 631 -12.17 62.00 8.97
N ARG A 632 -12.33 61.90 10.27
CA ARG A 632 -11.25 61.40 11.08
C ARG A 632 -11.28 59.91 11.21
N PRO A 636 -6.48 54.27 1.31
CA PRO A 636 -6.14 53.65 2.60
C PRO A 636 -5.50 52.26 2.47
N ILE A 637 -5.24 51.78 1.26
CA ILE A 637 -4.58 50.48 1.11
C ILE A 637 -3.14 50.62 1.54
N ASP A 638 -2.66 49.80 2.48
CA ASP A 638 -1.32 49.93 3.01
C ASP A 638 -0.49 48.65 2.99
N SER A 639 -1.10 47.55 2.59
CA SER A 639 -0.42 46.25 2.66
C SER A 639 -1.12 45.23 1.77
N ALA A 640 -0.45 44.11 1.52
CA ALA A 640 -1.06 42.98 0.84
C ALA A 640 -2.28 42.50 1.58
N ASP A 641 -2.22 42.48 2.91
CA ASP A 641 -3.37 42.04 3.69
C ASP A 641 -4.60 42.86 3.34
N ASP A 642 -4.43 44.16 3.15
CA ASP A 642 -5.54 45.00 2.76
C ASP A 642 -6.12 44.62 1.38
N LEU A 643 -5.28 44.20 0.43
CA LEU A 643 -5.82 43.70 -0.82
C LEU A 643 -6.52 42.35 -0.67
N ALA A 644 -5.92 41.47 0.11
CA ALA A 644 -6.40 40.09 0.21
C ALA A 644 -7.80 40.00 0.79
N LYS A 645 -8.13 40.92 1.68
CA LYS A 645 -9.44 40.90 2.34
C LYS A 645 -10.57 41.57 1.60
N GLN A 646 -10.35 41.96 0.36
CA GLN A 646 -11.38 42.57 -0.44
C GLN A 646 -11.29 42.11 -1.91
N THR A 647 -12.28 42.47 -2.71
CA THR A 647 -12.27 42.15 -4.14
C THR A 647 -12.61 43.30 -5.08
N LYS A 648 -12.95 44.46 -4.52
CA LYS A 648 -13.33 45.60 -5.36
C LYS A 648 -12.12 46.11 -6.15
N ILE A 649 -10.98 46.13 -5.47
CA ILE A 649 -9.69 46.44 -6.08
C ILE A 649 -9.08 45.15 -6.56
N GLU A 650 -8.97 44.98 -7.85
CA GLU A 650 -8.37 43.77 -8.35
C GLU A 650 -6.86 43.87 -8.31
N TYR A 651 -6.22 42.73 -8.40
CA TYR A 651 -4.76 42.64 -8.36
C TYR A 651 -4.24 41.47 -9.08
N GLY A 652 -3.00 41.60 -9.51
CA GLY A 652 -2.39 40.56 -10.25
C GLY A 652 -0.92 40.72 -10.44
N ALA A 653 -0.37 40.03 -11.43
CA ALA A 653 1.12 39.81 -11.56
C ALA A 653 1.42 39.39 -12.97
N VAL A 654 2.69 39.35 -13.38
CA VAL A 654 3.09 38.85 -14.66
C VAL A 654 2.94 37.34 -14.72
N GLU A 655 2.24 36.82 -15.72
CA GLU A 655 2.14 35.40 -15.92
C GLU A 655 3.50 34.72 -16.15
N ASP A 656 3.68 33.57 -15.51
CA ASP A 656 4.85 32.74 -15.71
C ASP A 656 6.19 33.37 -15.28
N GLY A 657 6.08 34.29 -14.32
CA GLY A 657 7.28 34.82 -13.68
C GLY A 657 7.31 34.43 -12.22
N ALA A 658 8.31 35.00 -11.57
CA ALA A 658 8.66 34.63 -10.22
C ALA A 658 7.64 35.12 -9.24
N THR A 659 7.06 36.30 -9.45
CA THR A 659 6.05 36.82 -8.54
C THR A 659 4.84 35.91 -8.54
N MET A 660 4.35 35.55 -9.71
CA MET A 660 3.23 34.62 -9.84
C MET A 660 3.54 33.35 -9.11
N THR A 661 4.73 32.80 -9.34
CA THR A 661 5.10 31.52 -8.77
C THR A 661 5.19 31.60 -7.24
N PHE A 662 5.63 32.75 -6.72
CA PHE A 662 5.67 32.94 -5.28
C PHE A 662 4.26 32.78 -4.68
N PHE A 663 3.29 33.43 -5.29
CA PHE A 663 1.91 33.32 -4.81
C PHE A 663 1.34 31.93 -5.00
N LYS A 664 1.61 31.33 -6.14
CA LYS A 664 1.13 30.00 -6.47
C LYS A 664 1.63 28.96 -5.46
N LYS A 665 2.86 29.12 -5.01
CA LYS A 665 3.43 28.15 -4.09
C LYS A 665 3.23 28.46 -2.61
N SER A 666 2.81 29.67 -2.27
CA SER A 666 2.87 30.08 -0.86
C SER A 666 1.87 29.37 0.02
N LYS A 667 2.32 29.03 1.21
CA LYS A 667 1.48 28.47 2.25
C LYS A 667 1.04 29.53 3.27
N ILE A 668 1.52 30.74 3.11
CA ILE A 668 1.18 31.83 4.01
C ILE A 668 -0.26 32.26 3.73
N SER A 669 -1.10 32.37 4.73
CA SER A 669 -2.51 32.53 4.49
C SER A 669 -2.86 33.73 3.61
N THR A 670 -2.27 34.90 3.88
CA THR A 670 -2.57 36.10 3.10
C THR A 670 -2.25 35.83 1.63
N TYR A 671 -1.12 35.20 1.37
CA TYR A 671 -0.67 35.06 -0.01
C TYR A 671 -1.40 33.96 -0.69
N ASP A 672 -1.77 32.91 0.01
CA ASP A 672 -2.58 31.86 -0.53
C ASP A 672 -3.98 32.39 -0.94
N LYS A 673 -4.57 33.27 -0.15
CA LYS A 673 -5.85 33.86 -0.47
C LYS A 673 -5.69 34.72 -1.73
N MET A 674 -4.60 35.48 -1.83
CA MET A 674 -4.35 36.27 -3.03
C MET A 674 -4.18 35.39 -4.25
N TRP A 675 -3.49 34.25 -4.14
CA TRP A 675 -3.36 33.35 -5.27
C TRP A 675 -4.72 32.82 -5.72
N ALA A 676 -5.59 32.44 -4.80
CA ALA A 676 -6.87 31.94 -5.18
C ALA A 676 -7.61 33.00 -5.98
N PHE A 677 -7.52 34.26 -5.60
CA PHE A 677 -8.14 35.32 -6.38
C PHE A 677 -7.53 35.48 -7.75
N MET A 678 -6.20 35.53 -7.83
CA MET A 678 -5.56 35.74 -9.10
C MET A 678 -5.78 34.57 -10.02
N SER A 679 -5.78 33.35 -9.52
CA SER A 679 -6.03 32.19 -10.32
C SER A 679 -7.45 32.22 -10.85
N SER A 680 -8.43 32.50 -10.01
CA SER A 680 -9.82 32.61 -10.46
C SER A 680 -9.98 33.63 -11.60
N ARG A 681 -9.33 34.78 -11.43
CA ARG A 681 -9.51 35.89 -12.33
C ARG A 681 -8.36 36.01 -13.34
N ARG A 682 -7.64 34.94 -13.52
CA ARG A 682 -6.36 35.06 -14.22
C ARG A 682 -6.46 35.57 -15.66
N GLN A 683 -7.55 35.33 -16.40
CA GLN A 683 -7.60 35.84 -17.78
C GLN A 683 -7.60 37.37 -17.80
N SER A 684 -8.06 37.99 -16.74
CA SER A 684 -8.07 39.43 -16.62
C SER A 684 -6.88 39.96 -15.83
N VAL A 685 -6.51 39.35 -14.71
CA VAL A 685 -5.57 39.99 -13.80
C VAL A 685 -4.13 39.54 -13.94
N LEU A 686 -3.89 38.40 -14.59
CA LEU A 686 -2.49 38.02 -14.91
C LEU A 686 -2.18 38.57 -16.26
N VAL A 687 -1.06 39.28 -16.37
CA VAL A 687 -0.70 40.03 -17.56
C VAL A 687 0.57 39.48 -18.19
N LYS A 688 0.88 39.84 -19.42
CA LYS A 688 2.05 39.25 -20.07
C LYS A 688 3.34 40.05 -19.92
N SER A 689 3.27 41.25 -19.35
CA SER A 689 4.46 42.10 -19.15
C SER A 689 4.17 43.14 -18.07
N ASN A 690 5.24 43.64 -17.47
CA ASN A 690 5.12 44.72 -16.51
C ASN A 690 4.45 45.91 -17.19
N GLU A 691 4.80 46.17 -18.46
CA GLU A 691 4.17 47.25 -19.18
C GLU A 691 2.63 47.13 -19.14
N GLU A 692 2.09 45.93 -19.38
CA GLU A 692 0.64 45.67 -19.36
C GLU A 692 0.05 45.89 -17.95
N GLY A 693 0.81 45.47 -16.94
CA GLY A 693 0.38 45.64 -15.55
C GLY A 693 0.27 47.13 -15.19
N ILE A 694 1.23 47.91 -15.63
CA ILE A 694 1.23 49.36 -15.37
C ILE A 694 0.03 50.02 -16.01
N GLN A 695 -0.25 49.63 -17.25
CA GLN A 695 -1.37 50.19 -17.95
C GLN A 695 -2.69 49.83 -17.24
N ARG A 696 -2.78 48.63 -16.68
CA ARG A 696 -3.95 48.31 -15.87
C ARG A 696 -4.08 49.14 -14.58
N VAL A 697 -2.99 49.43 -13.89
CA VAL A 697 -3.05 50.31 -12.72
C VAL A 697 -3.54 51.73 -13.11
N LEU A 698 -3.11 52.21 -14.28
CA LEU A 698 -3.40 53.56 -14.72
C LEU A 698 -4.82 53.70 -15.23
N THR A 699 -5.42 52.60 -15.65
CA THR A 699 -6.64 52.65 -16.44
C THR A 699 -7.83 51.96 -15.77
N SER A 700 -7.58 51.34 -14.62
CA SER A 700 -8.62 50.63 -13.87
C SER A 700 -8.26 50.53 -12.37
N ASP A 701 -9.19 50.06 -11.54
CA ASP A 701 -8.94 49.93 -10.10
C ASP A 701 -8.25 48.60 -9.84
N TYR A 702 -6.94 48.68 -9.90
CA TYR A 702 -6.08 47.51 -10.00
C TYR A 702 -4.75 47.84 -9.36
N ALA A 703 -4.26 46.90 -8.57
CA ALA A 703 -2.94 46.98 -7.94
C ALA A 703 -2.09 45.87 -8.50
N PHE A 704 -0.84 46.16 -8.85
CA PHE A 704 0.04 45.24 -9.54
C PHE A 704 1.13 44.76 -8.61
N LEU A 705 1.28 43.45 -8.45
CA LEU A 705 2.35 42.86 -7.67
C LEU A 705 3.55 42.78 -8.56
N MET A 706 4.63 43.47 -8.17
CA MET A 706 5.72 43.82 -9.07
C MET A 706 7.01 43.80 -8.24
N GLU A 707 8.13 43.62 -8.89
CA GLU A 707 9.40 43.67 -8.15
C GLU A 707 9.81 45.10 -7.82
N SER A 708 10.38 45.31 -6.64
CA SER A 708 10.60 46.64 -6.09
C SER A 708 11.51 47.51 -6.90
N THR A 709 12.50 46.90 -7.54
CA THR A 709 13.44 47.62 -8.40
C THR A 709 12.70 48.30 -9.55
N THR A 710 11.76 47.56 -10.11
CA THR A 710 11.00 48.04 -11.24
C THR A 710 9.99 49.08 -10.74
N ILE A 711 9.39 48.84 -9.58
CA ILE A 711 8.53 49.84 -9.01
C ILE A 711 9.26 51.19 -8.82
N GLU A 712 10.51 51.19 -8.36
CA GLU A 712 11.29 52.40 -8.17
C GLU A 712 11.41 53.14 -9.50
N PHE A 713 11.65 52.43 -10.58
CA PHE A 713 11.77 53.06 -11.89
C PHE A 713 10.43 53.66 -12.31
N VAL A 714 9.35 52.92 -12.16
CA VAL A 714 8.02 53.37 -12.59
C VAL A 714 7.52 54.54 -11.81
N THR A 715 7.68 54.56 -10.50
CA THR A 715 7.19 55.64 -9.66
C THR A 715 7.97 56.94 -9.87
N GLN A 716 9.23 56.86 -10.28
CA GLN A 716 10.00 58.08 -10.56
C GLN A 716 9.50 58.74 -11.84
N ARG A 717 8.76 58.01 -12.65
CA ARG A 717 8.27 58.53 -13.93
C ARG A 717 6.76 58.73 -14.05
N ASN A 718 6.01 58.06 -13.20
CA ASN A 718 4.56 58.14 -13.16
C ASN A 718 4.23 58.73 -11.78
N CYS A 719 4.07 60.03 -11.67
CA CYS A 719 3.95 60.62 -10.33
C CYS A 719 2.59 60.38 -9.63
N ASN A 720 1.64 59.79 -10.33
CA ASN A 720 0.38 59.42 -9.71
C ASN A 720 0.42 58.00 -9.10
N LEU A 721 1.56 57.34 -9.22
CA LEU A 721 1.70 55.96 -8.72
C LEU A 721 2.65 55.88 -7.55
N THR A 722 2.47 54.87 -6.71
CA THR A 722 3.30 54.66 -5.57
C THR A 722 3.44 53.19 -5.22
N GLN A 723 4.45 52.90 -4.44
CA GLN A 723 4.62 51.61 -3.80
C GLN A 723 3.71 51.55 -2.57
N ILE A 724 3.03 50.44 -2.36
CA ILE A 724 2.17 50.22 -1.21
C ILE A 724 2.85 49.19 -0.35
N GLY A 725 3.10 49.58 0.90
CA GLY A 725 3.72 48.70 1.84
C GLY A 725 5.17 48.52 1.53
N GLY A 726 5.71 47.49 2.14
CA GLY A 726 7.12 47.21 1.96
C GLY A 726 7.31 46.01 1.07
N LEU A 727 8.44 45.35 1.23
CA LEU A 727 8.76 44.17 0.47
C LEU A 727 8.12 42.99 1.15
N ILE A 728 7.52 42.14 0.35
CA ILE A 728 6.85 40.91 0.76
C ILE A 728 7.86 39.81 0.96
N ASP A 729 8.93 39.86 0.17
CA ASP A 729 9.99 38.86 0.26
C ASP A 729 11.34 39.48 -0.12
N SER A 730 12.35 38.66 -0.24
CA SER A 730 13.68 39.15 -0.57
C SER A 730 14.27 38.20 -1.55
N LYS A 731 14.79 38.72 -2.68
CA LYS A 731 15.47 37.89 -3.65
C LYS A 731 16.47 38.72 -4.45
N GLY A 732 17.29 38.05 -5.22
CA GLY A 732 18.23 38.71 -6.09
C GLY A 732 17.97 38.40 -7.53
N TYR A 733 18.47 39.24 -8.39
CA TYR A 733 18.60 38.91 -9.81
C TYR A 733 20.00 38.37 -10.10
N GLY A 734 20.08 37.27 -10.83
CA GLY A 734 21.34 36.68 -11.20
C GLY A 734 21.42 36.38 -12.67
N VAL A 735 22.60 36.23 -13.19
CA VAL A 735 22.79 35.74 -14.56
C VAL A 735 22.52 34.24 -14.55
N GLY A 736 21.59 33.77 -15.40
CA GLY A 736 21.30 32.36 -15.48
C GLY A 736 22.25 31.62 -16.39
N THR A 737 22.53 30.37 -16.05
CA THR A 737 23.32 29.50 -16.89
C THR A 737 22.69 28.10 -16.83
N PRO A 738 22.95 27.28 -17.87
CA PRO A 738 22.58 25.89 -17.66
C PRO A 738 23.24 25.28 -16.44
N MET A 739 22.55 24.35 -15.81
CA MET A 739 23.11 23.62 -14.70
C MET A 739 24.47 23.05 -15.07
N GLY A 740 25.46 23.30 -14.18
CA GLY A 740 26.82 22.82 -14.37
C GLY A 740 27.74 23.73 -15.18
N SER A 741 27.26 24.87 -15.68
CA SER A 741 28.06 25.68 -16.54
C SER A 741 29.29 26.21 -15.79
N PRO A 742 30.44 26.17 -16.44
CA PRO A 742 31.63 26.80 -15.83
C PRO A 742 31.55 28.34 -15.78
N TYR A 743 30.65 28.92 -16.56
CA TYR A 743 30.52 30.36 -16.53
C TYR A 743 29.90 30.90 -15.25
N ARG A 744 29.15 30.08 -14.55
CA ARG A 744 28.42 30.54 -13.38
C ARG A 744 29.34 31.14 -12.29
N ASP A 745 30.40 30.44 -11.91
CA ASP A 745 31.32 30.92 -10.87
C ASP A 745 32.19 32.06 -11.40
N LYS A 746 32.53 32.06 -12.67
CA LYS A 746 33.34 33.18 -13.25
C LYS A 746 32.53 34.46 -13.25
N ILE A 747 31.23 34.37 -13.59
CA ILE A 747 30.34 35.55 -13.58
C ILE A 747 30.10 36.02 -12.18
N THR A 748 29.93 35.11 -11.20
CA THR A 748 29.87 35.54 -9.81
C THR A 748 31.06 36.41 -9.41
N ILE A 749 32.25 36.00 -9.75
CA ILE A 749 33.43 36.75 -9.32
C ILE A 749 33.48 38.09 -10.04
N ALA A 750 33.13 38.13 -11.34
CA ALA A 750 33.08 39.37 -12.07
C ALA A 750 32.04 40.35 -11.49
N ILE A 751 30.87 39.83 -11.10
CA ILE A 751 29.85 40.67 -10.47
C ILE A 751 30.38 41.24 -9.17
N LEU A 752 31.02 40.41 -8.36
CA LEU A 752 31.55 40.89 -7.09
C LEU A 752 32.59 41.97 -7.32
N GLN A 753 33.39 41.84 -8.37
CA GLN A 753 34.38 42.85 -8.70
C GLN A 753 33.70 44.17 -9.12
N LEU A 754 32.71 44.08 -9.99
CA LEU A 754 31.97 45.25 -10.41
C LEU A 754 31.26 45.93 -9.28
N GLN A 755 30.71 45.18 -8.34
CA GLN A 755 30.09 45.79 -7.18
C GLN A 755 31.08 46.53 -6.35
N GLU A 756 32.20 45.90 -6.06
CA GLU A 756 33.17 46.50 -5.14
C GLU A 756 33.80 47.75 -5.72
N GLU A 757 33.98 47.80 -7.04
CA GLU A 757 34.58 48.94 -7.71
C GLU A 757 33.60 50.10 -7.86
N GLY A 758 32.34 49.87 -7.57
CA GLY A 758 31.31 50.88 -7.69
C GLY A 758 30.61 50.90 -9.02
N LYS A 759 30.93 50.00 -9.92
CA LYS A 759 30.41 50.08 -11.26
C LYS A 759 28.92 49.72 -11.28
N LEU A 760 28.45 48.79 -10.45
CA LEU A 760 27.03 48.46 -10.48
C LEU A 760 26.20 49.61 -9.97
N HIS A 761 26.70 50.34 -8.98
CA HIS A 761 25.99 51.46 -8.48
C HIS A 761 25.92 52.54 -9.55
N MET A 762 27.00 52.75 -10.27
CA MET A 762 27.00 53.74 -11.33
C MET A 762 25.99 53.35 -12.41
N MET A 763 25.88 52.07 -12.72
CA MET A 763 24.96 51.61 -13.75
C MET A 763 23.54 51.78 -13.28
N LYS A 764 23.27 51.54 -12.01
CA LYS A 764 21.92 51.74 -11.51
C LYS A 764 21.53 53.19 -11.58
N GLU A 765 22.43 54.06 -11.16
CA GLU A 765 22.15 55.49 -11.23
C GLU A 765 21.88 55.92 -12.65
N LYS A 766 22.66 55.39 -13.59
CA LYS A 766 22.50 55.72 -15.00
C LYS A 766 21.13 55.31 -15.52
N TRP A 767 20.83 54.02 -15.43
CA TRP A 767 19.55 53.50 -15.89
C TRP A 767 18.44 53.78 -14.88
N TRP A 768 18.83 54.28 -13.71
CA TRP A 768 17.87 54.60 -12.65
C TRP A 768 17.78 56.10 -12.43
N ARG A 769 17.97 56.87 -13.49
CA ARG A 769 17.90 58.33 -13.41
C ARG A 769 16.46 58.81 -13.53
N GLY A 770 15.80 58.97 -12.39
CA GLY A 770 14.42 59.43 -12.37
C GLY A 770 14.28 60.64 -11.48
N ASN A 771 14.99 61.71 -11.79
CA ASN A 771 14.93 62.93 -11.01
C ASN A 771 13.54 63.56 -11.16
N GLY A 772 12.53 62.82 -10.72
CA GLY A 772 11.18 63.31 -10.82
C GLY A 772 10.30 62.64 -9.79
N CYS A 773 9.12 63.20 -9.56
CA CYS A 773 8.17 62.66 -8.60
C CYS A 773 8.63 62.75 -7.16
N PRO A 774 7.87 63.49 -6.35
CA PRO A 774 8.15 63.69 -4.93
C PRO A 774 8.04 62.36 -4.21
N GLU A 775 8.75 62.23 -3.10
CA GLU A 775 8.73 61.00 -2.32
C GLU A 775 8.62 61.33 -0.83
N GLN A 787 -9.58 76.35 3.75
CA GLN A 787 -10.45 76.38 2.57
C GLN A 787 -11.89 76.76 2.89
N ASN A 788 -12.57 75.90 3.64
CA ASN A 788 -13.97 76.13 3.99
C ASN A 788 -14.18 77.49 4.69
N ILE A 789 -13.34 77.76 5.68
CA ILE A 789 -13.44 79.02 6.43
C ILE A 789 -13.22 80.22 5.52
N GLY A 790 -12.42 80.05 4.48
CA GLY A 790 -12.12 81.13 3.54
C GLY A 790 -13.37 81.63 2.83
N GLY A 791 -14.22 80.70 2.42
CA GLY A 791 -15.45 81.06 1.72
C GLY A 791 -16.31 82.02 2.53
N ILE A 792 -16.23 81.93 3.85
CA ILE A 792 -16.99 82.79 4.74
C ILE A 792 -16.32 84.15 4.90
N PHE A 793 -15.02 84.20 4.60
CA PHE A 793 -14.28 85.45 4.65
C PHE A 793 -14.60 86.35 3.46
N ILE A 794 -14.74 85.73 2.28
CA ILE A 794 -15.05 86.47 1.06
C ILE A 794 -16.45 87.08 1.11
N VAL A 795 -17.40 86.33 1.70
CA VAL A 795 -18.76 86.82 1.83
C VAL A 795 -18.84 87.95 2.86
N LEU A 796 -17.84 87.99 3.75
CA LEU A 796 -17.76 89.05 4.75
C LEU A 796 -17.28 90.35 4.10
N ALA A 797 -16.13 90.29 3.44
CA ALA A 797 -15.57 91.44 2.75
C ALA A 797 -16.55 91.96 1.71
N THR B 2 16.95 -45.06 -64.00
CA THR B 2 16.79 -43.81 -64.73
C THR B 2 17.91 -42.84 -64.36
N HIS B 3 17.59 -41.54 -64.38
CA HIS B 3 18.54 -40.47 -64.08
C HIS B 3 18.95 -40.50 -62.59
N VAL B 4 20.21 -40.20 -62.28
CA VAL B 4 20.70 -40.24 -60.89
C VAL B 4 21.62 -39.08 -60.48
N LEU B 5 21.43 -38.59 -59.27
CA LEU B 5 22.11 -37.41 -58.75
C LEU B 5 22.61 -37.65 -57.31
N ARG B 6 23.85 -37.29 -57.03
CA ARG B 6 24.43 -37.55 -55.72
C ARG B 6 24.61 -36.29 -54.88
N PHE B 7 24.12 -36.31 -53.64
CA PHE B 7 24.38 -35.24 -52.66
C PHE B 7 25.46 -35.66 -51.66
N GLY B 8 26.19 -34.69 -51.15
CA GLY B 8 27.16 -34.97 -50.09
C GLY B 8 26.62 -34.52 -48.74
N GLY B 9 27.07 -35.18 -47.68
CA GLY B 9 26.64 -34.85 -46.35
C GLY B 9 27.85 -34.83 -45.43
N ILE B 10 27.98 -33.79 -44.61
CA ILE B 10 29.04 -33.76 -43.61
C ILE B 10 28.49 -33.44 -42.24
N PHE B 11 28.56 -34.41 -41.34
CA PHE B 11 27.93 -34.31 -40.04
C PHE B 11 28.91 -34.36 -38.87
N GLU B 12 28.73 -33.44 -37.92
CA GLU B 12 29.67 -33.24 -36.83
C GLU B 12 29.22 -34.08 -35.63
N TYR B 13 30.16 -34.62 -34.85
CA TYR B 13 29.80 -35.38 -33.66
C TYR B 13 30.93 -35.49 -32.60
N VAL B 14 30.56 -35.89 -31.38
CA VAL B 14 31.53 -36.16 -30.31
C VAL B 14 31.50 -37.65 -29.96
N GLU B 15 32.66 -38.21 -29.64
CA GLU B 15 32.79 -39.65 -29.37
C GLU B 15 32.44 -40.49 -30.61
N SER B 16 31.40 -41.32 -30.52
CA SER B 16 31.04 -42.19 -31.65
C SER B 16 29.54 -42.17 -31.89
N GLY B 17 29.01 -43.27 -32.42
CA GLY B 17 27.57 -43.37 -32.66
C GLY B 17 26.77 -43.13 -31.40
N PRO B 18 25.42 -43.13 -31.51
CA PRO B 18 24.63 -43.39 -32.72
C PRO B 18 24.75 -42.27 -33.76
N MET B 19 23.86 -42.28 -34.74
CA MET B 19 23.72 -41.15 -35.65
C MET B 19 23.08 -39.99 -34.90
N GLY B 20 23.39 -38.77 -35.33
CA GLY B 20 22.78 -37.59 -34.75
C GLY B 20 21.50 -37.22 -35.48
N ALA B 21 20.75 -36.29 -34.90
CA ALA B 21 19.51 -35.83 -35.51
C ALA B 21 19.73 -35.33 -36.94
N GLU B 22 20.77 -34.53 -37.17
CA GLU B 22 20.98 -33.95 -38.49
C GLU B 22 21.24 -35.03 -39.54
N GLU B 23 22.23 -35.90 -39.30
CA GLU B 23 22.52 -36.94 -40.29
C GLU B 23 21.29 -37.83 -40.51
N LEU B 24 20.46 -37.99 -39.47
CA LEU B 24 19.27 -38.81 -39.59
C LEU B 24 18.21 -38.16 -40.47
N ALA B 25 17.95 -36.88 -40.26
CA ALA B 25 16.96 -36.15 -41.04
C ALA B 25 17.38 -36.09 -42.51
N PHE B 26 18.69 -36.02 -42.74
CA PHE B 26 19.23 -35.96 -44.09
C PHE B 26 18.86 -37.23 -44.83
N ARG B 27 19.19 -38.36 -44.21
CA ARG B 27 18.94 -39.65 -44.81
C ARG B 27 17.45 -39.86 -45.00
N PHE B 28 16.71 -39.49 -43.97
CA PHE B 28 15.26 -39.65 -43.97
C PHE B 28 14.61 -38.86 -45.11
N ALA B 29 15.13 -37.66 -45.38
CA ALA B 29 14.58 -36.82 -46.44
C ALA B 29 14.83 -37.46 -47.80
N VAL B 30 16.06 -37.90 -48.02
CA VAL B 30 16.41 -38.59 -49.25
C VAL B 30 15.56 -39.85 -49.50
N ASN B 31 15.35 -40.67 -48.48
CA ASN B 31 14.56 -41.90 -48.65
C ASN B 31 13.10 -41.58 -48.99
N THR B 32 12.57 -40.55 -48.33
CA THR B 32 11.21 -40.09 -48.55
C THR B 32 11.01 -39.57 -49.97
N ILE B 33 11.90 -38.69 -50.40
CA ILE B 33 11.76 -38.01 -51.68
C ILE B 33 11.81 -39.04 -52.79
N ASN B 34 12.67 -40.02 -52.64
CA ASN B 34 12.80 -41.07 -53.64
C ASN B 34 11.45 -41.74 -53.89
N ARG B 35 10.71 -42.02 -52.82
CA ARG B 35 9.41 -42.68 -52.90
C ARG B 35 8.27 -41.77 -53.38
N ASN B 36 8.41 -40.46 -53.19
CA ASN B 36 7.47 -39.51 -53.77
C ASN B 36 7.51 -39.62 -55.29
N ARG B 37 6.35 -39.65 -55.93
CA ARG B 37 6.30 -39.80 -57.38
C ARG B 37 5.94 -38.48 -58.06
N THR B 38 5.70 -37.46 -57.24
CA THR B 38 5.44 -36.12 -57.74
C THR B 38 6.74 -35.33 -57.79
N LEU B 39 7.60 -35.58 -56.81
CA LEU B 39 8.87 -34.86 -56.69
C LEU B 39 10.02 -35.74 -57.18
N LEU B 40 10.78 -35.19 -58.13
CA LEU B 40 11.80 -35.96 -58.82
C LEU B 40 11.23 -37.33 -59.18
N PRO B 41 10.33 -37.35 -60.18
CA PRO B 41 9.68 -38.56 -60.69
C PRO B 41 10.68 -39.47 -61.36
N ASN B 42 11.41 -38.91 -62.33
CA ASN B 42 12.34 -39.67 -63.14
C ASN B 42 13.76 -39.61 -62.59
N THR B 43 13.92 -39.00 -61.42
CA THR B 43 15.24 -38.80 -60.82
C THR B 43 15.36 -39.50 -59.46
N THR B 44 16.49 -40.15 -59.22
CA THR B 44 16.70 -40.92 -57.99
C THR B 44 17.94 -40.44 -57.22
N LEU B 45 17.72 -39.93 -56.00
CA LEU B 45 18.81 -39.35 -55.20
C LEU B 45 19.67 -40.40 -54.48
N THR B 46 20.97 -40.14 -54.45
CA THR B 46 21.95 -40.98 -53.78
C THR B 46 22.82 -40.06 -52.91
N TYR B 47 23.64 -40.60 -52.02
CA TYR B 47 24.49 -39.74 -51.20
C TYR B 47 25.75 -40.39 -50.65
N ASP B 48 26.74 -39.56 -50.38
CA ASP B 48 27.90 -39.94 -49.57
C ASP B 48 27.79 -39.23 -48.23
N THR B 49 27.99 -39.93 -47.12
CA THR B 49 28.04 -39.27 -45.82
C THR B 49 29.41 -39.45 -45.16
N GLN B 50 29.90 -38.35 -44.60
CA GLN B 50 31.18 -38.32 -43.92
C GLN B 50 30.94 -37.77 -42.53
N LYS B 51 31.61 -38.33 -41.54
CA LYS B 51 31.47 -37.88 -40.17
C LYS B 51 32.76 -37.20 -39.75
N ILE B 52 32.66 -36.11 -39.01
CA ILE B 52 33.87 -35.42 -38.55
C ILE B 52 33.76 -34.99 -37.09
N ASN B 53 34.91 -34.69 -36.49
CA ASN B 53 34.99 -34.15 -35.15
C ASN B 53 34.43 -32.74 -35.14
N LEU B 54 33.93 -32.31 -34.00
CA LEU B 54 33.46 -30.94 -33.86
C LEU B 54 34.67 -30.02 -33.83
N TYR B 55 34.65 -29.00 -34.68
CA TYR B 55 35.64 -27.93 -34.60
C TYR B 55 36.96 -28.29 -35.28
N ASP B 56 36.96 -29.37 -36.05
CA ASP B 56 38.14 -29.72 -36.83
C ASP B 56 37.93 -29.25 -38.28
N SER B 57 38.21 -27.98 -38.56
CA SER B 57 37.94 -27.46 -39.89
C SER B 57 38.87 -28.14 -40.91
N PHE B 58 40.08 -28.48 -40.51
CA PHE B 58 40.98 -29.29 -41.34
C PHE B 58 40.35 -30.59 -41.82
N GLU B 59 39.76 -31.37 -40.91
CA GLU B 59 39.11 -32.61 -41.33
C GLU B 59 37.90 -32.31 -42.23
N ALA B 60 37.13 -31.28 -41.90
CA ALA B 60 35.99 -30.90 -42.71
C ALA B 60 36.42 -30.56 -44.13
N SER B 61 37.57 -29.90 -44.27
CA SER B 61 38.09 -29.56 -45.59
C SER B 61 38.38 -30.85 -46.36
N LYS B 62 39.20 -31.72 -45.78
CA LYS B 62 39.53 -33.00 -46.42
C LYS B 62 38.26 -33.75 -46.87
N LYS B 63 37.31 -33.96 -45.97
CA LYS B 63 36.11 -34.73 -46.32
C LYS B 63 35.34 -34.01 -47.45
N ALA B 64 35.30 -32.68 -47.44
CA ALA B 64 34.58 -31.97 -48.49
C ALA B 64 35.28 -32.16 -49.83
N CYS B 65 36.61 -32.07 -49.84
CA CYS B 65 37.39 -32.37 -51.04
C CYS B 65 37.19 -33.82 -51.55
N ASP B 66 37.19 -34.82 -50.65
CA ASP B 66 36.89 -36.18 -51.06
C ASP B 66 35.54 -36.23 -51.78
N GLN B 67 34.52 -35.60 -51.20
CA GLN B 67 33.18 -35.67 -51.77
C GLN B 67 33.10 -34.98 -53.13
N LEU B 68 33.82 -33.87 -53.28
CA LEU B 68 33.80 -33.16 -54.55
C LEU B 68 34.52 -34.00 -55.60
N SER B 69 35.39 -34.90 -55.13
CA SER B 69 36.10 -35.83 -55.99
C SER B 69 35.19 -36.98 -56.46
N LEU B 70 34.49 -37.64 -55.54
CA LEU B 70 33.41 -38.57 -55.89
C LEU B 70 32.43 -37.93 -56.87
N GLY B 71 32.20 -36.63 -56.72
CA GLY B 71 31.22 -35.92 -57.53
C GLY B 71 29.91 -35.74 -56.79
N VAL B 72 29.53 -34.49 -56.53
CA VAL B 72 28.27 -34.21 -55.84
C VAL B 72 27.67 -32.92 -56.33
N ALA B 73 26.36 -32.82 -56.28
CA ALA B 73 25.64 -31.66 -56.81
C ALA B 73 25.51 -30.57 -55.75
N ALA B 74 25.70 -30.96 -54.50
CA ALA B 74 25.67 -30.01 -53.38
C ALA B 74 26.23 -30.71 -52.15
N ILE B 75 26.84 -29.94 -51.27
CA ILE B 75 27.28 -30.44 -49.99
C ILE B 75 26.41 -29.84 -48.89
N PHE B 76 25.66 -30.67 -48.19
CA PHE B 76 24.93 -30.20 -47.03
C PHE B 76 25.92 -30.11 -45.89
N GLY B 77 26.84 -29.16 -46.02
CA GLY B 77 28.04 -29.06 -45.21
C GLY B 77 27.67 -29.07 -43.75
N PRO B 78 28.69 -29.04 -42.88
CA PRO B 78 28.55 -29.21 -41.43
C PRO B 78 27.92 -27.99 -40.76
N SER B 79 27.64 -28.09 -39.47
CA SER B 79 26.80 -27.11 -38.77
C SER B 79 27.55 -25.94 -38.14
N HIS B 80 28.69 -26.21 -37.54
CA HIS B 80 29.32 -25.23 -36.65
C HIS B 80 30.26 -24.28 -37.36
N SER B 81 30.26 -23.05 -36.89
CA SER B 81 30.90 -21.93 -37.58
C SER B 81 32.20 -22.26 -38.33
N SER B 82 33.24 -22.70 -37.63
CA SER B 82 34.56 -22.83 -38.25
C SER B 82 34.63 -23.90 -39.36
N SER B 83 34.00 -25.04 -39.15
CA SER B 83 34.00 -26.06 -40.20
C SER B 83 33.13 -25.62 -41.36
N ALA B 84 32.02 -24.96 -41.04
CA ALA B 84 31.06 -24.54 -42.05
C ALA B 84 31.64 -23.44 -42.95
N ASN B 85 32.46 -22.55 -42.38
CA ASN B 85 33.09 -21.48 -43.14
C ASN B 85 34.16 -22.02 -44.08
N ALA B 86 34.72 -23.17 -43.71
CA ALA B 86 35.83 -23.74 -44.46
C ALA B 86 35.29 -24.53 -45.63
N VAL B 87 34.22 -25.27 -45.39
CA VAL B 87 33.56 -25.99 -46.46
C VAL B 87 32.85 -25.02 -47.44
N GLN B 88 32.49 -23.83 -46.97
CA GLN B 88 31.78 -22.86 -47.78
C GLN B 88 32.76 -22.20 -48.75
N SER B 89 34.00 -22.04 -48.30
CA SER B 89 35.04 -21.39 -49.10
C SER B 89 35.49 -22.32 -50.20
N ILE B 90 35.55 -23.60 -49.88
CA ILE B 90 35.88 -24.65 -50.82
C ILE B 90 34.77 -24.74 -51.85
N CYS B 91 33.56 -24.94 -51.40
CA CYS B 91 32.40 -24.98 -52.28
C CYS B 91 32.32 -23.75 -53.20
N ASN B 92 32.83 -22.62 -52.75
CA ASN B 92 32.76 -21.40 -53.55
C ASN B 92 33.80 -21.41 -54.67
N ALA B 93 34.98 -21.91 -54.34
CA ALA B 93 36.06 -22.04 -55.31
C ALA B 93 35.73 -23.05 -56.41
N LEU B 94 35.02 -24.13 -56.06
CA LEU B 94 34.67 -25.16 -57.03
C LEU B 94 33.23 -25.02 -57.52
N GLY B 95 32.58 -23.93 -57.15
CA GLY B 95 31.22 -23.65 -57.61
C GLY B 95 30.21 -24.75 -57.40
N VAL B 96 30.29 -25.47 -56.27
CA VAL B 96 29.22 -26.37 -55.85
C VAL B 96 28.44 -25.75 -54.69
N PRO B 97 27.11 -25.77 -54.77
CA PRO B 97 26.32 -25.16 -53.70
C PRO B 97 26.56 -25.80 -52.34
N HIS B 98 26.76 -24.95 -51.34
CA HIS B 98 26.88 -25.38 -49.96
C HIS B 98 25.57 -25.05 -49.25
N ILE B 99 24.87 -26.06 -48.76
CA ILE B 99 23.59 -25.87 -48.05
C ILE B 99 23.72 -25.91 -46.53
N GLN B 100 23.49 -24.78 -45.88
CA GLN B 100 23.61 -24.67 -44.42
C GLN B 100 22.26 -24.75 -43.71
N THR B 101 22.26 -25.15 -42.45
CA THR B 101 21.02 -25.29 -41.69
C THR B 101 21.08 -24.55 -40.36
N ARG B 102 22.21 -23.90 -40.10
CA ARG B 102 22.44 -23.27 -38.82
C ARG B 102 23.03 -21.89 -39.06
N TRP B 103 22.72 -20.97 -38.18
CA TRP B 103 23.23 -19.61 -38.28
C TRP B 103 24.71 -19.57 -37.97
N LYS B 104 25.46 -18.75 -38.71
CA LYS B 104 26.82 -18.39 -38.34
C LYS B 104 27.01 -16.92 -38.69
N HIS B 105 27.96 -16.25 -38.05
CA HIS B 105 28.11 -14.81 -38.26
C HIS B 105 28.53 -14.44 -39.68
N GLN B 106 27.70 -13.66 -40.34
CA GLN B 106 27.97 -13.21 -41.69
C GLN B 106 28.92 -12.01 -41.67
N VAL B 107 30.11 -12.19 -42.26
CA VAL B 107 31.03 -11.08 -42.46
C VAL B 107 30.65 -10.35 -43.74
N SER B 108 30.58 -9.03 -43.67
CA SER B 108 30.06 -8.23 -44.78
C SER B 108 30.95 -8.35 -46.01
N ASP B 109 32.24 -8.15 -45.80
CA ASP B 109 33.21 -8.13 -46.89
C ASP B 109 33.58 -9.53 -47.39
N ASN B 110 32.78 -10.53 -47.06
CA ASN B 110 33.03 -11.88 -47.56
C ASN B 110 32.19 -12.12 -48.82
N LYS B 111 32.88 -12.53 -49.88
CA LYS B 111 32.31 -12.56 -51.22
C LYS B 111 31.78 -13.92 -51.67
N ASP B 112 31.84 -14.93 -50.81
CA ASP B 112 31.28 -16.24 -51.17
C ASP B 112 29.84 -16.06 -51.61
N SER B 113 29.43 -16.80 -52.64
CA SER B 113 28.09 -16.67 -53.19
C SER B 113 27.43 -18.04 -53.39
N PHE B 114 28.21 -19.11 -53.27
CA PHE B 114 27.69 -20.47 -53.45
C PHE B 114 27.17 -21.09 -52.16
N TYR B 115 26.25 -20.40 -51.50
CA TYR B 115 25.60 -20.99 -50.34
C TYR B 115 24.25 -20.33 -50.08
N VAL B 116 23.34 -21.12 -49.53
CA VAL B 116 22.11 -20.62 -48.94
C VAL B 116 22.03 -21.17 -47.51
N SER B 117 21.22 -20.56 -46.67
CA SER B 117 21.08 -21.01 -45.29
C SER B 117 19.61 -21.11 -44.93
N LEU B 118 19.18 -22.27 -44.48
CA LEU B 118 17.76 -22.47 -44.18
C LEU B 118 17.35 -22.00 -42.79
N TYR B 119 18.32 -21.54 -42.00
CA TYR B 119 18.02 -21.06 -40.67
C TYR B 119 17.43 -19.65 -40.69
N PRO B 120 16.33 -19.43 -39.95
CA PRO B 120 15.69 -18.11 -39.86
C PRO B 120 16.68 -17.05 -39.42
N ASP B 121 16.96 -16.06 -40.24
CA ASP B 121 18.02 -15.11 -39.92
C ASP B 121 17.80 -14.41 -38.58
N PHE B 122 18.90 -14.16 -37.89
CA PHE B 122 18.88 -13.47 -36.61
C PHE B 122 18.21 -12.09 -36.66
N SER B 123 18.47 -11.30 -37.69
CA SER B 123 17.88 -9.96 -37.77
C SER B 123 16.36 -10.01 -37.60
N SER B 124 15.72 -10.95 -38.29
CA SER B 124 14.27 -11.08 -38.23
C SER B 124 13.77 -11.60 -36.89
N LEU B 125 14.52 -12.52 -36.29
CA LEU B 125 14.15 -13.11 -35.00
C LEU B 125 14.28 -12.11 -33.87
N SER B 126 15.39 -11.40 -33.88
CA SER B 126 15.61 -10.22 -33.05
C SER B 126 14.38 -9.32 -33.05
N ARG B 127 13.86 -8.98 -34.24
CA ARG B 127 12.75 -8.04 -34.31
C ARG B 127 11.52 -8.67 -33.68
N ALA B 128 11.29 -9.94 -33.94
CA ALA B 128 10.09 -10.60 -33.46
C ALA B 128 10.11 -10.76 -31.93
N ILE B 129 11.30 -10.84 -31.33
CA ILE B 129 11.41 -10.83 -29.88
C ILE B 129 10.94 -9.48 -29.39
N LEU B 130 11.53 -8.43 -29.96
CA LEU B 130 11.18 -7.07 -29.59
C LEU B 130 9.70 -6.80 -29.80
N ASP B 131 9.13 -7.31 -30.87
CA ASP B 131 7.72 -7.10 -31.16
C ASP B 131 6.86 -7.67 -30.05
N LEU B 132 7.26 -8.83 -29.55
CA LEU B 132 6.51 -9.53 -28.53
C LEU B 132 6.59 -8.81 -27.19
N VAL B 133 7.80 -8.44 -26.78
CA VAL B 133 8.00 -7.61 -25.61
C VAL B 133 7.10 -6.37 -25.60
N GLN B 134 7.00 -5.69 -26.73
CA GLN B 134 6.21 -4.47 -26.81
C GLN B 134 4.71 -4.74 -26.75
N PHE B 135 4.31 -5.94 -27.15
CA PHE B 135 2.90 -6.33 -27.11
C PHE B 135 2.48 -6.62 -25.67
N PHE B 136 3.40 -7.15 -24.87
CA PHE B 136 3.16 -7.39 -23.46
C PHE B 136 3.35 -6.09 -22.69
N LYS B 137 3.68 -5.02 -23.41
CA LYS B 137 3.82 -3.68 -22.83
C LYS B 137 4.89 -3.60 -21.75
N TRP B 138 5.88 -4.49 -21.78
CA TRP B 138 6.96 -4.46 -20.80
C TRP B 138 7.79 -3.20 -20.93
N LYS B 139 8.10 -2.58 -19.79
CA LYS B 139 8.99 -1.42 -19.76
C LYS B 139 10.30 -1.78 -19.08
N THR B 140 10.32 -2.96 -18.46
CA THR B 140 11.50 -3.45 -17.75
C THR B 140 11.69 -4.90 -18.15
N VAL B 141 12.94 -5.27 -18.45
CA VAL B 141 13.22 -6.65 -18.84
C VAL B 141 14.68 -7.02 -18.62
N THR B 142 14.91 -8.24 -18.15
CA THR B 142 16.25 -8.73 -17.95
C THR B 142 16.55 -9.76 -19.03
N VAL B 143 17.51 -9.45 -19.90
CA VAL B 143 17.99 -10.38 -20.92
C VAL B 143 19.10 -11.24 -20.30
N VAL B 144 18.91 -12.54 -20.28
CA VAL B 144 19.95 -13.49 -19.85
C VAL B 144 20.46 -14.33 -21.03
N TYR B 145 21.74 -14.22 -21.36
CA TYR B 145 22.30 -14.99 -22.49
C TYR B 145 23.34 -16.02 -22.07
N ASP B 146 23.58 -17.04 -22.89
CA ASP B 146 24.61 -18.04 -22.57
C ASP B 146 26.02 -17.62 -23.03
N ASP B 147 26.26 -17.60 -24.34
CA ASP B 147 27.61 -17.27 -24.82
C ASP B 147 27.59 -16.09 -25.76
N SER B 148 28.75 -15.46 -25.92
CA SER B 148 28.90 -14.28 -26.77
C SER B 148 27.85 -14.15 -27.88
N THR B 149 27.71 -15.18 -28.72
CA THR B 149 26.89 -15.03 -29.93
C THR B 149 25.42 -14.79 -29.60
N GLY B 150 25.01 -15.16 -28.40
CA GLY B 150 23.71 -14.75 -27.87
C GLY B 150 23.48 -13.25 -27.99
N LEU B 151 24.46 -12.45 -27.53
CA LEU B 151 24.43 -11.00 -27.73
C LEU B 151 24.00 -10.59 -29.13
N ILE B 152 24.59 -11.23 -30.13
CA ILE B 152 24.36 -10.84 -31.51
C ILE B 152 22.92 -11.13 -31.95
N ARG B 153 22.35 -12.21 -31.46
CA ARG B 153 20.99 -12.57 -31.83
C ARG B 153 19.97 -11.60 -31.25
N LEU B 154 20.37 -10.90 -30.20
CA LEU B 154 19.49 -9.93 -29.57
C LEU B 154 19.92 -8.47 -29.77
N GLN B 155 20.74 -8.15 -30.77
CA GLN B 155 21.20 -6.77 -30.88
C GLN B 155 20.04 -5.82 -31.10
N GLU B 156 19.09 -6.16 -31.98
CA GLU B 156 17.92 -5.32 -32.19
C GLU B 156 17.25 -4.97 -30.86
N LEU B 157 17.24 -5.92 -29.94
CA LEU B 157 16.60 -5.73 -28.64
C LEU B 157 17.44 -4.86 -27.71
N ILE B 158 18.75 -5.08 -27.74
CA ILE B 158 19.69 -4.37 -26.89
C ILE B 158 19.81 -2.88 -27.28
N LYS B 159 19.46 -2.54 -28.53
CA LYS B 159 19.54 -1.16 -29.00
C LYS B 159 18.21 -0.41 -28.89
N ALA B 160 17.19 -1.09 -28.39
CA ALA B 160 15.87 -0.50 -28.24
C ALA B 160 15.78 0.59 -27.16
N PRO B 161 16.52 0.44 -26.04
CA PRO B 161 16.40 1.39 -24.93
C PRO B 161 16.69 2.86 -25.26
N SER B 162 17.07 3.18 -26.50
CA SER B 162 17.34 4.56 -26.88
C SER B 162 16.24 5.12 -27.78
N ARG B 163 15.48 4.23 -28.40
CA ARG B 163 14.31 4.61 -29.20
C ARG B 163 13.03 4.51 -28.35
N TYR B 164 12.64 3.30 -27.96
CA TYR B 164 11.47 3.11 -27.11
C TYR B 164 11.81 3.34 -25.64
N ASN B 165 10.88 3.01 -24.76
CA ASN B 165 11.11 3.19 -23.32
C ASN B 165 11.27 1.86 -22.59
N LEU B 166 12.37 1.18 -22.86
CA LEU B 166 12.73 -0.03 -22.12
C LEU B 166 14.03 0.18 -21.38
N ARG B 167 13.99 0.13 -20.06
CA ARG B 167 15.20 -0.05 -19.29
C ARG B 167 15.42 -1.54 -19.34
N LEU B 168 16.68 -1.95 -19.39
CA LEU B 168 16.95 -3.38 -19.48
C LEU B 168 18.28 -3.74 -18.87
N LYS B 169 18.32 -4.88 -18.19
CA LYS B 169 19.51 -5.37 -17.53
C LYS B 169 20.02 -6.61 -18.26
N ILE B 170 21.32 -6.71 -18.43
CA ILE B 170 21.91 -7.80 -19.18
C ILE B 170 22.78 -8.65 -18.28
N ARG B 171 22.44 -9.93 -18.17
CA ARG B 171 23.17 -10.86 -17.33
C ARG B 171 23.61 -12.06 -18.16
N GLN B 172 24.66 -12.74 -17.71
CA GLN B 172 25.11 -13.94 -18.42
C GLN B 172 24.99 -15.17 -17.55
N LEU B 173 24.50 -16.26 -18.14
CA LEU B 173 24.50 -17.57 -17.49
C LEU B 173 25.93 -18.06 -17.29
N PRO B 174 26.15 -18.96 -16.33
CA PRO B 174 27.47 -19.59 -16.26
C PRO B 174 27.55 -20.82 -17.16
N ALA B 175 28.75 -21.39 -17.30
CA ALA B 175 28.92 -22.58 -18.13
C ALA B 175 27.84 -23.62 -17.82
N ASP B 176 27.64 -23.96 -16.54
CA ASP B 176 26.68 -24.99 -16.12
C ASP B 176 25.47 -24.39 -15.42
N THR B 177 24.25 -24.82 -15.78
CA THR B 177 23.03 -24.27 -15.19
C THR B 177 22.87 -24.57 -13.70
N LYS B 178 23.58 -25.59 -13.23
CA LYS B 178 23.58 -25.90 -11.80
C LYS B 178 24.26 -24.78 -11.02
N ASP B 179 25.06 -24.00 -11.73
CA ASP B 179 25.77 -22.90 -11.09
C ASP B 179 24.89 -21.65 -11.07
N ALA B 180 23.63 -21.79 -11.48
CA ALA B 180 22.82 -20.61 -11.79
C ALA B 180 21.96 -20.04 -10.65
N LYS B 181 22.05 -20.63 -9.46
CA LYS B 181 21.23 -20.15 -8.36
C LYS B 181 21.65 -18.74 -7.92
N PRO B 182 22.96 -18.53 -7.77
CA PRO B 182 23.42 -17.20 -7.34
C PRO B 182 22.94 -16.09 -8.27
N LEU B 183 22.93 -16.38 -9.57
CA LEU B 183 22.45 -15.45 -10.57
C LEU B 183 20.95 -15.22 -10.42
N LEU B 184 20.22 -16.30 -10.21
CA LEU B 184 18.77 -16.20 -10.09
C LEU B 184 18.37 -15.50 -8.79
N LYS B 185 19.20 -15.66 -7.75
CA LYS B 185 18.96 -15.00 -6.48
C LYS B 185 19.06 -13.50 -6.66
N GLU B 186 20.05 -13.05 -7.45
CA GLU B 186 20.18 -11.61 -7.71
C GLU B 186 18.97 -11.08 -8.47
N MET B 187 18.48 -11.83 -9.44
CA MET B 187 17.29 -11.42 -10.16
C MET B 187 16.08 -11.34 -9.23
N LYS B 188 16.02 -12.27 -8.27
CA LYS B 188 14.88 -12.32 -7.34
C LYS B 188 14.87 -11.11 -6.41
N ARG B 189 16.00 -10.85 -5.76
CA ARG B 189 16.17 -9.64 -4.97
C ARG B 189 15.91 -8.41 -5.80
N GLY B 190 16.31 -8.47 -7.07
CA GLY B 190 16.17 -7.34 -7.96
C GLY B 190 14.76 -7.15 -8.47
N LYS B 191 13.88 -8.09 -8.17
CA LYS B 191 12.48 -7.97 -8.60
C LYS B 191 12.40 -7.99 -10.12
N GLU B 192 13.32 -8.70 -10.75
CA GLU B 192 13.32 -8.84 -12.18
C GLU B 192 12.34 -9.95 -12.59
N PHE B 193 11.07 -9.56 -12.70
CA PHE B 193 10.01 -10.50 -13.00
C PHE B 193 9.86 -10.79 -14.47
N HIS B 194 10.39 -9.93 -15.33
CA HIS B 194 10.23 -10.05 -16.76
C HIS B 194 11.57 -10.40 -17.38
N VAL B 195 11.68 -11.59 -17.95
CA VAL B 195 12.98 -12.13 -18.31
C VAL B 195 12.99 -12.85 -19.64
N ILE B 196 13.95 -12.49 -20.49
CA ILE B 196 14.21 -13.20 -21.75
C ILE B 196 15.41 -14.12 -21.56
N PHE B 197 15.24 -15.42 -21.78
CA PHE B 197 16.38 -16.36 -21.80
C PHE B 197 16.86 -16.64 -23.21
N ASP B 198 18.04 -16.12 -23.56
CA ASP B 198 18.69 -16.46 -24.83
C ASP B 198 19.69 -17.58 -24.61
N CYS B 199 19.31 -18.79 -25.02
CA CYS B 199 20.11 -19.98 -24.76
C CYS B 199 19.51 -21.20 -25.44
N SER B 200 20.26 -22.29 -25.48
CA SER B 200 19.74 -23.48 -26.15
C SER B 200 18.55 -24.02 -25.36
N HIS B 201 17.70 -24.82 -26.00
CA HIS B 201 16.57 -25.42 -25.28
C HIS B 201 17.02 -26.39 -24.19
N GLU B 202 18.23 -26.95 -24.27
CA GLU B 202 18.74 -27.82 -23.19
C GLU B 202 19.10 -26.96 -21.99
N MET B 203 19.69 -25.80 -22.24
CA MET B 203 19.97 -24.83 -21.18
C MET B 203 18.68 -24.36 -20.53
N ALA B 204 17.66 -24.17 -21.36
CA ALA B 204 16.39 -23.66 -20.88
C ALA B 204 15.69 -24.68 -19.97
N ALA B 205 15.75 -25.95 -20.33
CA ALA B 205 15.21 -26.99 -19.49
C ALA B 205 15.92 -26.99 -18.14
N GLY B 206 17.23 -26.79 -18.18
CA GLY B 206 18.03 -26.77 -16.96
C GLY B 206 17.76 -25.56 -16.09
N ILE B 207 17.57 -24.38 -16.70
CA ILE B 207 17.46 -23.16 -15.94
C ILE B 207 16.06 -23.08 -15.30
N LEU B 208 15.06 -23.64 -15.97
CA LEU B 208 13.72 -23.75 -15.39
C LEU B 208 13.72 -24.56 -14.08
N LYS B 209 14.42 -25.69 -14.02
CA LYS B 209 14.47 -26.48 -12.78
C LYS B 209 15.03 -25.63 -11.66
N GLN B 210 16.08 -24.86 -11.94
CA GLN B 210 16.69 -24.02 -10.94
C GLN B 210 15.72 -22.90 -10.53
N ALA B 211 14.89 -22.46 -11.47
CA ALA B 211 14.01 -21.36 -11.22
C ALA B 211 12.87 -21.82 -10.29
N LEU B 212 12.49 -23.09 -10.44
CA LEU B 212 11.46 -23.71 -9.60
C LEU B 212 11.96 -23.83 -8.16
N ALA B 213 13.13 -24.42 -8.00
CA ALA B 213 13.81 -24.51 -6.73
C ALA B 213 13.88 -23.16 -6.03
N MET B 214 13.88 -22.09 -6.81
CA MET B 214 14.13 -20.76 -6.27
C MET B 214 12.85 -19.97 -6.01
N GLY B 215 11.72 -20.61 -6.22
CA GLY B 215 10.44 -19.98 -5.96
C GLY B 215 10.13 -18.93 -6.99
N MET B 216 10.55 -19.18 -8.22
CA MET B 216 10.42 -18.20 -9.30
C MET B 216 9.59 -18.73 -10.46
N MET B 217 8.91 -19.87 -10.27
CA MET B 217 7.89 -20.30 -11.22
C MET B 217 6.51 -20.08 -10.58
N THR B 218 6.06 -18.82 -10.63
CA THR B 218 4.75 -18.44 -10.13
C THR B 218 4.14 -17.38 -11.04
N GLU B 219 2.90 -16.99 -10.75
CA GLU B 219 2.18 -15.99 -11.54
C GLU B 219 2.89 -14.64 -11.63
N TYR B 220 3.88 -14.42 -10.77
CA TYR B 220 4.60 -13.14 -10.78
C TYR B 220 5.63 -13.04 -11.91
N TYR B 221 6.04 -14.18 -12.45
CA TYR B 221 7.15 -14.20 -13.40
C TYR B 221 6.65 -14.49 -14.80
N HIS B 222 7.22 -13.76 -15.77
CA HIS B 222 6.97 -14.03 -17.19
C HIS B 222 8.30 -14.18 -17.96
N TYR B 223 8.48 -15.35 -18.57
CA TYR B 223 9.72 -15.72 -19.23
C TYR B 223 9.50 -15.82 -20.71
N ILE B 224 10.27 -15.06 -21.48
CA ILE B 224 10.29 -15.22 -22.93
C ILE B 224 11.52 -16.03 -23.33
N PHE B 225 11.30 -17.04 -24.16
CA PHE B 225 12.39 -17.90 -24.59
C PHE B 225 12.77 -17.69 -26.02
N THR B 226 14.07 -17.54 -26.21
CA THR B 226 14.64 -17.22 -27.48
C THR B 226 14.63 -18.46 -28.36
N THR B 227 14.75 -19.64 -27.75
CA THR B 227 14.87 -20.89 -28.49
C THR B 227 13.63 -21.29 -29.27
N LEU B 228 13.84 -21.82 -30.48
CA LEU B 228 12.76 -22.24 -31.36
C LEU B 228 12.33 -23.66 -31.02
N ASP B 229 13.09 -24.29 -30.14
CA ASP B 229 12.81 -25.65 -29.71
C ASP B 229 12.12 -25.64 -28.36
N LEU B 230 11.50 -24.52 -28.03
CA LEU B 230 10.73 -24.41 -26.81
C LEU B 230 9.73 -25.54 -26.68
N PHE B 231 9.07 -25.88 -27.78
CA PHE B 231 8.03 -26.91 -27.80
C PHE B 231 8.56 -28.30 -27.43
N ALA B 232 9.87 -28.44 -27.31
CA ALA B 232 10.50 -29.72 -27.01
C ALA B 232 10.66 -29.92 -25.51
N LEU B 233 10.39 -28.88 -24.74
CA LEU B 233 10.62 -28.92 -23.31
C LEU B 233 9.51 -29.70 -22.60
N ASP B 234 9.89 -30.63 -21.73
CA ASP B 234 8.96 -31.21 -20.78
C ASP B 234 8.38 -30.05 -19.96
N VAL B 235 7.09 -29.83 -20.12
CA VAL B 235 6.44 -28.73 -19.43
C VAL B 235 5.49 -29.22 -18.29
N GLU B 236 5.52 -30.52 -18.02
CA GLU B 236 4.65 -31.12 -17.01
C GLU B 236 4.92 -30.57 -15.61
N PRO B 237 6.19 -30.38 -15.25
CA PRO B 237 6.48 -29.79 -13.95
C PRO B 237 6.02 -28.34 -13.73
N TYR B 238 5.57 -27.62 -14.77
CA TYR B 238 5.40 -26.18 -14.61
C TYR B 238 4.01 -25.66 -14.99
N ARG B 239 3.22 -26.42 -15.73
CA ARG B 239 1.95 -25.88 -16.24
C ARG B 239 0.88 -25.60 -15.19
N TYR B 240 1.01 -26.18 -14.00
CA TYR B 240 -0.01 -25.99 -12.97
C TYR B 240 0.32 -24.79 -12.08
N SER B 241 1.49 -24.20 -12.28
CA SER B 241 2.05 -23.24 -11.33
C SER B 241 1.58 -21.81 -11.55
N GLY B 242 1.16 -21.49 -12.77
CA GLY B 242 0.79 -20.13 -13.10
C GLY B 242 1.87 -19.26 -13.74
N VAL B 243 3.12 -19.74 -13.87
CA VAL B 243 4.11 -18.94 -14.58
C VAL B 243 3.64 -18.71 -15.99
N ASN B 244 4.17 -17.66 -16.57
CA ASN B 244 3.99 -17.36 -17.97
C ASN B 244 5.27 -17.68 -18.69
N MET B 245 5.17 -18.53 -19.71
CA MET B 245 6.30 -18.83 -20.58
C MET B 245 5.84 -18.58 -22.00
N THR B 246 6.54 -17.69 -22.70
CA THR B 246 6.19 -17.44 -24.08
C THR B 246 7.44 -17.56 -24.93
N GLY B 247 7.27 -18.10 -26.13
CA GLY B 247 8.36 -18.17 -27.09
C GLY B 247 7.81 -18.33 -28.50
N PHE B 248 8.65 -18.80 -29.40
CA PHE B 248 8.26 -18.92 -30.81
C PHE B 248 8.50 -20.34 -31.28
N ARG B 249 7.85 -20.69 -32.38
CA ARG B 249 7.99 -22.01 -32.99
C ARG B 249 7.88 -21.91 -34.50
N ILE B 250 8.89 -22.39 -35.21
CA ILE B 250 8.88 -22.33 -36.67
C ILE B 250 8.46 -23.66 -37.25
N LEU B 251 8.52 -24.70 -36.44
CA LEU B 251 8.07 -26.02 -36.87
C LEU B 251 6.55 -25.98 -36.98
N ASN B 252 6.01 -26.25 -38.16
CA ASN B 252 4.59 -26.07 -38.44
C ASN B 252 3.75 -27.30 -38.04
N THR B 253 3.55 -27.47 -36.74
CA THR B 253 2.91 -28.67 -36.19
C THR B 253 1.39 -28.69 -36.34
N GLU B 254 0.78 -27.55 -36.65
CA GLU B 254 -0.66 -27.46 -36.82
C GLU B 254 -1.12 -28.11 -38.13
N ASN B 255 -0.28 -28.03 -39.15
CA ASN B 255 -0.55 -28.68 -40.42
C ASN B 255 -0.54 -30.20 -40.25
N THR B 256 -1.61 -30.85 -40.70
CA THR B 256 -1.77 -32.29 -40.44
C THR B 256 -0.72 -33.11 -41.18
N GLN B 257 -0.43 -32.73 -42.42
CA GLN B 257 0.60 -33.41 -43.21
C GLN B 257 1.97 -33.37 -42.52
N VAL B 258 2.26 -32.27 -41.81
CA VAL B 258 3.54 -32.12 -41.14
C VAL B 258 3.59 -32.89 -39.82
N SER B 259 2.43 -33.07 -39.18
CA SER B 259 2.37 -33.84 -37.94
C SER B 259 2.66 -35.30 -38.23
N SER B 260 2.10 -35.83 -39.31
CA SER B 260 2.28 -37.24 -39.64
C SER B 260 3.73 -37.56 -40.00
N ILE B 261 4.43 -36.57 -40.56
CA ILE B 261 5.84 -36.76 -40.92
C ILE B 261 6.71 -36.75 -39.67
N ILE B 262 6.42 -35.85 -38.73
CA ILE B 262 7.15 -35.80 -37.47
C ILE B 262 6.97 -37.08 -36.65
N GLU B 263 5.86 -37.77 -36.88
CA GLU B 263 5.58 -39.00 -36.17
C GLU B 263 6.44 -40.15 -36.69
N LYS B 264 6.43 -40.37 -38.01
CA LYS B 264 7.22 -41.43 -38.63
C LYS B 264 8.68 -41.30 -38.25
N TRP B 265 9.06 -40.06 -37.94
CA TRP B 265 10.40 -39.76 -37.51
C TRP B 265 10.65 -40.28 -36.10
N SER B 266 9.72 -39.97 -35.19
CA SER B 266 9.81 -40.42 -33.81
C SER B 266 9.92 -41.93 -33.67
N MET B 267 9.35 -42.65 -34.66
CA MET B 267 9.31 -44.10 -34.56
C MET B 267 10.68 -44.72 -34.82
N GLU B 268 11.38 -44.22 -35.82
CA GLU B 268 12.74 -44.68 -36.12
C GLU B 268 13.76 -44.04 -35.19
N ARG B 269 13.41 -42.91 -34.58
CA ARG B 269 14.32 -42.22 -33.68
C ARG B 269 14.09 -42.57 -32.21
N LEU B 270 12.89 -42.26 -31.70
CA LEU B 270 12.52 -42.57 -30.31
C LEU B 270 12.88 -44.00 -29.94
N GLN B 271 13.02 -44.86 -30.95
CA GLN B 271 13.43 -46.25 -30.79
C GLN B 271 14.82 -46.37 -30.16
N ALA B 272 15.57 -45.26 -30.16
CA ALA B 272 16.94 -45.21 -29.66
C ALA B 272 17.00 -44.25 -28.44
N PRO B 273 18.20 -43.91 -27.96
CA PRO B 273 18.35 -43.44 -26.57
C PRO B 273 17.64 -42.13 -26.16
N PRO B 274 16.67 -42.23 -25.23
CA PRO B 274 16.06 -41.09 -24.54
C PRO B 274 16.63 -40.91 -23.13
N LYS B 275 16.45 -39.76 -22.51
CA LYS B 275 17.00 -39.53 -21.18
C LYS B 275 15.92 -39.14 -20.18
N PRO B 276 16.16 -39.45 -18.89
CA PRO B 276 15.17 -39.28 -17.83
C PRO B 276 15.26 -37.92 -17.13
N ASP B 277 16.48 -37.48 -16.91
CA ASP B 277 16.76 -36.30 -16.12
C ASP B 277 16.95 -35.09 -17.03
N SER B 278 16.58 -35.24 -18.31
CA SER B 278 16.82 -34.20 -19.30
C SER B 278 15.89 -32.99 -19.12
N GLY B 279 14.60 -33.27 -19.01
CA GLY B 279 13.57 -32.24 -19.01
C GLY B 279 13.16 -31.91 -20.43
N LEU B 280 13.58 -32.76 -21.37
CA LEU B 280 13.13 -32.69 -22.76
C LEU B 280 12.19 -33.87 -23.02
N LEU B 281 11.21 -33.67 -23.90
CA LEU B 281 10.38 -34.77 -24.39
C LEU B 281 11.26 -35.67 -25.23
N ASP B 282 11.07 -36.97 -25.09
CA ASP B 282 11.83 -37.92 -25.90
C ASP B 282 11.22 -38.06 -27.29
N GLY B 283 12.08 -38.12 -28.31
CA GLY B 283 11.64 -38.34 -29.67
C GLY B 283 10.88 -37.19 -30.33
N PHE B 284 11.11 -35.96 -29.87
CA PHE B 284 10.57 -34.79 -30.55
C PHE B 284 11.58 -34.40 -31.62
N MET B 285 11.08 -34.01 -32.79
CA MET B 285 11.95 -33.57 -33.87
C MET B 285 12.41 -32.13 -33.65
N THR B 286 13.70 -31.94 -33.39
CA THR B 286 14.21 -30.61 -33.10
C THR B 286 14.29 -29.79 -34.39
N THR B 287 14.54 -28.50 -34.23
CA THR B 287 14.59 -27.60 -35.37
C THR B 287 15.84 -27.83 -36.21
N ASP B 288 16.98 -28.11 -35.58
CA ASP B 288 18.22 -28.41 -36.32
C ASP B 288 18.01 -29.51 -37.38
N ALA B 289 17.03 -30.39 -37.15
CA ALA B 289 16.84 -31.58 -37.96
C ALA B 289 15.72 -31.41 -38.97
N ALA B 290 14.69 -30.69 -38.57
CA ALA B 290 13.61 -30.33 -39.48
C ALA B 290 14.17 -29.45 -40.62
N LEU B 291 15.17 -28.64 -40.30
CA LEU B 291 15.76 -27.75 -41.28
C LEU B 291 16.59 -28.54 -42.28
N MET B 292 17.34 -29.53 -41.81
CA MET B 292 18.14 -30.34 -42.72
C MET B 292 17.21 -31.08 -43.68
N TYR B 293 16.14 -31.62 -43.14
CA TYR B 293 15.17 -32.36 -43.93
C TYR B 293 14.48 -31.44 -44.95
N ASP B 294 14.29 -30.18 -44.59
CA ASP B 294 13.66 -29.22 -45.49
C ASP B 294 14.65 -28.77 -46.55
N ALA B 295 15.92 -28.70 -46.18
CA ALA B 295 16.96 -28.30 -47.10
C ALA B 295 17.07 -29.30 -48.23
N VAL B 296 16.93 -30.59 -47.91
CA VAL B 296 17.07 -31.63 -48.93
C VAL B 296 15.89 -31.56 -49.90
N HIS B 297 14.74 -31.12 -49.41
CA HIS B 297 13.58 -30.92 -50.28
C HIS B 297 13.71 -29.66 -51.16
N VAL B 298 14.01 -28.51 -50.57
CA VAL B 298 14.11 -27.26 -51.32
C VAL B 298 15.13 -27.39 -52.45
N VAL B 299 16.31 -27.91 -52.14
CA VAL B 299 17.29 -28.19 -53.16
C VAL B 299 16.77 -29.14 -54.26
N SER B 300 15.97 -30.14 -53.89
CA SER B 300 15.39 -31.06 -54.88
C SER B 300 14.40 -30.38 -55.82
N VAL B 301 13.64 -29.42 -55.32
CA VAL B 301 12.72 -28.67 -56.14
C VAL B 301 13.49 -27.98 -57.28
N ALA B 302 14.74 -27.64 -56.98
CA ALA B 302 15.61 -26.98 -57.94
C ALA B 302 16.17 -27.97 -58.95
N VAL B 303 16.50 -29.16 -58.49
CA VAL B 303 16.99 -30.24 -59.33
C VAL B 303 15.97 -30.62 -60.39
N GLN B 304 14.69 -30.58 -60.03
CA GLN B 304 13.63 -30.92 -60.97
C GLN B 304 13.66 -30.00 -62.19
N GLN B 305 14.09 -28.75 -61.97
CA GLN B 305 14.10 -27.75 -63.02
C GLN B 305 15.41 -27.71 -63.83
N PHE B 306 16.28 -28.69 -63.60
CA PHE B 306 17.60 -28.71 -64.22
C PHE B 306 17.95 -30.15 -64.61
N PRO B 307 17.12 -30.78 -65.48
CA PRO B 307 17.34 -32.18 -65.87
C PRO B 307 18.67 -32.43 -66.59
N GLN B 308 19.27 -31.39 -67.16
CA GLN B 308 20.52 -31.53 -67.90
C GLN B 308 21.67 -31.89 -66.94
N MET B 309 21.58 -31.38 -65.73
CA MET B 309 22.68 -31.42 -64.77
C MET B 309 23.14 -32.83 -64.39
N THR B 310 24.45 -32.95 -64.23
CA THR B 310 25.08 -34.18 -63.77
C THR B 310 26.28 -33.81 -62.93
N VAL B 311 26.67 -34.74 -62.08
CA VAL B 311 27.80 -34.52 -61.20
C VAL B 311 29.11 -34.62 -61.97
N SER B 312 30.14 -33.90 -61.50
CA SER B 312 31.49 -34.00 -62.07
C SER B 312 32.49 -34.28 -60.97
N SER B 313 33.53 -35.05 -61.28
CA SER B 313 34.59 -35.30 -60.33
C SER B 313 35.52 -34.10 -60.35
N LEU B 314 35.47 -33.31 -59.30
CA LEU B 314 36.28 -32.11 -59.16
C LEU B 314 37.42 -32.33 -58.18
N GLN B 315 38.53 -31.65 -58.44
CA GLN B 315 39.71 -31.80 -57.64
C GLN B 315 40.08 -30.46 -56.99
N CYS B 316 40.27 -30.47 -55.68
CA CYS B 316 40.63 -29.25 -54.97
C CYS B 316 41.99 -28.73 -55.44
N ASN B 317 42.85 -29.63 -55.93
CA ASN B 317 44.12 -29.26 -56.54
C ASN B 317 43.98 -28.14 -57.56
N ARG B 318 43.02 -28.32 -58.46
CA ARG B 318 42.90 -27.49 -59.65
C ARG B 318 41.80 -26.43 -59.52
N HIS B 319 41.99 -25.30 -60.18
CA HIS B 319 41.09 -24.17 -60.02
C HIS B 319 39.92 -24.23 -60.99
N LYS B 320 39.54 -25.45 -61.38
CA LYS B 320 38.52 -25.65 -62.41
C LYS B 320 37.16 -25.97 -61.79
N PRO B 321 36.22 -25.00 -61.80
CA PRO B 321 34.90 -25.17 -61.21
C PRO B 321 33.96 -26.05 -62.01
N TRP B 322 32.83 -26.35 -61.37
CA TRP B 322 31.79 -27.19 -61.94
C TRP B 322 30.96 -26.41 -62.95
N ARG B 323 30.77 -26.98 -64.15
CA ARG B 323 30.02 -26.32 -65.22
C ARG B 323 28.66 -25.81 -64.78
N PHE B 324 27.92 -26.68 -64.10
CA PHE B 324 26.51 -26.41 -63.81
C PHE B 324 26.31 -25.65 -62.51
N GLY B 325 27.40 -25.28 -61.84
CA GLY B 325 27.30 -24.71 -60.51
C GLY B 325 26.51 -23.41 -60.49
N THR B 326 26.93 -22.46 -61.31
CA THR B 326 26.34 -21.15 -61.32
C THR B 326 24.83 -21.19 -61.53
N ARG B 327 24.38 -22.05 -62.43
CA ARG B 327 22.97 -22.14 -62.78
C ARG B 327 22.16 -22.85 -61.69
N PHE B 328 22.75 -23.90 -61.11
CA PHE B 328 22.11 -24.62 -60.02
C PHE B 328 21.96 -23.72 -58.80
N MET B 329 23.04 -23.03 -58.42
CA MET B 329 22.99 -22.11 -57.30
C MET B 329 21.87 -21.10 -57.50
N SER B 330 21.70 -20.63 -58.72
CA SER B 330 20.66 -19.63 -59.00
C SER B 330 19.26 -20.24 -58.84
N LEU B 331 19.10 -21.50 -59.22
CA LEU B 331 17.80 -22.16 -59.12
C LEU B 331 17.42 -22.40 -57.67
N ILE B 332 18.42 -22.71 -56.85
CA ILE B 332 18.21 -22.96 -55.44
C ILE B 332 17.76 -21.67 -54.75
N LYS B 333 18.43 -20.56 -55.03
CA LYS B 333 18.07 -19.30 -54.40
C LYS B 333 16.68 -18.82 -54.80
N GLU B 334 16.20 -19.28 -55.96
CA GLU B 334 14.89 -18.85 -56.45
C GLU B 334 13.79 -19.78 -55.95
N ALA B 335 14.18 -20.88 -55.33
CA ALA B 335 13.23 -21.94 -55.00
C ALA B 335 12.28 -21.54 -53.89
N HIS B 336 11.12 -22.19 -53.89
CA HIS B 336 10.02 -21.95 -52.96
C HIS B 336 9.50 -23.33 -52.58
N TRP B 337 9.18 -23.52 -51.31
CA TRP B 337 8.78 -24.84 -50.83
C TRP B 337 8.04 -24.76 -49.51
N GLU B 338 6.99 -25.56 -49.37
CA GLU B 338 6.30 -25.72 -48.09
C GLU B 338 6.82 -26.97 -47.41
N GLY B 339 7.64 -26.79 -46.37
CA GLY B 339 8.22 -27.92 -45.66
C GLY B 339 7.82 -27.95 -44.20
N LEU B 340 8.52 -28.77 -43.43
CA LEU B 340 8.26 -28.88 -42.01
C LEU B 340 8.29 -27.53 -41.31
N THR B 341 9.06 -26.58 -41.83
CA THR B 341 9.25 -25.31 -41.15
C THR B 341 8.54 -24.14 -41.85
N GLY B 342 7.44 -24.44 -42.54
CA GLY B 342 6.64 -23.39 -43.15
C GLY B 342 7.11 -22.97 -44.52
N ARG B 343 6.77 -21.74 -44.93
CA ARG B 343 7.22 -21.17 -46.19
C ARG B 343 8.73 -21.12 -46.22
N ILE B 344 9.34 -21.72 -47.22
CA ILE B 344 10.76 -21.54 -47.42
C ILE B 344 10.97 -20.62 -48.61
N THR B 345 11.77 -19.59 -48.42
CA THR B 345 12.06 -18.63 -49.47
C THR B 345 13.31 -17.86 -49.08
N PHE B 346 14.26 -17.79 -50.00
CA PHE B 346 15.50 -17.09 -49.69
C PHE B 346 15.48 -15.66 -50.19
N ASN B 347 16.39 -14.88 -49.62
CA ASN B 347 16.55 -13.47 -49.93
C ASN B 347 17.38 -13.35 -51.19
N LYS B 348 16.82 -12.73 -52.22
CA LYS B 348 17.55 -12.52 -53.47
C LYS B 348 18.97 -12.03 -53.18
N THR B 349 19.06 -11.02 -52.32
CA THR B 349 20.32 -10.35 -52.00
C THR B 349 21.42 -11.27 -51.42
N ASN B 350 21.19 -11.91 -50.28
CA ASN B 350 22.28 -12.63 -49.58
C ASN B 350 22.10 -14.14 -49.39
N GLY B 351 21.00 -14.68 -49.88
CA GLY B 351 20.74 -16.11 -49.77
C GLY B 351 20.40 -16.54 -48.35
N LEU B 352 20.08 -15.58 -47.50
CA LEU B 352 19.67 -15.85 -46.13
C LEU B 352 18.15 -15.94 -46.08
N ARG B 353 17.63 -16.78 -45.19
CA ARG B 353 16.19 -16.91 -45.03
C ARG B 353 15.70 -15.81 -44.11
N THR B 354 15.29 -14.67 -44.66
CA THR B 354 14.94 -13.54 -43.82
C THR B 354 13.44 -13.40 -43.69
N ASP B 355 12.69 -14.05 -44.59
CA ASP B 355 11.24 -13.99 -44.52
C ASP B 355 10.70 -15.39 -44.26
N PHE B 356 9.98 -15.55 -43.16
CA PHE B 356 9.45 -16.86 -42.74
C PHE B 356 8.24 -16.66 -41.82
N ASP B 357 7.58 -17.75 -41.47
CA ASP B 357 6.42 -17.68 -40.60
C ASP B 357 6.67 -18.38 -39.25
N LEU B 358 6.40 -17.67 -38.17
CA LEU B 358 6.45 -18.25 -36.82
C LEU B 358 5.06 -18.36 -36.17
N ASP B 359 4.79 -19.49 -35.54
CA ASP B 359 3.70 -19.58 -34.56
C ASP B 359 4.21 -18.98 -33.25
N VAL B 360 3.34 -18.28 -32.51
CA VAL B 360 3.73 -17.78 -31.20
C VAL B 360 3.05 -18.65 -30.13
N ILE B 361 3.85 -19.25 -29.25
CA ILE B 361 3.33 -20.18 -28.24
C ILE B 361 3.55 -19.72 -26.79
N SER B 362 2.59 -20.05 -25.92
CA SER B 362 2.59 -19.65 -24.51
C SER B 362 2.11 -20.81 -23.62
N LEU B 363 2.56 -20.86 -22.38
CA LEU B 363 2.18 -21.92 -21.46
C LEU B 363 0.80 -21.63 -20.85
N LYS B 364 -0.18 -22.45 -21.19
CA LYS B 364 -1.46 -22.45 -20.52
C LYS B 364 -1.49 -23.67 -19.62
N GLU B 365 -2.49 -23.80 -18.76
CA GLU B 365 -2.55 -24.97 -17.88
C GLU B 365 -2.62 -26.28 -18.67
N GLU B 366 -3.12 -26.21 -19.90
CA GLU B 366 -3.26 -27.41 -20.74
C GLU B 366 -1.93 -27.88 -21.34
N GLY B 367 -0.94 -27.00 -21.34
CA GLY B 367 0.33 -27.26 -21.98
C GLY B 367 0.75 -26.05 -22.81
N LEU B 368 1.73 -26.22 -23.70
CA LEU B 368 2.10 -25.14 -24.62
C LEU B 368 1.15 -25.10 -25.79
N GLU B 369 0.58 -23.93 -26.05
CA GLU B 369 -0.43 -23.79 -27.09
C GLU B 369 -0.20 -22.51 -27.91
N LYS B 370 -0.71 -22.49 -29.13
CA LYS B 370 -0.56 -21.35 -30.03
C LYS B 370 -1.47 -20.20 -29.62
N ILE B 371 -0.94 -18.98 -29.61
CA ILE B 371 -1.74 -17.80 -29.29
C ILE B 371 -1.61 -16.69 -30.34
N GLY B 372 -0.93 -16.96 -31.45
CA GLY B 372 -0.81 -15.99 -32.51
C GLY B 372 0.16 -16.41 -33.61
N THR B 373 0.62 -15.43 -34.39
CA THR B 373 1.62 -15.66 -35.41
C THR B 373 2.54 -14.45 -35.53
N TRP B 374 3.67 -14.62 -36.23
CA TRP B 374 4.53 -13.49 -36.56
C TRP B 374 5.15 -13.68 -37.94
N ASP B 375 5.26 -12.59 -38.68
CA ASP B 375 6.04 -12.59 -39.93
C ASP B 375 6.54 -11.18 -40.14
N PRO B 376 7.69 -11.03 -40.82
CA PRO B 376 8.32 -9.70 -40.81
C PRO B 376 7.47 -8.58 -41.42
N ALA B 377 6.48 -8.91 -42.25
CA ALA B 377 5.66 -7.87 -42.88
C ALA B 377 4.42 -7.44 -42.11
N SER B 378 4.03 -8.23 -41.11
CA SER B 378 2.77 -7.98 -40.40
C SER B 378 2.98 -7.70 -38.92
N GLY B 379 4.16 -8.04 -38.43
CA GLY B 379 4.38 -8.05 -36.99
C GLY B 379 3.57 -9.17 -36.38
N LEU B 380 3.00 -8.94 -35.21
CA LEU B 380 2.18 -9.96 -34.59
C LEU B 380 0.77 -9.95 -35.14
N ASN B 381 0.18 -11.15 -35.19
CA ASN B 381 -1.23 -11.34 -35.47
C ASN B 381 -1.80 -12.15 -34.32
N MET B 382 -1.88 -11.56 -33.14
CA MET B 382 -2.37 -12.28 -31.98
C MET B 382 -3.87 -12.46 -32.11
N THR B 383 -4.32 -13.65 -31.74
CA THR B 383 -5.74 -14.00 -31.84
C THR B 383 -6.38 -13.98 -30.46
N GLU B 384 -6.75 -12.79 -30.00
CA GLU B 384 -7.31 -12.61 -28.67
C GLU B 384 -8.69 -13.24 -28.56
N ASN B 399 -37.96 3.33 -32.82
CA ASN B 399 -36.98 3.44 -31.78
C ASN B 399 -37.63 3.89 -30.48
N ARG B 400 -37.09 3.41 -29.37
CA ARG B 400 -37.58 3.81 -28.04
C ARG B 400 -37.51 5.32 -27.91
N SER B 401 -38.60 5.89 -27.38
CA SER B 401 -38.60 7.34 -27.07
C SER B 401 -37.59 7.65 -25.97
N LEU B 402 -36.86 8.73 -26.07
CA LEU B 402 -35.96 9.15 -25.01
C LEU B 402 -36.71 9.78 -23.86
N ILE B 403 -36.30 9.42 -22.64
CA ILE B 403 -36.88 10.04 -21.48
C ILE B 403 -36.09 11.30 -21.18
N VAL B 404 -36.77 12.42 -21.14
CA VAL B 404 -36.15 13.73 -20.92
C VAL B 404 -36.57 14.31 -19.60
N THR B 405 -35.64 14.43 -18.66
CA THR B 405 -35.95 14.99 -17.37
C THR B 405 -35.83 16.49 -17.47
N THR B 406 -36.68 17.18 -16.72
CA THR B 406 -36.68 18.64 -16.69
C THR B 406 -37.25 19.07 -15.36
N ILE B 407 -37.38 20.39 -15.21
CA ILE B 407 -37.87 21.00 -13.94
C ILE B 407 -38.63 22.25 -14.32
N LEU B 408 -39.67 22.60 -13.58
CA LEU B 408 -40.42 23.82 -13.87
C LEU B 408 -39.58 25.00 -13.48
N GLU B 409 -39.42 25.92 -14.39
CA GLU B 409 -38.63 27.12 -14.16
C GLU B 409 -38.97 28.12 -15.25
N GLU B 410 -39.69 29.19 -15.00
CA GLU B 410 -40.07 30.17 -16.04
C GLU B 410 -38.85 30.96 -16.43
N PRO B 411 -38.67 31.25 -17.73
CA PRO B 411 -39.48 30.93 -18.90
C PRO B 411 -38.92 29.76 -19.69
N TYR B 412 -38.11 28.94 -19.03
CA TYR B 412 -37.49 27.76 -19.65
C TYR B 412 -38.48 26.61 -19.83
N VAL B 413 -39.25 26.32 -18.76
CA VAL B 413 -40.18 25.18 -18.74
C VAL B 413 -41.36 25.57 -17.88
N LEU B 414 -42.53 25.58 -18.44
CA LEU B 414 -43.76 25.90 -17.74
C LEU B 414 -44.83 24.96 -18.17
N PHE B 415 -45.87 24.88 -17.36
CA PHE B 415 -47.11 24.26 -17.78
C PHE B 415 -47.90 25.30 -18.53
N LYS B 416 -48.38 24.90 -19.72
CA LYS B 416 -49.30 25.71 -20.51
C LYS B 416 -50.60 25.97 -19.75
N LYS B 417 -51.14 27.18 -19.90
CA LYS B 417 -52.45 27.54 -19.41
C LYS B 417 -53.49 27.09 -20.42
N SER B 418 -54.50 26.42 -19.94
CA SER B 418 -55.61 26.00 -20.81
C SER B 418 -56.82 25.71 -19.99
N ASP B 419 -57.97 25.73 -20.64
CA ASP B 419 -59.20 25.29 -20.01
C ASP B 419 -59.37 23.75 -20.07
N LYS B 420 -59.27 23.13 -21.24
CA LYS B 420 -59.28 21.67 -21.34
C LYS B 420 -58.01 21.15 -20.70
N PRO B 421 -58.07 20.00 -20.01
CA PRO B 421 -56.83 19.41 -19.53
C PRO B 421 -55.93 18.99 -20.67
N LEU B 422 -54.64 19.13 -20.41
CA LEU B 422 -53.62 18.75 -21.36
C LEU B 422 -52.88 17.50 -20.86
N TYR B 423 -52.32 16.77 -21.81
CA TYR B 423 -51.71 15.47 -21.61
C TYR B 423 -50.32 15.34 -22.21
N GLY B 424 -49.49 14.59 -21.50
CA GLY B 424 -48.19 14.21 -22.01
C GLY B 424 -47.34 15.44 -22.33
N ASN B 425 -46.66 15.36 -23.45
CA ASN B 425 -45.73 16.42 -23.81
C ASN B 425 -46.45 17.72 -24.06
N ASP B 426 -47.73 17.61 -24.44
CA ASP B 426 -48.52 18.78 -24.79
C ASP B 426 -48.77 19.71 -23.59
N ARG B 427 -48.46 19.25 -22.39
CA ARG B 427 -48.64 20.07 -21.20
C ARG B 427 -47.64 21.21 -21.09
N PHE B 428 -46.52 21.12 -21.79
CA PHE B 428 -45.35 21.95 -21.48
C PHE B 428 -45.08 22.99 -22.55
N GLU B 429 -44.54 24.14 -22.13
CA GLU B 429 -44.00 25.13 -23.06
C GLU B 429 -42.82 25.79 -22.44
N GLY B 430 -42.08 26.56 -23.23
CA GLY B 430 -40.98 27.39 -22.76
C GLY B 430 -39.76 27.29 -23.65
N TYR B 431 -38.73 28.07 -23.33
CA TYR B 431 -37.49 28.02 -24.14
C TYR B 431 -36.92 26.64 -24.27
N CYS B 432 -36.83 25.91 -23.15
CA CYS B 432 -36.25 24.58 -23.21
C CYS B 432 -37.10 23.60 -23.93
N ILE B 433 -38.40 23.78 -23.91
CA ILE B 433 -39.30 22.92 -24.64
C ILE B 433 -39.14 23.15 -26.15
N ASP B 434 -39.02 24.41 -26.55
CA ASP B 434 -38.70 24.72 -27.95
C ASP B 434 -37.34 24.18 -28.37
N LEU B 435 -36.37 24.28 -27.48
CA LEU B 435 -35.07 23.69 -27.78
C LEU B 435 -35.18 22.18 -28.00
N LEU B 436 -35.87 21.50 -27.10
CA LEU B 436 -36.05 20.04 -27.21
C LEU B 436 -36.68 19.67 -28.50
N ARG B 437 -37.73 20.40 -28.91
CA ARG B 437 -38.39 20.12 -30.16
C ARG B 437 -37.42 20.26 -31.34
N GLU B 438 -36.62 21.30 -31.33
CA GLU B 438 -35.64 21.46 -32.42
C GLU B 438 -34.61 20.36 -32.41
N LEU B 439 -34.11 19.98 -31.25
CA LEU B 439 -33.15 18.89 -31.21
C LEU B 439 -33.76 17.60 -31.72
N SER B 440 -35.01 17.34 -31.38
CA SER B 440 -35.67 16.11 -31.78
C SER B 440 -35.79 16.01 -33.29
N THR B 441 -36.01 17.13 -33.95
CA THR B 441 -36.12 17.15 -35.39
C THR B 441 -34.78 17.02 -36.10
N ILE B 442 -33.75 17.69 -35.60
CA ILE B 442 -32.40 17.60 -36.12
C ILE B 442 -31.85 16.21 -36.00
N LEU B 443 -31.98 15.61 -34.83
CA LEU B 443 -31.36 14.31 -34.49
C LEU B 443 -32.26 13.13 -34.81
N GLY B 444 -33.56 13.37 -34.96
CA GLY B 444 -34.50 12.30 -35.28
C GLY B 444 -34.76 11.34 -34.16
N PHE B 445 -35.23 11.88 -33.05
CA PHE B 445 -35.71 11.03 -31.97
C PHE B 445 -37.08 11.50 -31.51
N THR B 446 -37.82 10.60 -30.89
CA THR B 446 -39.03 10.95 -30.13
C THR B 446 -38.70 10.95 -28.64
N TYR B 447 -39.59 11.52 -27.83
CA TYR B 447 -39.27 11.74 -26.44
C TYR B 447 -40.52 11.86 -25.57
N GLU B 448 -40.27 11.65 -24.28
CA GLU B 448 -41.31 11.80 -23.25
C GLU B 448 -40.70 12.70 -22.18
N ILE B 449 -41.34 13.85 -21.96
CA ILE B 449 -40.91 14.80 -20.92
C ILE B 449 -41.39 14.33 -19.56
N ARG B 450 -40.50 14.24 -18.59
CA ARG B 450 -40.83 13.86 -17.22
C ARG B 450 -40.22 14.86 -16.25
N LEU B 451 -40.97 15.47 -15.39
CA LEU B 451 -40.46 16.39 -14.35
C LEU B 451 -39.65 15.58 -13.34
N VAL B 452 -38.47 16.08 -12.98
CA VAL B 452 -37.61 15.38 -12.06
C VAL B 452 -38.36 15.10 -10.78
N GLU B 453 -38.28 13.86 -10.33
CA GLU B 453 -39.16 13.43 -9.27
C GLU B 453 -38.92 14.17 -7.97
N ASP B 454 -37.69 14.45 -7.63
CA ASP B 454 -37.37 15.12 -6.36
C ASP B 454 -37.35 16.64 -6.42
N GLY B 455 -37.67 17.19 -7.58
CA GLY B 455 -37.76 18.63 -7.72
C GLY B 455 -36.46 19.44 -7.59
N LYS B 456 -35.32 18.77 -7.78
CA LYS B 456 -34.01 19.41 -7.60
C LYS B 456 -33.18 19.36 -8.86
N TYR B 457 -32.23 20.30 -8.96
CA TYR B 457 -31.30 20.37 -10.05
C TYR B 457 -30.23 19.35 -9.85
N GLY B 458 -29.51 19.41 -8.75
CA GLY B 458 -28.62 18.33 -8.39
C GLY B 458 -27.34 18.74 -7.68
N ALA B 459 -27.12 18.16 -6.51
CA ALA B 459 -25.92 18.37 -5.73
C ALA B 459 -25.55 17.08 -5.04
N GLN B 460 -24.30 16.99 -4.62
CA GLN B 460 -23.80 15.82 -3.88
C GLN B 460 -23.84 15.99 -2.41
N ASP B 461 -24.29 14.95 -1.71
CA ASP B 461 -24.29 14.93 -0.25
C ASP B 461 -22.88 14.64 0.24
N ASP B 462 -22.33 15.48 1.09
CA ASP B 462 -20.94 15.29 1.49
C ASP B 462 -20.76 14.13 2.47
N VAL B 463 -21.83 13.73 3.15
CA VAL B 463 -21.71 12.60 4.10
C VAL B 463 -21.75 11.26 3.39
N ASN B 464 -22.71 11.05 2.50
CA ASN B 464 -22.88 9.75 1.85
C ASN B 464 -22.43 9.70 0.40
N GLY B 465 -22.05 10.85 -0.13
CA GLY B 465 -21.52 10.93 -1.48
C GLY B 465 -22.56 10.85 -2.60
N GLN B 466 -23.83 10.76 -2.27
CA GLN B 466 -24.88 10.56 -3.28
C GLN B 466 -25.36 11.86 -3.89
N TRP B 467 -25.67 11.84 -5.17
CA TRP B 467 -26.28 12.98 -5.88
C TRP B 467 -27.77 12.91 -5.81
N ASN B 468 -28.40 14.04 -6.04
CA ASN B 468 -29.82 14.10 -6.15
C ASN B 468 -30.21 14.82 -7.45
N GLY B 469 -31.50 15.08 -7.64
CA GLY B 469 -31.97 15.88 -8.73
C GLY B 469 -31.82 15.27 -10.10
N MET B 470 -31.79 16.12 -11.10
CA MET B 470 -31.67 15.72 -12.48
C MET B 470 -30.33 15.07 -12.65
N VAL B 471 -29.28 15.52 -11.97
CA VAL B 471 -27.97 14.92 -12.11
C VAL B 471 -28.06 13.46 -11.74
N ARG B 472 -28.69 13.16 -10.59
CA ARG B 472 -28.80 11.78 -10.18
C ARG B 472 -29.65 10.95 -11.13
N GLU B 473 -30.70 11.50 -11.73
CA GLU B 473 -31.51 10.76 -12.68
C GLU B 473 -30.66 10.37 -13.88
N LEU B 474 -29.75 11.25 -14.33
CA LEU B 474 -28.84 10.87 -15.41
C LEU B 474 -27.83 9.82 -14.98
N ILE B 475 -27.23 9.97 -13.80
CA ILE B 475 -26.26 8.99 -13.34
C ILE B 475 -26.85 7.57 -13.32
N ASP B 476 -28.09 7.50 -12.86
CA ASP B 476 -28.79 6.24 -12.71
C ASP B 476 -29.49 5.75 -13.96
N HIS B 477 -29.35 6.48 -15.06
CA HIS B 477 -30.02 6.12 -16.34
C HIS B 477 -31.51 6.03 -16.19
N LYS B 478 -32.06 6.92 -15.37
CA LYS B 478 -33.50 7.10 -15.26
C LYS B 478 -34.00 8.06 -16.29
N ALA B 479 -33.06 8.75 -16.91
CA ALA B 479 -33.42 9.67 -18.01
C ALA B 479 -32.32 9.55 -19.03
N ASP B 480 -32.67 9.80 -20.28
CA ASP B 480 -31.66 9.84 -21.38
C ASP B 480 -31.02 11.22 -21.52
N LEU B 481 -31.78 12.27 -21.28
CA LEU B 481 -31.33 13.66 -21.40
C LEU B 481 -31.97 14.46 -20.31
N ALA B 482 -31.27 15.49 -19.89
CA ALA B 482 -31.86 16.58 -19.09
C ALA B 482 -31.88 17.84 -19.91
N VAL B 483 -33.02 18.33 -20.24
CA VAL B 483 -33.16 19.55 -21.05
C VAL B 483 -33.84 20.57 -20.18
N ALA B 484 -33.05 21.52 -19.67
CA ALA B 484 -33.43 22.39 -18.57
C ALA B 484 -32.38 23.49 -18.45
N PRO B 485 -32.61 24.49 -17.63
CA PRO B 485 -31.52 25.44 -17.34
C PRO B 485 -30.56 24.81 -16.35
N LEU B 486 -29.82 23.84 -16.84
CA LEU B 486 -28.92 23.01 -16.03
C LEU B 486 -27.49 23.51 -16.22
N ALA B 487 -26.88 24.07 -15.20
CA ALA B 487 -25.58 24.70 -15.31
C ALA B 487 -24.52 23.64 -15.43
N ILE B 488 -23.61 23.89 -16.36
CA ILE B 488 -22.39 23.09 -16.58
C ILE B 488 -21.40 23.53 -15.54
N THR B 489 -21.04 22.65 -14.63
CA THR B 489 -20.16 22.97 -13.54
C THR B 489 -19.05 21.89 -13.41
N TYR B 490 -17.93 22.27 -12.81
CA TYR B 490 -16.86 21.38 -12.57
C TYR B 490 -17.31 20.12 -11.87
N VAL B 491 -18.04 20.22 -10.75
CA VAL B 491 -18.36 18.98 -10.02
C VAL B 491 -19.30 18.11 -10.83
N ARG B 492 -20.22 18.70 -11.62
CA ARG B 492 -21.15 17.89 -12.36
C ARG B 492 -20.50 17.22 -13.58
N GLU B 493 -19.57 17.92 -14.23
CA GLU B 493 -18.95 17.36 -15.45
C GLU B 493 -18.11 16.16 -15.08
N LYS B 494 -17.73 15.94 -13.81
CA LYS B 494 -17.02 14.75 -13.41
C LYS B 494 -17.90 13.52 -13.33
N VAL B 495 -19.22 13.72 -13.22
CA VAL B 495 -20.15 12.60 -13.07
C VAL B 495 -21.18 12.38 -14.17
N ILE B 496 -21.52 13.41 -14.92
CA ILE B 496 -22.42 13.37 -16.09
C ILE B 496 -21.73 14.09 -17.24
N ASP B 497 -22.33 14.01 -18.42
CA ASP B 497 -21.79 14.68 -19.64
C ASP B 497 -22.75 15.65 -20.30
N PHE B 498 -22.27 16.85 -20.50
CA PHE B 498 -23.04 17.95 -20.99
C PHE B 498 -22.69 18.28 -22.43
N SER B 499 -23.71 18.70 -23.16
CA SER B 499 -23.45 19.37 -24.43
C SER B 499 -22.72 20.66 -24.15
N LYS B 500 -22.14 21.22 -25.20
CA LYS B 500 -21.68 22.62 -25.13
C LYS B 500 -22.87 23.54 -24.88
N PRO B 501 -22.60 24.73 -24.34
CA PRO B 501 -23.71 25.55 -23.85
C PRO B 501 -24.64 26.10 -24.89
N PHE B 502 -25.93 26.15 -24.58
CA PHE B 502 -26.89 26.86 -25.40
C PHE B 502 -27.15 28.31 -24.93
N MET B 503 -26.67 28.64 -23.72
CA MET B 503 -26.91 29.90 -23.02
C MET B 503 -25.69 30.15 -22.13
N THR B 504 -25.21 31.37 -21.99
CA THR B 504 -24.16 31.73 -21.03
C THR B 504 -24.74 32.73 -20.02
N LEU B 505 -24.24 32.68 -18.80
CA LEU B 505 -24.82 33.40 -17.70
C LEU B 505 -23.86 33.49 -16.55
N GLY B 506 -24.24 34.10 -15.45
CA GLY B 506 -23.45 34.03 -14.24
C GLY B 506 -24.31 34.24 -13.05
N ILE B 507 -23.78 33.93 -11.88
CA ILE B 507 -24.48 34.24 -10.64
C ILE B 507 -24.47 35.75 -10.41
N SER B 508 -25.60 36.30 -9.96
CA SER B 508 -25.67 37.67 -9.52
C SER B 508 -26.69 37.78 -8.36
N ILE B 509 -27.09 38.99 -8.02
CA ILE B 509 -27.92 39.24 -6.85
C ILE B 509 -29.19 39.91 -7.29
N LEU B 510 -30.30 39.38 -6.82
CA LEU B 510 -31.61 39.99 -6.97
C LEU B 510 -32.03 40.64 -5.65
N TYR B 511 -32.44 41.90 -5.67
CA TYR B 511 -32.83 42.60 -4.44
C TYR B 511 -33.84 43.66 -4.78
N ARG B 512 -34.41 44.27 -3.78
CA ARG B 512 -35.28 45.45 -3.98
C ARG B 512 -34.46 46.69 -4.40
N LYS B 513 -35.10 47.54 -5.16
CA LYS B 513 -34.54 48.84 -5.51
C LYS B 513 -34.39 49.71 -4.32
N GLY B 520 -40.30 62.31 7.35
CA GLY B 520 -40.86 62.12 8.68
C GLY B 520 -40.39 63.19 9.65
N VAL B 521 -41.27 64.16 9.90
CA VAL B 521 -40.97 65.23 10.85
C VAL B 521 -40.69 64.66 12.24
N PHE B 522 -40.91 63.36 12.39
CA PHE B 522 -40.71 62.68 13.66
C PHE B 522 -39.23 62.39 13.95
N SER B 523 -38.35 62.84 13.06
CA SER B 523 -36.92 62.72 13.30
C SER B 523 -36.42 63.99 13.99
N PHE B 524 -37.34 64.92 14.22
CA PHE B 524 -37.04 66.17 14.88
C PHE B 524 -37.58 66.15 16.31
N LEU B 525 -38.63 65.36 16.52
CA LEU B 525 -39.23 65.21 17.84
C LEU B 525 -38.50 64.13 18.64
N ASN B 526 -37.64 63.39 17.97
CA ASN B 526 -36.90 62.30 18.62
C ASN B 526 -35.70 62.81 19.43
N PRO B 527 -34.83 63.61 18.78
CA PRO B 527 -33.66 64.14 19.47
C PRO B 527 -34.04 64.66 20.85
N LEU B 528 -34.93 65.64 20.88
CA LEU B 528 -35.44 66.10 22.15
C LEU B 528 -36.80 65.45 22.37
N SER B 529 -36.85 64.62 23.41
CA SER B 529 -37.99 63.78 23.74
C SER B 529 -39.23 64.62 23.95
N PRO B 530 -40.38 64.04 23.62
CA PRO B 530 -41.64 64.73 23.81
C PRO B 530 -41.82 65.17 25.26
N ASP B 531 -41.31 64.34 26.17
CA ASP B 531 -41.42 64.62 27.59
C ASP B 531 -40.58 65.84 27.95
N ILE B 532 -39.46 66.00 27.25
CA ILE B 532 -38.57 67.11 27.51
C ILE B 532 -39.09 68.43 26.91
N TRP B 533 -39.68 68.34 25.72
CA TRP B 533 -40.31 69.52 25.11
C TRP B 533 -41.41 70.04 26.02
N MET B 534 -42.07 69.13 26.71
CA MET B 534 -43.16 69.50 27.61
C MET B 534 -42.64 70.27 28.82
N TYR B 535 -41.71 69.65 29.54
CA TYR B 535 -41.16 70.26 30.75
C TYR B 535 -40.49 71.60 30.47
N VAL B 536 -39.81 71.70 29.33
CA VAL B 536 -39.16 72.95 28.95
C VAL B 536 -40.20 74.04 28.69
N LEU B 537 -41.42 73.63 28.42
CA LEU B 537 -42.53 74.57 28.21
C LEU B 537 -43.20 74.89 29.55
N TRP B 609 -32.26 80.82 34.18
CA TRP B 609 -33.06 80.37 33.06
C TRP B 609 -32.24 80.33 31.78
N TRP B 610 -31.30 81.27 31.66
CA TRP B 610 -30.40 81.30 30.51
C TRP B 610 -29.45 80.12 30.53
N PHE B 611 -28.90 79.83 31.70
CA PHE B 611 -28.01 78.69 31.88
C PHE B 611 -28.76 77.39 31.63
N PHE B 612 -30.05 77.39 31.97
CA PHE B 612 -30.90 76.23 31.77
C PHE B 612 -31.10 75.94 30.27
N THR B 613 -31.52 76.97 29.53
CA THR B 613 -31.75 76.82 28.11
C THR B 613 -30.44 76.56 27.35
N LEU B 614 -29.35 77.08 27.89
CA LEU B 614 -28.03 76.86 27.30
C LEU B 614 -27.70 75.37 27.27
N ILE B 615 -27.92 74.71 28.41
CA ILE B 615 -27.65 73.28 28.53
C ILE B 615 -28.54 72.49 27.57
N ILE B 616 -29.82 72.83 27.53
CA ILE B 616 -30.77 72.12 26.68
C ILE B 616 -30.42 72.21 25.19
N ILE B 617 -30.22 73.42 24.71
CA ILE B 617 -29.88 73.62 23.29
C ILE B 617 -28.54 72.96 22.96
N SER B 618 -27.66 72.89 23.94
CA SER B 618 -26.38 72.20 23.76
C SER B 618 -26.60 70.70 23.67
N SER B 619 -27.50 70.19 24.51
CA SER B 619 -27.86 68.78 24.49
C SER B 619 -28.52 68.41 23.17
N TYR B 620 -29.46 69.22 22.73
CA TYR B 620 -30.14 68.99 21.46
C TYR B 620 -29.14 68.94 20.31
N THR B 621 -28.21 69.88 20.30
CA THR B 621 -27.21 69.95 19.24
C THR B 621 -26.31 68.72 19.25
N ALA B 622 -25.79 68.38 20.42
CA ALA B 622 -24.91 67.23 20.58
C ALA B 622 -25.62 65.94 20.18
N ASN B 623 -26.81 65.73 20.70
CA ASN B 623 -27.60 64.54 20.40
C ASN B 623 -27.93 64.41 18.92
N LEU B 624 -28.27 65.54 18.31
CA LEU B 624 -28.62 65.55 16.89
C LEU B 624 -27.41 65.19 16.04
N ALA B 625 -26.22 65.45 16.55
CA ALA B 625 -24.99 65.11 15.85
C ALA B 625 -24.78 63.59 15.82
N ALA B 626 -25.36 62.88 16.79
CA ALA B 626 -25.12 61.44 16.96
C ALA B 626 -25.76 60.60 15.86
N PHE B 627 -27.04 60.79 15.63
CA PHE B 627 -27.77 60.03 14.62
C PHE B 627 -27.15 60.20 13.23
N LEU B 628 -26.69 61.41 12.95
CA LEU B 628 -26.15 61.72 11.63
C LEU B 628 -24.69 61.28 11.49
N THR B 629 -24.10 60.86 12.60
CA THR B 629 -22.72 60.39 12.60
C THR B 629 -22.66 58.87 12.41
N VAL B 630 -23.22 58.14 13.35
CA VAL B 630 -23.24 56.67 13.29
C VAL B 630 -24.22 56.19 12.24
N GLU B 631 -25.49 56.56 12.41
CA GLU B 631 -26.54 56.22 11.44
C GLU B 631 -26.66 54.72 11.19
N ARG B 632 -26.93 53.95 12.23
CA ARG B 632 -27.15 52.52 12.09
C ARG B 632 -28.62 52.24 11.81
N PRO B 636 -28.01 51.10 -0.82
CA PRO B 636 -26.59 51.36 -1.07
C PRO B 636 -25.79 50.07 -1.29
N ILE B 637 -26.40 48.90 -1.12
CA ILE B 637 -25.73 47.61 -1.36
C ILE B 637 -25.39 47.51 -2.83
N ASP B 638 -24.11 47.35 -3.14
CA ASP B 638 -23.62 47.39 -4.51
C ASP B 638 -22.94 46.12 -4.98
N SER B 639 -22.77 45.14 -4.10
CA SER B 639 -21.93 43.98 -4.43
C SER B 639 -22.13 42.92 -3.41
N ALA B 640 -21.63 41.74 -3.78
CA ALA B 640 -21.58 40.62 -2.82
C ALA B 640 -20.75 40.98 -1.59
N ASP B 641 -19.67 41.70 -1.78
CA ASP B 641 -18.87 42.13 -0.64
C ASP B 641 -19.68 42.94 0.36
N ASP B 642 -20.53 43.85 -0.12
CA ASP B 642 -21.36 44.63 0.78
C ASP B 642 -22.32 43.71 1.53
N LEU B 643 -22.93 42.70 0.90
CA LEU B 643 -23.77 41.75 1.65
C LEU B 643 -23.02 40.91 2.65
N ALA B 644 -21.82 40.49 2.28
CA ALA B 644 -21.09 39.57 3.11
C ALA B 644 -20.69 40.19 4.42
N LYS B 645 -20.46 41.50 4.40
CA LYS B 645 -19.97 42.21 5.58
C LYS B 645 -21.06 42.51 6.62
N GLN B 646 -22.30 42.11 6.36
CA GLN B 646 -23.40 42.50 7.23
C GLN B 646 -24.32 41.31 7.42
N THR B 647 -25.24 41.39 8.37
CA THR B 647 -26.20 40.33 8.60
C THR B 647 -27.63 40.81 8.75
N LYS B 648 -27.89 42.13 8.68
CA LYS B 648 -29.25 42.65 8.76
C LYS B 648 -30.12 42.21 7.58
N ILE B 649 -29.52 42.25 6.36
CA ILE B 649 -30.15 41.78 5.15
C ILE B 649 -29.71 40.32 4.99
N GLU B 650 -30.65 39.41 5.01
CA GLU B 650 -30.33 38.00 4.83
C GLU B 650 -30.19 37.73 3.34
N TYR B 651 -29.57 36.63 3.03
CA TYR B 651 -29.37 36.25 1.63
C TYR B 651 -29.28 34.76 1.53
N GLY B 652 -29.56 34.21 0.34
CA GLY B 652 -29.55 32.78 0.12
C GLY B 652 -29.68 32.45 -1.33
N ALA B 653 -30.05 31.22 -1.60
CA ALA B 653 -29.93 30.61 -2.94
C ALA B 653 -30.87 29.41 -2.97
N VAL B 654 -31.04 28.82 -4.15
CA VAL B 654 -31.79 27.56 -4.31
C VAL B 654 -31.01 26.41 -3.69
N GLU B 655 -31.64 25.65 -2.82
CA GLU B 655 -30.98 24.49 -2.27
C GLU B 655 -30.68 23.43 -3.34
N ASP B 656 -29.47 22.90 -3.27
CA ASP B 656 -29.06 21.74 -4.11
C ASP B 656 -28.95 22.10 -5.58
N GLY B 657 -28.69 23.38 -5.81
CA GLY B 657 -28.35 23.83 -7.18
C GLY B 657 -26.94 24.35 -7.26
N ALA B 658 -26.63 24.81 -8.45
CA ALA B 658 -25.27 25.21 -8.81
C ALA B 658 -24.82 26.45 -8.04
N THR B 659 -25.72 27.39 -7.79
CA THR B 659 -25.34 28.58 -7.06
C THR B 659 -24.94 28.25 -5.61
N MET B 660 -25.76 27.44 -4.96
CA MET B 660 -25.46 26.97 -3.62
C MET B 660 -24.08 26.29 -3.64
N THR B 661 -23.86 25.40 -4.59
CA THR B 661 -22.66 24.61 -4.64
C THR B 661 -21.43 25.54 -4.91
N PHE B 662 -21.62 26.61 -5.69
CA PHE B 662 -20.54 27.55 -5.90
C PHE B 662 -20.05 28.13 -4.56
N PHE B 663 -21.00 28.59 -3.75
CA PHE B 663 -20.66 29.13 -2.45
C PHE B 663 -20.08 28.08 -1.52
N LYS B 664 -20.68 26.90 -1.51
CA LYS B 664 -20.22 25.82 -0.64
C LYS B 664 -18.77 25.43 -0.93
N LYS B 665 -18.36 25.52 -2.20
CA LYS B 665 -17.02 25.09 -2.60
C LYS B 665 -16.02 26.22 -2.60
N SER B 666 -16.46 27.47 -2.53
CA SER B 666 -15.52 28.56 -2.84
C SER B 666 -14.47 28.78 -1.76
N LYS B 667 -13.27 29.09 -2.20
CA LYS B 667 -12.16 29.44 -1.31
C LYS B 667 -12.00 30.96 -1.25
N ILE B 668 -12.72 31.70 -2.05
CA ILE B 668 -12.60 33.15 -2.10
C ILE B 668 -13.23 33.71 -0.83
N SER B 669 -12.54 34.56 -0.12
CA SER B 669 -12.95 34.98 1.20
C SER B 669 -14.38 35.49 1.26
N THR B 670 -14.77 36.38 0.36
CA THR B 670 -16.14 36.95 0.40
C THR B 670 -17.15 35.81 0.30
N TYR B 671 -16.94 34.92 -0.63
CA TYR B 671 -17.93 33.88 -0.92
C TYR B 671 -17.91 32.79 0.18
N ASP B 672 -16.78 32.44 0.74
CA ASP B 672 -16.72 31.53 1.87
C ASP B 672 -17.45 32.14 3.08
N LYS B 673 -17.32 33.44 3.35
CA LYS B 673 -18.06 34.10 4.41
C LYS B 673 -19.55 34.03 4.13
N MET B 674 -19.96 34.24 2.91
CA MET B 674 -21.35 34.12 2.57
C MET B 674 -21.86 32.71 2.77
N TRP B 675 -21.09 31.71 2.39
CA TRP B 675 -21.50 30.34 2.61
C TRP B 675 -21.68 30.06 4.09
N ALA B 676 -20.79 30.49 4.94
CA ALA B 676 -20.95 30.25 6.36
C ALA B 676 -22.29 30.80 6.86
N PHE B 677 -22.67 31.96 6.38
CA PHE B 677 -23.96 32.56 6.76
C PHE B 677 -25.12 31.75 6.23
N MET B 678 -25.09 31.41 4.96
CA MET B 678 -26.16 30.64 4.38
C MET B 678 -26.32 29.27 4.98
N SER B 679 -25.20 28.61 5.27
CA SER B 679 -25.25 27.32 5.90
C SER B 679 -25.85 27.41 7.31
N SER B 680 -25.42 28.39 8.09
CA SER B 680 -25.96 28.59 9.44
C SER B 680 -27.48 28.75 9.38
N ARG B 681 -27.93 29.61 8.50
CA ARG B 681 -29.32 29.99 8.41
C ARG B 681 -30.08 29.21 7.33
N ARG B 682 -29.61 28.05 6.94
CA ARG B 682 -30.12 27.34 5.77
C ARG B 682 -31.59 27.05 5.78
N GLN B 683 -32.15 26.72 6.94
CA GLN B 683 -33.56 26.36 6.94
C GLN B 683 -34.41 27.52 6.57
N SER B 684 -33.93 28.76 6.77
CA SER B 684 -34.65 29.94 6.42
C SER B 684 -34.22 30.53 5.08
N VAL B 685 -32.96 30.49 4.73
CA VAL B 685 -32.50 31.24 3.58
C VAL B 685 -32.22 30.44 2.34
N LEU B 686 -32.12 29.13 2.43
CA LEU B 686 -32.05 28.31 1.23
C LEU B 686 -33.47 27.90 0.87
N VAL B 687 -33.85 28.07 -0.37
CA VAL B 687 -35.23 27.89 -0.81
C VAL B 687 -35.31 26.76 -1.84
N LYS B 688 -36.51 26.31 -2.15
CA LYS B 688 -36.62 25.18 -3.06
C LYS B 688 -36.75 25.54 -4.51
N SER B 689 -36.90 26.79 -4.86
CA SER B 689 -37.08 27.19 -6.25
C SER B 689 -36.78 28.68 -6.39
N ASN B 690 -36.51 29.15 -7.61
CA ASN B 690 -36.38 30.57 -7.85
C ASN B 690 -37.62 31.30 -7.44
N GLU B 691 -38.80 30.76 -7.76
CA GLU B 691 -40.05 31.37 -7.40
C GLU B 691 -40.11 31.67 -5.91
N GLU B 692 -39.67 30.74 -5.07
CA GLU B 692 -39.66 30.93 -3.62
C GLU B 692 -38.67 32.03 -3.22
N GLY B 693 -37.53 32.07 -3.88
CA GLY B 693 -36.58 33.13 -3.61
C GLY B 693 -37.12 34.49 -3.93
N ILE B 694 -37.76 34.63 -5.06
CA ILE B 694 -38.35 35.88 -5.46
C ILE B 694 -39.37 36.30 -4.42
N GLN B 695 -40.18 35.38 -3.94
CA GLN B 695 -41.17 35.72 -2.92
C GLN B 695 -40.51 36.19 -1.63
N ARG B 696 -39.38 35.62 -1.28
CA ARG B 696 -38.69 36.04 -0.08
C ARG B 696 -38.11 37.47 -0.25
N VAL B 697 -37.60 37.81 -1.44
CA VAL B 697 -37.12 39.17 -1.71
C VAL B 697 -38.27 40.17 -1.54
N LEU B 698 -39.43 39.77 -2.01
CA LEU B 698 -40.59 40.65 -1.97
C LEU B 698 -41.25 40.82 -0.62
N THR B 699 -41.02 39.88 0.29
CA THR B 699 -41.77 39.82 1.52
C THR B 699 -40.90 39.98 2.75
N SER B 700 -39.59 40.10 2.58
CA SER B 700 -38.69 40.24 3.71
C SER B 700 -37.43 40.96 3.28
N ASP B 701 -36.55 41.28 4.22
CA ASP B 701 -35.30 41.98 3.87
C ASP B 701 -34.25 40.96 3.52
N TYR B 702 -34.30 40.57 2.25
CA TYR B 702 -33.58 39.41 1.77
C TYR B 702 -33.13 39.65 0.32
N ALA B 703 -31.89 39.28 0.06
CA ALA B 703 -31.30 39.31 -1.27
C ALA B 703 -31.08 37.90 -1.76
N PHE B 704 -31.39 37.63 -3.02
CA PHE B 704 -31.36 36.27 -3.55
C PHE B 704 -30.25 36.14 -4.55
N LEU B 705 -29.39 35.17 -4.36
CA LEU B 705 -28.31 34.82 -5.31
C LEU B 705 -28.90 33.96 -6.36
N MET B 706 -28.87 34.43 -7.60
CA MET B 706 -29.69 33.90 -8.67
C MET B 706 -28.90 33.97 -9.97
N GLU B 707 -29.24 33.16 -10.93
CA GLU B 707 -28.58 33.21 -12.22
C GLU B 707 -29.07 34.41 -13.07
N SER B 708 -28.16 35.04 -13.77
CA SER B 708 -28.38 36.33 -14.40
C SER B 708 -29.47 36.30 -15.46
N THR B 709 -29.61 35.22 -16.22
CA THR B 709 -30.63 35.14 -17.23
C THR B 709 -32.03 35.17 -16.57
N THR B 710 -32.15 34.52 -15.42
CA THR B 710 -33.37 34.56 -14.69
C THR B 710 -33.63 35.92 -14.06
N ILE B 711 -32.59 36.56 -13.53
CA ILE B 711 -32.73 37.93 -13.04
C ILE B 711 -33.26 38.83 -14.12
N GLU B 712 -32.75 38.73 -15.34
CA GLU B 712 -33.19 39.57 -16.41
C GLU B 712 -34.69 39.38 -16.62
N PHE B 713 -35.18 38.13 -16.60
CA PHE B 713 -36.59 37.89 -16.82
C PHE B 713 -37.38 38.56 -15.67
N VAL B 714 -36.98 38.33 -14.45
CA VAL B 714 -37.74 38.77 -13.28
C VAL B 714 -37.77 40.27 -13.18
N THR B 715 -36.66 40.95 -13.41
CA THR B 715 -36.62 42.41 -13.28
C THR B 715 -37.34 43.15 -14.44
N GLN B 716 -37.52 42.49 -15.58
CA GLN B 716 -38.23 43.19 -16.65
C GLN B 716 -39.73 43.11 -16.40
N ARG B 717 -40.13 42.32 -15.43
CA ARG B 717 -41.55 42.19 -15.07
C ARG B 717 -41.94 42.68 -13.70
N ASN B 718 -40.96 42.91 -12.84
CA ASN B 718 -41.24 43.50 -11.54
C ASN B 718 -40.37 44.68 -11.32
N CYS B 719 -40.92 45.85 -11.48
CA CYS B 719 -40.13 47.06 -11.54
C CYS B 719 -39.65 47.53 -10.16
N ASN B 720 -40.03 46.81 -9.11
CA ASN B 720 -39.57 47.07 -7.77
C ASN B 720 -38.28 46.34 -7.48
N LEU B 721 -37.87 45.46 -8.40
CA LEU B 721 -36.65 44.67 -8.20
C LEU B 721 -35.50 45.04 -9.13
N THR B 722 -34.28 44.71 -8.74
CA THR B 722 -33.12 45.03 -9.54
C THR B 722 -32.04 44.01 -9.33
N GLN B 723 -31.15 43.89 -10.29
CA GLN B 723 -29.87 43.25 -10.11
C GLN B 723 -28.95 44.13 -9.30
N ILE B 724 -28.20 43.54 -8.41
CA ILE B 724 -27.15 44.24 -7.63
C ILE B 724 -25.79 43.69 -8.01
N GLY B 725 -24.91 44.61 -8.38
CA GLY B 725 -23.58 44.25 -8.83
C GLY B 725 -23.61 43.58 -10.19
N GLY B 726 -22.47 43.02 -10.50
CA GLY B 726 -22.29 42.34 -11.76
C GLY B 726 -22.37 40.84 -11.61
N LEU B 727 -21.80 40.12 -12.54
CA LEU B 727 -21.75 38.68 -12.49
C LEU B 727 -20.59 38.24 -11.62
N ILE B 728 -20.84 37.31 -10.73
CA ILE B 728 -19.87 36.76 -9.79
C ILE B 728 -19.00 35.68 -10.47
N ASP B 729 -19.57 35.02 -11.47
CA ASP B 729 -18.88 34.00 -12.21
C ASP B 729 -19.44 33.89 -13.61
N SER B 730 -18.99 32.89 -14.33
CA SER B 730 -19.39 32.69 -15.70
C SER B 730 -19.62 31.22 -15.89
N LYS B 731 -20.77 30.86 -16.44
CA LYS B 731 -21.04 29.47 -16.78
C LYS B 731 -22.06 29.40 -17.88
N GLY B 732 -22.22 28.20 -18.42
CA GLY B 732 -23.21 27.93 -19.45
C GLY B 732 -24.27 26.95 -18.96
N TYR B 733 -25.42 26.96 -19.61
CA TYR B 733 -26.37 25.89 -19.51
C TYR B 733 -26.14 24.91 -20.65
N GLY B 734 -26.21 23.64 -20.36
CA GLY B 734 -26.11 22.63 -21.40
C GLY B 734 -27.12 21.54 -21.21
N VAL B 735 -27.29 20.75 -22.22
CA VAL B 735 -28.15 19.55 -22.12
C VAL B 735 -27.33 18.50 -21.41
N GLY B 736 -27.87 17.92 -20.34
CA GLY B 736 -27.17 16.84 -19.62
C GLY B 736 -27.49 15.49 -20.19
N THR B 737 -26.51 14.63 -20.14
CA THR B 737 -26.63 13.22 -20.54
C THR B 737 -25.86 12.36 -19.53
N PRO B 738 -26.20 11.07 -19.47
CA PRO B 738 -25.30 10.23 -18.67
C PRO B 738 -23.92 10.27 -19.24
N MET B 739 -22.96 9.99 -18.38
CA MET B 739 -21.57 9.91 -18.81
C MET B 739 -21.44 8.83 -19.85
N GLY B 740 -20.74 9.20 -20.92
CA GLY B 740 -20.51 8.31 -22.04
C GLY B 740 -21.61 8.30 -23.10
N SER B 741 -22.71 9.03 -22.93
CA SER B 741 -23.77 8.99 -23.90
C SER B 741 -23.35 9.45 -25.31
N PRO B 742 -23.72 8.71 -26.33
CA PRO B 742 -23.46 9.20 -27.70
C PRO B 742 -24.27 10.42 -28.11
N TYR B 743 -25.32 10.73 -27.38
CA TYR B 743 -26.07 11.91 -27.70
C TYR B 743 -25.38 13.21 -27.39
N ARG B 744 -24.42 13.19 -26.47
CA ARG B 744 -23.80 14.45 -26.04
C ARG B 744 -23.17 15.20 -27.22
N ASP B 745 -22.32 14.55 -28.00
CA ASP B 745 -21.67 15.23 -29.11
C ASP B 745 -22.66 15.56 -30.20
N LYS B 746 -23.65 14.74 -30.44
CA LYS B 746 -24.66 15.04 -31.45
C LYS B 746 -25.46 16.27 -31.08
N ILE B 747 -25.82 16.39 -29.81
CA ILE B 747 -26.54 17.58 -29.33
C ILE B 747 -25.68 18.85 -29.38
N THR B 748 -24.39 18.74 -29.05
CA THR B 748 -23.50 19.87 -29.26
C THR B 748 -23.54 20.38 -30.66
N ILE B 749 -23.43 19.47 -31.64
CA ILE B 749 -23.41 19.90 -33.04
C ILE B 749 -24.75 20.57 -33.38
N ALA B 750 -25.87 20.00 -32.95
CA ALA B 750 -27.17 20.59 -33.24
C ALA B 750 -27.32 21.98 -32.57
N ILE B 751 -26.84 22.13 -31.36
CA ILE B 751 -26.89 23.45 -30.69
C ILE B 751 -26.07 24.48 -31.47
N LEU B 752 -24.88 24.09 -31.93
CA LEU B 752 -24.05 25.00 -32.72
C LEU B 752 -24.77 25.39 -34.00
N GLN B 753 -25.46 24.47 -34.63
CA GLN B 753 -26.23 24.77 -35.83
C GLN B 753 -27.36 25.77 -35.52
N LEU B 754 -28.12 25.49 -34.49
CA LEU B 754 -29.19 26.41 -34.10
C LEU B 754 -28.71 27.78 -33.73
N GLN B 755 -27.54 27.87 -33.11
CA GLN B 755 -27.00 29.17 -32.77
C GLN B 755 -26.64 29.94 -34.04
N GLU B 756 -25.92 29.29 -34.96
CA GLU B 756 -25.39 29.95 -36.14
C GLU B 756 -26.53 30.39 -37.07
N GLU B 757 -27.63 29.64 -37.11
CA GLU B 757 -28.78 29.98 -37.94
C GLU B 757 -29.62 31.08 -37.35
N GLY B 758 -29.36 31.42 -36.09
CA GLY B 758 -30.07 32.47 -35.38
C GLY B 758 -31.29 31.95 -34.62
N LYS B 759 -31.50 30.66 -34.57
CA LYS B 759 -32.70 30.14 -33.92
C LYS B 759 -32.61 30.27 -32.41
N LEU B 760 -31.46 30.11 -31.77
CA LEU B 760 -31.43 30.28 -30.33
C LEU B 760 -31.70 31.71 -29.98
N HIS B 761 -31.26 32.65 -30.80
CA HIS B 761 -31.51 34.03 -30.48
C HIS B 761 -33.00 34.33 -30.62
N MET B 762 -33.63 33.78 -31.63
CA MET B 762 -35.06 33.97 -31.78
C MET B 762 -35.83 33.38 -30.58
N MET B 763 -35.39 32.22 -30.08
CA MET B 763 -36.04 31.57 -28.95
C MET B 763 -35.89 32.41 -27.70
N LYS B 764 -34.71 32.99 -27.49
CA LYS B 764 -34.54 33.86 -26.33
C LYS B 764 -35.42 35.09 -26.44
N GLU B 765 -35.48 35.71 -27.61
CA GLU B 765 -36.33 36.87 -27.76
C GLU B 765 -37.79 36.50 -27.51
N LYS B 766 -38.20 35.33 -28.01
CA LYS B 766 -39.57 34.87 -27.84
C LYS B 766 -39.94 34.74 -26.36
N TRP B 767 -39.23 33.86 -25.66
CA TRP B 767 -39.48 33.64 -24.24
C TRP B 767 -39.00 34.83 -23.40
N TRP B 768 -37.94 35.48 -23.87
CA TRP B 768 -37.38 36.63 -23.16
C TRP B 768 -38.04 37.93 -23.62
N ARG B 769 -39.37 37.92 -23.66
CA ARG B 769 -40.12 39.11 -24.08
C ARG B 769 -40.65 39.87 -22.87
N GLY B 770 -39.86 40.82 -22.39
CA GLY B 770 -40.25 41.62 -21.23
C GLY B 770 -40.17 43.11 -21.51
N ASN B 771 -40.98 43.56 -22.47
CA ASN B 771 -41.01 44.98 -22.83
C ASN B 771 -41.61 45.79 -21.68
N GLY B 772 -40.93 45.74 -20.54
CA GLY B 772 -41.40 46.46 -19.38
C GLY B 772 -40.25 46.76 -18.43
N CYS B 773 -40.49 47.67 -17.49
CA CYS B 773 -39.49 48.06 -16.53
C CYS B 773 -38.31 48.79 -17.12
N PRO B 774 -38.11 50.04 -16.68
CA PRO B 774 -37.02 50.89 -17.13
C PRO B 774 -35.69 50.28 -16.71
N GLU B 775 -34.63 50.60 -17.44
CA GLU B 775 -33.31 50.07 -17.14
C GLU B 775 -32.27 51.19 -17.25
N GLN B 787 -35.86 67.73 4.49
CA GLN B 787 -37.05 67.18 5.16
C GLN B 787 -37.20 67.68 6.60
N ASN B 788 -36.25 67.31 7.46
CA ASN B 788 -36.29 67.68 8.86
C ASN B 788 -36.40 69.20 9.05
N ILE B 789 -35.54 69.93 8.35
CA ILE B 789 -35.51 71.39 8.45
C ILE B 789 -36.84 72.00 8.01
N GLY B 790 -37.51 71.33 7.08
CA GLY B 790 -38.77 71.81 6.54
C GLY B 790 -39.84 71.90 7.63
N GLY B 791 -39.90 70.90 8.50
CA GLY B 791 -40.87 70.87 9.57
C GLY B 791 -40.80 72.10 10.46
N ILE B 792 -39.60 72.67 10.56
CA ILE B 792 -39.39 73.86 11.39
C ILE B 792 -39.79 75.12 10.62
N PHE B 793 -39.86 75.01 9.30
CA PHE B 793 -40.28 76.13 8.47
C PHE B 793 -41.80 76.32 8.54
N ILE B 794 -42.53 75.21 8.55
CA ILE B 794 -43.99 75.26 8.62
C ILE B 794 -44.48 75.81 9.96
N THR C 2 -46.52 -73.74 16.43
CA THR C 2 -46.10 -73.60 15.05
C THR C 2 -44.59 -73.34 14.98
N HIS C 3 -44.18 -72.55 13.98
CA HIS C 3 -42.77 -72.22 13.74
C HIS C 3 -42.25 -71.28 14.85
N VAL C 4 -40.98 -71.45 15.27
CA VAL C 4 -40.42 -70.63 16.34
C VAL C 4 -38.97 -70.15 16.09
N LEU C 5 -38.71 -68.90 16.48
CA LEU C 5 -37.43 -68.23 16.22
C LEU C 5 -36.95 -67.50 17.47
N ARG C 6 -35.67 -67.64 17.82
CA ARG C 6 -35.16 -67.03 19.05
C ARG C 6 -34.21 -65.85 18.78
N PHE C 7 -34.46 -64.72 19.43
CA PHE C 7 -33.55 -63.56 19.39
C PHE C 7 -32.74 -63.50 20.67
N GLY C 8 -31.55 -62.93 20.60
CA GLY C 8 -30.73 -62.70 21.78
C GLY C 8 -30.78 -61.24 22.16
N GLY C 9 -30.61 -60.95 23.45
CA GLY C 9 -30.60 -59.59 23.93
C GLY C 9 -29.46 -59.40 24.92
N ILE C 10 -28.69 -58.34 24.75
CA ILE C 10 -27.65 -58.03 25.73
C ILE C 10 -27.76 -56.59 26.22
N PHE C 11 -28.11 -56.42 27.49
CA PHE C 11 -28.40 -55.10 28.05
C PHE C 11 -27.44 -54.68 29.16
N GLU C 12 -26.97 -53.46 29.07
CA GLU C 12 -25.92 -52.93 29.95
C GLU C 12 -26.58 -52.25 31.15
N TYR C 13 -25.97 -52.33 32.32
CA TYR C 13 -26.52 -51.64 33.51
C TYR C 13 -25.49 -51.40 34.64
N VAL C 14 -25.83 -50.51 35.57
CA VAL C 14 -25.02 -50.26 36.76
C VAL C 14 -25.79 -50.71 38.01
N GLU C 15 -25.07 -51.24 38.99
CA GLU C 15 -25.69 -51.81 40.20
C GLU C 15 -26.59 -53.01 39.87
N SER C 16 -27.89 -52.90 40.15
CA SER C 16 -28.81 -54.02 39.91
C SER C 16 -30.09 -53.54 39.24
N GLY C 17 -31.19 -54.24 39.47
CA GLY C 17 -32.49 -53.86 38.93
C GLY C 17 -32.85 -52.44 39.30
N PRO C 18 -33.99 -51.94 38.78
CA PRO C 18 -34.96 -52.64 37.92
C PRO C 18 -34.42 -52.92 36.52
N MET C 19 -35.30 -53.28 35.60
CA MET C 19 -34.94 -53.36 34.18
C MET C 19 -34.78 -51.96 33.65
N GLY C 20 -33.93 -51.80 32.65
CA GLY C 20 -33.74 -50.51 32.01
C GLY C 20 -34.71 -50.32 30.85
N ALA C 21 -34.76 -49.11 30.32
CA ALA C 21 -35.63 -48.79 29.20
C ALA C 21 -35.38 -49.71 28.00
N GLU C 22 -34.11 -49.94 27.65
CA GLU C 22 -33.81 -50.75 26.48
C GLU C 22 -34.32 -52.17 26.65
N GLU C 23 -33.92 -52.87 27.72
CA GLU C 23 -34.36 -54.25 27.89
C GLU C 23 -35.87 -54.32 27.97
N LEU C 24 -36.51 -53.25 28.45
CA LEU C 24 -37.96 -53.23 28.54
C LEU C 24 -38.63 -53.12 27.18
N ALA C 25 -38.13 -52.23 26.34
CA ALA C 25 -38.69 -52.04 25.01
C ALA C 25 -38.50 -53.31 24.16
N PHE C 26 -37.40 -54.00 24.40
CA PHE C 26 -37.09 -55.22 23.67
C PHE C 26 -38.16 -56.24 23.95
N ARG C 27 -38.40 -56.48 25.23
CA ARG C 27 -39.38 -57.46 25.67
C ARG C 27 -40.77 -57.08 25.20
N PHE C 28 -41.05 -55.79 25.34
CA PHE C 28 -42.36 -55.23 24.99
C PHE C 28 -42.63 -55.42 23.50
N ALA C 29 -41.60 -55.26 22.67
CA ALA C 29 -41.76 -55.40 21.22
C ALA C 29 -42.07 -56.84 20.87
N VAL C 30 -41.30 -57.76 21.45
CA VAL C 30 -41.55 -59.19 21.25
C VAL C 30 -42.96 -59.62 21.67
N ASN C 31 -43.44 -59.16 22.83
CA ASN C 31 -44.77 -59.56 23.31
C ASN C 31 -45.86 -59.03 22.38
N THR C 32 -45.66 -57.82 21.90
CA THR C 32 -46.60 -57.16 21.00
C THR C 32 -46.68 -57.87 19.67
N ILE C 33 -45.53 -58.13 19.07
CA ILE C 33 -45.46 -58.72 17.74
C ILE C 33 -46.11 -60.08 17.74
N ASN C 34 -45.88 -60.84 18.81
CA ASN C 34 -46.49 -62.16 18.94
C ASN C 34 -48.00 -62.08 18.77
N ARG C 35 -48.62 -61.10 19.42
CA ARG C 35 -50.07 -60.92 19.40
C ARG C 35 -50.61 -60.34 18.09
N ASN C 36 -49.77 -59.62 17.35
CA ASN C 36 -50.14 -59.17 16.01
C ASN C 36 -50.37 -60.40 15.14
N ARG C 37 -51.45 -60.40 14.36
CA ARG C 37 -51.76 -61.53 13.51
C ARG C 37 -51.45 -61.24 12.06
N THR C 38 -51.01 -60.01 11.79
CA THR C 38 -50.58 -59.62 10.45
C THR C 38 -49.08 -59.83 10.31
N LEU C 39 -48.36 -59.58 11.40
CA LEU C 39 -46.90 -59.70 11.39
C LEU C 39 -46.47 -61.00 12.06
N LEU C 40 -45.66 -61.77 11.33
CA LEU C 40 -45.31 -63.11 11.77
C LEU C 40 -46.56 -63.81 12.29
N PRO C 41 -47.46 -64.19 11.36
CA PRO C 41 -48.71 -64.89 11.65
C PRO C 41 -48.45 -66.27 12.19
N ASN C 42 -47.67 -67.04 11.42
CA ASN C 42 -47.41 -68.44 11.73
C ASN C 42 -46.11 -68.61 12.52
N THR C 43 -45.50 -67.50 12.89
CA THR C 43 -44.21 -67.51 13.58
C THR C 43 -44.31 -66.87 14.97
N THR C 44 -43.66 -67.50 15.96
CA THR C 44 -43.72 -67.05 17.35
C THR C 44 -42.32 -66.76 17.91
N LEU C 45 -42.06 -65.50 18.27
CA LEU C 45 -40.73 -65.09 18.75
C LEU C 45 -40.48 -65.43 20.23
N THR C 46 -39.24 -65.87 20.49
CA THR C 46 -38.78 -66.20 21.83
C THR C 46 -37.44 -65.47 22.05
N TYR C 47 -36.92 -65.43 23.26
CA TYR C 47 -35.64 -64.75 23.47
C TYR C 47 -34.86 -65.20 24.69
N ASP C 48 -33.55 -65.01 24.63
CA ASP C 48 -32.69 -65.08 25.80
C ASP C 48 -32.21 -63.67 26.13
N THR C 49 -32.27 -63.26 27.39
CA THR C 49 -31.69 -61.97 27.79
C THR C 49 -30.57 -62.17 28.79
N GLN C 50 -29.50 -61.41 28.56
CA GLN C 50 -28.32 -61.43 29.41
C GLN C 50 -28.06 -60.01 29.84
N LYS C 51 -27.65 -59.82 31.08
CA LYS C 51 -27.34 -58.50 31.59
C LYS C 51 -25.84 -58.41 31.84
N ILE C 52 -25.23 -57.28 31.52
CA ILE C 52 -23.80 -57.11 31.74
C ILE C 52 -23.47 -55.76 32.34
N ASN C 53 -22.25 -55.66 32.87
CA ASN C 53 -21.73 -54.41 33.41
C ASN C 53 -21.46 -53.46 32.26
N LEU C 54 -21.47 -52.17 32.53
CA LEU C 54 -21.13 -51.20 31.52
C LEU C 54 -19.63 -51.24 31.30
N TYR C 55 -19.22 -51.37 30.04
CA TYR C 55 -17.81 -51.22 29.69
C TYR C 55 -17.00 -52.47 29.95
N ASP C 56 -17.67 -53.60 30.20
CA ASP C 56 -16.95 -54.86 30.32
C ASP C 56 -17.09 -55.61 29.01
N SER C 57 -16.22 -55.33 28.05
CA SER C 57 -16.33 -55.97 26.74
C SER C 57 -16.07 -57.48 26.88
N PHE C 58 -15.18 -57.87 27.78
CA PHE C 58 -14.96 -59.28 28.11
C PHE C 58 -16.25 -60.01 28.47
N GLU C 59 -17.04 -59.45 29.38
CA GLU C 59 -18.30 -60.08 29.76
C GLU C 59 -19.28 -60.08 28.58
N ALA C 60 -19.32 -59.00 27.83
CA ALA C 60 -20.19 -58.93 26.67
C ALA C 60 -19.85 -60.02 25.65
N SER C 61 -18.56 -60.32 25.50
CA SER C 61 -18.10 -61.38 24.61
C SER C 61 -18.65 -62.71 25.09
N LYS C 62 -18.37 -63.05 26.35
CA LYS C 62 -18.86 -64.30 26.93
C LYS C 62 -20.36 -64.47 26.74
N LYS C 63 -21.15 -63.47 27.14
CA LYS C 63 -22.60 -63.61 27.04
C LYS C 63 -23.05 -63.76 25.58
N ALA C 64 -22.38 -63.08 24.64
CA ALA C 64 -22.72 -63.22 23.22
C ALA C 64 -22.42 -64.64 22.74
N CYS C 65 -21.28 -65.17 23.14
CA CYS C 65 -20.93 -66.56 22.83
C CYS C 65 -21.93 -67.57 23.41
N ASP C 66 -22.35 -67.36 24.66
CA ASP C 66 -23.38 -68.22 25.25
C ASP C 66 -24.63 -68.21 24.39
N GLN C 67 -25.05 -67.03 23.96
CA GLN C 67 -26.28 -66.90 23.20
C GLN C 67 -26.18 -67.54 21.83
N LEU C 68 -25.01 -67.44 21.20
CA LEU C 68 -24.80 -68.05 19.91
C LEU C 68 -24.82 -69.57 20.06
N SER C 69 -24.52 -70.03 21.27
CA SER C 69 -24.52 -71.45 21.60
C SER C 69 -25.94 -71.98 21.80
N LEU C 70 -26.75 -71.27 22.57
CA LEU C 70 -28.18 -71.53 22.64
C LEU C 70 -28.84 -71.53 21.27
N GLY C 71 -28.33 -70.69 20.38
CA GLY C 71 -28.86 -70.54 19.04
C GLY C 71 -29.77 -69.34 18.94
N VAL C 72 -29.38 -68.35 18.13
CA VAL C 72 -30.20 -67.15 17.95
C VAL C 72 -30.06 -66.62 16.55
N ALA C 73 -31.10 -65.97 16.07
CA ALA C 73 -31.15 -65.48 14.70
C ALA C 73 -30.54 -64.09 14.57
N ALA C 74 -30.40 -63.42 15.71
CA ALA C 74 -29.79 -62.10 15.78
C ALA C 74 -29.54 -61.75 17.22
N ILE C 75 -28.51 -60.96 17.45
CA ILE C 75 -28.24 -60.43 18.77
C ILE C 75 -28.48 -58.94 18.78
N PHE C 76 -29.45 -58.50 19.56
CA PHE C 76 -29.66 -57.07 19.72
C PHE C 76 -28.63 -56.58 20.72
N GLY C 77 -27.38 -56.64 20.27
CA GLY C 77 -26.20 -56.49 21.12
C GLY C 77 -26.33 -55.27 21.95
N PRO C 78 -25.35 -55.03 22.84
CA PRO C 78 -25.36 -53.93 23.83
C PRO C 78 -25.14 -52.56 23.19
N SER C 79 -25.26 -51.50 24.00
CA SER C 79 -25.34 -50.13 23.49
C SER C 79 -24.00 -49.41 23.34
N HIS C 80 -23.12 -49.56 24.32
CA HIS C 80 -21.95 -48.70 24.42
C HIS C 80 -20.75 -49.17 23.62
N SER C 81 -20.04 -48.20 23.05
CA SER C 81 -19.00 -48.45 22.05
C SER C 81 -18.18 -49.74 22.24
N SER C 82 -17.47 -49.90 23.35
CA SER C 82 -16.50 -50.99 23.45
C SER C 82 -17.17 -52.38 23.50
N SER C 83 -18.27 -52.52 24.23
CA SER C 83 -18.94 -53.82 24.26
C SER C 83 -19.60 -54.10 22.91
N ALA C 84 -20.11 -53.05 22.29
CA ALA C 84 -20.84 -53.18 21.04
C ALA C 84 -19.91 -53.57 19.89
N ASN C 85 -18.69 -53.04 19.90
CA ASN C 85 -17.69 -53.38 18.89
C ASN C 85 -17.20 -54.82 19.03
N ALA C 86 -17.26 -55.34 20.25
CA ALA C 86 -16.75 -56.67 20.54
C ALA C 86 -17.79 -57.71 20.13
N VAL C 87 -19.06 -57.43 20.44
CA VAL C 87 -20.14 -58.31 20.04
C VAL C 87 -20.34 -58.27 18.53
N GLN C 88 -19.95 -57.17 17.90
CA GLN C 88 -20.12 -56.99 16.46
C GLN C 88 -19.10 -57.81 15.69
N SER C 89 -17.92 -57.94 16.28
CA SER C 89 -16.82 -58.68 15.66
C SER C 89 -17.09 -60.17 15.75
N ILE C 90 -17.66 -60.58 16.88
CA ILE C 90 -18.07 -61.95 17.12
C ILE C 90 -19.19 -62.30 16.14
N CYS C 91 -20.25 -61.51 16.17
CA CYS C 91 -21.36 -61.69 15.24
C CYS C 91 -20.91 -61.76 13.79
N ASN C 92 -19.82 -61.06 13.46
CA ASN C 92 -19.35 -61.05 12.08
C ASN C 92 -18.63 -62.35 11.73
N ALA C 93 -17.86 -62.86 12.66
CA ALA C 93 -17.15 -64.12 12.49
C ALA C 93 -18.11 -65.31 12.39
N LEU C 94 -19.23 -65.27 13.12
CA LEU C 94 -20.21 -66.36 13.08
C LEU C 94 -21.41 -66.02 12.20
N GLY C 95 -21.33 -64.90 11.48
CA GLY C 95 -22.36 -64.54 10.52
C GLY C 95 -23.77 -64.51 11.09
N VAL C 96 -23.93 -64.05 12.32
CA VAL C 96 -25.24 -63.72 12.87
C VAL C 96 -25.41 -62.20 12.92
N PRO C 97 -26.55 -61.69 12.43
CA PRO C 97 -26.75 -60.23 12.43
C PRO C 97 -26.69 -59.63 13.82
N HIS C 98 -25.94 -58.54 13.94
CA HIS C 98 -25.88 -57.77 15.17
C HIS C 98 -26.70 -56.50 14.97
N ILE C 99 -27.77 -56.33 15.74
CA ILE C 99 -28.63 -55.14 15.63
C ILE C 99 -28.34 -54.06 16.68
N GLN C 100 -27.85 -52.90 16.24
CA GLN C 100 -27.48 -51.81 17.12
C GLN C 100 -28.56 -50.73 17.19
N THR C 101 -28.60 -49.97 18.28
CA THR C 101 -29.62 -48.94 18.44
C THR C 101 -29.00 -47.59 18.78
N ARG C 102 -27.68 -47.56 18.86
CA ARG C 102 -26.96 -46.38 19.35
C ARG C 102 -25.76 -46.15 18.47
N TRP C 103 -25.43 -44.88 18.28
CA TRP C 103 -24.30 -44.51 17.45
C TRP C 103 -22.99 -44.91 18.11
N LYS C 104 -22.04 -45.37 17.31
CA LYS C 104 -20.66 -45.52 17.76
C LYS C 104 -19.77 -45.15 16.59
N HIS C 105 -18.52 -44.76 16.85
CA HIS C 105 -17.66 -44.25 15.77
C HIS C 105 -17.32 -45.34 14.76
N GLN C 106 -17.68 -45.08 13.51
CA GLN C 106 -17.39 -46.01 12.42
C GLN C 106 -15.97 -45.81 11.93
N VAL C 107 -15.15 -46.85 12.06
CA VAL C 107 -13.81 -46.86 11.47
C VAL C 107 -13.92 -47.30 10.03
N SER C 108 -13.28 -46.57 9.12
CA SER C 108 -13.43 -46.79 7.69
C SER C 108 -12.93 -48.16 7.28
N ASP C 109 -11.70 -48.47 7.69
CA ASP C 109 -11.03 -49.70 7.30
C ASP C 109 -11.53 -50.93 8.06
N ASN C 110 -12.68 -50.83 8.72
CA ASN C 110 -13.26 -51.97 9.41
C ASN C 110 -14.25 -52.68 8.50
N LYS C 111 -14.04 -53.98 8.33
CA LYS C 111 -14.71 -54.76 7.30
C LYS C 111 -15.96 -55.52 7.77
N ASP C 112 -16.34 -55.38 9.03
CA ASP C 112 -17.53 -56.07 9.54
C ASP C 112 -18.72 -55.71 8.65
N SER C 113 -19.56 -56.69 8.36
CA SER C 113 -20.70 -56.47 7.47
C SER C 113 -21.99 -57.03 8.05
N PHE C 114 -21.89 -57.80 9.13
CA PHE C 114 -23.07 -58.34 9.79
C PHE C 114 -23.65 -57.42 10.87
N TYR C 115 -23.95 -56.19 10.50
CA TYR C 115 -24.67 -55.32 11.43
C TYR C 115 -25.42 -54.21 10.72
N VAL C 116 -26.52 -53.79 11.32
CA VAL C 116 -27.21 -52.56 10.94
C VAL C 116 -27.37 -51.74 12.20
N SER C 117 -27.60 -50.43 12.05
CA SER C 117 -27.77 -49.56 13.19
C SER C 117 -29.01 -48.71 13.00
N LEU C 118 -29.93 -48.77 13.95
CA LEU C 118 -31.18 -48.02 13.83
C LEU C 118 -31.07 -46.55 14.24
N TYR C 119 -29.91 -46.15 14.70
CA TYR C 119 -29.74 -44.78 15.17
C TYR C 119 -29.50 -43.83 14.00
N PRO C 120 -30.19 -42.69 13.98
CA PRO C 120 -30.03 -41.71 12.88
C PRO C 120 -28.58 -41.26 12.77
N ASP C 121 -27.93 -41.53 11.66
CA ASP C 121 -26.50 -41.28 11.56
C ASP C 121 -26.13 -39.83 11.85
N PHE C 122 -24.97 -39.66 12.46
CA PHE C 122 -24.45 -38.34 12.82
C PHE C 122 -24.32 -37.41 11.62
N SER C 123 -23.80 -37.92 10.50
CA SER C 123 -23.60 -37.07 9.32
C SER C 123 -24.87 -36.31 8.95
N SER C 124 -26.01 -36.99 8.96
CA SER C 124 -27.28 -36.37 8.60
C SER C 124 -27.79 -35.42 9.66
N LEU C 125 -27.54 -35.73 10.94
CA LEU C 125 -28.02 -34.90 12.05
C LEU C 125 -27.22 -33.62 12.09
N SER C 126 -25.90 -33.76 11.98
CA SER C 126 -24.99 -32.64 11.80
C SER C 126 -25.53 -31.67 10.75
N ARG C 127 -25.94 -32.18 9.58
CA ARG C 127 -26.40 -31.29 8.52
C ARG C 127 -27.69 -30.59 8.92
N ALA C 128 -28.58 -31.30 9.58
CA ALA C 128 -29.87 -30.73 9.94
C ALA C 128 -29.72 -29.67 11.04
N ILE C 129 -28.70 -29.78 11.87
CA ILE C 129 -28.41 -28.73 12.84
C ILE C 129 -28.02 -27.49 12.07
N LEU C 130 -27.05 -27.66 11.17
CA LEU C 130 -26.56 -26.54 10.36
C LEU C 130 -27.69 -25.93 9.53
N ASP C 131 -28.59 -26.76 9.00
CA ASP C 131 -29.70 -26.24 8.20
C ASP C 131 -30.57 -25.31 9.03
N LEU C 132 -30.77 -25.68 10.28
CA LEU C 132 -31.63 -24.93 11.18
C LEU C 132 -31.00 -23.60 11.56
N VAL C 133 -29.75 -23.64 11.99
CA VAL C 133 -28.98 -22.43 12.24
C VAL C 133 -29.10 -21.44 11.08
N GLN C 134 -28.95 -21.92 9.85
CA GLN C 134 -28.99 -21.03 8.69
C GLN C 134 -30.37 -20.47 8.45
N PHE C 135 -31.39 -21.19 8.86
CA PHE C 135 -32.77 -20.73 8.69
C PHE C 135 -33.08 -19.62 9.68
N PHE C 136 -32.49 -19.70 10.86
CA PHE C 136 -32.62 -18.62 11.84
C PHE C 136 -31.67 -17.48 11.49
N LYS C 137 -30.92 -17.64 10.42
CA LYS C 137 -30.03 -16.58 9.92
C LYS C 137 -28.95 -16.17 10.95
N TRP C 138 -28.59 -17.08 11.85
CA TRP C 138 -27.52 -16.81 12.82
C TRP C 138 -26.18 -16.63 12.13
N LYS C 139 -25.43 -15.62 12.54
CA LYS C 139 -24.07 -15.41 12.04
C LYS C 139 -23.08 -15.66 13.17
N THR C 140 -23.59 -15.77 14.38
CA THR C 140 -22.78 -15.99 15.56
C THR C 140 -23.43 -17.08 16.37
N VAL C 141 -22.63 -18.03 16.85
CA VAL C 141 -23.18 -19.13 17.64
C VAL C 141 -22.12 -19.78 18.52
N THR C 142 -22.51 -20.10 19.75
CA THR C 142 -21.63 -20.80 20.66
C THR C 142 -22.06 -22.25 20.78
N VAL C 143 -21.21 -23.17 20.32
CA VAL C 143 -21.43 -24.61 20.47
C VAL C 143 -20.85 -25.08 21.80
N VAL C 144 -21.71 -25.62 22.67
CA VAL C 144 -21.28 -26.20 23.95
C VAL C 144 -21.46 -27.73 23.92
N TYR C 145 -20.38 -28.48 24.07
CA TYR C 145 -20.48 -29.94 24.06
C TYR C 145 -20.10 -30.57 25.41
N ASP C 146 -20.54 -31.80 25.66
CA ASP C 146 -20.17 -32.49 26.91
C ASP C 146 -18.83 -33.24 26.77
N ASP C 147 -18.80 -34.32 26.01
CA ASP C 147 -17.56 -35.11 25.93
C ASP C 147 -17.07 -35.22 24.50
N SER C 148 -15.80 -35.53 24.33
CA SER C 148 -15.16 -35.66 23.03
C SER C 148 -16.11 -36.01 21.87
N THR C 149 -16.88 -37.08 21.99
CA THR C 149 -17.65 -37.55 20.85
C THR C 149 -18.71 -36.56 20.39
N GLY C 150 -19.11 -35.66 21.29
CA GLY C 150 -19.91 -34.51 20.91
C GLY C 150 -19.30 -33.77 19.72
N LEU C 151 -18.00 -33.45 19.80
CA LEU C 151 -17.28 -32.86 18.67
C LEU C 151 -17.59 -33.52 17.34
N ILE C 152 -17.57 -34.85 17.32
CA ILE C 152 -17.76 -35.59 16.08
C ILE C 152 -19.18 -35.45 15.52
N ARG C 153 -20.17 -35.36 16.41
CA ARG C 153 -21.56 -35.23 15.98
C ARG C 153 -21.80 -33.86 15.32
N LEU C 154 -20.96 -32.89 15.65
CA LEU C 154 -21.11 -31.56 15.10
C LEU C 154 -20.00 -31.19 14.10
N GLN C 155 -19.29 -32.14 13.52
CA GLN C 155 -18.20 -31.76 12.65
C GLN C 155 -18.68 -30.96 11.44
N GLU C 156 -19.76 -31.38 10.80
CA GLU C 156 -20.33 -30.59 9.71
C GLU C 156 -20.53 -29.13 10.11
N LEU C 157 -20.92 -28.91 11.36
CA LEU C 157 -21.19 -27.56 11.83
C LEU C 157 -19.89 -26.80 12.09
N ILE C 158 -18.91 -27.50 12.66
CA ILE C 158 -17.65 -26.91 13.03
C ILE C 158 -16.82 -26.49 11.81
N LYS C 159 -17.10 -27.12 10.66
CA LYS C 159 -16.35 -26.85 9.43
C LYS C 159 -17.05 -25.81 8.55
N ALA C 160 -18.21 -25.33 9.00
CA ALA C 160 -18.98 -24.35 8.25
C ALA C 160 -18.31 -22.96 8.15
N PRO C 161 -17.65 -22.50 9.23
CA PRO C 161 -17.09 -21.14 9.23
C PRO C 161 -16.10 -20.80 8.11
N SER C 162 -15.79 -21.74 7.23
CA SER C 162 -14.89 -21.48 6.11
C SER C 162 -15.63 -21.39 4.78
N ARG C 163 -16.82 -21.98 4.74
CA ARG C 163 -17.71 -21.87 3.58
C ARG C 163 -18.72 -20.73 3.76
N TYR C 164 -19.64 -20.87 4.72
CA TYR C 164 -20.61 -19.81 5.02
C TYR C 164 -19.99 -18.74 5.92
N ASN C 165 -20.83 -17.83 6.41
CA ASN C 165 -20.34 -16.76 7.28
C ASN C 165 -20.82 -16.93 8.71
N LEU C 166 -20.28 -17.94 9.38
CA LEU C 166 -20.53 -18.13 10.81
C LEU C 166 -19.23 -18.04 11.57
N ARG C 167 -19.13 -17.04 12.44
CA ARG C 167 -18.10 -17.07 13.45
C ARG C 167 -18.69 -17.95 14.53
N LEU C 168 -17.87 -18.73 15.21
CA LEU C 168 -18.41 -19.62 16.20
C LEU C 168 -17.39 -19.94 17.28
N LYS C 169 -17.88 -20.01 18.53
CA LYS C 169 -17.04 -20.24 19.68
C LYS C 169 -17.37 -21.62 20.22
N ILE C 170 -16.35 -22.38 20.61
CA ILE C 170 -16.55 -23.73 21.10
C ILE C 170 -16.15 -23.83 22.55
N ARG C 171 -17.10 -24.23 23.40
CA ARG C 171 -16.85 -24.38 24.82
C ARG C 171 -17.24 -25.78 25.26
N GLN C 172 -16.67 -26.24 26.37
CA GLN C 172 -17.01 -27.58 26.87
C GLN C 172 -17.64 -27.49 28.24
N LEU C 173 -18.67 -28.29 28.48
CA LEU C 173 -19.30 -28.41 29.80
C LEU C 173 -18.34 -29.11 30.74
N PRO C 174 -18.51 -28.91 32.05
CA PRO C 174 -17.71 -29.74 32.96
C PRO C 174 -18.41 -31.08 33.22
N ALA C 175 -17.75 -31.96 33.97
CA ALA C 175 -18.36 -33.24 34.32
C ALA C 175 -19.79 -33.06 34.89
N ASP C 176 -19.94 -32.17 35.88
CA ASP C 176 -21.23 -31.95 36.54
C ASP C 176 -21.84 -30.60 36.17
N THR C 177 -23.13 -30.57 35.82
CA THR C 177 -23.78 -29.31 35.41
C THR C 177 -23.86 -28.27 36.53
N LYS C 178 -23.75 -28.72 37.77
CA LYS C 178 -23.73 -27.80 38.91
C LYS C 178 -22.45 -26.97 38.86
N ASP C 179 -21.47 -27.44 38.13
CA ASP C 179 -20.20 -26.75 38.00
C ASP C 179 -20.26 -25.77 36.84
N ALA C 180 -21.44 -25.58 36.26
CA ALA C 180 -21.56 -24.87 34.98
C ALA C 180 -21.84 -23.36 35.06
N LYS C 181 -21.91 -22.79 36.25
CA LYS C 181 -22.18 -21.36 36.35
C LYS C 181 -21.02 -20.54 35.79
N PRO C 182 -19.78 -20.87 36.19
CA PRO C 182 -18.64 -20.10 35.70
C PRO C 182 -18.59 -20.06 34.18
N LEU C 183 -18.92 -21.17 33.54
CA LEU C 183 -18.98 -21.24 32.09
C LEU C 183 -20.09 -20.38 31.53
N LEU C 184 -21.25 -20.40 32.21
CA LEU C 184 -22.40 -19.63 31.73
C LEU C 184 -22.17 -18.15 31.93
N LYS C 185 -21.39 -17.81 32.96
CA LYS C 185 -21.11 -16.40 33.25
C LYS C 185 -20.24 -15.85 32.13
N GLU C 186 -19.29 -16.65 31.65
CA GLU C 186 -18.46 -16.20 30.53
C GLU C 186 -19.29 -15.97 29.28
N MET C 187 -20.23 -16.86 29.02
CA MET C 187 -21.11 -16.70 27.86
C MET C 187 -21.95 -15.44 28.02
N LYS C 188 -22.37 -15.14 29.24
CA LYS C 188 -23.23 -13.98 29.49
C LYS C 188 -22.46 -12.68 29.24
N ARG C 189 -21.28 -12.56 29.85
CA ARG C 189 -20.38 -11.43 29.59
C ARG C 189 -20.07 -11.34 28.11
N GLY C 190 -19.95 -12.50 27.48
CA GLY C 190 -19.59 -12.57 26.08
C GLY C 190 -20.74 -12.23 25.15
N LYS C 191 -21.94 -12.08 25.71
CA LYS C 191 -23.11 -11.74 24.90
C LYS C 191 -23.39 -12.85 23.91
N GLU C 192 -23.10 -14.08 24.32
CA GLU C 192 -23.36 -15.24 23.49
C GLU C 192 -24.81 -15.66 23.66
N PHE C 193 -25.68 -15.00 22.91
CA PHE C 193 -27.10 -15.24 23.00
C PHE C 193 -27.58 -16.45 22.20
N HIS C 194 -26.79 -16.88 21.24
CA HIS C 194 -27.19 -17.95 20.33
C HIS C 194 -26.34 -19.17 20.62
N VAL C 195 -26.97 -20.23 21.12
CA VAL C 195 -26.21 -21.33 21.70
C VAL C 195 -26.75 -22.71 21.33
N ILE C 196 -25.87 -23.59 20.87
CA ILE C 196 -26.21 -24.98 20.63
C ILE C 196 -25.66 -25.84 21.78
N PHE C 197 -26.54 -26.55 22.49
CA PHE C 197 -26.08 -27.52 23.50
C PHE C 197 -26.02 -28.94 22.94
N ASP C 198 -24.81 -29.47 22.76
CA ASP C 198 -24.59 -30.89 22.39
C ASP C 198 -24.29 -31.72 23.64
N CYS C 199 -25.28 -32.50 24.05
CA CYS C 199 -25.22 -33.19 25.32
C CYS C 199 -26.48 -34.05 25.52
N SER C 200 -26.44 -34.97 26.49
CA SER C 200 -27.61 -35.80 26.73
C SER C 200 -28.79 -34.94 27.22
N HIS C 201 -30.02 -35.44 27.09
CA HIS C 201 -31.16 -34.71 27.59
C HIS C 201 -31.16 -34.56 29.11
N GLU C 202 -30.46 -35.43 29.83
CA GLU C 202 -30.34 -35.25 31.29
C GLU C 202 -29.42 -34.09 31.62
N MET C 203 -28.32 -33.97 30.86
CA MET C 203 -27.45 -32.80 30.95
C MET C 203 -28.20 -31.52 30.60
N ALA C 204 -29.05 -31.58 29.58
CA ALA C 204 -29.78 -30.43 29.12
C ALA C 204 -30.81 -29.95 30.16
N ALA C 205 -31.47 -30.88 30.84
CA ALA C 205 -32.35 -30.53 31.95
C ALA C 205 -31.58 -29.83 33.05
N GLY C 206 -30.38 -30.33 33.33
CA GLY C 206 -29.51 -29.74 34.33
C GLY C 206 -28.99 -28.36 33.98
N ILE C 207 -28.62 -28.15 32.71
CA ILE C 207 -27.97 -26.91 32.31
C ILE C 207 -29.01 -25.80 32.20
N LEU C 208 -30.24 -26.15 31.84
CA LEU C 208 -31.34 -25.19 31.84
C LEU C 208 -31.58 -24.59 33.24
N LYS C 209 -31.55 -25.41 34.29
CA LYS C 209 -31.79 -24.89 35.64
C LYS C 209 -30.71 -23.87 35.97
N GLN C 210 -29.47 -24.16 35.58
CA GLN C 210 -28.36 -23.26 35.84
C GLN C 210 -28.52 -21.98 35.01
N ALA C 211 -29.12 -22.12 33.84
CA ALA C 211 -29.26 -20.98 32.96
C ALA C 211 -30.33 -20.02 33.50
N LEU C 212 -31.33 -20.58 34.15
CA LEU C 212 -32.40 -19.82 34.77
C LEU C 212 -31.86 -19.01 35.93
N ALA C 213 -31.15 -19.69 36.81
CA ALA C 213 -30.45 -19.06 37.93
C ALA C 213 -29.61 -17.87 37.49
N MET C 214 -29.13 -17.94 36.27
CA MET C 214 -28.15 -16.99 35.77
C MET C 214 -28.77 -15.85 34.97
N GLY C 215 -30.10 -15.83 34.90
CA GLY C 215 -30.78 -14.77 34.21
C GLY C 215 -30.63 -14.89 32.72
N MET C 216 -30.61 -16.13 32.25
CA MET C 216 -30.33 -16.42 30.85
C MET C 216 -31.48 -17.22 30.21
N MET C 217 -32.62 -17.29 30.88
CA MET C 217 -33.83 -17.78 30.21
C MET C 217 -34.76 -16.60 30.00
N THR C 218 -34.49 -15.83 28.94
CA THR C 218 -35.31 -14.70 28.56
C THR C 218 -35.41 -14.60 27.05
N GLU C 219 -36.19 -13.64 26.58
CA GLU C 219 -36.39 -13.43 25.14
C GLU C 219 -35.07 -13.17 24.39
N TYR C 220 -34.01 -12.84 25.11
CA TYR C 220 -32.73 -12.52 24.47
C TYR C 220 -31.96 -13.76 24.00
N TYR C 221 -32.31 -14.92 24.55
CA TYR C 221 -31.52 -16.12 24.35
C TYR C 221 -32.25 -17.13 23.48
N HIS C 222 -31.54 -17.73 22.55
CA HIS C 222 -32.09 -18.81 21.75
C HIS C 222 -31.16 -20.04 21.82
N TYR C 223 -31.71 -21.15 22.27
CA TYR C 223 -30.95 -22.38 22.51
C TYR C 223 -31.39 -23.46 21.54
N ILE C 224 -30.45 -23.99 20.77
CA ILE C 224 -30.73 -25.17 19.96
C ILE C 224 -30.16 -26.40 20.65
N PHE C 225 -30.99 -27.44 20.75
CA PHE C 225 -30.60 -28.65 21.44
C PHE C 225 -30.36 -29.81 20.51
N THR C 226 -29.23 -30.43 20.73
CA THR C 226 -28.74 -31.48 19.87
C THR C 226 -29.52 -32.76 20.14
N THR C 227 -29.94 -32.94 21.39
CA THR C 227 -30.61 -34.17 21.82
C THR C 227 -31.98 -34.40 21.18
N LEU C 228 -32.26 -35.65 20.84
CA LEU C 228 -33.51 -36.04 20.22
C LEU C 228 -34.57 -36.28 21.26
N ASP C 229 -34.16 -36.31 22.52
CA ASP C 229 -35.07 -36.51 23.64
C ASP C 229 -35.45 -35.19 24.30
N LEU C 230 -35.32 -34.11 23.53
CA LEU C 230 -35.74 -32.80 23.97
C LEU C 230 -37.16 -32.82 24.51
N PHE C 231 -38.05 -33.53 23.82
CA PHE C 231 -39.46 -33.59 24.18
C PHE C 231 -39.71 -34.25 25.54
N ALA C 232 -38.66 -34.81 26.14
CA ALA C 232 -38.79 -35.48 27.43
C ALA C 232 -38.54 -34.52 28.59
N LEU C 233 -38.10 -33.30 28.27
CA LEU C 233 -37.74 -32.34 29.30
C LEU C 233 -39.00 -31.72 29.92
N ASP C 234 -39.06 -31.70 31.24
CA ASP C 234 -40.02 -30.85 31.95
C ASP C 234 -39.78 -29.43 31.49
N VAL C 235 -40.76 -28.87 30.80
CA VAL C 235 -40.62 -27.52 30.26
C VAL C 235 -41.51 -26.48 31.03
N GLU C 236 -42.15 -26.93 32.11
CA GLU C 236 -43.05 -26.09 32.88
C GLU C 236 -42.35 -24.88 33.52
N PRO C 237 -41.13 -25.07 34.00
CA PRO C 237 -40.39 -23.91 34.53
C PRO C 237 -39.99 -22.84 33.51
N TYR C 238 -40.13 -23.06 32.22
CA TYR C 238 -39.49 -22.15 31.27
C TYR C 238 -40.42 -21.57 30.21
N ARG C 239 -41.61 -22.15 30.02
CA ARG C 239 -42.44 -21.74 28.87
C ARG C 239 -43.04 -20.34 28.99
N TYR C 240 -43.09 -19.80 30.21
CA TYR C 240 -43.68 -18.48 30.39
C TYR C 240 -42.65 -17.36 30.23
N SER C 241 -41.39 -17.74 30.08
CA SER C 241 -40.29 -16.79 30.21
C SER C 241 -39.93 -16.07 28.91
N GLY C 242 -40.29 -16.66 27.78
CA GLY C 242 -39.93 -16.06 26.51
C GLY C 242 -38.66 -16.58 25.87
N VAL C 243 -37.88 -17.44 26.53
CA VAL C 243 -36.72 -18.02 25.84
C VAL C 243 -37.18 -18.77 24.65
N ASN C 244 -36.26 -18.90 23.70
CA ASN C 244 -36.45 -19.73 22.53
C ASN C 244 -35.65 -21.02 22.71
N MET C 245 -36.32 -22.15 22.64
CA MET C 245 -35.65 -23.45 22.66
C MET C 245 -36.09 -24.18 21.41
N THR C 246 -35.15 -24.57 20.59
CA THR C 246 -35.47 -25.34 19.40
C THR C 246 -34.61 -26.58 19.32
N GLY C 247 -35.20 -27.68 18.89
CA GLY C 247 -34.48 -28.92 18.70
C GLY C 247 -35.21 -29.83 17.74
N PHE C 248 -34.85 -31.11 17.74
CA PHE C 248 -35.45 -32.05 16.82
C PHE C 248 -36.07 -33.20 17.56
N ARG C 249 -36.97 -33.90 16.89
CA ARG C 249 -37.62 -35.09 17.44
C ARG C 249 -37.85 -36.13 16.35
N ILE C 250 -37.35 -37.35 16.57
CA ILE C 250 -37.53 -38.42 15.59
C ILE C 250 -38.67 -39.33 16.00
N LEU C 251 -39.06 -39.27 17.26
CA LEU C 251 -40.19 -40.06 17.74
C LEU C 251 -41.45 -39.45 17.14
N ASN C 252 -42.22 -40.24 16.40
CA ASN C 252 -43.35 -39.75 15.62
C ASN C 252 -44.64 -39.68 16.43
N THR C 253 -44.73 -38.69 17.32
CA THR C 253 -45.82 -38.60 18.29
C THR C 253 -47.13 -38.07 17.70
N GLU C 254 -47.07 -37.46 16.52
CA GLU C 254 -48.26 -36.92 15.86
C GLU C 254 -49.17 -38.03 15.32
N ASN C 255 -48.56 -39.13 14.90
CA ASN C 255 -49.31 -40.29 14.43
C ASN C 255 -50.08 -40.90 15.59
N THR C 256 -51.38 -41.10 15.41
CA THR C 256 -52.24 -41.55 16.51
C THR C 256 -51.90 -42.97 16.95
N GLN C 257 -51.62 -43.84 15.99
CA GLN C 257 -51.22 -45.22 16.29
C GLN C 257 -49.97 -45.26 17.17
N VAL C 258 -49.05 -44.33 16.96
CA VAL C 258 -47.79 -44.30 17.72
C VAL C 258 -48.00 -43.72 19.12
N SER C 259 -48.97 -42.82 19.26
CA SER C 259 -49.26 -42.23 20.56
C SER C 259 -49.82 -43.28 21.50
N SER C 260 -50.72 -44.12 20.98
CA SER C 260 -51.36 -45.14 21.80
C SER C 260 -50.35 -46.20 22.26
N ILE C 261 -49.33 -46.44 21.46
CA ILE C 261 -48.30 -47.42 21.82
C ILE C 261 -47.40 -46.85 22.92
N ILE C 262 -47.03 -45.58 22.80
CA ILE C 262 -46.21 -44.91 23.81
C ILE C 262 -46.93 -44.85 25.15
N GLU C 263 -48.26 -44.88 25.11
CA GLU C 263 -49.06 -44.83 26.33
C GLU C 263 -49.02 -46.16 27.08
N LYS C 264 -49.30 -47.25 26.37
CA LYS C 264 -49.30 -48.59 26.98
C LYS C 264 -47.95 -48.87 27.60
N TRP C 265 -46.94 -48.19 27.08
CA TRP C 265 -45.59 -48.30 27.59
C TRP C 265 -45.48 -47.60 28.95
N SER C 266 -45.96 -46.36 29.00
CA SER C 266 -45.94 -45.58 30.22
C SER C 266 -46.64 -46.27 31.38
N MET C 267 -47.62 -47.11 31.08
CA MET C 267 -48.41 -47.74 32.14
C MET C 267 -47.62 -48.83 32.85
N GLU C 268 -46.91 -49.65 32.09
CA GLU C 268 -46.07 -50.68 32.67
C GLU C 268 -44.73 -50.11 33.16
N ARG C 269 -44.35 -48.94 32.66
CA ARG C 269 -43.10 -48.32 33.07
C ARG C 269 -43.28 -47.28 34.17
N LEU C 270 -44.04 -46.22 33.89
CA LEU C 270 -44.33 -45.16 34.87
C LEU C 270 -44.73 -45.75 36.23
N GLN C 271 -45.22 -46.98 36.20
CA GLN C 271 -45.57 -47.73 37.40
C GLN C 271 -44.39 -47.92 38.36
N ALA C 272 -43.18 -47.70 37.84
CA ALA C 272 -41.94 -47.89 38.59
C ALA C 272 -41.22 -46.53 38.72
N PRO C 273 -39.96 -46.51 39.20
CA PRO C 273 -39.40 -45.30 39.82
C PRO C 273 -39.26 -44.05 38.93
N PRO C 274 -39.99 -42.96 39.28
CA PRO C 274 -39.81 -41.61 38.73
C PRO C 274 -39.04 -40.72 39.70
N LYS C 275 -38.49 -39.60 39.24
CA LYS C 275 -37.73 -38.73 40.12
C LYS C 275 -38.30 -37.31 40.14
N PRO C 276 -38.08 -36.58 41.24
CA PRO C 276 -38.69 -35.27 41.49
C PRO C 276 -37.79 -34.13 41.02
N ASP C 277 -36.50 -34.27 41.27
CA ASP C 277 -35.53 -33.21 41.05
C ASP C 277 -34.85 -33.39 39.69
N SER C 278 -35.43 -34.25 38.85
CA SER C 278 -34.81 -34.61 37.58
C SER C 278 -34.91 -33.48 36.57
N GLY C 279 -36.13 -32.98 36.38
CA GLY C 279 -36.40 -32.04 35.31
C GLY C 279 -36.81 -32.76 34.05
N LEU C 280 -37.03 -34.07 34.17
CA LEU C 280 -37.57 -34.88 33.09
C LEU C 280 -39.00 -35.26 33.42
N LEU C 281 -39.83 -35.39 32.39
CA LEU C 281 -41.17 -35.93 32.56
C LEU C 281 -41.04 -37.39 32.94
N ASP C 282 -41.87 -37.86 33.87
CA ASP C 282 -41.84 -39.25 34.25
C ASP C 282 -42.61 -40.10 33.25
N GLY C 283 -42.06 -41.26 32.92
CA GLY C 283 -42.73 -42.22 32.05
C GLY C 283 -42.84 -41.83 30.60
N PHE C 284 -41.96 -40.97 30.12
CA PHE C 284 -41.89 -40.68 28.69
C PHE C 284 -40.99 -41.72 28.06
N MET C 285 -41.35 -42.21 26.88
CA MET C 285 -40.53 -43.19 26.18
C MET C 285 -39.37 -42.51 25.49
N THR C 286 -38.15 -42.77 25.95
CA THR C 286 -36.97 -42.12 25.38
C THR C 286 -36.66 -42.70 24.01
N THR C 287 -35.73 -42.07 23.30
CA THR C 287 -35.37 -42.52 21.97
C THR C 287 -34.56 -43.81 21.99
N ASP C 288 -33.67 -43.98 22.97
CA ASP C 288 -32.88 -45.21 23.13
C ASP C 288 -33.78 -46.46 23.12
N ALA C 289 -35.03 -46.30 23.54
CA ALA C 289 -35.93 -47.43 23.78
C ALA C 289 -36.91 -47.61 22.66
N ALA C 290 -37.34 -46.49 22.08
CA ALA C 290 -38.19 -46.55 20.89
C ALA C 290 -37.41 -47.20 19.73
N LEU C 291 -36.11 -46.98 19.70
CA LEU C 291 -35.28 -47.55 18.66
C LEU C 291 -35.12 -49.06 18.84
N MET C 292 -34.94 -49.52 20.07
CA MET C 292 -34.84 -50.95 20.31
C MET C 292 -36.14 -51.63 19.91
N TYR C 293 -37.26 -51.01 20.24
CA TYR C 293 -38.56 -51.58 19.94
C TYR C 293 -38.80 -51.57 18.43
N ASP C 294 -38.24 -50.60 17.74
CA ASP C 294 -38.38 -50.53 16.30
C ASP C 294 -37.46 -51.55 15.63
N ALA C 295 -36.31 -51.79 16.25
CA ALA C 295 -35.35 -52.73 15.70
C ALA C 295 -35.93 -54.13 15.71
N VAL C 296 -36.68 -54.47 16.75
CA VAL C 296 -37.25 -55.81 16.87
C VAL C 296 -38.32 -56.00 15.80
N HIS C 297 -38.99 -54.91 15.42
CA HIS C 297 -39.98 -54.97 14.36
C HIS C 297 -39.32 -55.09 12.97
N VAL C 298 -38.39 -54.19 12.64
CA VAL C 298 -37.75 -54.19 11.32
C VAL C 298 -37.12 -55.55 11.03
N VAL C 299 -36.35 -56.08 11.97
CA VAL C 299 -35.81 -57.41 11.85
C VAL C 299 -36.92 -58.47 11.62
N SER C 300 -38.06 -58.33 12.29
CA SER C 300 -39.16 -59.29 12.11
C SER C 300 -39.75 -59.24 10.70
N VAL C 301 -39.83 -58.05 10.11
CA VAL C 301 -40.32 -57.91 8.74
C VAL C 301 -39.47 -58.76 7.82
N ALA C 302 -38.20 -58.92 8.18
CA ALA C 302 -37.24 -59.68 7.39
C ALA C 302 -37.44 -61.18 7.62
N VAL C 303 -37.71 -61.55 8.86
CA VAL C 303 -37.99 -62.94 9.22
C VAL C 303 -39.20 -63.48 8.46
N GLN C 304 -40.20 -62.64 8.22
CA GLN C 304 -41.41 -63.04 7.50
C GLN C 304 -41.04 -63.53 6.10
N GLN C 305 -40.00 -62.94 5.52
CA GLN C 305 -39.60 -63.24 4.14
C GLN C 305 -38.59 -64.38 4.06
N PHE C 306 -38.35 -65.08 5.17
CA PHE C 306 -37.36 -66.14 5.23
C PHE C 306 -37.87 -67.31 6.08
N PRO C 307 -39.00 -67.92 5.67
CA PRO C 307 -39.62 -69.00 6.46
C PRO C 307 -38.73 -70.23 6.63
N GLN C 308 -37.76 -70.41 5.74
CA GLN C 308 -36.88 -71.57 5.77
C GLN C 308 -35.99 -71.53 7.01
N MET C 309 -35.61 -70.32 7.41
CA MET C 309 -34.60 -70.09 8.42
C MET C 309 -34.90 -70.71 9.78
N THR C 310 -33.86 -71.24 10.40
CA THR C 310 -33.92 -71.74 11.76
C THR C 310 -32.60 -71.44 12.46
N VAL C 311 -32.64 -71.43 13.77
CA VAL C 311 -31.47 -71.14 14.56
C VAL C 311 -30.53 -72.35 14.61
N SER C 312 -29.23 -72.10 14.74
CA SER C 312 -28.25 -73.18 14.91
C SER C 312 -27.42 -72.90 16.15
N SER C 313 -27.02 -73.96 16.84
CA SER C 313 -26.10 -73.81 17.97
C SER C 313 -24.67 -73.66 17.46
N LEU C 314 -24.17 -72.44 17.58
CA LEU C 314 -22.85 -72.07 17.08
C LEU C 314 -21.85 -71.96 18.23
N GLN C 315 -20.61 -72.34 17.96
CA GLN C 315 -19.56 -72.30 18.97
C GLN C 315 -18.47 -71.30 18.58
N CYS C 316 -18.14 -70.40 19.49
CA CYS C 316 -17.10 -69.41 19.21
C CYS C 316 -15.74 -70.10 19.00
N ASN C 317 -15.56 -71.27 19.61
CA ASN C 317 -14.39 -72.12 19.35
C ASN C 317 -14.06 -72.26 17.88
N ARG C 318 -15.08 -72.62 17.11
CA ARG C 318 -14.92 -73.07 15.72
C ARG C 318 -15.24 -71.97 14.72
N HIS C 319 -14.57 -72.00 13.57
CA HIS C 319 -14.70 -70.93 12.58
C HIS C 319 -15.86 -71.20 11.62
N LYS C 320 -16.87 -71.93 12.08
CA LYS C 320 -17.98 -72.35 11.24
C LYS C 320 -19.19 -71.44 11.41
N PRO C 321 -19.46 -70.57 10.41
CA PRO C 321 -20.58 -69.63 10.47
C PRO C 321 -21.94 -70.24 10.24
N TRP C 322 -22.96 -69.43 10.48
CA TRP C 322 -24.35 -69.81 10.34
C TRP C 322 -24.78 -69.83 8.87
N ARG C 323 -25.39 -70.94 8.43
CA ARG C 323 -25.82 -71.10 7.04
C ARG C 323 -26.64 -69.92 6.55
N PHE C 324 -27.61 -69.52 7.35
CA PHE C 324 -28.61 -68.56 6.89
C PHE C 324 -28.21 -67.11 7.11
N GLY C 325 -27.03 -66.90 7.67
CA GLY C 325 -26.63 -65.56 8.08
C GLY C 325 -26.57 -64.56 6.94
N THR C 326 -25.84 -64.91 5.90
CA THR C 326 -25.63 -64.00 4.80
C THR C 326 -26.96 -63.51 4.20
N ARG C 327 -27.89 -64.45 4.02
CA ARG C 327 -29.17 -64.15 3.40
C ARG C 327 -30.04 -63.32 4.32
N PHE C 328 -30.04 -63.65 5.60
CA PHE C 328 -30.81 -62.91 6.59
C PHE C 328 -30.31 -61.48 6.71
N MET C 329 -29.00 -61.32 6.86
CA MET C 329 -28.40 -60.00 6.92
C MET C 329 -28.84 -59.17 5.71
N SER C 330 -28.88 -59.79 4.54
CA SER C 330 -29.26 -59.06 3.34
C SER C 330 -30.72 -58.62 3.40
N LEU C 331 -31.59 -59.46 3.97
CA LEU C 331 -33.02 -59.15 4.04
C LEU C 331 -33.26 -58.01 5.00
N ILE C 332 -32.49 -57.98 6.08
CA ILE C 332 -32.61 -56.94 7.08
C ILE C 332 -32.21 -55.59 6.50
N LYS C 333 -31.10 -55.54 5.77
CA LYS C 333 -30.65 -54.28 5.19
C LYS C 333 -31.62 -53.76 4.13
N GLU C 334 -32.39 -54.65 3.52
CA GLU C 334 -33.33 -54.25 2.49
C GLU C 334 -34.67 -53.83 3.08
N ALA C 335 -34.85 -54.06 4.38
CA ALA C 335 -36.16 -53.94 5.01
C ALA C 335 -36.61 -52.49 5.11
N HIS C 336 -37.93 -52.33 5.19
CA HIS C 336 -38.58 -51.03 5.25
C HIS C 336 -39.69 -51.20 6.28
N TRP C 337 -39.89 -50.19 7.12
CA TRP C 337 -40.86 -50.31 8.20
C TRP C 337 -41.27 -48.94 8.74
N GLU C 338 -42.56 -48.78 9.03
CA GLU C 338 -43.04 -47.59 9.73
C GLU C 338 -43.17 -47.91 11.20
N GLY C 339 -42.26 -47.39 12.02
CA GLY C 339 -42.26 -47.67 13.45
C GLY C 339 -42.40 -46.41 14.29
N LEU C 340 -42.15 -46.54 15.58
CA LEU C 340 -42.24 -45.40 16.48
C LEU C 340 -41.40 -44.23 16.01
N THR C 341 -40.32 -44.50 15.28
CA THR C 341 -39.41 -43.43 14.89
C THR C 341 -39.47 -43.08 13.40
N GLY C 342 -40.63 -43.28 12.79
CA GLY C 342 -40.83 -42.87 11.40
C GLY C 342 -40.40 -43.91 10.38
N ARG C 343 -40.12 -43.45 9.16
CA ARG C 343 -39.60 -44.32 8.11
C ARG C 343 -38.31 -44.95 8.55
N ILE C 344 -38.25 -46.28 8.54
CA ILE C 344 -36.99 -46.96 8.78
C ILE C 344 -36.49 -47.51 7.45
N THR C 345 -35.26 -47.18 7.12
CA THR C 345 -34.65 -47.62 5.88
C THR C 345 -33.14 -47.50 6.03
N PHE C 346 -32.43 -48.58 5.70
CA PHE C 346 -30.98 -48.54 5.84
C PHE C 346 -30.31 -48.21 4.51
N ASN C 347 -29.05 -47.81 4.63
CA ASN C 347 -28.23 -47.40 3.51
C ASN C 347 -27.63 -48.64 2.88
N LYS C 348 -27.92 -48.87 1.60
CA LYS C 348 -27.37 -50.02 0.91
C LYS C 348 -25.88 -50.18 1.22
N THR C 349 -25.15 -49.08 1.12
CA THR C 349 -23.69 -49.06 1.28
C THR C 349 -23.15 -49.55 2.65
N ASN C 350 -23.56 -48.92 3.75
CA ASN C 350 -22.93 -49.21 5.06
C ASN C 350 -23.87 -49.71 6.18
N GLY C 351 -25.15 -49.87 5.87
CA GLY C 351 -26.09 -50.39 6.84
C GLY C 351 -26.41 -49.39 7.94
N LEU C 352 -26.05 -48.14 7.70
CA LEU C 352 -26.35 -47.06 8.63
C LEU C 352 -27.66 -46.40 8.21
N ARG C 353 -28.42 -45.91 9.20
CA ARG C 353 -29.68 -45.24 8.92
C ARG C 353 -29.38 -43.79 8.58
N THR C 354 -29.17 -43.47 7.30
CA THR C 354 -28.79 -42.11 6.95
C THR C 354 -29.95 -41.30 6.42
N ASP C 355 -31.04 -41.98 6.06
CA ASP C 355 -32.21 -41.26 5.58
C ASP C 355 -33.38 -41.52 6.53
N PHE C 356 -33.91 -40.46 7.10
CA PHE C 356 -34.99 -40.56 8.09
C PHE C 356 -35.77 -39.25 8.16
N ASP C 357 -36.85 -39.23 8.93
CA ASP C 357 -37.68 -38.04 9.05
C ASP C 357 -37.65 -37.47 10.47
N LEU C 358 -37.38 -36.18 10.59
CA LEU C 358 -37.43 -35.47 11.87
C LEU C 358 -38.57 -34.45 11.90
N ASP C 359 -39.31 -34.40 13.01
CA ASP C 359 -40.13 -33.24 13.32
C ASP C 359 -39.22 -32.16 13.93
N VAL C 360 -39.47 -30.90 13.62
CA VAL C 360 -38.70 -29.82 14.25
C VAL C 360 -39.57 -29.12 15.31
N ILE C 361 -39.10 -29.10 16.55
CA ILE C 361 -39.90 -28.59 17.67
C ILE C 361 -39.29 -27.36 18.37
N SER C 362 -40.16 -26.45 18.81
CA SER C 362 -39.74 -25.19 19.47
C SER C 362 -40.62 -24.93 20.68
N LEU C 363 -40.09 -24.19 21.66
CA LEU C 363 -40.87 -23.85 22.84
C LEU C 363 -41.78 -22.65 22.59
N LYS C 364 -43.08 -22.88 22.59
CA LYS C 364 -44.06 -21.81 22.59
C LYS C 364 -44.59 -21.73 24.02
N GLU C 365 -45.38 -20.70 24.33
CA GLU C 365 -45.94 -20.59 25.68
C GLU C 365 -46.79 -21.80 26.06
N GLU C 366 -47.36 -22.48 25.07
CA GLU C 366 -48.23 -23.63 25.30
C GLU C 366 -47.44 -24.90 25.69
N GLY C 367 -46.14 -24.89 25.41
CA GLY C 367 -45.30 -26.06 25.59
C GLY C 367 -44.43 -26.27 24.36
N LEU C 368 -43.84 -27.45 24.22
CA LEU C 368 -43.06 -27.76 23.02
C LEU C 368 -44.01 -28.22 21.92
N GLU C 369 -43.89 -27.59 20.76
CA GLU C 369 -44.79 -27.88 19.65
C GLU C 369 -44.03 -27.97 18.32
N LYS C 370 -44.63 -28.65 17.35
CA LYS C 370 -44.02 -28.84 16.04
C LYS C 370 -44.10 -27.56 15.20
N ILE C 371 -43.02 -27.20 14.53
CA ILE C 371 -43.02 -26.02 13.67
C ILE C 371 -42.47 -26.30 12.27
N GLY C 372 -42.20 -27.58 11.96
CA GLY C 372 -41.73 -27.96 10.65
C GLY C 372 -41.29 -29.41 10.56
N THR C 373 -40.49 -29.72 9.54
CA THR C 373 -39.90 -31.04 9.38
C THR C 373 -38.52 -30.92 8.77
N TRP C 374 -37.75 -32.01 8.81
CA TRP C 374 -36.48 -32.09 8.09
C TRP C 374 -36.26 -33.50 7.55
N ASP C 375 -35.69 -33.58 6.36
CA ASP C 375 -35.20 -34.85 5.83
C ASP C 375 -34.06 -34.54 4.88
N PRO C 376 -33.11 -35.47 4.73
CA PRO C 376 -31.89 -35.09 4.02
C PRO C 376 -32.11 -34.60 2.60
N ALA C 377 -33.21 -34.95 1.95
CA ALA C 377 -33.40 -34.58 0.54
C ALA C 377 -34.13 -33.25 0.32
N SER C 378 -34.74 -32.72 1.37
CA SER C 378 -35.56 -31.52 1.23
C SER C 378 -35.05 -30.36 2.07
N GLY C 379 -34.18 -30.67 3.03
CA GLY C 379 -33.78 -29.69 4.01
C GLY C 379 -34.99 -29.41 4.89
N LEU C 380 -35.17 -28.16 5.31
CA LEU C 380 -36.30 -27.85 6.15
C LEU C 380 -37.58 -27.63 5.33
N ASN C 381 -38.71 -28.00 5.94
CA ASN C 381 -40.03 -27.72 5.40
C ASN C 381 -40.77 -27.01 6.50
N MET C 382 -40.36 -25.79 6.83
CA MET C 382 -41.00 -25.05 7.91
C MET C 382 -42.37 -24.59 7.46
N THR C 383 -43.32 -24.69 8.37
CA THR C 383 -44.70 -24.34 8.08
C THR C 383 -45.05 -23.01 8.74
N GLU C 384 -44.65 -21.92 8.08
CA GLU C 384 -44.85 -20.58 8.63
C GLU C 384 -46.32 -20.20 8.68
N ASN C 399 -44.27 -9.93 36.03
CA ASN C 399 -43.05 -10.00 35.24
C ASN C 399 -41.94 -9.13 35.84
N ARG C 400 -40.74 -9.22 35.26
CA ARG C 400 -39.56 -8.54 35.79
C ARG C 400 -39.74 -7.05 35.64
N SER C 401 -39.34 -6.30 36.64
CA SER C 401 -39.31 -4.84 36.54
C SER C 401 -38.19 -4.45 35.60
N LEU C 402 -38.44 -3.44 34.79
CA LEU C 402 -37.42 -2.92 33.95
C LEU C 402 -36.49 -2.00 34.75
N ILE C 403 -35.19 -2.08 34.49
CA ILE C 403 -34.22 -1.16 35.08
C ILE C 403 -34.16 0.08 34.21
N VAL C 404 -34.44 1.22 34.82
CA VAL C 404 -34.48 2.49 34.10
C VAL C 404 -33.32 3.36 34.59
N THR C 405 -32.34 3.62 33.73
CA THR C 405 -31.28 4.56 34.05
C THR C 405 -31.70 5.98 33.77
N THR C 406 -31.23 6.90 34.62
CA THR C 406 -31.56 8.28 34.49
C THR C 406 -30.45 9.14 35.09
N ILE C 407 -30.67 10.44 35.09
CA ILE C 407 -29.69 11.39 35.56
C ILE C 407 -30.44 12.55 36.17
N LEU C 408 -29.89 13.16 37.22
CA LEU C 408 -30.53 14.37 37.78
C LEU C 408 -30.40 15.55 36.86
N GLU C 409 -31.51 16.14 36.52
CA GLU C 409 -31.52 17.32 35.65
C GLU C 409 -32.86 18.03 35.78
N GLU C 410 -32.91 19.20 36.37
CA GLU C 410 -34.18 19.91 36.55
C GLU C 410 -34.63 20.47 35.21
N PRO C 411 -35.94 20.39 34.91
CA PRO C 411 -37.07 19.87 35.64
C PRO C 411 -37.46 18.50 35.15
N TYR C 412 -36.54 17.79 34.52
CA TYR C 412 -36.82 16.46 34.01
C TYR C 412 -36.79 15.35 35.04
N VAL C 413 -35.76 15.43 35.92
CA VAL C 413 -35.56 14.40 36.95
C VAL C 413 -34.95 15.10 38.16
N LEU C 414 -35.63 15.03 39.28
CA LEU C 414 -35.21 15.62 40.52
C LEU C 414 -35.47 14.71 41.66
N PHE C 415 -34.72 14.89 42.75
CA PHE C 415 -35.13 14.29 44.02
C PHE C 415 -36.19 15.17 44.64
N LYS C 416 -37.29 14.54 45.05
CA LYS C 416 -38.37 15.18 45.78
C LYS C 416 -37.85 15.69 47.12
N LYS C 417 -38.36 16.85 47.50
CA LYS C 417 -38.13 17.38 48.84
C LYS C 417 -39.11 16.75 49.82
N SER C 418 -38.62 16.41 50.98
CA SER C 418 -39.49 15.90 52.05
C SER C 418 -38.73 15.90 53.33
N ASP C 419 -39.47 15.79 54.43
CA ASP C 419 -38.89 15.58 55.74
C ASP C 419 -38.65 14.11 56.03
N LYS C 420 -39.65 13.23 55.87
CA LYS C 420 -39.36 11.81 56.04
C LYS C 420 -38.44 11.44 54.89
N PRO C 421 -37.51 10.48 55.13
CA PRO C 421 -36.72 9.91 54.05
C PRO C 421 -37.60 9.17 53.11
N LEU C 422 -37.22 9.26 51.85
CA LEU C 422 -37.91 8.57 50.76
C LEU C 422 -37.05 7.42 50.21
N TYR C 423 -37.72 6.40 49.68
CA TYR C 423 -37.10 5.16 49.24
C TYR C 423 -37.53 4.80 47.83
N GLY C 424 -36.60 4.18 47.10
CA GLY C 424 -36.93 3.61 45.83
C GLY C 424 -37.40 4.65 44.84
N ASN C 425 -38.36 4.26 44.05
CA ASN C 425 -38.86 5.15 43.01
C ASN C 425 -39.54 6.40 43.55
N ASP C 426 -40.00 6.30 44.79
CA ASP C 426 -40.67 7.41 45.46
C ASP C 426 -39.75 8.61 45.72
N ARG C 427 -38.46 8.44 45.51
CA ARG C 427 -37.53 9.52 45.71
C ARG C 427 -37.59 10.54 44.60
N PHE C 428 -38.13 10.23 43.43
CA PHE C 428 -37.93 11.03 42.24
C PHE C 428 -39.21 11.73 41.77
N GLU C 429 -39.03 12.87 41.15
CA GLU C 429 -40.14 13.50 40.44
C GLU C 429 -39.58 14.26 39.24
N GLY C 430 -40.49 14.75 38.38
CA GLY C 430 -40.11 15.56 37.26
C GLY C 430 -40.83 15.17 35.98
N TYR C 431 -40.58 15.91 34.91
CA TYR C 431 -41.23 15.57 33.65
C TYR C 431 -40.96 14.17 33.19
N CYS C 432 -39.70 13.73 33.28
CA CYS C 432 -39.37 12.42 32.78
C CYS C 432 -39.91 11.34 33.69
N ILE C 433 -40.08 11.64 34.97
CA ILE C 433 -40.68 10.72 35.89
C ILE C 433 -42.15 10.56 35.60
N ASP C 434 -42.84 11.67 35.31
CA ASP C 434 -44.23 11.56 34.89
C ASP C 434 -44.35 10.79 33.54
N LEU C 435 -43.42 11.03 32.64
CA LEU C 435 -43.44 10.28 31.38
C LEU C 435 -43.32 8.81 31.60
N LEU C 436 -42.36 8.41 32.43
CA LEU C 436 -42.12 7.04 32.73
C LEU C 436 -43.36 6.44 33.36
N ARG C 437 -44.03 7.12 34.28
CA ARG C 437 -45.26 6.62 34.89
C ARG C 437 -46.30 6.36 33.80
N GLU C 438 -46.47 7.32 32.89
CA GLU C 438 -47.46 7.13 31.85
C GLU C 438 -47.10 5.95 30.96
N LEU C 439 -45.84 5.83 30.55
CA LEU C 439 -45.42 4.70 29.71
C LEU C 439 -45.69 3.41 30.41
N SER C 440 -45.43 3.35 31.71
CA SER C 440 -45.57 2.11 32.43
C SER C 440 -47.03 1.66 32.45
N THR C 441 -47.95 2.60 32.54
CA THR C 441 -49.39 2.29 32.58
C THR C 441 -49.85 1.86 31.19
N ILE C 442 -49.45 2.57 30.14
CA ILE C 442 -49.85 2.21 28.79
C ILE C 442 -49.32 0.84 28.38
N LEU C 443 -48.06 0.56 28.68
CA LEU C 443 -47.38 -0.65 28.21
C LEU C 443 -47.41 -1.80 29.23
N GLY C 444 -47.80 -1.50 30.46
CA GLY C 444 -47.97 -2.53 31.47
C GLY C 444 -46.66 -3.12 31.91
N PHE C 445 -45.78 -2.25 32.38
CA PHE C 445 -44.57 -2.73 33.03
C PHE C 445 -44.37 -2.06 34.37
N THR C 446 -43.59 -2.71 35.22
CA THR C 446 -43.09 -2.11 36.45
C THR C 446 -41.63 -1.80 36.24
N TYR C 447 -41.07 -0.97 37.10
CA TYR C 447 -39.72 -0.45 36.85
C TYR C 447 -39.01 -0.06 38.14
N GLU C 448 -37.70 -0.02 38.06
CA GLU C 448 -36.81 0.44 39.14
C GLU C 448 -35.89 1.50 38.59
N ILE C 449 -35.99 2.73 39.10
CA ILE C 449 -35.15 3.85 38.69
C ILE C 449 -33.78 3.82 39.36
N ARG C 450 -32.73 3.96 38.55
CA ARG C 450 -31.35 4.00 39.09
C ARG C 450 -30.60 5.11 38.43
N LEU C 451 -29.97 6.01 39.17
CA LEU C 451 -29.13 7.06 38.63
C LEU C 451 -27.89 6.45 38.01
N VAL C 452 -27.53 6.96 36.85
CA VAL C 452 -26.33 6.47 36.19
C VAL C 452 -25.10 6.71 37.08
N GLU C 453 -24.32 5.70 37.29
CA GLU C 453 -23.31 5.80 38.31
C GLU C 453 -22.25 6.81 37.99
N ASP C 454 -21.86 6.98 36.71
CA ASP C 454 -20.83 7.93 36.40
C ASP C 454 -21.33 9.34 36.21
N GLY C 455 -22.63 9.59 36.29
CA GLY C 455 -23.16 10.95 36.21
C GLY C 455 -23.06 11.56 34.82
N LYS C 456 -22.96 10.75 33.77
CA LYS C 456 -22.80 11.24 32.41
C LYS C 456 -23.91 10.81 31.50
N TYR C 457 -24.14 11.63 30.47
CA TYR C 457 -25.13 11.30 29.43
C TYR C 457 -24.56 10.26 28.50
N GLY C 458 -23.42 10.56 27.88
CA GLY C 458 -22.69 9.53 27.18
C GLY C 458 -21.99 10.03 25.95
N ALA C 459 -20.70 9.76 25.85
CA ALA C 459 -19.90 10.08 24.71
C ALA C 459 -18.84 8.95 24.56
N GLN C 460 -18.22 8.91 23.41
CA GLN C 460 -17.21 7.88 23.09
C GLN C 460 -15.85 8.46 23.30
N ASP C 461 -15.00 7.69 23.97
CA ASP C 461 -13.59 8.05 24.09
C ASP C 461 -12.82 7.92 22.75
N ASP C 462 -12.10 8.97 22.40
CA ASP C 462 -11.49 9.09 21.08
C ASP C 462 -10.29 8.16 20.91
N VAL C 463 -9.64 7.81 22.00
CA VAL C 463 -8.46 6.94 21.93
C VAL C 463 -8.78 5.45 22.14
N ASN C 464 -9.70 5.12 23.03
CA ASN C 464 -10.00 3.71 23.30
C ASN C 464 -11.38 3.25 22.79
N GLY C 465 -12.19 4.20 22.34
CA GLY C 465 -13.43 3.89 21.67
C GLY C 465 -14.57 3.44 22.58
N GLN C 466 -14.42 3.60 23.88
CA GLN C 466 -15.43 3.06 24.77
C GLN C 466 -16.41 4.19 25.05
N TRP C 467 -17.68 3.84 25.22
CA TRP C 467 -18.69 4.80 25.64
C TRP C 467 -18.75 4.91 27.16
N ASN C 468 -19.33 5.99 27.64
CA ASN C 468 -19.65 6.11 29.03
C ASN C 468 -21.10 6.52 29.24
N GLY C 469 -21.47 6.85 30.46
CA GLY C 469 -22.77 7.39 30.76
C GLY C 469 -23.93 6.42 30.57
N MET C 470 -25.12 6.98 30.39
CA MET C 470 -26.32 6.18 30.17
C MET C 470 -26.23 5.39 28.89
N VAL C 471 -25.56 5.95 27.88
CA VAL C 471 -25.41 5.22 26.61
C VAL C 471 -24.64 3.92 26.87
N ARG C 472 -23.55 3.96 27.62
CA ARG C 472 -22.79 2.77 27.94
C ARG C 472 -23.63 1.78 28.76
N GLU C 473 -24.46 2.28 29.68
CA GLU C 473 -25.33 1.37 30.43
C GLU C 473 -26.27 0.56 29.54
N LEU C 474 -26.78 1.20 28.49
CA LEU C 474 -27.65 0.53 27.53
C LEU C 474 -26.81 -0.45 26.67
N ILE C 475 -25.68 -0.02 26.11
CA ILE C 475 -24.84 -0.92 25.30
C ILE C 475 -24.55 -2.23 26.05
N ASP C 476 -24.27 -2.10 27.34
CA ASP C 476 -23.86 -3.25 28.17
C ASP C 476 -25.05 -4.00 28.77
N HIS C 477 -26.27 -3.58 28.41
CA HIS C 477 -27.49 -4.22 28.90
C HIS C 477 -27.59 -4.21 30.42
N LYS C 478 -27.07 -3.15 31.02
CA LYS C 478 -27.22 -2.93 32.44
C LYS C 478 -28.48 -2.16 32.80
N ALA C 479 -29.13 -1.54 31.79
CA ALA C 479 -30.44 -0.93 31.94
C ALA C 479 -31.28 -1.34 30.74
N ASP C 480 -32.59 -1.43 30.94
CA ASP C 480 -33.53 -1.71 29.88
C ASP C 480 -33.94 -0.45 29.14
N LEU C 481 -34.06 0.66 29.84
CA LEU C 481 -34.47 1.94 29.29
C LEU C 481 -33.64 3.06 29.90
N ALA C 482 -33.40 4.09 29.12
CA ALA C 482 -32.89 5.36 29.66
C ALA C 482 -33.98 6.38 29.51
N VAL C 483 -34.52 6.89 30.59
CA VAL C 483 -35.62 7.87 30.55
C VAL C 483 -35.07 9.14 31.20
N ALA C 484 -34.76 10.12 30.36
CA ALA C 484 -33.97 11.23 30.71
C ALA C 484 -34.06 12.19 29.52
N PRO C 485 -33.56 13.42 29.71
CA PRO C 485 -33.43 14.32 28.53
C PRO C 485 -32.22 13.89 27.67
N LEU C 486 -32.36 12.75 27.02
CA LEU C 486 -31.27 12.09 26.31
C LEU C 486 -31.43 12.39 24.84
N ALA C 487 -30.53 13.16 24.27
CA ALA C 487 -30.62 13.55 22.88
C ALA C 487 -30.41 12.40 21.93
N ILE C 488 -31.25 12.35 20.91
CA ILE C 488 -31.13 11.41 19.80
C ILE C 488 -30.10 12.04 18.85
N THR C 489 -28.97 11.36 18.67
CA THR C 489 -27.91 11.86 17.85
C THR C 489 -27.42 10.79 16.90
N TYR C 490 -26.79 11.22 15.81
CA TYR C 490 -26.19 10.31 14.84
C TYR C 490 -25.30 9.29 15.48
N VAL C 491 -24.36 9.76 16.29
CA VAL C 491 -23.37 8.83 16.83
C VAL C 491 -24.02 7.86 17.80
N ARG C 492 -25.00 8.29 18.58
CA ARG C 492 -25.65 7.38 19.49
C ARG C 492 -26.59 6.35 18.83
N GLU C 493 -27.27 6.77 17.77
CA GLU C 493 -28.24 5.89 17.11
C GLU C 493 -27.51 4.76 16.42
N LYS C 494 -26.24 4.92 16.13
CA LYS C 494 -25.44 3.77 15.61
C LYS C 494 -25.15 2.67 16.63
N VAL C 495 -25.30 2.98 17.93
CA VAL C 495 -24.92 2.04 18.99
C VAL C 495 -26.05 1.63 19.97
N ILE C 496 -27.05 2.47 20.13
CA ILE C 496 -28.24 2.19 20.91
C ILE C 496 -29.47 2.53 20.06
N ASP C 497 -30.64 2.15 20.55
CA ASP C 497 -31.87 2.51 19.86
C ASP C 497 -32.58 3.60 20.69
N PHE C 498 -33.37 4.41 20.03
CA PHE C 498 -34.16 5.45 20.64
C PHE C 498 -35.59 5.39 20.16
N SER C 499 -36.53 5.64 21.06
CA SER C 499 -37.89 5.94 20.61
C SER C 499 -37.86 7.20 19.76
N LYS C 500 -38.94 7.45 19.01
CA LYS C 500 -39.16 8.77 18.44
C LYS C 500 -39.28 9.77 19.55
N PRO C 501 -39.07 11.04 19.21
CA PRO C 501 -38.88 12.02 20.25
C PRO C 501 -40.13 12.38 20.99
N PHE C 502 -39.98 12.61 22.30
CA PHE C 502 -41.05 13.18 23.11
C PHE C 502 -40.97 14.69 23.26
N MET C 503 -39.86 15.29 22.85
CA MET C 503 -39.67 16.71 22.88
C MET C 503 -38.63 17.07 21.83
N THR C 504 -38.79 18.22 21.23
CA THR C 504 -37.82 18.67 20.21
C THR C 504 -37.18 19.95 20.74
N LEU C 505 -35.96 20.18 20.33
CA LEU C 505 -35.12 21.24 20.91
C LEU C 505 -33.94 21.51 20.01
N GLY C 506 -33.04 22.38 20.44
CA GLY C 506 -31.79 22.55 19.76
C GLY C 506 -30.78 23.20 20.70
N ILE C 507 -29.54 23.17 20.34
CA ILE C 507 -28.50 23.87 21.07
C ILE C 507 -28.69 25.35 20.92
N SER C 508 -28.56 26.08 22.01
CA SER C 508 -28.51 27.53 21.95
C SER C 508 -27.55 28.01 23.03
N ILE C 509 -27.61 29.30 23.29
CA ILE C 509 -26.64 29.98 24.17
C ILE C 509 -27.40 30.62 25.34
N LEU C 510 -26.92 30.37 26.56
CA LEU C 510 -27.39 31.06 27.75
C LEU C 510 -26.35 32.10 28.18
N TYR C 511 -26.76 33.35 28.40
CA TYR C 511 -25.81 34.38 28.79
C TYR C 511 -26.57 35.44 29.55
N ARG C 512 -25.83 36.40 30.04
CA ARG C 512 -26.45 37.57 30.68
C ARG C 512 -27.13 38.45 29.67
N LYS C 513 -28.07 39.25 30.18
CA LYS C 513 -28.69 40.28 29.40
C LYS C 513 -27.80 41.51 29.25
N GLY C 520 -28.89 58.88 36.30
CA GLY C 520 -27.68 59.39 36.91
C GLY C 520 -27.33 60.78 36.45
N VAL C 521 -27.66 61.78 37.27
CA VAL C 521 -27.35 63.17 36.96
C VAL C 521 -25.82 63.35 36.81
N PHE C 522 -25.08 62.30 37.15
CA PHE C 522 -23.62 62.33 37.08
C PHE C 522 -23.10 62.18 35.65
N SER C 523 -24.01 62.11 34.68
CA SER C 523 -23.61 62.09 33.28
C SER C 523 -23.59 63.52 32.74
N PHE C 524 -23.93 64.46 33.60
CA PHE C 524 -23.94 65.88 33.27
C PHE C 524 -22.73 66.57 33.89
N LEU C 525 -22.27 66.01 35.01
CA LEU C 525 -21.11 66.55 35.71
C LEU C 525 -19.81 65.99 35.12
N ASN C 526 -19.95 64.99 34.26
CA ASN C 526 -18.79 64.35 33.63
C ASN C 526 -18.23 65.15 32.47
N PRO C 527 -19.10 65.52 31.51
CA PRO C 527 -18.64 66.29 30.35
C PRO C 527 -17.74 67.42 30.78
N LEU C 528 -18.28 68.31 31.60
CA LEU C 528 -17.45 69.36 32.16
C LEU C 528 -17.06 68.93 33.58
N SER C 529 -15.76 68.73 33.75
CA SER C 529 -15.16 68.19 34.97
C SER C 529 -15.51 69.05 36.16
N PRO C 530 -15.63 68.42 37.33
CA PRO C 530 -15.92 69.15 38.55
C PRO C 530 -14.89 70.25 38.78
N ASP C 531 -13.64 69.97 38.40
CA ASP C 531 -12.56 70.92 38.58
C ASP C 531 -12.76 72.13 37.69
N ILE C 532 -13.34 71.90 36.52
CA ILE C 532 -13.59 72.96 35.56
C ILE C 532 -14.80 73.82 35.96
N TRP C 533 -15.85 73.18 36.47
CA TRP C 533 -17.01 73.92 36.97
C TRP C 533 -16.58 74.86 38.09
N MET C 534 -15.59 74.42 38.86
CA MET C 534 -15.09 75.21 39.98
C MET C 534 -14.37 76.46 39.49
N TYR C 535 -13.36 76.26 38.65
CA TYR C 535 -12.55 77.37 38.15
C TYR C 535 -13.39 78.38 37.37
N VAL C 536 -14.37 77.89 36.61
CA VAL C 536 -15.24 78.77 35.85
C VAL C 536 -16.10 79.62 36.78
N LEU C 537 -16.25 79.15 38.02
CA LEU C 537 -16.99 79.89 39.04
C LEU C 537 -16.06 80.85 39.78
N LEU C 538 -14.81 80.42 39.99
CA LEU C 538 -13.81 81.28 40.62
C LEU C 538 -13.48 82.47 39.73
N ALA C 539 -13.33 82.21 38.44
CA ALA C 539 -13.09 83.27 37.46
C ALA C 539 -14.36 84.09 37.29
N CYS C 540 -15.50 83.47 37.56
CA CYS C 540 -16.79 84.14 37.47
C CYS C 540 -16.85 85.30 38.46
N TRP C 610 -16.43 86.99 27.42
CA TRP C 610 -17.37 86.44 26.45
C TRP C 610 -16.70 85.40 25.58
N PHE C 611 -15.49 85.70 25.13
CA PHE C 611 -14.71 84.76 24.32
C PHE C 611 -14.36 83.53 25.15
N PHE C 612 -14.17 83.74 26.46
CA PHE C 612 -13.87 82.65 27.37
C PHE C 612 -15.03 81.69 27.50
N THR C 613 -16.22 82.22 27.80
CA THR C 613 -17.40 81.40 27.95
C THR C 613 -17.82 80.77 26.63
N LEU C 614 -17.51 81.45 25.53
CA LEU C 614 -17.81 80.93 24.20
C LEU C 614 -17.08 79.61 23.97
N ILE C 615 -15.79 79.59 24.29
CA ILE C 615 -14.97 78.40 24.14
C ILE C 615 -15.49 77.26 25.02
N ILE C 616 -15.81 77.59 26.26
CA ILE C 616 -16.28 76.58 27.21
C ILE C 616 -17.58 75.92 26.77
N ILE C 617 -18.59 76.73 26.45
CA ILE C 617 -19.87 76.21 26.01
C ILE C 617 -19.74 75.43 24.71
N SER C 618 -18.77 75.82 23.89
CA SER C 618 -18.48 75.09 22.66
C SER C 618 -17.86 73.74 22.98
N SER C 619 -16.95 73.74 23.95
CA SER C 619 -16.31 72.51 24.40
C SER C 619 -17.33 71.55 25.00
N TYR C 620 -18.20 72.09 25.86
CA TYR C 620 -19.25 71.28 26.48
C TYR C 620 -20.14 70.64 25.42
N THR C 621 -20.52 71.42 24.43
CA THR C 621 -21.39 70.93 23.36
C THR C 621 -20.71 69.84 22.55
N ALA C 622 -19.47 70.11 22.13
CA ALA C 622 -18.71 69.15 21.33
C ALA C 622 -18.49 67.85 22.10
N ASN C 623 -18.04 67.97 23.35
CA ASN C 623 -17.79 66.80 24.18
C ASN C 623 -19.04 65.98 24.43
N LEU C 624 -20.16 66.67 24.66
CA LEU C 624 -21.43 66.00 24.92
C LEU C 624 -21.89 65.22 23.69
N ALA C 625 -21.47 65.68 22.51
CA ALA C 625 -21.83 65.01 21.26
C ALA C 625 -21.06 63.69 21.14
N ALA C 626 -19.86 63.70 21.69
CA ALA C 626 -18.96 62.57 21.65
C ALA C 626 -19.40 61.48 22.61
N PHE C 627 -20.00 61.87 23.73
CA PHE C 627 -20.47 60.90 24.72
C PHE C 627 -21.68 60.11 24.20
N LEU C 628 -22.38 60.69 23.24
CA LEU C 628 -23.54 60.03 22.63
C LEU C 628 -23.13 59.26 21.39
N THR C 629 -22.12 59.76 20.70
CA THR C 629 -21.59 59.08 19.51
C THR C 629 -20.91 57.78 19.92
N VAL C 630 -20.09 57.84 20.95
CA VAL C 630 -19.42 56.64 21.46
C VAL C 630 -20.43 55.70 22.11
N GLU C 631 -21.48 56.27 22.71
CA GLU C 631 -22.51 55.48 23.36
C GLU C 631 -23.18 54.59 22.31
N ARG C 632 -23.17 55.04 21.07
CA ARG C 632 -23.74 54.25 20.00
C ARG C 632 -22.72 53.31 19.41
N PRO C 636 -24.02 43.14 23.48
CA PRO C 636 -24.15 43.07 22.02
C PRO C 636 -23.92 41.69 21.44
N ILE C 637 -23.71 40.66 22.27
CA ILE C 637 -23.53 39.31 21.74
C ILE C 637 -24.88 38.82 21.23
N ASP C 638 -24.95 38.39 19.97
CA ASP C 638 -26.22 37.98 19.36
C ASP C 638 -26.21 36.61 18.71
N SER C 639 -25.06 35.98 18.68
CA SER C 639 -24.93 34.70 17.94
C SER C 639 -23.68 33.96 18.38
N ALA C 640 -23.61 32.68 18.02
CA ALA C 640 -22.40 31.89 18.21
C ALA C 640 -21.22 32.53 17.51
N ASP C 641 -21.45 33.06 16.31
CA ASP C 641 -20.36 33.70 15.58
C ASP C 641 -19.72 34.80 16.41
N ASP C 642 -20.55 35.57 17.12
CA ASP C 642 -20.02 36.60 18.01
C ASP C 642 -19.14 36.04 19.13
N LEU C 643 -19.48 34.88 19.68
CA LEU C 643 -18.59 34.25 20.65
C LEU C 643 -17.30 33.72 20.01
N ALA C 644 -17.44 33.10 18.85
CA ALA C 644 -16.32 32.42 18.23
C ALA C 644 -15.18 33.35 17.87
N LYS C 645 -15.52 34.59 17.52
CA LYS C 645 -14.50 35.57 17.10
C LYS C 645 -13.82 36.33 18.21
N GLN C 646 -14.05 35.95 19.46
CA GLN C 646 -13.42 36.60 20.57
C GLN C 646 -13.04 35.57 21.67
N THR C 647 -12.29 36.01 22.66
CA THR C 647 -11.94 35.15 23.80
C THR C 647 -12.14 35.73 25.18
N LYS C 648 -12.56 37.01 25.24
CA LYS C 648 -12.74 37.67 26.55
C LYS C 648 -13.92 37.02 27.30
N ILE C 649 -14.97 36.73 26.55
CA ILE C 649 -16.13 35.99 27.06
C ILE C 649 -15.87 34.53 26.82
N GLU C 650 -15.70 33.78 27.89
CA GLU C 650 -15.47 32.36 27.70
C GLU C 650 -16.79 31.65 27.52
N TYR C 651 -16.69 30.42 27.01
CA TYR C 651 -17.87 29.60 26.74
C TYR C 651 -17.57 28.17 26.80
N GLY C 652 -18.61 27.41 27.06
CA GLY C 652 -18.45 26.00 27.17
C GLY C 652 -19.75 25.24 27.22
N ALA C 653 -19.70 24.01 27.71
CA ALA C 653 -20.78 23.00 27.53
C ALA C 653 -20.62 21.92 28.56
N VAL C 654 -21.60 21.02 28.73
CA VAL C 654 -21.49 19.89 29.59
C VAL C 654 -20.54 18.85 29.01
N GLU C 655 -19.55 18.43 29.75
CA GLU C 655 -18.67 17.37 29.33
C GLU C 655 -19.41 16.05 29.05
N ASP C 656 -19.03 15.40 27.96
CA ASP C 656 -19.53 14.07 27.60
C ASP C 656 -21.03 14.00 27.31
N GLY C 657 -21.57 15.15 26.89
CA GLY C 657 -22.94 15.17 26.38
C GLY C 657 -22.97 15.50 24.91
N ALA C 658 -24.19 15.66 24.44
CA ALA C 658 -24.47 15.80 23.03
C ALA C 658 -24.02 17.14 22.53
N THR C 659 -24.14 18.20 23.30
CA THR C 659 -23.70 19.51 22.87
C THR C 659 -22.20 19.52 22.63
N MET C 660 -21.44 19.00 23.57
CA MET C 660 -19.99 18.89 23.44
C MET C 660 -19.67 18.12 22.19
N THR C 661 -20.32 16.98 21.99
CA THR C 661 -20.03 16.11 20.87
C THR C 661 -20.37 16.79 19.53
N PHE C 662 -21.42 17.62 19.52
CA PHE C 662 -21.75 18.36 18.32
C PHE C 662 -20.57 19.26 17.90
N PHE C 663 -20.04 19.98 18.87
CA PHE C 663 -18.89 20.87 18.58
C PHE C 663 -17.65 20.09 18.21
N LYS C 664 -17.39 19.00 18.93
CA LYS C 664 -16.23 18.16 18.70
C LYS C 664 -16.23 17.60 17.29
N LYS C 665 -17.40 17.24 16.78
CA LYS C 665 -17.48 16.64 15.46
C LYS C 665 -17.68 17.61 14.31
N SER C 666 -18.03 18.86 14.61
CA SER C 666 -18.49 19.75 13.52
C SER C 666 -17.39 20.17 12.56
N LYS C 667 -17.76 20.19 11.30
CA LYS C 667 -16.90 20.71 10.24
C LYS C 667 -17.24 22.14 9.86
N ILE C 668 -18.27 22.70 10.47
CA ILE C 668 -18.70 24.05 10.20
C ILE C 668 -17.70 25.01 10.83
N SER C 669 -17.19 25.98 10.09
CA SER C 669 -16.06 26.76 10.58
C SER C 669 -16.32 27.43 11.93
N THR C 670 -17.45 28.06 12.12
CA THR C 670 -17.75 28.74 13.38
C THR C 670 -17.67 27.73 14.53
N TYR C 671 -18.23 26.55 14.33
CA TYR C 671 -18.35 25.60 15.43
C TYR C 671 -17.04 24.91 15.66
N ASP C 672 -16.28 24.66 14.63
CA ASP C 672 -14.96 24.10 14.75
C ASP C 672 -14.03 25.06 15.54
N LYS C 673 -14.12 26.36 15.31
CA LYS C 673 -13.33 27.33 16.03
C LYS C 673 -13.74 27.31 17.51
N MET C 674 -15.05 27.23 17.77
CA MET C 674 -15.51 27.14 19.14
C MET C 674 -15.02 25.88 19.82
N TRP C 675 -15.00 24.74 19.12
CA TRP C 675 -14.46 23.51 19.73
C TRP C 675 -12.98 23.67 20.07
N ALA C 676 -12.19 24.27 19.21
CA ALA C 676 -10.79 24.43 19.50
C ALA C 676 -10.64 25.24 20.78
N PHE C 677 -11.44 26.26 20.98
CA PHE C 677 -11.40 27.03 22.22
C PHE C 677 -11.80 26.22 23.42
N MET C 678 -12.92 25.49 23.33
CA MET C 678 -13.39 24.74 24.48
C MET C 678 -12.44 23.62 24.81
N SER C 679 -11.87 22.96 23.82
CA SER C 679 -10.92 21.90 24.05
C SER C 679 -9.68 22.46 24.74
N SER C 680 -9.12 23.55 24.25
CA SER C 680 -7.97 24.19 24.89
C SER C 680 -8.24 24.51 26.37
N ARG C 681 -9.42 25.06 26.63
CA ARG C 681 -9.74 25.57 27.95
C ARG C 681 -10.62 24.60 28.74
N ARG C 682 -10.61 23.35 28.34
CA ARG C 682 -11.65 22.44 28.83
C ARG C 682 -11.65 22.23 30.35
N GLN C 683 -10.51 22.32 31.04
CA GLN C 683 -10.55 22.10 32.50
C GLN C 683 -11.36 23.19 33.19
N SER C 684 -11.47 24.36 32.59
CA SER C 684 -12.25 25.46 33.11
C SER C 684 -13.64 25.54 32.48
N VAL C 685 -13.76 25.40 31.16
CA VAL C 685 -15.02 25.75 30.52
C VAL C 685 -15.95 24.59 30.25
N LEU C 686 -15.46 23.35 30.29
CA LEU C 686 -16.37 22.18 30.22
C LEU C 686 -16.74 21.82 31.61
N VAL C 687 -18.02 21.69 31.87
CA VAL C 687 -18.57 21.50 33.20
C VAL C 687 -19.25 20.15 33.35
N LYS C 688 -19.53 19.70 34.56
CA LYS C 688 -20.10 18.37 34.72
C LYS C 688 -21.62 18.30 34.75
N SER C 689 -22.28 19.46 34.78
CA SER C 689 -23.74 19.52 34.82
C SER C 689 -24.23 20.89 34.36
N ASN C 690 -25.47 20.94 33.90
CA ASN C 690 -26.07 22.21 33.53
C ASN C 690 -26.07 23.12 34.76
N GLU C 691 -26.33 22.58 35.94
CA GLU C 691 -26.28 23.37 37.15
C GLU C 691 -24.94 24.13 37.26
N GLU C 692 -23.81 23.45 37.03
CA GLU C 692 -22.47 24.06 37.10
C GLU C 692 -22.29 25.15 36.02
N GLY C 693 -22.84 24.89 34.84
CA GLY C 693 -22.77 25.85 33.74
C GLY C 693 -23.52 27.14 34.08
N ILE C 694 -24.68 26.99 34.68
CA ILE C 694 -25.50 28.16 35.09
C ILE C 694 -24.76 28.98 36.11
N GLN C 695 -24.15 28.31 37.08
CA GLN C 695 -23.41 29.02 38.11
C GLN C 695 -22.23 29.77 37.49
N ARG C 696 -21.58 29.21 36.48
CA ARG C 696 -20.55 29.95 35.77
C ARG C 696 -21.07 31.20 35.02
N VAL C 697 -22.22 31.12 34.39
CA VAL C 697 -22.80 32.29 33.74
C VAL C 697 -23.11 33.42 34.77
N LEU C 698 -23.56 33.00 35.96
CA LEU C 698 -23.99 33.95 37.00
C LEU C 698 -22.82 34.59 37.70
N THR C 699 -21.66 33.94 37.67
CA THR C 699 -20.57 34.29 38.57
C THR C 699 -19.30 34.71 37.84
N SER C 700 -19.33 34.64 36.50
CA SER C 700 -18.18 35.01 35.65
C SER C 700 -18.64 35.40 34.23
N ASP C 701 -17.74 35.93 33.42
CA ASP C 701 -18.08 36.34 32.05
C ASP C 701 -17.96 35.13 31.14
N TYR C 702 -19.09 34.44 31.06
CA TYR C 702 -19.15 33.10 30.50
C TYR C 702 -20.53 32.90 29.90
N ALA C 703 -20.55 32.31 28.71
CA ALA C 703 -21.76 31.94 28.02
C ALA C 703 -21.80 30.44 27.92
N PHE C 704 -22.96 29.82 28.18
CA PHE C 704 -23.09 28.38 28.27
C PHE C 704 -23.88 27.85 27.08
N LEU C 705 -23.32 26.91 26.35
CA LEU C 705 -23.99 26.24 25.24
C LEU C 705 -24.83 25.14 25.84
N MET C 706 -26.15 25.23 25.66
CA MET C 706 -27.12 24.51 26.45
C MET C 706 -28.29 24.17 25.54
N GLU C 707 -29.03 23.14 25.88
CA GLU C 707 -30.22 22.83 25.07
C GLU C 707 -31.38 23.78 25.35
N SER C 708 -32.14 24.13 24.32
CA SER C 708 -33.10 25.22 24.37
C SER C 708 -34.21 24.99 25.35
N THR C 709 -34.62 23.74 25.53
CA THR C 709 -35.68 23.38 26.47
C THR C 709 -35.27 23.77 27.89
N THR C 710 -34.01 23.50 28.20
CA THR C 710 -33.48 23.75 29.51
C THR C 710 -33.26 25.26 29.66
N ILE C 711 -32.81 25.92 28.60
CA ILE C 711 -32.71 27.36 28.67
C ILE C 711 -34.06 28.01 28.99
N GLU C 712 -35.16 27.54 28.40
CA GLU C 712 -36.48 28.08 28.66
C GLU C 712 -36.81 27.96 30.15
N PHE C 713 -36.47 26.84 30.76
CA PHE C 713 -36.73 26.66 32.18
C PHE C 713 -35.88 27.63 33.01
N VAL C 714 -34.60 27.75 32.69
CA VAL C 714 -33.68 28.59 33.45
C VAL C 714 -34.00 30.06 33.35
N THR C 715 -34.33 30.55 32.17
CA THR C 715 -34.62 31.97 31.96
C THR C 715 -35.94 32.39 32.61
N GLN C 716 -36.88 31.48 32.78
CA GLN C 716 -38.14 31.81 33.45
C GLN C 716 -37.90 32.00 34.93
N ARG C 717 -36.78 31.51 35.45
CA ARG C 717 -36.50 31.60 36.88
C ARG C 717 -35.31 32.49 37.28
N ASN C 718 -34.44 32.79 36.32
CA ASN C 718 -33.29 33.64 36.53
C ASN C 718 -33.53 34.84 35.61
N CYS C 719 -34.11 35.93 36.10
CA CYS C 719 -34.50 37.00 35.18
C CYS C 719 -33.35 37.86 34.65
N ASN C 720 -32.13 37.64 35.14
CA ASN C 720 -30.98 38.33 34.59
C ASN C 720 -30.33 37.56 33.44
N LEU C 721 -30.90 36.40 33.10
CA LEU C 721 -30.34 35.56 32.01
C LEU C 721 -31.26 35.50 30.81
N THR C 722 -30.67 35.24 29.65
CA THR C 722 -31.41 35.14 28.44
C THR C 722 -30.79 34.17 27.46
N GLN C 723 -31.59 33.75 26.50
CA GLN C 723 -31.12 33.02 25.34
C GLN C 723 -30.50 33.99 24.34
N ILE C 724 -29.37 33.66 23.77
CA ILE C 724 -28.69 34.47 22.76
C ILE C 724 -28.83 33.73 21.45
N GLY C 725 -29.41 34.43 20.49
CA GLY C 725 -29.58 33.87 19.18
C GLY C 725 -30.65 32.83 19.18
N GLY C 726 -30.63 32.07 18.11
CA GLY C 726 -31.63 31.02 17.95
C GLY C 726 -31.02 29.66 18.19
N LEU C 727 -31.62 28.66 17.61
CA LEU C 727 -31.15 27.30 17.72
C LEU C 727 -30.09 27.09 16.69
N ILE C 728 -29.01 26.46 17.11
CA ILE C 728 -27.85 26.13 16.29
C ILE C 728 -28.13 24.87 15.50
N ASP C 729 -28.94 23.97 16.07
CA ASP C 729 -29.30 22.73 15.41
C ASP C 729 -30.69 22.28 15.82
N SER C 730 -31.08 21.09 15.44
CA SER C 730 -32.40 20.59 15.76
C SER C 730 -32.24 19.15 16.14
N LYS C 731 -32.80 18.76 17.30
CA LYS C 731 -32.79 17.36 17.70
C LYS C 731 -33.96 17.07 18.63
N GLY C 732 -34.17 15.82 18.92
CA GLY C 732 -35.18 15.41 19.85
C GLY C 732 -34.60 14.68 21.03
N TYR C 733 -35.36 14.64 22.09
CA TYR C 733 -35.09 13.71 23.20
C TYR C 733 -35.92 12.45 23.03
N GLY C 734 -35.30 11.30 23.18
CA GLY C 734 -35.98 10.03 23.08
C GLY C 734 -35.69 9.13 24.25
N VAL C 735 -36.51 8.15 24.47
CA VAL C 735 -36.21 7.09 25.45
C VAL C 735 -35.18 6.17 24.83
N GLY C 736 -34.05 5.96 25.49
CA GLY C 736 -33.03 5.06 24.98
C GLY C 736 -33.30 3.62 25.34
N THR C 737 -32.91 2.72 24.45
CA THR C 737 -32.97 1.30 24.70
C THR C 737 -31.72 0.66 24.14
N PRO C 738 -31.34 -0.53 24.65
CA PRO C 738 -30.32 -1.24 23.90
C PRO C 738 -30.71 -1.49 22.47
N MET C 739 -29.72 -1.52 21.59
CA MET C 739 -29.95 -1.86 20.21
C MET C 739 -30.72 -3.17 20.10
N GLY C 740 -31.80 -3.14 19.29
CA GLY C 740 -32.63 -4.29 19.06
C GLY C 740 -33.79 -4.49 20.06
N SER C 741 -33.94 -3.63 21.06
CA SER C 741 -34.92 -3.85 22.07
C SER C 741 -36.33 -3.81 21.48
N PRO C 742 -37.18 -4.73 21.87
CA PRO C 742 -38.59 -4.66 21.45
C PRO C 742 -39.35 -3.48 22.09
N TYR C 743 -38.81 -2.92 23.15
CA TYR C 743 -39.48 -1.80 23.78
C TYR C 743 -39.44 -0.52 22.97
N ARG C 744 -38.46 -0.39 22.08
CA ARG C 744 -38.27 0.84 21.35
C ARG C 744 -39.50 1.26 20.52
N ASP C 745 -40.06 0.35 19.73
CA ASP C 745 -41.22 0.65 18.89
C ASP C 745 -42.49 0.77 19.73
N LYS C 746 -42.60 0.03 20.82
CA LYS C 746 -43.78 0.15 21.72
C LYS C 746 -43.81 1.51 22.40
N ILE C 747 -42.63 1.99 22.83
CA ILE C 747 -42.53 3.32 23.47
C ILE C 747 -42.77 4.41 22.45
N THR C 748 -42.28 4.27 21.21
CA THR C 748 -42.65 5.22 20.18
C THR C 748 -44.16 5.39 20.05
N ILE C 749 -44.89 4.30 19.99
CA ILE C 749 -46.33 4.39 19.79
C ILE C 749 -46.99 5.02 21.01
N ALA C 750 -46.55 4.66 22.23
CA ALA C 750 -47.07 5.27 23.43
C ALA C 750 -46.81 6.78 23.48
N ILE C 751 -45.61 7.21 23.06
CA ILE C 751 -45.30 8.64 23.02
C ILE C 751 -46.23 9.33 22.04
N LEU C 752 -46.44 8.74 20.87
CA LEU C 752 -47.30 9.38 19.89
C LEU C 752 -48.72 9.48 20.42
N GLN C 753 -49.17 8.50 21.18
CA GLN C 753 -50.49 8.54 21.78
C GLN C 753 -50.58 9.68 22.82
N LEU C 754 -49.58 9.76 23.69
CA LEU C 754 -49.53 10.82 24.68
C LEU C 754 -49.47 12.19 24.08
N GLN C 755 -48.74 12.35 22.99
CA GLN C 755 -48.70 13.64 22.30
C GLN C 755 -50.04 14.01 21.76
N GLU C 756 -50.68 13.08 21.07
CA GLU C 756 -51.93 13.39 20.39
C GLU C 756 -53.06 13.69 21.37
N GLU C 757 -53.04 13.05 22.53
CA GLU C 757 -54.07 13.26 23.54
C GLU C 757 -53.85 14.55 24.32
N GLY C 758 -52.73 15.19 24.13
CA GLY C 758 -52.39 16.42 24.83
C GLY C 758 -51.64 16.23 26.11
N LYS C 759 -51.29 15.01 26.48
CA LYS C 759 -50.71 14.76 27.77
C LYS C 759 -49.28 15.30 27.84
N LEU C 760 -48.51 15.25 26.76
CA LEU C 760 -47.14 15.76 26.83
C LEU C 760 -47.14 17.25 27.00
N HIS C 761 -48.08 17.95 26.36
CA HIS C 761 -48.16 19.36 26.50
C HIS C 761 -48.54 19.70 27.93
N MET C 762 -49.46 18.95 28.53
CA MET C 762 -49.85 19.20 29.90
C MET C 762 -48.64 19.00 30.84
N MET C 763 -47.82 18.00 30.55
CA MET C 763 -46.67 17.71 31.39
C MET C 763 -45.64 18.79 31.26
N LYS C 764 -45.46 19.33 30.05
CA LYS C 764 -44.51 20.42 29.88
C LYS C 764 -44.96 21.64 30.63
N GLU C 765 -46.24 21.96 30.53
CA GLU C 765 -46.76 23.12 31.24
C GLU C 765 -46.58 22.95 32.74
N LYS C 766 -46.80 21.73 33.22
CA LYS C 766 -46.66 21.44 34.65
C LYS C 766 -45.24 21.69 35.12
N TRP C 767 -44.29 20.93 34.57
CA TRP C 767 -42.89 21.07 34.93
C TRP C 767 -42.29 22.35 34.37
N TRP C 768 -42.95 22.91 33.35
CA TRP C 768 -42.48 24.13 32.72
C TRP C 768 -43.30 25.34 33.18
N ARG C 769 -43.64 25.36 34.47
CA ARG C 769 -44.42 26.45 35.04
C ARG C 769 -43.51 27.55 35.56
N GLY C 770 -43.17 28.50 34.70
CA GLY C 770 -42.30 29.61 35.07
C GLY C 770 -42.94 30.96 34.81
N ASN C 771 -44.07 31.19 35.46
CA ASN C 771 -44.80 32.46 35.30
C ASN C 771 -43.96 33.59 35.90
N GLY C 772 -42.77 33.79 35.33
CA GLY C 772 -41.90 34.84 35.82
C GLY C 772 -40.94 35.27 34.72
N CYS C 773 -40.30 36.41 34.93
CA CYS C 773 -39.35 36.95 33.97
C CYS C 773 -39.99 37.41 32.67
N PRO C 774 -39.86 38.70 32.38
CA PRO C 774 -40.39 39.32 31.16
C PRO C 774 -39.68 38.73 29.95
N GLU C 775 -40.36 38.74 28.81
CA GLU C 775 -39.79 38.21 27.58
C GLU C 775 -40.08 39.16 26.42
N GLN C 787 -33.69 61.86 32.08
CA GLN C 787 -32.90 61.84 33.29
C GLN C 787 -31.92 63.02 33.40
N ASN C 788 -30.95 63.06 32.48
CA ASN C 788 -29.94 64.11 32.49
C ASN C 788 -30.55 65.51 32.43
N ILE C 789 -31.49 65.70 31.53
CA ILE C 789 -32.15 66.99 31.36
C ILE C 789 -32.90 67.40 32.62
N GLY C 790 -33.38 66.41 33.36
CA GLY C 790 -34.15 66.66 34.58
C GLY C 790 -33.31 67.37 35.62
N GLY C 791 -32.05 66.96 35.77
CA GLY C 791 -31.16 67.57 36.73
C GLY C 791 -31.02 69.08 36.54
N ILE C 792 -31.17 69.52 35.30
CA ILE C 792 -31.06 70.93 34.96
C ILE C 792 -32.38 71.66 35.25
N PHE C 793 -33.46 70.90 35.33
CA PHE C 793 -34.76 71.45 35.66
C PHE C 793 -34.88 71.78 37.15
N ILE C 794 -34.32 70.91 37.98
CA ILE C 794 -34.36 71.10 39.43
C ILE C 794 -33.51 72.29 39.85
N VAL C 795 -32.37 72.48 39.19
CA VAL C 795 -31.50 73.62 39.48
C VAL C 795 -32.14 74.92 39.01
N LEU C 796 -33.07 74.82 38.06
CA LEU C 796 -33.80 75.98 37.57
C LEU C 796 -34.85 76.41 38.60
N ALA C 797 -35.72 75.49 38.98
CA ALA C 797 -36.75 75.77 39.97
C ALA C 797 -36.11 76.23 41.29
N THR D 2 18.91 -69.70 34.56
CA THR D 2 18.48 -69.02 35.77
C THR D 2 16.97 -68.76 35.73
N HIS D 3 16.55 -67.68 36.36
CA HIS D 3 15.14 -67.27 36.43
C HIS D 3 14.61 -66.87 35.04
N VAL D 4 13.35 -67.18 34.74
CA VAL D 4 12.77 -66.87 33.42
C VAL D 4 11.33 -66.35 33.45
N LEU D 5 11.06 -65.35 32.60
CA LEU D 5 9.78 -64.64 32.58
C LEU D 5 9.31 -64.44 31.13
N ARG D 6 8.03 -64.73 30.87
CA ARG D 6 7.51 -64.65 29.51
C ARG D 6 6.56 -63.47 29.30
N PHE D 7 6.81 -62.68 28.26
CA PHE D 7 5.89 -61.61 27.83
C PHE D 7 5.08 -62.05 26.62
N GLY D 8 3.87 -61.53 26.47
CA GLY D 8 3.07 -61.77 25.28
C GLY D 8 3.09 -60.57 24.37
N GLY D 9 2.93 -60.81 23.08
CA GLY D 9 2.92 -59.76 22.09
C GLY D 9 1.78 -59.99 21.13
N ILE D 10 1.00 -58.95 20.83
CA ILE D 10 -0.05 -59.06 19.82
C ILE D 10 0.06 -57.92 18.82
N PHE D 11 0.39 -58.26 17.58
CA PHE D 11 0.69 -57.26 16.56
C PHE D 11 -0.27 -57.32 15.36
N GLU D 12 -0.75 -56.15 14.96
CA GLU D 12 -1.79 -56.02 13.95
C GLU D 12 -1.12 -55.87 12.58
N TYR D 13 -1.73 -56.41 11.52
CA TYR D 13 -1.19 -56.23 10.17
C TYR D 13 -2.21 -56.45 9.04
N VAL D 14 -1.87 -56.00 7.83
CA VAL D 14 -2.68 -56.25 6.64
C VAL D 14 -1.90 -57.15 5.67
N GLU D 15 -2.61 -58.03 4.96
CA GLU D 15 -1.99 -59.02 4.09
C GLU D 15 -1.08 -59.98 4.85
N SER D 16 0.22 -59.99 4.56
CA SER D 16 1.15 -60.91 5.22
C SER D 16 2.43 -60.20 5.65
N GLY D 17 3.54 -60.93 5.71
CA GLY D 17 4.82 -60.36 6.06
C GLY D 17 5.18 -59.19 5.17
N PRO D 18 6.31 -58.51 5.45
CA PRO D 18 7.28 -58.81 6.51
C PRO D 18 6.73 -58.52 7.90
N MET D 19 7.62 -58.49 8.90
CA MET D 19 7.25 -58.01 10.23
C MET D 19 7.06 -56.50 10.16
N GLY D 20 6.19 -55.97 11.03
CA GLY D 20 5.99 -54.54 11.11
C GLY D 20 6.96 -53.91 12.12
N ALA D 21 7.00 -52.58 12.12
CA ALA D 21 7.87 -51.85 13.03
C ALA D 21 7.63 -52.25 14.49
N GLU D 22 6.37 -52.32 14.90
CA GLU D 22 6.07 -52.61 16.30
C GLU D 22 6.56 -54.00 16.71
N GLU D 23 6.18 -55.03 15.99
CA GLU D 23 6.64 -56.37 16.37
C GLU D 23 8.17 -56.46 16.33
N LEU D 24 8.80 -55.67 15.46
CA LEU D 24 10.26 -55.66 15.36
C LEU D 24 10.91 -55.02 16.58
N ALA D 25 10.40 -53.86 16.99
CA ALA D 25 10.95 -53.16 18.14
C ALA D 25 10.76 -53.99 19.41
N PHE D 26 9.67 -54.74 19.46
CA PHE D 26 9.37 -55.58 20.61
C PHE D 26 10.47 -56.62 20.75
N ARG D 27 10.71 -57.35 19.66
CA ARG D 27 11.70 -58.41 19.66
C ARG D 27 13.07 -57.84 19.94
N PHE D 28 13.36 -56.71 19.30
CA PHE D 28 14.64 -56.06 19.42
C PHE D 28 14.92 -55.64 20.86
N ALA D 29 13.88 -55.17 21.56
CA ALA D 29 14.03 -54.74 22.95
C ALA D 29 14.36 -55.93 23.83
N VAL D 30 13.61 -57.01 23.67
CA VAL D 30 13.85 -58.24 24.42
C VAL D 30 15.26 -58.80 24.19
N ASN D 31 15.73 -58.83 22.95
CA ASN D 31 17.08 -59.36 22.67
C ASN D 31 18.16 -58.49 23.31
N THR D 32 17.97 -57.18 23.26
CA THR D 32 18.89 -56.22 23.84
C THR D 32 18.97 -56.37 25.36
N ILE D 33 17.81 -56.40 26.00
CA ILE D 33 17.74 -56.41 27.46
C ILE D 33 18.41 -57.65 27.97
N ASN D 34 18.20 -58.76 27.29
CA ASN D 34 18.80 -60.02 27.71
C ASN D 34 20.32 -59.89 27.82
N ARG D 35 20.92 -59.22 26.84
CA ARG D 35 22.37 -59.04 26.79
C ARG D 35 22.90 -57.99 27.79
N ASN D 36 22.07 -57.04 28.17
CA ASN D 36 22.41 -56.09 29.23
C ASN D 36 22.65 -56.87 30.53
N ARG D 37 23.73 -56.56 31.24
CA ARG D 37 24.05 -57.27 32.47
C ARG D 37 23.72 -56.43 33.70
N THR D 38 23.27 -55.20 33.46
CA THR D 38 22.85 -54.33 34.53
C THR D 38 21.35 -54.48 34.74
N LEU D 39 20.62 -54.68 33.65
CA LEU D 39 19.16 -54.80 33.68
C LEU D 39 18.74 -56.25 33.58
N LEU D 40 17.95 -56.69 34.55
CA LEU D 40 17.60 -58.10 34.68
C LEU D 40 18.86 -58.94 34.48
N PRO D 41 19.76 -58.91 35.48
CA PRO D 41 21.02 -59.65 35.49
C PRO D 41 20.76 -61.15 35.55
N ASN D 42 20.00 -61.56 36.55
CA ASN D 42 19.74 -62.97 36.81
C ASN D 42 18.45 -63.45 36.15
N THR D 43 17.83 -62.58 35.36
CA THR D 43 16.54 -62.88 34.74
C THR D 43 16.63 -62.83 33.21
N THR D 44 16.00 -63.80 32.54
CA THR D 44 16.07 -63.93 31.09
C THR D 44 14.68 -63.91 30.44
N LEU D 45 14.42 -62.89 29.63
CA LEU D 45 13.09 -62.70 29.01
C LEU D 45 12.82 -63.60 27.80
N THR D 46 11.60 -64.09 27.72
CA THR D 46 11.14 -64.94 26.61
C THR D 46 9.80 -64.35 26.14
N TYR D 47 9.30 -64.79 25.00
CA TYR D 47 8.00 -64.27 24.53
C TYR D 47 7.24 -65.17 23.58
N ASP D 48 5.91 -64.98 23.57
CA ASP D 48 5.05 -65.51 22.53
C ASP D 48 4.57 -64.35 21.67
N THR D 49 4.63 -64.48 20.35
CA THR D 49 4.05 -63.46 19.47
C THR D 49 2.92 -64.03 18.64
N GLN D 50 1.84 -63.26 18.55
CA GLN D 50 0.67 -63.61 17.78
C GLN D 50 0.38 -62.47 16.83
N LYS D 51 -0.02 -62.82 15.61
CA LYS D 51 -0.33 -61.80 14.62
C LYS D 51 -1.83 -61.83 14.37
N ILE D 52 -2.44 -60.66 14.21
CA ILE D 52 -3.88 -60.60 13.93
C ILE D 52 -4.22 -59.60 12.84
N ASN D 53 -5.42 -59.74 12.30
CA ASN D 53 -5.96 -58.79 11.33
C ASN D 53 -6.24 -57.48 12.03
N LEU D 54 -6.22 -56.39 11.27
CA LEU D 54 -6.59 -55.09 11.82
C LEU D 54 -8.09 -55.07 12.04
N TYR D 55 -8.51 -54.69 13.23
CA TYR D 55 -9.91 -54.43 13.51
C TYR D 55 -10.71 -55.69 13.77
N ASP D 56 -10.04 -56.81 13.98
CA ASP D 56 -10.73 -58.04 14.36
C ASP D 56 -10.60 -58.24 15.87
N SER D 57 -11.48 -57.59 16.64
CA SER D 57 -11.35 -57.67 18.09
C SER D 57 -11.60 -59.10 18.57
N PHE D 58 -12.50 -59.81 17.90
CA PHE D 58 -12.70 -61.24 18.15
C PHE D 58 -11.40 -62.05 18.09
N GLU D 59 -10.62 -61.90 17.02
CA GLU D 59 -9.37 -62.63 16.93
C GLU D 59 -8.39 -62.16 18.03
N ALA D 60 -8.35 -60.86 18.29
CA ALA D 60 -7.49 -60.32 19.34
C ALA D 60 -7.83 -60.95 20.69
N SER D 61 -9.12 -61.15 20.95
CA SER D 61 -9.55 -61.76 22.19
C SER D 61 -9.00 -63.18 22.27
N LYS D 62 -9.29 -64.00 21.25
CA LYS D 62 -8.80 -65.37 21.21
C LYS D 62 -7.28 -65.44 21.46
N LYS D 63 -6.50 -64.67 20.69
CA LYS D 63 -5.03 -64.74 20.83
C LYS D 63 -4.62 -64.31 22.25
N ALA D 64 -5.31 -63.33 22.83
CA ALA D 64 -4.94 -62.90 24.18
C ALA D 64 -5.23 -64.00 25.20
N CYS D 65 -6.38 -64.65 25.06
CA CYS D 65 -6.71 -65.81 25.88
C CYS D 65 -5.69 -66.98 25.72
N ASP D 66 -5.28 -67.30 24.48
CA ASP D 66 -4.24 -68.31 24.29
C ASP D 66 -2.99 -67.93 25.08
N GLN D 67 -2.57 -66.67 25.00
CA GLN D 67 -1.33 -66.24 25.65
C GLN D 67 -1.45 -66.31 27.16
N LEU D 68 -2.61 -65.97 27.69
CA LEU D 68 -2.81 -66.00 29.14
C LEU D 68 -2.81 -67.45 29.59
N SER D 69 -3.12 -68.36 28.66
CA SER D 69 -3.09 -69.80 28.92
C SER D 69 -1.65 -70.34 28.95
N LEU D 70 -0.84 -70.04 27.93
CA LEU D 70 0.60 -70.27 27.98
C LEU D 70 1.21 -69.73 29.27
N GLY D 71 0.68 -68.60 29.74
CA GLY D 71 1.23 -67.93 30.91
C GLY D 71 2.14 -66.77 30.52
N VAL D 72 1.74 -65.55 30.88
CA VAL D 72 2.54 -64.37 30.56
C VAL D 72 2.40 -63.33 31.66
N ALA D 73 3.45 -62.53 31.84
CA ALA D 73 3.50 -61.55 32.91
C ALA D 73 2.89 -60.23 32.48
N ALA D 74 2.75 -60.04 31.16
CA ALA D 74 2.11 -58.87 30.60
C ALA D 74 1.85 -59.13 29.13
N ILE D 75 0.80 -58.50 28.60
CA ILE D 75 0.53 -58.53 27.18
C ILE D 75 0.77 -57.16 26.59
N PHE D 76 1.75 -57.04 25.70
CA PHE D 76 1.95 -55.78 24.99
C PHE D 76 0.92 -55.76 23.87
N GLY D 77 -0.35 -55.62 24.29
CA GLY D 77 -1.50 -55.84 23.45
C GLY D 77 -1.39 -55.02 22.21
N PRO D 78 -2.38 -55.15 21.30
CA PRO D 78 -2.37 -54.55 19.97
C PRO D 78 -2.60 -53.05 20.00
N SER D 79 -2.49 -52.39 18.85
CA SER D 79 -2.41 -50.94 18.78
C SER D 79 -3.74 -50.21 18.64
N HIS D 80 -4.64 -50.75 17.83
CA HIS D 80 -5.81 -50.01 17.39
C HIS D 80 -7.01 -50.14 18.30
N SER D 81 -7.74 -49.04 18.44
CA SER D 81 -8.77 -48.88 19.44
C SER D 81 -9.58 -50.15 19.79
N SER D 82 -10.30 -50.72 18.83
CA SER D 82 -11.25 -51.79 19.15
C SER D 82 -10.57 -53.09 19.65
N SER D 83 -9.47 -53.48 19.04
CA SER D 83 -8.77 -54.67 19.52
C SER D 83 -8.12 -54.41 20.86
N ALA D 84 -7.60 -53.20 21.03
CA ALA D 84 -6.89 -52.82 22.24
C ALA D 84 -7.83 -52.73 23.44
N ASN D 85 -9.07 -52.28 23.21
CA ASN D 85 -10.06 -52.19 24.29
C ASN D 85 -10.53 -53.57 24.72
N ALA D 86 -10.44 -54.53 23.82
CA ALA D 86 -10.94 -55.87 24.07
C ALA D 86 -9.92 -56.66 24.85
N VAL D 87 -8.65 -56.51 24.44
CA VAL D 87 -7.57 -57.15 25.17
C VAL D 87 -7.38 -56.51 26.55
N GLN D 88 -7.77 -55.25 26.71
CA GLN D 88 -7.59 -54.53 27.97
C GLN D 88 -8.63 -55.00 28.97
N SER D 89 -9.81 -55.36 28.48
CA SER D 89 -10.90 -55.80 29.34
C SER D 89 -10.63 -57.19 29.85
N ILE D 90 -10.04 -58.01 28.97
CA ILE D 90 -9.63 -59.35 29.30
C ILE D 90 -8.50 -59.28 30.33
N CYS D 91 -7.45 -58.57 30.01
CA CYS D 91 -6.35 -58.36 30.94
C CYS D 91 -6.80 -57.85 32.29
N ASN D 92 -7.90 -57.10 32.33
CA ASN D 92 -8.38 -56.55 33.58
C ASN D 92 -9.09 -57.61 34.42
N ALA D 93 -9.86 -58.46 33.77
CA ALA D 93 -10.54 -59.55 34.42
C ALA D 93 -9.57 -60.59 34.98
N LEU D 94 -8.46 -60.83 34.31
CA LEU D 94 -7.48 -61.82 34.75
C LEU D 94 -6.29 -61.16 35.44
N GLY D 95 -6.38 -59.86 35.69
CA GLY D 95 -5.34 -59.13 36.40
C GLY D 95 -3.92 -59.30 35.87
N VAL D 96 -3.77 -59.35 34.54
CA VAL D 96 -2.46 -59.24 33.91
C VAL D 96 -2.29 -57.85 33.27
N PRO D 97 -1.16 -57.19 33.51
CA PRO D 97 -0.98 -55.85 32.95
C PRO D 97 -1.03 -55.84 31.42
N HIS D 98 -1.80 -54.90 30.89
CA HIS D 98 -1.85 -54.67 29.45
C HIS D 98 -1.04 -53.42 29.15
N ILE D 99 0.02 -53.55 28.36
CA ILE D 99 0.88 -52.41 28.00
C ILE D 99 0.58 -51.85 26.61
N GLN D 100 0.09 -50.62 26.56
CA GLN D 100 -0.28 -49.96 25.30
C GLN D 100 0.79 -48.98 24.83
N THR D 101 0.83 -48.72 23.53
CA THR D 101 1.83 -47.81 22.96
C THR D 101 1.20 -46.72 22.10
N ARG D 102 -0.12 -46.75 22.00
CA ARG D 102 -0.83 -45.86 21.11
C ARG D 102 -2.03 -45.29 21.85
N TRP D 103 -2.38 -44.06 21.53
CA TRP D 103 -3.52 -43.41 22.14
C TRP D 103 -4.83 -44.05 21.69
N LYS D 104 -5.78 -44.17 22.60
CA LYS D 104 -7.17 -44.49 22.24
C LYS D 104 -8.06 -43.68 23.18
N HIS D 105 -9.30 -43.43 22.78
CA HIS D 105 -10.17 -42.56 23.57
C HIS D 105 -10.52 -43.16 24.94
N GLN D 106 -10.15 -42.43 25.99
CA GLN D 106 -10.44 -42.86 27.35
C GLN D 106 -11.87 -42.50 27.73
N VAL D 107 -12.68 -43.51 28.02
CA VAL D 107 -14.02 -43.30 28.54
C VAL D 107 -13.90 -43.14 30.06
N SER D 108 -14.57 -42.12 30.59
CA SER D 108 -14.41 -41.76 32.00
C SER D 108 -14.92 -42.86 32.92
N ASP D 109 -16.13 -43.32 32.65
CA ASP D 109 -16.80 -44.31 33.49
C ASP D 109 -16.28 -45.73 33.27
N ASN D 110 -15.13 -45.89 32.63
CA ASN D 110 -14.54 -47.20 32.45
C ASN D 110 -13.55 -47.48 33.57
N LYS D 111 -13.74 -48.61 34.23
CA LYS D 111 -13.08 -48.92 35.49
C LYS D 111 -11.83 -49.81 35.36
N ASP D 112 -11.47 -50.20 34.15
CA ASP D 112 -10.24 -50.99 33.96
C ASP D 112 -9.08 -50.28 34.63
N SER D 113 -8.22 -51.05 35.27
CA SER D 113 -7.08 -50.48 35.99
C SER D 113 -5.78 -51.21 35.66
N PHE D 114 -5.86 -52.33 34.97
CA PHE D 114 -4.68 -53.11 34.61
C PHE D 114 -4.09 -52.71 33.27
N TYR D 115 -3.79 -51.43 33.10
CA TYR D 115 -3.09 -50.99 31.91
C TYR D 115 -2.36 -49.68 32.15
N VAL D 116 -1.24 -49.52 31.44
CA VAL D 116 -0.56 -48.24 31.30
C VAL D 116 -0.41 -47.97 29.80
N SER D 117 -0.18 -46.72 29.43
CA SER D 117 -0.02 -46.35 28.03
C SER D 117 1.21 -45.47 27.87
N LEU D 118 2.13 -45.88 27.03
CA LEU D 118 3.37 -45.13 26.86
C LEU D 118 3.27 -43.95 25.89
N TYR D 119 2.11 -43.80 25.27
CA TYR D 119 1.91 -42.70 24.34
C TYR D 119 1.65 -41.38 25.06
N PRO D 120 2.35 -40.31 24.65
CA PRO D 120 2.17 -38.98 25.24
C PRO D 120 0.71 -38.55 25.17
N ASP D 121 0.07 -38.36 26.31
CA ASP D 121 -1.38 -38.11 26.31
C ASP D 121 -1.75 -36.89 25.45
N PHE D 122 -2.90 -36.99 24.80
CA PHE D 122 -3.43 -35.92 23.97
C PHE D 122 -3.61 -34.59 24.72
N SER D 123 -4.09 -34.62 25.95
CA SER D 123 -4.32 -33.38 26.69
C SER D 123 -3.05 -32.52 26.72
N SER D 124 -1.91 -33.16 27.00
CA SER D 124 -0.65 -32.44 27.09
C SER D 124 -0.13 -31.96 25.75
N LEU D 125 -0.35 -32.75 24.70
CA LEU D 125 0.10 -32.42 23.35
C LEU D 125 -0.70 -31.26 22.78
N SER D 126 -2.02 -31.35 22.94
CA SER D 126 -2.94 -30.25 22.69
C SER D 126 -2.40 -28.95 23.27
N ARG D 127 -2.00 -28.95 24.53
CA ARG D 127 -1.56 -27.71 25.16
C ARG D 127 -0.28 -27.22 24.51
N ALA D 128 0.63 -28.13 24.20
CA ALA D 128 1.92 -27.75 23.64
C ALA D 128 1.76 -27.20 22.22
N ILE D 129 0.74 -27.63 21.50
CA ILE D 129 0.45 -27.05 20.19
C ILE D 129 0.04 -25.61 20.43
N LEU D 130 -0.93 -25.41 21.31
CA LEU D 130 -1.43 -24.08 21.62
C LEU D 130 -0.31 -23.19 22.14
N ASP D 131 0.60 -23.73 22.94
CA ASP D 131 1.70 -22.95 23.49
C ASP D 131 2.56 -22.40 22.36
N LEU D 132 2.77 -23.23 21.35
CA LEU D 132 3.63 -22.88 20.23
C LEU D 132 3.00 -21.81 19.36
N VAL D 133 1.73 -22.03 19.00
CA VAL D 133 0.96 -21.01 18.29
C VAL D 133 1.05 -19.64 18.95
N GLN D 134 0.92 -19.60 20.27
CA GLN D 134 0.94 -18.33 21.00
C GLN D 134 2.32 -17.69 21.03
N PHE D 135 3.36 -18.51 20.91
CA PHE D 135 4.72 -18.02 20.89
C PHE D 135 5.05 -17.37 19.54
N PHE D 136 4.44 -17.89 18.48
CA PHE D 136 4.58 -17.30 17.16
C PHE D 136 3.62 -16.13 17.02
N LYS D 137 2.86 -15.87 18.08
CA LYS D 137 1.96 -14.72 18.14
C LYS D 137 0.88 -14.75 17.07
N TRP D 138 0.53 -15.94 16.57
CA TRP D 138 -0.53 -16.07 15.57
C TRP D 138 -1.88 -15.65 16.13
N LYS D 139 -2.63 -14.89 15.35
CA LYS D 139 -3.99 -14.50 15.71
C LYS D 139 -4.98 -15.18 14.77
N THR D 140 -4.45 -15.76 13.68
CA THR D 140 -5.27 -16.44 12.68
C THR D 140 -4.61 -17.76 12.37
N VAL D 141 -5.40 -18.82 12.31
CA VAL D 141 -4.85 -20.13 12.01
C VAL D 141 -5.89 -21.09 11.45
N THR D 142 -5.49 -21.88 10.46
CA THR D 142 -6.38 -22.87 9.88
C THR D 142 -5.92 -24.25 10.34
N VAL D 143 -6.77 -24.92 11.12
CA VAL D 143 -6.52 -26.30 11.54
C VAL D 143 -7.07 -27.24 10.47
N VAL D 144 -6.22 -28.07 9.90
CA VAL D 144 -6.63 -29.11 8.96
C VAL D 144 -6.45 -30.50 9.56
N TYR D 145 -7.54 -31.27 9.73
CA TYR D 145 -7.42 -32.62 10.32
C TYR D 145 -7.80 -33.74 9.34
N ASP D 146 -7.33 -34.96 9.58
CA ASP D 146 -7.71 -36.08 8.72
C ASP D 146 -9.04 -36.75 9.13
N ASP D 147 -9.08 -37.43 10.26
CA ASP D 147 -10.29 -38.14 10.64
C ASP D 147 -10.78 -37.68 12.00
N SER D 148 -12.06 -37.93 12.26
CA SER D 148 -12.71 -37.54 13.52
C SER D 148 -11.74 -37.37 14.71
N THR D 149 -10.96 -38.40 15.01
CA THR D 149 -10.20 -38.40 16.26
C THR D 149 -9.14 -37.29 16.29
N GLY D 150 -8.77 -36.79 15.11
CA GLY D 150 -7.98 -35.58 15.00
C GLY D 150 -8.57 -34.43 15.80
N LEU D 151 -9.87 -34.18 15.61
CA LEU D 151 -10.60 -33.20 16.43
C LEU D 151 -10.28 -33.30 17.91
N ILE D 152 -10.29 -34.52 18.44
CA ILE D 152 -10.11 -34.72 19.86
C ILE D 152 -8.70 -34.35 20.33
N ARG D 153 -7.70 -34.59 19.49
CA ARG D 153 -6.32 -34.29 19.84
C ARG D 153 -6.08 -32.80 19.89
N LEU D 154 -6.94 -32.04 19.22
CA LEU D 154 -6.82 -30.60 19.21
C LEU D 154 -7.93 -29.86 19.97
N GLN D 155 -8.63 -30.52 20.89
CA GLN D 155 -9.75 -29.82 21.54
C GLN D 155 -9.26 -28.61 22.31
N GLU D 156 -8.17 -28.74 23.07
CA GLU D 156 -7.61 -27.60 23.79
C GLU D 156 -7.43 -26.40 22.85
N LEU D 157 -7.04 -26.67 21.62
CA LEU D 157 -6.79 -25.61 20.64
C LEU D 157 -8.08 -25.03 20.08
N ILE D 158 -9.04 -25.90 19.83
CA ILE D 158 -10.34 -25.52 19.27
C ILE D 158 -11.18 -24.68 20.25
N LYS D 159 -10.89 -24.79 21.56
CA LYS D 159 -11.64 -24.07 22.58
C LYS D 159 -10.95 -22.76 22.98
N ALA D 160 -9.80 -22.49 22.39
CA ALA D 160 -9.04 -21.28 22.69
C ALA D 160 -9.69 -19.98 22.23
N PRO D 161 -10.38 -19.98 21.07
CA PRO D 161 -10.95 -18.74 20.53
C PRO D 161 -11.94 -17.99 21.43
N SER D 162 -12.25 -18.52 22.60
CA SER D 162 -13.16 -17.83 23.52
C SER D 162 -12.42 -17.24 24.71
N ARG D 163 -11.23 -17.74 24.98
CA ARG D 163 -10.35 -17.19 26.02
C ARG D 163 -9.33 -16.21 25.40
N TYR D 164 -8.42 -16.70 24.57
CA TYR D 164 -7.46 -15.83 23.89
C TYR D 164 -8.08 -15.20 22.64
N ASN D 165 -7.24 -14.55 21.84
CA ASN D 165 -7.73 -13.91 20.61
C ASN D 165 -7.25 -14.62 19.36
N LEU D 166 -7.77 -15.83 19.14
CA LEU D 166 -7.52 -16.56 17.91
C LEU D 166 -8.82 -16.79 17.16
N ARG D 167 -8.94 -16.21 15.98
CA ARG D 167 -9.96 -16.65 15.05
C ARG D 167 -9.35 -17.87 14.41
N LEU D 168 -10.16 -18.86 14.10
CA LEU D 168 -9.61 -20.07 13.51
C LEU D 168 -10.61 -20.78 12.63
N LYS D 169 -10.12 -21.31 11.52
CA LYS D 169 -10.95 -22.01 10.55
C LYS D 169 -10.60 -23.50 10.58
N ILE D 170 -11.61 -24.35 10.51
CA ILE D 170 -11.41 -25.78 10.62
C ILE D 170 -11.81 -26.46 9.31
N ARG D 171 -10.85 -27.14 8.71
CA ARG D 171 -11.08 -27.84 7.45
C ARG D 171 -10.69 -29.30 7.59
N GLN D 172 -11.26 -30.16 6.75
CA GLN D 172 -10.90 -31.57 6.79
C GLN D 172 -10.24 -32.01 5.49
N LEU D 173 -9.18 -32.79 5.59
CA LEU D 173 -8.57 -33.45 4.43
C LEU D 173 -9.53 -34.48 3.86
N PRO D 174 -9.36 -34.82 2.58
CA PRO D 174 -10.13 -35.95 2.05
C PRO D 174 -9.42 -37.28 2.30
N ALA D 175 -10.09 -38.39 2.00
CA ALA D 175 -9.47 -39.70 2.18
C ALA D 175 -8.05 -39.74 1.60
N ASP D 176 -7.89 -39.31 0.35
CA ASP D 176 -6.60 -39.36 -0.35
C ASP D 176 -6.00 -37.95 -0.54
N THR D 177 -4.71 -37.77 -0.25
CA THR D 177 -4.08 -36.45 -0.35
C THR D 177 -3.98 -35.94 -1.79
N LYS D 178 -4.10 -36.84 -2.75
CA LYS D 178 -4.12 -36.43 -4.15
C LYS D 178 -5.40 -35.65 -4.45
N ASP D 179 -6.39 -35.82 -3.59
CA ASP D 179 -7.65 -35.15 -3.76
C ASP D 179 -7.59 -33.76 -3.11
N ALA D 180 -6.42 -33.36 -2.63
CA ALA D 180 -6.33 -32.21 -1.72
C ALA D 180 -6.08 -30.85 -2.37
N LYS D 181 -5.99 -30.80 -3.69
CA LYS D 181 -5.72 -29.51 -4.34
C LYS D 181 -6.89 -28.55 -4.17
N PRO D 182 -8.11 -29.02 -4.39
CA PRO D 182 -9.27 -28.12 -4.25
C PRO D 182 -9.34 -27.48 -2.86
N LEU D 183 -9.00 -28.26 -1.84
CA LEU D 183 -8.96 -27.77 -0.47
C LEU D 183 -7.86 -26.74 -0.30
N LEU D 184 -6.69 -27.02 -0.87
CA LEU D 184 -5.55 -26.13 -0.74
C LEU D 184 -5.79 -24.84 -1.53
N LYS D 185 -6.53 -24.94 -2.63
CA LYS D 185 -6.85 -23.77 -3.43
C LYS D 185 -7.72 -22.82 -2.61
N GLU D 186 -8.68 -23.37 -1.85
CA GLU D 186 -9.52 -22.52 -1.01
C GLU D 186 -8.69 -21.83 0.06
N MET D 187 -7.74 -22.53 0.65
CA MET D 187 -6.87 -21.92 1.65
C MET D 187 -6.05 -20.81 1.02
N LYS D 188 -5.63 -21.01 -0.23
CA LYS D 188 -4.78 -20.04 -0.92
C LYS D 188 -5.54 -18.75 -1.21
N ARG D 189 -6.72 -18.88 -1.83
CA ARG D 189 -7.63 -17.75 -2.02
C ARG D 189 -7.95 -17.10 -0.70
N GLY D 190 -8.07 -17.91 0.34
CA GLY D 190 -8.44 -17.42 1.66
C GLY D 190 -7.29 -16.75 2.38
N LYS D 191 -6.09 -16.80 1.82
CA LYS D 191 -4.95 -16.17 2.44
C LYS D 191 -4.65 -16.81 3.79
N GLU D 192 -4.95 -18.09 3.91
CA GLU D 192 -4.66 -18.84 5.12
C GLU D 192 -3.20 -19.28 5.13
N PHE D 193 -2.35 -18.37 5.57
CA PHE D 193 -0.92 -18.60 5.56
C PHE D 193 -0.42 -19.40 6.76
N HIS D 194 -1.21 -19.42 7.82
CA HIS D 194 -0.81 -20.06 9.07
C HIS D 194 -1.66 -21.31 9.27
N VAL D 195 -1.03 -22.47 9.24
CA VAL D 195 -1.78 -23.72 9.14
C VAL D 195 -1.22 -24.83 10.01
N ILE D 196 -2.09 -25.46 10.78
CA ILE D 196 -1.75 -26.65 11.55
C ILE D 196 -2.28 -27.89 10.81
N PHE D 197 -1.41 -28.83 10.46
CA PHE D 197 -1.87 -30.12 9.90
C PHE D 197 -1.90 -31.21 10.96
N ASP D 198 -3.11 -31.62 11.35
CA ASP D 198 -3.31 -32.77 12.23
C ASP D 198 -3.56 -34.02 11.40
N CYS D 199 -2.54 -34.86 11.28
CA CYS D 199 -2.61 -36.03 10.42
C CYS D 199 -1.36 -36.89 10.57
N SER D 200 -1.39 -38.09 10.02
CA SER D 200 -0.23 -38.97 10.16
C SER D 200 0.94 -38.37 9.38
N HIS D 201 2.17 -38.77 9.71
CA HIS D 201 3.32 -38.29 8.96
C HIS D 201 3.32 -38.74 7.49
N GLU D 202 2.63 -39.83 7.16
CA GLU D 202 2.52 -40.24 5.76
C GLU D 202 1.59 -39.30 5.02
N MET D 203 0.51 -38.88 5.68
CA MET D 203 -0.40 -37.87 5.12
C MET D 203 0.34 -36.56 4.94
N ALA D 204 1.20 -36.22 5.89
CA ALA D 204 1.92 -34.97 5.86
C ALA D 204 2.92 -34.94 4.70
N ALA D 205 3.61 -36.04 4.45
CA ALA D 205 4.50 -36.13 3.31
C ALA D 205 3.71 -35.91 2.03
N GLY D 206 2.53 -36.49 1.97
CA GLY D 206 1.68 -36.37 0.79
C GLY D 206 1.13 -34.96 0.60
N ILE D 207 0.76 -34.28 1.67
CA ILE D 207 0.08 -33.01 1.55
C ILE D 207 1.10 -31.92 1.22
N LEU D 208 2.34 -32.07 1.71
CA LEU D 208 3.42 -31.19 1.32
C LEU D 208 3.68 -31.19 -0.20
N LYS D 209 3.70 -32.35 -0.85
CA LYS D 209 3.91 -32.39 -2.30
C LYS D 209 2.84 -31.59 -3.00
N GLN D 210 1.58 -31.73 -2.56
CA GLN D 210 0.48 -31.01 -3.15
C GLN D 210 0.64 -29.50 -2.88
N ALA D 211 1.23 -29.15 -1.75
CA ALA D 211 1.33 -27.77 -1.36
C ALA D 211 2.40 -27.09 -2.23
N LEU D 212 3.41 -27.86 -2.61
CA LEU D 212 4.48 -27.39 -3.49
C LEU D 212 3.93 -27.10 -4.88
N ALA D 213 3.26 -28.08 -5.45
CA ALA D 213 2.56 -27.95 -6.70
C ALA D 213 1.68 -26.70 -6.75
N MET D 214 1.22 -26.29 -5.58
CA MET D 214 0.22 -25.24 -5.50
C MET D 214 0.82 -23.86 -5.20
N GLY D 215 2.15 -23.80 -5.16
CA GLY D 215 2.83 -22.55 -4.93
C GLY D 215 2.67 -22.07 -3.51
N MET D 216 2.62 -23.03 -2.60
CA MET D 216 2.36 -22.73 -1.18
C MET D 216 3.50 -23.18 -0.27
N MET D 217 4.64 -23.55 -0.85
CA MET D 217 5.85 -23.73 -0.06
C MET D 217 6.80 -22.55 -0.33
N THR D 218 6.51 -21.43 0.32
CA THR D 218 7.31 -20.23 0.22
C THR D 218 7.39 -19.54 1.59
N GLU D 219 8.17 -18.47 1.67
CA GLU D 219 8.36 -17.72 2.91
C GLU D 219 7.04 -17.15 3.48
N TYR D 220 5.98 -17.16 2.69
CA TYR D 220 4.69 -16.63 3.16
C TYR D 220 3.95 -17.60 4.07
N TYR D 221 4.28 -18.88 3.99
CA TYR D 221 3.51 -19.91 4.67
C TYR D 221 4.27 -20.46 5.86
N HIS D 222 3.54 -20.68 6.96
CA HIS D 222 4.09 -21.36 8.13
C HIS D 222 3.18 -22.52 8.57
N TYR D 223 3.73 -23.73 8.57
CA TYR D 223 2.98 -24.95 8.82
C TYR D 223 3.43 -25.56 10.13
N ILE D 224 2.49 -25.76 11.04
CA ILE D 224 2.76 -26.53 12.25
C ILE D 224 2.23 -27.95 12.08
N PHE D 225 3.06 -28.93 12.39
CA PHE D 225 2.68 -30.33 12.24
C PHE D 225 2.44 -31.01 13.56
N THR D 226 1.31 -31.68 13.61
CA THR D 226 0.84 -32.31 14.81
C THR D 226 1.65 -33.60 15.03
N THR D 227 2.08 -34.23 13.96
CA THR D 227 2.76 -35.53 14.05
C THR D 227 4.12 -35.49 14.72
N LEU D 228 4.39 -36.51 15.54
CA LEU D 228 5.64 -36.63 16.27
C LEU D 228 6.71 -37.26 15.40
N ASP D 229 6.29 -37.74 14.24
CA ASP D 229 7.20 -38.37 13.30
C ASP D 229 7.57 -37.40 12.20
N LEU D 230 7.45 -36.11 12.48
CA LEU D 230 7.86 -35.08 11.57
C LEU D 230 9.29 -35.31 11.09
N PHE D 231 10.17 -35.69 12.00
CA PHE D 231 11.59 -35.88 11.70
C PHE D 231 11.85 -37.00 10.69
N ALA D 232 10.81 -37.75 10.34
CA ALA D 232 10.92 -38.87 9.43
C ALA D 232 10.69 -38.45 7.99
N LEU D 233 10.25 -37.21 7.80
CA LEU D 233 9.89 -36.74 6.47
C LEU D 233 11.13 -36.38 5.67
N ASP D 234 11.19 -36.88 4.42
CA ASP D 234 12.14 -36.36 3.45
C ASP D 234 11.88 -34.88 3.32
N VAL D 235 12.86 -34.08 3.73
CA VAL D 235 12.72 -32.64 3.70
C VAL D 235 13.61 -31.98 2.60
N GLU D 236 14.25 -32.81 1.78
CA GLU D 236 15.16 -32.34 0.74
C GLU D 236 14.44 -31.46 -0.29
N PRO D 237 13.24 -31.85 -0.69
CA PRO D 237 12.50 -31.01 -1.64
C PRO D 237 12.08 -29.62 -1.12
N TYR D 238 12.21 -29.33 0.17
CA TYR D 238 11.56 -28.12 0.69
C TYR D 238 12.48 -27.16 1.45
N ARG D 239 13.66 -27.61 1.87
CA ARG D 239 14.49 -26.77 2.74
C ARG D 239 15.09 -25.54 2.07
N TYR D 240 15.13 -25.50 0.75
CA TYR D 240 15.73 -24.36 0.06
C TYR D 240 14.69 -23.28 -0.25
N SER D 241 13.42 -23.57 0.03
CA SER D 241 12.31 -22.75 -0.46
C SER D 241 11.96 -21.58 0.44
N GLY D 242 12.32 -21.66 1.71
CA GLY D 242 11.94 -20.62 2.66
C GLY D 242 10.66 -20.87 3.46
N VAL D 243 9.91 -21.94 3.19
CA VAL D 243 8.74 -22.21 4.05
C VAL D 243 9.20 -22.42 5.46
N ASN D 244 8.28 -22.19 6.37
CA ASN D 244 8.47 -22.50 7.76
C ASN D 244 7.67 -23.74 8.10
N MET D 245 8.35 -24.74 8.63
CA MET D 245 7.69 -25.95 9.10
C MET D 245 8.14 -26.15 10.54
N THR D 246 7.19 -26.20 11.46
CA THR D 246 7.53 -26.44 12.84
C THR D 246 6.67 -27.57 13.38
N GLY D 247 7.26 -28.40 14.21
CA GLY D 247 6.53 -29.45 14.89
C GLY D 247 7.26 -29.89 16.15
N PHE D 248 6.95 -31.08 16.63
CA PHE D 248 7.53 -31.59 17.86
C PHE D 248 8.14 -32.94 17.64
N ARG D 249 9.04 -33.33 18.54
CA ARG D 249 9.72 -34.62 18.47
C ARG D 249 9.96 -35.15 19.88
N ILE D 250 9.48 -36.37 20.15
CA ILE D 250 9.65 -36.95 21.47
C ILE D 250 10.80 -37.94 21.47
N LEU D 251 11.20 -38.36 20.28
CA LEU D 251 12.33 -39.26 20.14
C LEU D 251 13.59 -38.46 20.46
N ASN D 252 14.35 -38.90 21.45
CA ASN D 252 15.48 -38.13 21.98
C ASN D 252 16.78 -38.38 21.19
N THR D 253 16.86 -37.81 20.00
CA THR D 253 17.95 -38.10 19.07
C THR D 253 19.25 -37.36 19.39
N GLU D 254 19.18 -36.34 20.25
CA GLU D 254 20.37 -35.59 20.64
C GLU D 254 21.28 -36.39 21.57
N ASN D 255 20.68 -37.24 22.41
CA ASN D 255 21.43 -38.12 23.29
C ASN D 255 22.22 -39.14 22.47
N THR D 256 23.52 -39.24 22.71
CA THR D 256 24.38 -40.06 21.87
C THR D 256 24.05 -41.55 22.02
N GLN D 257 23.78 -41.98 23.25
CA GLN D 257 23.40 -43.36 23.51
C GLN D 257 22.13 -43.76 22.73
N VAL D 258 21.21 -42.83 22.54
CA VAL D 258 19.97 -43.10 21.83
C VAL D 258 20.16 -43.10 20.32
N SER D 259 21.14 -42.33 19.84
CA SER D 259 21.43 -42.30 18.42
C SER D 259 22.00 -43.63 17.98
N SER D 260 22.90 -44.19 18.78
CA SER D 260 23.55 -45.45 18.42
C SER D 260 22.57 -46.61 18.40
N ILE D 261 21.53 -46.52 19.24
CA ILE D 261 20.51 -47.58 19.28
C ILE D 261 19.61 -47.49 18.06
N ILE D 262 19.24 -46.28 17.66
CA ILE D 262 18.42 -46.07 16.47
C ILE D 262 19.14 -46.53 15.21
N GLU D 263 20.47 -46.54 15.25
CA GLU D 263 21.28 -46.96 14.11
C GLU D 263 21.24 -48.48 13.95
N LYS D 264 21.55 -49.21 15.03
CA LYS D 264 21.56 -50.67 15.00
C LYS D 264 20.20 -51.18 14.52
N TRP D 265 19.19 -50.37 14.74
CA TRP D 265 17.85 -50.68 14.31
C TRP D 265 17.73 -50.56 12.78
N SER D 266 18.21 -49.45 12.25
CA SER D 266 18.18 -49.20 10.82
C SER D 266 18.88 -50.28 10.01
N MET D 267 19.88 -50.93 10.65
CA MET D 267 20.68 -51.92 9.93
C MET D 267 19.90 -53.21 9.69
N GLU D 268 19.19 -53.67 10.71
CA GLU D 268 18.35 -54.86 10.58
C GLU D 268 17.02 -54.53 9.90
N ARG D 269 16.63 -53.27 9.90
CA ARG D 269 15.37 -52.86 9.28
C ARG D 269 15.55 -52.34 7.86
N LEU D 270 16.31 -51.24 7.71
CA LEU D 270 16.59 -50.66 6.39
C LEU D 270 17.00 -51.72 5.38
N GLN D 271 17.49 -52.85 5.89
CA GLN D 271 17.86 -54.00 5.07
C GLN D 271 16.69 -54.56 4.27
N ALA D 272 15.47 -54.16 4.65
CA ALA D 272 14.24 -54.64 4.03
C ALA D 272 13.51 -53.45 3.38
N PRO D 273 12.25 -53.63 2.94
CA PRO D 273 11.68 -52.76 1.89
C PRO D 273 11.52 -51.26 2.21
N PRO D 274 12.25 -50.40 1.47
CA PRO D 274 12.05 -48.94 1.45
C PRO D 274 11.29 -48.50 0.20
N LYS D 275 10.72 -47.30 0.20
CA LYS D 275 9.96 -46.85 -0.97
C LYS D 275 10.52 -45.54 -1.54
N PRO D 276 10.30 -45.32 -2.84
CA PRO D 276 10.90 -44.20 -3.58
C PRO D 276 10.00 -42.98 -3.60
N ASP D 277 8.70 -43.21 -3.77
CA ASP D 277 7.73 -42.16 -3.99
C ASP D 277 7.05 -41.79 -2.68
N SER D 278 7.62 -42.26 -1.56
CA SER D 278 7.00 -42.08 -0.25
C SER D 278 7.11 -40.64 0.24
N GLY D 279 8.31 -40.10 0.20
CA GLY D 279 8.61 -38.81 0.80
C GLY D 279 8.99 -38.97 2.25
N LEU D 280 9.20 -40.23 2.67
CA LEU D 280 9.75 -40.55 3.98
C LEU D 280 11.19 -41.00 3.82
N LEU D 281 12.02 -40.72 4.83
CA LEU D 281 13.36 -41.29 4.89
C LEU D 281 13.25 -42.78 5.11
N ASP D 282 14.08 -43.56 4.44
CA ASP D 282 14.05 -45.01 4.63
C ASP D 282 14.84 -45.38 5.90
N GLY D 283 14.30 -46.34 6.65
CA GLY D 283 14.97 -46.86 7.82
C GLY D 283 15.07 -45.91 9.01
N PHE D 284 14.16 -44.95 9.12
CA PHE D 284 14.08 -44.13 10.31
C PHE D 284 13.18 -44.85 11.30
N MET D 285 13.54 -44.82 12.58
CA MET D 285 12.73 -45.47 13.60
C MET D 285 11.55 -44.57 13.99
N THR D 286 10.34 -45.01 13.66
CA THR D 286 9.16 -44.19 13.92
C THR D 286 8.83 -44.21 15.41
N THR D 287 7.90 -43.36 15.81
CA THR D 287 7.54 -43.23 17.21
C THR D 287 6.74 -44.45 17.69
N ASP D 288 5.86 -44.98 16.85
CA ASP D 288 5.09 -46.18 17.20
C ASP D 288 6.00 -47.34 17.68
N ALA D 289 7.25 -47.34 17.23
CA ALA D 289 8.17 -48.46 17.45
C ALA D 289 9.14 -48.17 18.56
N ALA D 290 9.57 -46.92 18.67
CA ALA D 290 10.40 -46.49 19.78
C ALA D 290 9.61 -46.66 21.11
N LEU D 291 8.30 -46.47 21.04
CA LEU D 291 7.48 -46.58 22.23
C LEU D 291 7.34 -48.04 22.65
N MET D 292 7.19 -48.94 21.69
CA MET D 292 7.08 -50.35 22.03
C MET D 292 8.38 -50.80 22.68
N TYR D 293 9.49 -50.38 22.12
CA TYR D 293 10.80 -50.74 22.63
C TYR D 293 11.02 -50.17 24.03
N ASP D 294 10.45 -49.00 24.28
CA ASP D 294 10.59 -48.36 25.59
C ASP D 294 9.67 -49.05 26.59
N ALA D 295 8.52 -49.51 26.13
CA ALA D 295 7.58 -50.19 26.97
C ALA D 295 8.18 -51.46 27.52
N VAL D 296 8.94 -52.18 26.69
CA VAL D 296 9.52 -53.44 27.12
C VAL D 296 10.60 -53.19 28.17
N HIS D 297 11.26 -52.04 28.08
CA HIS D 297 12.23 -51.67 29.10
C HIS D 297 11.57 -51.22 30.41
N VAL D 298 10.62 -50.28 30.36
CA VAL D 298 9.98 -49.77 31.57
C VAL D 298 9.36 -50.91 32.38
N VAL D 299 8.61 -51.78 31.71
CA VAL D 299 8.08 -52.96 32.35
C VAL D 299 9.18 -53.85 32.97
N SER D 300 10.32 -53.98 32.31
CA SER D 300 11.44 -54.77 32.87
C SER D 300 12.03 -54.16 34.14
N VAL D 301 12.08 -52.84 34.22
CA VAL D 301 12.56 -52.17 35.42
C VAL D 301 11.70 -52.59 36.62
N ALA D 302 10.44 -52.88 36.34
CA ALA D 302 9.49 -53.29 37.36
C ALA D 302 9.70 -54.75 37.75
N VAL D 303 9.99 -55.58 36.75
CA VAL D 303 10.28 -56.99 36.96
C VAL D 303 11.49 -57.19 37.88
N GLN D 304 12.48 -56.32 37.75
CA GLN D 304 13.68 -56.41 38.58
C GLN D 304 13.32 -56.30 40.05
N GLN D 305 12.27 -55.54 40.36
CA GLN D 305 11.86 -55.29 41.74
C GLN D 305 10.87 -56.31 42.28
N PHE D 306 10.64 -57.38 41.53
CA PHE D 306 9.65 -58.38 41.89
C PHE D 306 10.18 -59.78 41.55
N PRO D 307 11.32 -60.17 42.15
CA PRO D 307 11.95 -61.47 41.85
C PRO D 307 11.07 -62.67 42.19
N GLN D 308 10.09 -62.50 43.09
CA GLN D 308 9.23 -63.60 43.50
C GLN D 308 8.34 -64.05 42.34
N MET D 309 7.96 -63.10 41.50
CA MET D 309 6.94 -63.30 40.48
C MET D 309 7.25 -64.39 39.47
N THR D 310 6.21 -65.11 39.09
CA THR D 310 6.28 -66.12 38.04
C THR D 310 4.97 -66.13 37.30
N VAL D 311 5.02 -66.64 36.09
CA VAL D 311 3.84 -66.70 35.25
C VAL D 311 2.90 -67.81 35.71
N SER D 312 1.60 -67.64 35.47
CA SER D 312 0.61 -68.69 35.75
C SER D 312 -0.23 -68.95 34.51
N SER D 313 -0.63 -70.19 34.31
CA SER D 313 -1.52 -70.52 33.20
C SER D 313 -2.94 -70.17 33.63
N LEU D 314 -3.45 -69.10 33.04
CA LEU D 314 -4.79 -68.62 33.34
C LEU D 314 -5.76 -68.95 32.23
N GLN D 315 -7.01 -69.17 32.60
CA GLN D 315 -8.04 -69.57 31.66
C GLN D 315 -9.14 -68.52 31.63
N CYS D 316 -9.48 -68.05 30.43
CA CYS D 316 -10.52 -67.05 30.30
C CYS D 316 -11.88 -67.61 30.76
N ASN D 317 -12.04 -68.93 30.68
CA ASN D 317 -13.22 -69.62 31.21
C ASN D 317 -13.56 -69.18 32.62
N ARG D 318 -12.54 -69.19 33.48
CA ARG D 318 -12.71 -69.06 34.93
C ARG D 318 -12.40 -67.65 35.41
N HIS D 319 -13.06 -67.23 36.48
CA HIS D 319 -12.93 -65.87 36.97
C HIS D 319 -11.80 -65.71 37.95
N LYS D 320 -10.77 -66.55 37.82
CA LYS D 320 -9.68 -66.61 38.77
C LYS D 320 -8.46 -65.82 38.27
N PRO D 321 -8.20 -64.64 38.84
CA PRO D 321 -7.09 -63.79 38.41
C PRO D 321 -5.72 -64.27 38.86
N TRP D 322 -4.69 -63.60 38.32
CA TRP D 322 -3.31 -63.90 38.60
C TRP D 322 -2.89 -63.34 39.96
N ARG D 323 -2.27 -64.18 40.79
CA ARG D 323 -1.85 -63.77 42.13
C ARG D 323 -1.04 -62.48 42.15
N PHE D 324 -0.05 -62.40 41.27
CA PHE D 324 0.92 -61.33 41.31
C PHE D 324 0.51 -60.10 40.54
N GLY D 325 -0.69 -60.11 39.95
CA GLY D 325 -1.10 -59.06 39.05
C GLY D 325 -1.13 -57.70 39.71
N THR D 326 -1.88 -57.62 40.79
CA THR D 326 -2.09 -56.36 41.47
C THR D 326 -0.79 -55.66 41.84
N ARG D 327 0.17 -56.43 42.32
CA ARG D 327 1.45 -55.90 42.78
C ARG D 327 2.34 -55.50 41.61
N PHE D 328 2.34 -56.30 40.56
CA PHE D 328 3.11 -56.01 39.36
C PHE D 328 2.58 -54.74 38.70
N MET D 329 1.27 -54.65 38.51
CA MET D 329 0.65 -53.47 37.94
C MET D 329 1.08 -52.23 38.71
N SER D 330 1.13 -52.34 40.02
CA SER D 330 1.50 -51.19 40.85
C SER D 330 2.97 -50.80 40.64
N LEU D 331 3.83 -51.79 40.45
CA LEU D 331 5.26 -51.52 40.24
C LEU D 331 5.49 -50.85 38.89
N ILE D 332 4.72 -51.26 37.89
CA ILE D 332 4.83 -50.69 36.57
C ILE D 332 4.41 -49.23 36.58
N LYS D 333 3.30 -48.91 37.23
CA LYS D 333 2.83 -47.53 37.28
C LYS D 333 3.80 -46.62 38.04
N GLU D 334 4.60 -47.20 38.92
CA GLU D 334 5.54 -46.40 39.74
C GLU D 334 6.88 -46.26 39.03
N ALA D 335 7.06 -46.99 37.94
CA ALA D 335 8.36 -47.10 37.30
C ALA D 335 8.80 -45.81 36.63
N HIS D 336 10.11 -45.66 36.50
CA HIS D 336 10.77 -44.49 35.93
C HIS D 336 11.88 -45.04 35.05
N TRP D 337 12.08 -44.44 33.88
CA TRP D 337 13.05 -44.95 32.93
C TRP D 337 13.44 -43.92 31.90
N GLU D 338 14.73 -43.87 31.56
CA GLU D 338 15.21 -43.05 30.45
C GLU D 338 15.34 -43.92 29.23
N GLY D 339 14.42 -43.77 28.28
CA GLY D 339 14.45 -44.58 27.08
C GLY D 339 14.60 -43.75 25.81
N LEU D 340 14.35 -44.37 24.67
CA LEU D 340 14.43 -43.68 23.40
C LEU D 340 13.58 -42.42 23.37
N THR D 341 12.50 -42.38 24.15
CA THR D 341 11.56 -41.27 24.08
C THR D 341 11.62 -40.37 25.31
N GLY D 342 12.79 -40.29 25.94
CA GLY D 342 12.99 -39.37 27.05
C GLY D 342 12.56 -39.94 28.40
N ARG D 343 12.25 -39.04 29.34
CA ARG D 343 11.74 -39.44 30.66
C ARG D 343 10.46 -40.22 30.49
N ILE D 344 10.41 -41.42 31.03
CA ILE D 344 9.15 -42.14 31.09
C ILE D 344 8.67 -42.12 32.53
N THR D 345 7.41 -41.72 32.71
CA THR D 345 6.80 -41.65 34.03
C THR D 345 5.30 -41.60 33.85
N PHE D 346 4.59 -42.46 34.56
CA PHE D 346 3.15 -42.48 34.43
C PHE D 346 2.45 -41.67 35.51
N ASN D 347 1.20 -41.34 35.22
CA ASN D 347 0.37 -40.54 36.10
C ASN D 347 -0.22 -41.46 37.15
N LYS D 348 0.06 -41.17 38.43
CA LYS D 348 -0.49 -41.96 39.52
C LYS D 348 -1.97 -42.24 39.29
N THR D 349 -2.72 -41.19 38.96
CA THR D 349 -4.17 -41.25 38.80
C THR D 349 -4.68 -42.24 37.73
N ASN D 350 -4.29 -42.07 36.46
CA ASN D 350 -4.91 -42.86 35.38
C ASN D 350 -3.98 -43.78 34.57
N GLY D 351 -2.70 -43.79 34.92
CA GLY D 351 -1.74 -44.62 34.21
C GLY D 351 -1.42 -44.12 32.81
N LEU D 352 -1.79 -42.89 32.53
CA LEU D 352 -1.49 -42.25 31.26
C LEU D 352 -0.18 -41.48 31.38
N ARG D 353 0.57 -41.41 30.28
CA ARG D 353 1.82 -40.66 30.28
C ARG D 353 1.51 -39.20 30.02
N THR D 354 1.31 -38.41 31.07
CA THR D 354 0.90 -37.03 30.87
C THR D 354 2.05 -36.07 31.03
N ASP D 355 3.14 -36.53 31.64
CA ASP D 355 4.31 -35.69 31.79
C ASP D 355 5.47 -36.30 31.03
N PHE D 356 6.01 -35.54 30.08
CA PHE D 356 7.09 -36.00 29.20
C PHE D 356 7.86 -34.81 28.63
N ASP D 357 8.95 -35.09 27.93
CA ASP D 357 9.76 -34.03 27.35
C ASP D 357 9.73 -34.08 25.81
N LEU D 358 9.44 -32.93 25.20
CA LEU D 358 9.51 -32.78 23.75
C LEU D 358 10.64 -31.84 23.31
N ASP D 359 11.38 -32.23 22.28
CA ASP D 359 12.20 -31.27 21.53
C ASP D 359 11.28 -30.53 20.56
N VAL D 360 11.53 -29.24 20.33
CA VAL D 360 10.74 -28.51 19.34
C VAL D 360 11.62 -28.29 18.10
N ILE D 361 11.16 -28.76 16.95
CA ILE D 361 11.96 -28.71 15.72
C ILE D 361 11.33 -27.85 14.60
N SER D 362 12.19 -27.19 13.81
CA SER D 362 11.77 -26.28 12.74
C SER D 362 12.67 -26.48 11.51
N LEU D 363 12.14 -26.20 10.32
CA LEU D 363 12.91 -26.34 9.08
C LEU D 363 13.81 -25.13 8.86
N LYS D 364 15.12 -25.36 8.94
CA LYS D 364 16.09 -24.37 8.53
C LYS D 364 16.64 -24.84 7.18
N GLU D 365 17.41 -24.01 6.50
CA GLU D 365 17.98 -24.42 5.21
C GLU D 365 18.85 -25.68 5.34
N GLU D 366 19.40 -25.92 6.53
CA GLU D 366 20.28 -27.06 6.76
C GLU D 366 19.50 -28.37 6.90
N GLY D 367 18.21 -28.27 7.16
CA GLY D 367 17.38 -29.43 7.45
C GLY D 367 16.50 -29.16 8.66
N LEU D 368 15.89 -30.20 9.24
CA LEU D 368 15.14 -30.01 10.47
C LEU D 368 16.08 -30.00 11.66
N GLU D 369 15.96 -28.97 12.48
CA GLU D 369 16.86 -28.78 13.61
C GLU D 369 16.10 -28.34 14.86
N LYS D 370 16.68 -28.60 16.03
CA LYS D 370 16.07 -28.26 17.31
C LYS D 370 16.15 -26.76 17.58
N ILE D 371 15.06 -26.16 18.05
CA ILE D 371 15.05 -24.74 18.39
C ILE D 371 14.49 -24.46 19.79
N GLY D 372 14.21 -25.52 20.56
CA GLY D 372 13.75 -25.36 21.92
C GLY D 372 13.31 -26.66 22.57
N THR D 373 12.51 -26.55 23.63
CA THR D 373 11.95 -27.71 24.30
C THR D 373 10.55 -27.38 24.81
N TRP D 374 9.81 -28.41 25.20
CA TRP D 374 8.53 -28.21 25.88
C TRP D 374 8.31 -29.29 26.92
N ASP D 375 7.72 -28.90 28.05
CA ASP D 375 7.25 -29.86 29.05
C ASP D 375 6.11 -29.22 29.79
N PRO D 376 5.16 -30.01 30.31
CA PRO D 376 3.93 -29.40 30.81
C PRO D 376 4.12 -28.41 31.95
N ALA D 377 5.23 -28.47 32.69
CA ALA D 377 5.44 -27.57 33.81
C ALA D 377 6.14 -26.25 33.48
N SER D 378 6.75 -26.16 32.31
CA SER D 378 7.56 -25.00 31.96
C SER D 378 7.04 -24.26 30.74
N GLY D 379 6.18 -24.92 29.99
CA GLY D 379 5.78 -24.41 28.68
C GLY D 379 6.98 -24.51 27.77
N LEU D 380 7.17 -23.52 26.90
CA LEU D 380 8.31 -23.55 26.01
C LEU D 380 9.57 -23.02 26.70
N ASN D 381 10.70 -23.59 26.30
CA ASN D 381 12.02 -23.09 26.65
C ASN D 381 12.77 -22.86 25.35
N MET D 382 12.35 -21.87 24.57
CA MET D 382 12.98 -21.62 23.30
C MET D 382 14.35 -21.01 23.53
N THR D 383 15.32 -21.45 22.74
CA THR D 383 16.69 -20.99 22.87
C THR D 383 17.02 -20.02 21.74
N GLU D 384 16.63 -18.76 21.92
CA GLU D 384 16.81 -17.75 20.89
C GLU D 384 18.29 -17.41 20.70
N ASN D 399 34.26 8.40 35.80
CA ASN D 399 33.23 8.41 34.79
C ASN D 399 33.38 9.65 33.91
N ARG D 400 33.02 9.51 32.65
CA ARG D 400 33.03 10.64 31.72
C ARG D 400 32.14 11.75 32.24
N SER D 401 32.67 12.98 32.17
CA SER D 401 31.84 14.16 32.54
C SER D 401 30.69 14.32 31.55
N LEU D 402 29.52 14.66 32.02
CA LEU D 402 28.40 14.95 31.14
C LEU D 402 28.53 16.30 30.49
N ILE D 403 28.21 16.37 29.20
CA ILE D 403 28.20 17.64 28.52
C ILE D 403 26.82 18.25 28.70
N VAL D 404 26.79 19.43 29.24
CA VAL D 404 25.53 20.14 29.55
C VAL D 404 25.39 21.37 28.68
N THR D 405 24.43 21.36 27.77
CA THR D 405 24.20 22.49 26.91
C THR D 405 23.32 23.47 27.64
N THR D 406 23.54 24.76 27.40
CA THR D 406 22.75 25.81 28.01
C THR D 406 22.82 27.03 27.09
N ILE D 407 22.19 28.11 27.55
CA ILE D 407 22.10 29.35 26.77
C ILE D 407 22.12 30.50 27.76
N LEU D 408 22.69 31.64 27.40
CA LEU D 408 22.69 32.79 28.29
C LEU D 408 21.32 33.37 28.34
N GLU D 409 20.80 33.55 29.53
CA GLU D 409 19.47 34.07 29.75
C GLU D 409 19.36 34.50 31.21
N GLU D 410 19.35 35.78 31.54
CA GLU D 410 19.29 36.22 32.95
C GLU D 410 17.89 35.97 33.48
N PRO D 411 17.77 35.51 34.73
CA PRO D 411 18.77 35.20 35.74
C PRO D 411 19.04 33.72 35.85
N TYR D 412 18.72 32.98 34.80
CA TYR D 412 18.93 31.52 34.76
C TYR D 412 20.40 31.15 34.53
N VAL D 413 21.04 31.82 33.56
CA VAL D 413 22.44 31.50 33.18
C VAL D 413 23.07 32.80 32.74
N LEU D 414 24.13 33.19 33.40
CA LEU D 414 24.88 34.39 33.10
C LEU D 414 26.34 34.10 33.21
N PHE D 415 27.13 34.96 32.60
CA PHE D 415 28.55 35.00 32.88
C PHE D 415 28.76 35.84 34.11
N LYS D 416 29.53 35.29 35.06
CA LYS D 416 29.98 36.02 36.24
C LYS D 416 30.80 37.24 35.85
N LYS D 417 30.62 38.33 36.59
CA LYS D 417 31.46 39.51 36.50
C LYS D 417 32.70 39.31 37.35
N SER D 418 33.84 39.58 36.77
CA SER D 418 35.11 39.49 37.51
C SER D 418 36.15 40.29 36.81
N ASP D 419 37.20 40.64 37.56
CA ASP D 419 38.37 41.25 36.97
C ASP D 419 39.34 40.21 36.38
N LYS D 420 39.76 39.20 37.13
CA LYS D 420 40.56 38.11 36.58
C LYS D 420 39.70 37.33 35.61
N PRO D 421 40.27 36.85 34.50
CA PRO D 421 39.50 35.96 33.64
C PRO D 421 39.12 34.68 34.34
N LEU D 422 37.94 34.20 34.00
CA LEU D 422 37.42 32.96 34.54
C LEU D 422 37.42 31.88 33.44
N TYR D 423 37.47 30.64 33.89
CA TYR D 423 37.64 29.45 33.05
C TYR D 423 36.63 28.36 33.34
N GLY D 424 36.25 27.68 32.27
CA GLY D 424 35.43 26.49 32.37
C GLY D 424 34.12 26.77 33.08
N ASN D 425 33.74 25.86 33.95
CA ASN D 425 32.45 25.96 34.60
C ASN D 425 32.39 27.17 35.51
N ASP D 426 33.56 27.62 35.96
CA ASP D 426 33.64 28.73 36.89
C ASP D 426 33.18 30.06 36.27
N ARG D 427 33.00 30.09 34.96
CA ARG D 427 32.56 31.30 34.28
C ARG D 427 31.10 31.63 34.55
N PHE D 428 30.30 30.65 34.98
CA PHE D 428 28.84 30.76 34.91
C PHE D 428 28.20 30.89 36.28
N GLU D 429 27.08 31.62 36.33
CA GLU D 429 26.21 31.63 37.52
C GLU D 429 24.80 31.75 37.09
N GLY D 430 23.88 31.55 38.04
CA GLY D 430 22.45 31.77 37.82
C GLY D 430 21.62 30.65 38.40
N TYR D 431 20.30 30.79 38.32
CA TYR D 431 19.41 29.74 38.84
C TYR D 431 19.69 28.38 38.28
N CYS D 432 19.85 28.29 36.96
CA CYS D 432 20.09 27.00 36.35
C CYS D 432 21.43 26.44 36.66
N ILE D 433 22.40 27.27 36.91
CA ILE D 433 23.72 26.81 37.31
C ILE D 433 23.67 26.23 38.73
N ASP D 434 22.95 26.90 39.62
CA ASP D 434 22.71 26.34 40.96
C ASP D 434 21.92 25.03 40.90
N LEU D 435 20.94 24.97 40.02
CA LEU D 435 20.21 23.72 39.84
C LEU D 435 21.14 22.59 39.41
N LEU D 436 21.97 22.87 38.40
CA LEU D 436 22.91 21.87 37.87
C LEU D 436 23.81 21.38 38.96
N ARG D 437 24.35 22.28 39.77
CA ARG D 437 25.21 21.89 40.86
C ARG D 437 24.51 20.96 41.83
N GLU D 438 23.27 21.27 42.17
CA GLU D 438 22.52 20.39 43.06
C GLU D 438 22.25 19.04 42.44
N LEU D 439 21.88 19.01 41.18
CA LEU D 439 21.67 17.73 40.52
C LEU D 439 22.93 16.90 40.50
N SER D 440 24.08 17.54 40.25
CA SER D 440 25.33 16.83 40.16
C SER D 440 25.71 16.16 41.48
N THR D 441 25.37 16.80 42.58
CA THR D 441 25.65 16.24 43.89
C THR D 441 24.69 15.11 44.27
N ILE D 442 23.42 15.26 43.97
CA ILE D 442 22.41 14.24 44.22
C ILE D 442 22.68 12.99 43.42
N LEU D 443 22.96 13.15 42.14
CA LEU D 443 23.10 12.03 41.18
C LEU D 443 24.51 11.52 41.08
N GLY D 444 25.49 12.32 41.49
CA GLY D 444 26.89 11.93 41.44
C GLY D 444 27.47 11.87 40.06
N PHE D 445 27.42 12.99 39.38
CA PHE D 445 28.13 13.11 38.10
C PHE D 445 28.96 14.37 38.09
N THR D 446 29.96 14.41 37.24
CA THR D 446 30.68 15.65 36.89
C THR D 446 30.21 16.12 35.52
N TYR D 447 30.53 17.36 35.17
CA TYR D 447 29.96 17.96 34.00
C TYR D 447 30.80 19.09 33.46
N GLU D 448 30.54 19.39 32.18
CA GLU D 448 31.18 20.50 31.47
C GLU D 448 30.05 21.29 30.83
N ILE D 449 29.93 22.56 31.24
CA ILE D 449 28.92 23.46 30.66
C ILE D 449 29.38 23.99 29.31
N ARG D 450 28.56 23.87 28.29
CA ARG D 450 28.85 24.37 26.95
C ARG D 450 27.67 25.19 26.45
N LEU D 451 27.85 26.42 26.05
CA LEU D 451 26.79 27.26 25.47
C LEU D 451 26.42 26.68 24.10
N VAL D 452 25.11 26.57 23.84
CA VAL D 452 24.64 26.01 22.59
C VAL D 452 25.25 26.77 21.44
N GLU D 453 25.79 26.03 20.48
CA GLU D 453 26.61 26.65 19.47
C GLU D 453 25.84 27.62 18.62
N ASP D 454 24.60 27.32 18.27
CA ASP D 454 23.81 28.19 17.39
C ASP D 454 22.98 29.24 18.11
N GLY D 455 23.11 29.30 19.42
CA GLY D 455 22.43 30.33 20.18
C GLY D 455 20.90 30.28 20.25
N LYS D 456 20.34 29.08 19.96
CA LYS D 456 18.88 28.92 19.91
C LYS D 456 18.39 27.89 20.89
N TYR D 457 17.10 28.01 21.26
CA TYR D 457 16.43 27.08 22.13
C TYR D 457 16.07 25.86 21.35
N GLY D 458 15.29 26.00 20.31
CA GLY D 458 15.08 24.91 19.39
C GLY D 458 13.70 24.82 18.76
N ALA D 459 13.68 24.80 17.44
CA ALA D 459 12.46 24.65 16.68
C ALA D 459 12.75 23.83 15.45
N GLN D 460 11.70 23.27 14.86
CA GLN D 460 11.80 22.49 13.63
C GLN D 460 11.55 23.27 12.39
N ASP D 461 12.38 23.07 11.38
CA ASP D 461 12.20 23.70 10.07
C ASP D 461 11.12 22.95 9.32
N ASP D 462 10.10 23.63 8.85
CA ASP D 462 8.98 22.92 8.22
C ASP D 462 9.32 22.42 6.83
N VAL D 463 10.33 23.01 6.19
CA VAL D 463 10.71 22.55 4.83
C VAL D 463 11.56 21.28 4.88
N ASN D 464 12.59 21.27 5.71
CA ASN D 464 13.52 20.14 5.75
C ASN D 464 13.38 19.23 6.95
N GLY D 465 12.51 19.61 7.88
CA GLY D 465 12.21 18.80 9.03
C GLY D 465 13.27 18.79 10.13
N GLN D 466 14.34 19.56 9.97
CA GLN D 466 15.46 19.53 10.93
C GLN D 466 15.24 20.47 12.10
N TRP D 467 15.68 20.05 13.28
CA TRP D 467 15.67 20.90 14.49
C TRP D 467 16.94 21.68 14.61
N ASN D 468 16.89 22.73 15.39
CA ASN D 468 18.06 23.49 15.71
C ASN D 468 18.16 23.65 17.23
N GLY D 469 19.12 24.44 17.69
CA GLY D 469 19.24 24.78 19.07
C GLY D 469 19.63 23.67 20.02
N MET D 470 19.28 23.84 21.26
CA MET D 470 19.59 22.87 22.29
C MET D 470 18.84 21.60 21.97
N VAL D 471 17.64 21.66 21.43
CA VAL D 471 16.88 20.45 21.12
C VAL D 471 17.69 19.61 20.14
N ARG D 472 18.23 20.24 19.09
CA ARG D 472 19.01 19.50 18.14
C ARG D 472 20.29 18.95 18.73
N GLU D 473 20.95 19.65 19.64
CA GLU D 473 22.14 19.12 20.29
C GLU D 473 21.81 17.86 21.06
N LEU D 474 20.66 17.80 21.71
CA LEU D 474 20.23 16.57 22.39
C LEU D 474 19.90 15.46 21.41
N ILE D 475 19.17 15.77 20.34
CA ILE D 475 18.82 14.73 19.37
C ILE D 475 20.07 14.05 18.81
N ASP D 476 21.08 14.86 18.53
CA ASP D 476 22.32 14.39 17.95
C ASP D 476 23.33 13.87 18.94
N HIS D 477 22.98 13.83 20.22
CA HIS D 477 23.90 13.38 21.29
C HIS D 477 25.17 14.18 21.32
N LYS D 478 25.03 15.46 21.06
CA LYS D 478 26.12 16.42 21.24
C LYS D 478 26.16 16.93 22.64
N ALA D 479 25.10 16.65 23.37
CA ALA D 479 25.06 17.02 24.80
C ALA D 479 24.33 15.90 25.51
N ASP D 480 24.66 15.71 26.77
CA ASP D 480 23.95 14.72 27.63
C ASP D 480 22.70 15.30 28.27
N LEU D 481 22.73 16.58 28.61
CA LEU D 481 21.63 17.29 29.27
C LEU D 481 21.58 18.69 28.75
N ALA D 482 20.38 19.24 28.73
CA ALA D 482 20.19 20.68 28.57
C ALA D 482 19.63 21.25 29.86
N VAL D 483 20.37 22.07 30.53
CA VAL D 483 19.94 22.67 31.80
C VAL D 483 19.83 24.15 31.57
N ALA D 484 18.60 24.63 31.43
CA ALA D 484 18.29 25.95 30.87
C ALA D 484 16.81 26.23 31.10
N PRO D 485 16.35 27.43 30.85
CA PRO D 485 14.90 27.66 30.86
C PRO D 485 14.30 27.11 29.56
N LEU D 486 14.27 25.80 29.49
CA LEU D 486 13.86 25.08 28.27
C LEU D 486 12.43 24.58 28.46
N ALA D 487 11.48 25.11 27.71
CA ALA D 487 10.07 24.82 27.91
C ALA D 487 9.79 23.43 27.41
N ILE D 488 9.01 22.71 28.22
CA ILE D 488 8.46 21.38 27.90
C ILE D 488 7.26 21.63 27.03
N THR D 489 7.30 21.19 25.79
CA THR D 489 6.26 21.43 24.84
C THR D 489 5.90 20.12 24.10
N TYR D 490 4.68 20.05 23.57
CA TYR D 490 4.23 18.95 22.83
C TYR D 490 5.18 18.58 21.71
N VAL D 491 5.59 19.53 20.86
CA VAL D 491 6.41 19.14 19.72
C VAL D 491 7.79 18.67 20.18
N ARG D 492 8.34 19.23 21.26
CA ARG D 492 9.66 18.83 21.69
C ARG D 492 9.63 17.47 22.40
N GLU D 493 8.58 17.18 23.14
CA GLU D 493 8.53 15.91 23.90
C GLU D 493 8.42 14.76 22.92
N LYS D 494 8.06 14.94 21.66
CA LYS D 494 8.05 13.87 20.69
C LYS D 494 9.43 13.51 20.19
N VAL D 495 10.41 14.40 20.36
CA VAL D 495 11.77 14.17 19.87
C VAL D 495 12.90 14.09 20.89
N ILE D 496 12.72 14.68 22.06
CA ILE D 496 13.64 14.62 23.20
C ILE D 496 12.84 14.25 24.44
N ASP D 497 13.55 14.01 25.54
CA ASP D 497 12.90 13.67 26.84
C ASP D 497 13.27 14.59 27.99
N PHE D 498 12.25 15.10 28.63
CA PHE D 498 12.37 16.10 29.65
C PHE D 498 12.10 15.52 31.02
N SER D 499 12.82 16.05 32.00
CA SER D 499 12.42 15.84 33.38
C SER D 499 11.07 16.49 33.60
N LYS D 500 10.43 16.13 34.69
CA LYS D 500 9.28 16.91 35.19
C LYS D 500 9.75 18.33 35.53
N PRO D 501 8.81 19.27 35.53
CA PRO D 501 9.23 20.68 35.61
C PRO D 501 9.84 21.11 36.90
N PHE D 502 10.84 21.98 36.83
CA PHE D 502 11.39 22.64 38.01
C PHE D 502 10.75 24.04 38.25
N MET D 503 10.02 24.55 37.26
CA MET D 503 9.44 25.90 37.22
C MET D 503 8.17 25.81 36.37
N THR D 504 7.09 26.49 36.72
CA THR D 504 5.89 26.60 35.88
C THR D 504 5.70 28.07 35.50
N LEU D 505 5.15 28.31 34.32
CA LEU D 505 5.09 29.63 33.75
C LEU D 505 4.07 29.67 32.63
N GLY D 506 3.92 30.80 31.96
CA GLY D 506 3.14 30.85 30.75
C GLY D 506 3.57 32.00 29.92
N ILE D 507 3.15 32.00 28.66
CA ILE D 507 3.39 33.15 27.81
C ILE D 507 2.54 34.32 28.25
N SER D 508 3.12 35.52 28.24
CA SER D 508 2.39 36.75 28.47
C SER D 508 3.02 37.88 27.63
N ILE D 509 2.64 39.12 27.91
CA ILE D 509 3.04 40.25 27.10
C ILE D 509 3.80 41.23 27.96
N LEU D 510 4.94 41.66 27.46
CA LEU D 510 5.72 42.74 28.04
C LEU D 510 5.54 44.00 27.22
N TYR D 511 5.21 45.12 27.83
CA TYR D 511 4.99 46.38 27.11
C TYR D 511 5.30 47.53 28.01
N ARG D 512 5.31 48.71 27.47
CA ARG D 512 5.44 49.94 28.28
C ARG D 512 4.14 50.21 29.07
N LYS D 513 4.32 50.84 30.23
CA LYS D 513 3.20 51.31 31.03
C LYS D 513 2.45 52.39 30.33
N GLY D 520 -1.17 69.65 27.01
CA GLY D 520 -0.77 70.35 25.80
C GLY D 520 -1.84 71.31 25.34
N VAL D 521 -1.66 72.59 25.64
CA VAL D 521 -2.59 73.62 25.22
C VAL D 521 -2.68 73.66 23.68
N PHE D 522 -1.80 72.90 23.04
CA PHE D 522 -1.75 72.85 21.58
C PHE D 522 -2.85 71.99 20.98
N SER D 523 -3.73 71.45 21.82
CA SER D 523 -4.89 70.71 21.35
C SER D 523 -6.08 71.67 21.19
N PHE D 524 -5.82 72.94 21.52
CA PHE D 524 -6.83 73.99 21.40
C PHE D 524 -6.53 74.86 20.20
N LEU D 525 -5.25 74.93 19.84
CA LEU D 525 -4.82 75.71 18.68
C LEU D 525 -4.92 74.89 17.41
N ASN D 526 -5.18 73.60 17.56
CA ASN D 526 -5.29 72.69 16.41
C ASN D 526 -6.65 72.78 15.73
N PRO D 527 -7.74 72.63 16.51
CA PRO D 527 -9.08 72.70 15.93
C PRO D 527 -9.19 73.88 14.98
N LEU D 528 -8.97 75.07 15.49
CA LEU D 528 -8.94 76.22 14.62
C LEU D 528 -7.48 76.56 14.36
N SER D 529 -7.11 76.43 13.08
CA SER D 529 -5.74 76.56 12.61
C SER D 529 -5.18 77.92 12.97
N PRO D 530 -3.87 77.97 13.19
CA PRO D 530 -3.21 79.23 13.51
C PRO D 530 -3.46 80.26 12.42
N ASP D 531 -3.54 79.78 11.17
CA ASP D 531 -3.76 80.66 10.03
C ASP D 531 -5.16 81.26 10.10
N ILE D 532 -6.11 80.49 10.63
CA ILE D 532 -7.48 80.94 10.73
C ILE D 532 -7.67 81.92 11.89
N TRP D 533 -7.00 81.65 13.01
CA TRP D 533 -7.05 82.57 14.15
C TRP D 533 -6.51 83.94 13.73
N MET D 534 -5.55 83.92 12.83
CA MET D 534 -4.94 85.15 12.33
C MET D 534 -5.92 85.95 11.50
N TYR D 535 -6.45 85.33 10.45
CA TYR D 535 -7.37 86.01 9.55
C TYR D 535 -8.62 86.51 10.26
N VAL D 536 -9.10 85.73 11.22
CA VAL D 536 -10.29 86.10 11.98
C VAL D 536 -10.04 87.33 12.84
N LEU D 537 -8.77 87.66 13.04
CA LEU D 537 -8.40 88.82 13.85
C LEU D 537 -8.21 90.06 12.99
N TRP D 609 -21.03 90.42 9.70
CA TRP D 609 -19.97 90.03 10.63
C TRP D 609 -20.48 89.03 11.65
N TRP D 610 -21.74 89.17 12.03
CA TRP D 610 -22.38 88.25 12.95
C TRP D 610 -22.57 86.88 12.31
N PHE D 611 -23.02 86.88 11.06
CA PHE D 611 -23.19 85.64 10.31
C PHE D 611 -21.84 84.97 10.08
N PHE D 612 -20.80 85.80 9.95
CA PHE D 612 -19.44 85.30 9.76
C PHE D 612 -18.94 84.57 11.00
N THR D 613 -19.04 85.21 12.15
CA THR D 613 -18.59 84.62 13.40
C THR D 613 -19.46 83.43 13.79
N LEU D 614 -20.72 83.46 13.38
CA LEU D 614 -21.63 82.36 13.64
C LEU D 614 -21.12 81.08 12.99
N ILE D 615 -20.73 81.19 11.72
CA ILE D 615 -20.21 80.04 10.98
C ILE D 615 -18.93 79.52 11.62
N ILE D 616 -18.03 80.43 11.97
CA ILE D 616 -16.76 80.04 12.56
C ILE D 616 -16.92 79.30 13.88
N ILE D 617 -17.67 79.87 14.81
CA ILE D 617 -17.88 79.24 16.11
C ILE D 617 -18.62 77.91 15.96
N SER D 618 -19.45 77.81 14.93
CA SER D 618 -20.14 76.56 14.63
C SER D 618 -19.14 75.53 14.11
N SER D 619 -18.23 75.99 13.26
CA SER D 619 -17.17 75.12 12.72
C SER D 619 -16.27 74.63 13.83
N TYR D 620 -15.85 75.54 14.70
CA TYR D 620 -15.00 75.19 15.83
C TYR D 620 -15.66 74.13 16.70
N THR D 621 -16.94 74.32 16.99
CA THR D 621 -17.69 73.40 17.84
C THR D 621 -17.80 72.02 17.18
N ALA D 622 -18.20 72.00 15.92
CA ALA D 622 -18.35 70.75 15.18
C ALA D 622 -17.03 70.00 15.09
N ASN D 623 -15.98 70.72 14.69
CA ASN D 623 -14.66 70.12 14.55
C ASN D 623 -14.13 69.57 15.88
N LEU D 624 -14.35 70.31 16.95
CA LEU D 624 -13.90 69.90 18.28
C LEU D 624 -14.62 68.62 18.72
N ALA D 625 -15.83 68.42 18.21
CA ALA D 625 -16.62 67.23 18.54
C ALA D 625 -16.08 66.01 17.86
N ALA D 626 -15.78 66.14 16.58
CA ALA D 626 -15.04 65.13 15.85
C ALA D 626 -13.81 64.73 16.66
N PHE D 627 -13.05 65.73 17.11
CA PHE D 627 -11.83 65.48 17.87
C PHE D 627 -12.11 64.68 19.14
N LEU D 628 -13.23 64.97 19.79
CA LEU D 628 -13.58 64.33 21.04
C LEU D 628 -14.21 62.96 20.84
N THR D 629 -14.50 62.63 19.59
CA THR D 629 -15.07 61.33 19.25
C THR D 629 -13.99 60.32 18.89
N VAL D 630 -13.25 60.61 17.81
CA VAL D 630 -12.18 59.74 17.36
C VAL D 630 -10.98 59.82 18.29
N GLU D 631 -10.43 61.03 18.42
CA GLU D 631 -9.32 61.29 19.32
C GLU D 631 -8.10 60.40 19.05
N ARG D 632 -7.56 60.48 17.83
CA ARG D 632 -6.35 59.75 17.49
C ARG D 632 -5.12 60.57 17.84
N PRO D 636 -4.08 51.50 26.95
CA PRO D 636 -5.38 50.81 27.09
C PRO D 636 -5.32 49.34 26.61
N ILE D 637 -4.21 48.91 26.03
CA ILE D 637 -4.04 47.51 25.58
C ILE D 637 -4.06 46.61 26.81
N ASP D 638 -5.00 45.67 26.83
CA ASP D 638 -5.24 44.83 28.00
C ASP D 638 -5.05 43.35 27.76
N SER D 639 -4.80 42.95 26.53
CA SER D 639 -4.82 41.52 26.20
C SER D 639 -4.22 41.31 24.86
N ALA D 640 -3.96 40.03 24.60
CA ALA D 640 -3.53 39.61 23.25
C ALA D 640 -4.58 39.96 22.20
N ASP D 641 -5.84 39.82 22.54
CA ASP D 641 -6.90 40.20 21.60
C ASP D 641 -6.78 41.65 21.19
N ASP D 642 -6.51 42.56 22.12
CA ASP D 642 -6.36 43.95 21.78
C ASP D 642 -5.17 44.14 20.85
N LEU D 643 -4.02 43.47 21.04
CA LEU D 643 -2.92 43.57 20.08
C LEU D 643 -3.24 42.99 18.72
N ALA D 644 -3.94 41.88 18.70
CA ALA D 644 -4.18 41.19 17.45
C ALA D 644 -5.02 42.00 16.51
N LYS D 645 -5.92 42.81 17.07
CA LYS D 645 -6.87 43.57 16.26
C LYS D 645 -6.27 44.83 15.63
N GLN D 646 -4.99 45.10 15.85
CA GLN D 646 -4.41 46.35 15.40
C GLN D 646 -3.01 46.07 14.84
N THR D 647 -2.43 47.05 14.17
CA THR D 647 -1.09 46.90 13.62
C THR D 647 -0.17 48.08 13.89
N LYS D 648 -0.66 49.13 14.56
CA LYS D 648 0.18 50.27 14.91
C LYS D 648 1.31 49.90 15.88
N ILE D 649 0.95 49.09 16.90
CA ILE D 649 1.89 48.56 17.86
C ILE D 649 2.32 47.19 17.30
N GLU D 650 3.60 47.05 17.02
CA GLU D 650 4.12 45.78 16.52
C GLU D 650 4.34 44.86 17.69
N TYR D 651 4.48 43.59 17.41
CA TYR D 651 4.70 42.60 18.45
C TYR D 651 5.44 41.43 17.88
N GLY D 652 6.12 40.67 18.74
CA GLY D 652 6.92 39.54 18.31
C GLY D 652 7.41 38.73 19.46
N ALA D 653 8.41 37.94 19.20
CA ALA D 653 8.83 36.84 20.11
C ALA D 653 10.25 36.47 19.74
N VAL D 654 10.87 35.61 20.56
CA VAL D 654 12.20 35.04 20.25
C VAL D 654 12.09 34.06 19.08
N GLU D 655 12.89 34.25 18.07
CA GLU D 655 12.90 33.29 16.98
C GLU D 655 13.35 31.90 17.42
N ASP D 656 12.64 30.90 16.97
CA ASP D 656 13.03 29.47 17.14
C ASP D 656 12.95 29.03 18.60
N GLY D 657 12.08 29.70 19.33
CA GLY D 657 11.74 29.25 20.69
C GLY D 657 10.28 28.83 20.79
N ALA D 658 9.95 28.46 22.01
CA ALA D 658 8.65 27.87 22.32
C ALA D 658 7.52 28.86 22.12
N THR D 659 7.71 30.12 22.44
CA THR D 659 6.65 31.11 22.24
C THR D 659 6.31 31.29 20.78
N MET D 660 7.33 31.43 19.95
CA MET D 660 7.14 31.52 18.51
C MET D 660 6.38 30.28 18.04
N THR D 661 6.81 29.10 18.46
CA THR D 661 6.24 27.86 17.99
C THR D 661 4.75 27.75 18.48
N PHE D 662 4.44 28.28 19.67
CA PHE D 662 3.07 28.28 20.10
C PHE D 662 2.16 29.03 19.11
N PHE D 663 2.60 30.23 18.72
CA PHE D 663 1.85 31.00 17.75
C PHE D 663 1.79 30.33 16.39
N LYS D 664 2.93 29.83 15.94
CA LYS D 664 3.01 29.18 14.64
C LYS D 664 2.06 28.00 14.52
N LYS D 665 1.83 27.27 15.62
CA LYS D 665 1.01 26.07 15.61
C LYS D 665 -0.44 26.36 15.97
N SER D 666 -0.75 27.52 16.51
CA SER D 666 -2.09 27.65 17.15
C SER D 666 -3.20 27.73 16.13
N LYS D 667 -4.31 27.11 16.50
CA LYS D 667 -5.56 27.15 15.71
C LYS D 667 -6.52 28.20 16.29
N ILE D 668 -6.20 28.76 17.44
CA ILE D 668 -7.08 29.72 18.10
C ILE D 668 -7.03 31.02 17.30
N SER D 669 -8.16 31.57 16.95
CA SER D 669 -8.21 32.68 16.02
C SER D 669 -7.31 33.84 16.39
N THR D 670 -7.34 34.29 17.63
CA THR D 670 -6.52 35.45 18.03
C THR D 670 -5.05 35.13 17.76
N TYR D 671 -4.63 33.97 18.17
CA TYR D 671 -3.20 33.62 18.10
C TYR D 671 -2.77 33.32 16.64
N ASP D 672 -3.61 32.70 15.85
CA ASP D 672 -3.31 32.50 14.44
C ASP D 672 -3.20 33.87 13.73
N LYS D 673 -4.05 34.85 14.05
CA LYS D 673 -3.93 36.20 13.48
C LYS D 673 -2.62 36.83 13.91
N MET D 674 -2.22 36.65 15.14
CA MET D 674 -0.95 37.17 15.58
C MET D 674 0.21 36.53 14.85
N TRP D 675 0.15 35.21 14.66
CA TRP D 675 1.19 34.55 13.91
C TRP D 675 1.30 35.09 12.49
N ALA D 676 0.21 35.30 11.80
CA ALA D 676 0.27 35.85 10.46
C ALA D 676 1.03 37.17 10.45
N PHE D 677 0.78 38.01 11.43
CA PHE D 677 1.48 39.30 11.54
C PHE D 677 2.96 39.09 11.81
N MET D 678 3.28 38.28 12.79
CA MET D 678 4.67 38.05 13.12
C MET D 678 5.45 37.41 12.00
N SER D 679 4.84 36.47 11.29
CA SER D 679 5.49 35.83 10.18
C SER D 679 5.75 36.84 9.05
N SER D 680 4.76 37.66 8.72
CA SER D 680 4.91 38.68 7.68
C SER D 680 6.11 39.59 8.01
N ARG D 681 6.14 40.06 9.25
CA ARG D 681 7.10 41.05 9.67
C ARG D 681 8.30 40.42 10.40
N ARG D 682 8.58 39.16 10.17
CA ARG D 682 9.55 38.41 10.98
C ARG D 682 10.93 39.00 11.04
N GLN D 683 11.40 39.57 9.94
CA GLN D 683 12.78 40.06 9.98
C GLN D 683 12.91 41.20 10.93
N SER D 684 11.82 41.91 11.22
CA SER D 684 11.84 43.01 12.16
C SER D 684 11.34 42.60 13.55
N VAL D 685 10.35 41.74 13.66
CA VAL D 685 9.74 41.53 14.96
C VAL D 685 10.10 40.26 15.67
N LEU D 686 10.70 39.30 15.00
CA LEU D 686 11.26 38.16 15.70
C LEU D 686 12.70 38.47 16.03
N VAL D 687 13.10 38.24 17.25
CA VAL D 687 14.41 38.66 17.76
C VAL D 687 15.22 37.45 18.19
N LYS D 688 16.49 37.63 18.44
CA LYS D 688 17.33 36.47 18.76
C LYS D 688 17.44 36.18 20.23
N SER D 689 16.93 37.00 21.11
CA SER D 689 17.06 36.76 22.53
C SER D 689 16.03 37.62 23.28
N ASN D 690 15.72 37.28 24.53
CA ASN D 690 14.88 38.11 25.34
C ASN D 690 15.46 39.50 25.48
N GLU D 691 16.77 39.60 25.69
CA GLU D 691 17.43 40.88 25.80
C GLU D 691 17.13 41.77 24.63
N GLU D 692 17.15 41.24 23.40
CA GLU D 692 16.84 42.01 22.20
C GLU D 692 15.38 42.44 22.19
N GLY D 693 14.49 41.56 22.64
CA GLY D 693 13.08 41.93 22.73
C GLY D 693 12.85 43.07 23.69
N ILE D 694 13.47 43.01 24.83
CA ILE D 694 13.33 44.06 25.82
C ILE D 694 13.81 45.36 25.22
N GLN D 695 14.93 45.35 24.51
CA GLN D 695 15.42 46.57 23.88
C GLN D 695 14.44 47.13 22.86
N ARG D 696 13.76 46.26 22.14
CA ARG D 696 12.80 46.71 21.17
C ARG D 696 11.56 47.36 21.86
N VAL D 697 11.12 46.81 23.00
CA VAL D 697 10.03 47.41 23.75
C VAL D 697 10.42 48.82 24.21
N LEU D 698 11.68 48.96 24.61
CA LEU D 698 12.16 50.23 25.13
C LEU D 698 12.43 51.30 24.09
N THR D 699 12.63 50.89 22.84
CA THR D 699 13.11 51.80 21.82
C THR D 699 12.14 51.98 20.68
N SER D 700 11.00 51.29 20.71
CA SER D 700 10.02 51.41 19.64
C SER D 700 8.64 51.05 20.16
N ASP D 701 7.61 51.23 19.35
CA ASP D 701 6.25 50.90 19.80
C ASP D 701 5.96 49.45 19.51
N TYR D 702 6.38 48.64 20.48
CA TYR D 702 6.48 47.20 20.30
C TYR D 702 6.18 46.49 21.62
N ALA D 703 5.37 45.46 21.52
CA ALA D 703 5.06 44.57 22.62
C ALA D 703 5.70 43.22 22.42
N PHE D 704 6.27 42.65 23.46
CA PHE D 704 7.06 41.42 23.34
C PHE D 704 6.35 40.28 24.00
N LEU D 705 6.11 39.20 23.30
CA LEU D 705 5.52 37.96 23.85
C LEU D 705 6.64 37.19 24.48
N MET D 706 6.53 36.98 25.79
CA MET D 706 7.64 36.57 26.62
C MET D 706 7.12 35.63 27.69
N GLU D 707 7.97 34.80 28.24
CA GLU D 707 7.56 33.91 29.31
C GLU D 707 7.44 34.67 30.66
N SER D 708 6.45 34.32 31.44
CA SER D 708 6.03 35.09 32.59
C SER D 708 7.09 35.20 33.66
N THR D 709 7.89 34.16 33.89
CA THR D 709 8.92 34.21 34.89
C THR D 709 9.98 35.27 34.50
N THR D 710 10.27 35.37 33.22
CA THR D 710 11.17 36.37 32.76
C THR D 710 10.56 37.77 32.84
N ILE D 711 9.29 37.90 32.50
CA ILE D 711 8.60 39.18 32.68
C ILE D 711 8.70 39.65 34.11
N GLU D 712 8.50 38.77 35.08
CA GLU D 712 8.56 39.14 36.46
C GLU D 712 9.94 39.70 36.77
N PHE D 713 11.00 39.08 36.27
CA PHE D 713 12.33 39.57 36.55
C PHE D 713 12.49 40.97 35.93
N VAL D 714 12.09 41.13 34.69
CA VAL D 714 12.34 42.38 33.97
C VAL D 714 11.55 43.52 34.53
N THR D 715 10.29 43.31 34.88
CA THR D 715 9.45 44.40 35.40
C THR D 715 9.81 44.80 36.85
N GLN D 716 10.48 43.93 37.60
CA GLN D 716 10.83 44.34 38.94
C GLN D 716 12.08 45.20 38.90
N ARG D 717 12.72 45.27 37.75
CA ARG D 717 13.91 46.10 37.56
C ARG D 717 13.78 47.25 36.62
N ASN D 718 12.73 47.28 35.81
CA ASN D 718 12.48 48.42 34.97
C ASN D 718 11.08 48.89 35.17
N CYS D 719 10.94 49.97 35.90
CA CYS D 719 9.64 50.40 36.37
C CYS D 719 8.80 51.08 35.29
N ASN D 720 9.36 51.23 34.09
CA ASN D 720 8.64 51.75 32.95
C ASN D 720 7.92 50.66 32.20
N LEU D 721 8.18 49.40 32.57
CA LEU D 721 7.57 48.26 31.88
C LEU D 721 6.54 47.52 32.71
N THR D 722 5.65 46.78 32.05
CA THR D 722 4.62 46.03 32.75
C THR D 722 4.24 44.82 31.96
N GLN D 723 3.70 43.83 32.63
CA GLN D 723 2.95 42.76 32.02
C GLN D 723 1.60 43.26 31.56
N ILE D 724 1.18 42.82 30.40
CA ILE D 724 -0.18 43.10 29.87
C ILE D 724 -0.96 41.81 29.79
N GLY D 725 -2.14 41.84 30.39
CA GLY D 725 -2.99 40.67 30.46
C GLY D 725 -2.42 39.60 31.37
N GLY D 726 -3.04 38.45 31.24
CA GLY D 726 -2.64 37.31 32.05
C GLY D 726 -1.79 36.34 31.26
N LEU D 727 -1.75 35.10 31.69
CA LEU D 727 -1.02 34.05 31.01
C LEU D 727 -1.86 33.50 29.88
N ILE D 728 -1.28 33.35 28.72
CA ILE D 728 -1.92 32.86 27.51
C ILE D 728 -1.97 31.32 27.52
N ASP D 729 -1.00 30.71 28.19
CA ASP D 729 -0.93 29.28 28.31
C ASP D 729 -0.21 28.88 29.59
N SER D 730 0.05 27.60 29.72
CA SER D 730 0.68 27.08 30.91
C SER D 730 1.69 26.05 30.46
N LYS D 731 2.91 26.17 30.96
CA LYS D 731 3.93 25.16 30.69
C LYS D 731 4.97 25.18 31.77
N GLY D 732 5.83 24.17 31.74
CA GLY D 732 6.93 24.05 32.68
C GLY D 732 8.28 24.13 31.96
N TYR D 733 9.30 24.48 32.70
CA TYR D 733 10.67 24.26 32.27
C TYR D 733 11.16 22.93 32.82
N GLY D 734 11.86 22.18 32.02
CA GLY D 734 12.45 20.94 32.49
C GLY D 734 13.86 20.79 31.97
N VAL D 735 14.57 19.86 32.55
CA VAL D 735 15.91 19.50 32.05
C VAL D 735 15.70 18.62 30.85
N GLY D 736 16.31 18.95 29.72
CA GLY D 736 16.21 18.13 28.51
C GLY D 736 17.29 17.07 28.47
N THR D 737 16.92 15.95 27.91
CA THR D 737 17.83 14.83 27.66
C THR D 737 17.53 14.23 26.29
N PRO D 738 18.49 13.51 25.71
CA PRO D 738 18.09 12.77 24.51
C PRO D 738 16.99 11.81 24.85
N MET D 739 16.23 11.48 23.82
CA MET D 739 15.17 10.48 23.98
C MET D 739 15.79 9.17 24.41
N GLY D 740 15.15 8.59 25.42
CA GLY D 740 15.59 7.34 26.00
C GLY D 740 16.66 7.46 27.09
N SER D 741 17.14 8.65 27.42
CA SER D 741 18.19 8.76 28.40
C SER D 741 17.79 8.25 29.80
N PRO D 742 18.64 7.46 30.44
CA PRO D 742 18.33 7.07 31.83
C PRO D 742 18.42 8.22 32.84
N TYR D 743 19.02 9.33 32.47
CA TYR D 743 19.06 10.43 33.37
C TYR D 743 17.74 11.14 33.56
N ARG D 744 16.83 11.01 32.62
CA ARG D 744 15.57 11.77 32.70
C ARG D 744 14.81 11.46 34.00
N ASP D 745 14.56 10.19 34.28
CA ASP D 745 13.80 9.84 35.47
C ASP D 745 14.59 10.13 36.72
N LYS D 746 15.90 9.98 36.71
CA LYS D 746 16.71 10.28 37.89
C LYS D 746 16.66 11.76 38.20
N ILE D 747 16.71 12.60 37.17
CA ILE D 747 16.63 14.06 37.37
C ILE D 747 15.22 14.48 37.85
N THR D 748 14.17 13.85 37.34
CA THR D 748 12.85 14.10 37.89
C THR D 748 12.80 13.87 39.38
N ILE D 749 13.32 12.73 39.83
CA ILE D 749 13.27 12.42 41.25
C ILE D 749 14.07 13.47 42.03
N ALA D 750 15.25 13.85 41.55
CA ALA D 750 16.05 14.84 42.25
C ALA D 750 15.35 16.22 42.29
N ILE D 751 14.70 16.60 41.21
CA ILE D 751 13.93 17.86 41.21
C ILE D 751 12.80 17.83 42.24
N LEU D 752 12.10 16.71 42.32
CA LEU D 752 11.02 16.56 43.30
C LEU D 752 11.58 16.68 44.71
N GLN D 753 12.74 16.10 44.95
CA GLN D 753 13.38 16.21 46.25
C GLN D 753 13.74 17.68 46.57
N LEU D 754 14.38 18.34 45.64
CA LEU D 754 14.73 19.74 45.85
C LEU D 754 13.54 20.64 46.05
N GLN D 755 12.43 20.34 45.37
CA GLN D 755 11.23 21.14 45.57
C GLN D 755 10.69 20.94 46.99
N GLU D 756 10.57 19.68 47.42
CA GLU D 756 9.94 19.35 48.69
C GLU D 756 10.78 19.88 49.86
N GLU D 757 12.11 19.91 49.72
CA GLU D 757 12.99 20.40 50.77
C GLU D 757 13.01 21.91 50.83
N GLY D 758 12.45 22.57 49.84
CA GLY D 758 12.38 24.02 49.76
C GLY D 758 13.56 24.64 49.03
N LYS D 759 14.43 23.84 48.44
CA LYS D 759 15.61 24.40 47.80
C LYS D 759 15.26 25.10 46.50
N LEU D 760 14.31 24.65 45.71
CA LEU D 760 13.99 25.39 44.50
C LEU D 760 13.39 26.72 44.85
N HIS D 761 12.64 26.80 45.94
CA HIS D 761 12.06 28.07 46.30
C HIS D 761 13.16 29.02 46.75
N MET D 762 14.12 28.53 47.49
CA MET D 762 15.23 29.36 47.90
C MET D 762 16.01 29.87 46.69
N MET D 763 16.20 29.02 45.69
CA MET D 763 16.94 29.40 44.48
C MET D 763 16.19 30.47 43.71
N LYS D 764 14.89 30.29 43.58
CA LYS D 764 14.05 31.24 42.86
C LYS D 764 14.03 32.60 43.56
N GLU D 765 14.17 32.58 44.88
CA GLU D 765 14.17 33.81 45.67
C GLU D 765 15.58 34.38 45.79
N LYS D 766 16.55 33.67 45.21
CA LYS D 766 17.95 34.11 45.26
C LYS D 766 18.35 34.79 43.95
N TRP D 767 17.71 34.39 42.86
CA TRP D 767 18.00 34.97 41.55
C TRP D 767 16.91 35.94 41.12
N TRP D 768 15.75 35.84 41.76
CA TRP D 768 14.63 36.72 41.43
C TRP D 768 14.54 37.88 42.42
N ARG D 769 15.65 38.17 43.09
CA ARG D 769 15.71 39.26 44.05
C ARG D 769 15.54 40.61 43.37
N GLY D 770 14.30 41.06 43.23
CA GLY D 770 14.01 42.33 42.59
C GLY D 770 13.18 43.25 43.47
N ASN D 771 13.71 43.54 44.66
CA ASN D 771 13.03 44.41 45.61
C ASN D 771 12.93 45.82 45.02
N GLY D 772 12.25 45.93 43.90
CA GLY D 772 12.08 47.21 43.24
C GLY D 772 10.84 47.22 42.38
N CYS D 773 10.43 48.41 41.99
CA CYS D 773 9.25 48.57 41.15
C CYS D 773 7.95 48.21 41.83
N PRO D 774 7.05 49.20 41.96
CA PRO D 774 5.74 49.03 42.59
C PRO D 774 4.91 48.06 41.75
N GLU D 775 3.97 47.40 42.41
CA GLU D 775 3.10 46.44 41.72
C GLU D 775 1.67 46.63 42.17
N GLN D 787 -7.03 70.23 30.90
CA GLN D 787 -5.93 70.75 30.12
C GLN D 787 -6.35 71.80 29.09
N ASN D 788 -7.14 71.37 28.10
CA ASN D 788 -7.59 72.27 27.04
C ASN D 788 -8.31 73.50 27.59
N ILE D 789 -9.24 73.28 28.51
CA ILE D 789 -10.01 74.36 29.10
C ILE D 789 -9.11 75.34 29.85
N GLY D 790 -8.01 74.83 30.39
CA GLY D 790 -7.07 75.64 31.15
C GLY D 790 -6.45 76.74 30.29
N GLY D 791 -6.09 76.40 29.06
CA GLY D 791 -5.49 77.36 28.14
C GLY D 791 -6.36 78.58 27.94
N ILE D 792 -7.67 78.40 28.05
CA ILE D 792 -8.62 79.50 27.87
C ILE D 792 -8.75 80.32 29.15
N PHE D 793 -8.36 79.72 30.27
CA PHE D 793 -8.37 80.42 31.55
C PHE D 793 -7.22 81.40 31.66
N ILE D 794 -6.06 80.69 31.51
CA ILE D 794 -4.89 81.52 31.66
C ILE D 794 -4.94 82.75 30.76
N GLU E . 11.76 39.18 -12.80
CA GLU E . 10.65 38.16 -12.79
C GLU E . 11.23 36.80 -13.09
O GLU E . 10.38 35.91 -13.32
CB GLU E . 9.49 38.59 -13.72
CG GLU E . 8.65 39.71 -13.12
CD GLU E . 7.80 39.27 -11.91
OE1 GLU E . 7.39 40.19 -11.17
OE2 GLU E . 7.60 38.06 -11.77
OXT GLU E . 12.46 36.57 -13.05
N GLU F . -29.67 26.45 -12.81
CA GLU F . -29.18 25.97 -11.48
C GLU F . -28.62 24.59 -11.57
O GLU F . -28.35 24.08 -12.70
CB GLU F . -30.31 26.09 -10.43
CG GLU F . -30.52 27.56 -10.01
CD GLU F . -29.38 28.11 -9.17
OE1 GLU F . -29.26 29.35 -9.08
OE2 GLU F . -28.57 27.34 -8.60
OXT GLU F . -28.39 24.02 -10.50
N GLU G . -29.13 16.28 26.91
CA GLU G . -27.67 16.14 26.60
C GLU G . -27.37 14.72 26.19
O GLU G . -26.16 14.44 26.12
CB GLU G . -26.80 16.67 27.76
CG GLU G . -26.79 18.19 27.85
CD GLU G . -26.02 18.86 26.70
OE1 GLU G . -26.27 20.07 26.51
OE2 GLU G . -25.22 18.16 26.06
OXT GLU G . -28.28 13.92 25.88
N GLU H . 12.20 29.37 27.02
CA GLU H . 11.87 29.35 25.56
C GLU H . 12.16 28.01 24.97
O GLU H . 12.35 27.01 25.70
CB GLU H . 12.60 30.51 24.84
CG GLU H . 11.92 31.86 25.14
CD GLU H . 10.56 32.00 24.47
OE1 GLU H . 9.77 32.88 24.93
OE2 GLU H . 10.22 31.27 23.53
OXT GLU H . 12.12 27.94 23.73
#